data_2V9H
#
_entry.id   2V9H
#
_cell.length_a   1.000
_cell.length_b   1.000
_cell.length_c   1.000
_cell.angle_alpha   90.00
_cell.angle_beta   90.00
_cell.angle_gamma   90.00
#
_symmetry.space_group_name_H-M   'P 1'
#
_entity_poly.entity_id   1
_entity_poly.type   'polypeptide(L)'
_entity_poly.pdbx_seq_one_letter_code
;AEGFVVKDIHFEGLQRVAVGAALLSMPVRTGDTVNDEDISNTIRALFATGNFEDVRVLRDGDTLLVQVKERPTIASITFS
GNKSVKDDMLKQNLEASGVRVGESLDRTTIADIEKGLEDFYYSVGKYSASVKAVVTPLPRNRVDLKLVFQEGVSLQHHHH
QTAG
;
_entity_poly.pdbx_strand_id   A
#
# COMPACT_ATOMS: atom_id res chain seq x y z
N ALA A 1 13.56 25.05 5.22
CA ALA A 1 13.33 25.63 3.88
C ALA A 1 11.89 25.40 3.47
N GLU A 2 10.97 25.98 4.23
CA GLU A 2 9.55 25.82 4.01
C GLU A 2 8.89 27.18 3.92
N GLY A 3 7.59 27.19 3.66
CA GLY A 3 6.89 28.43 3.42
C GLY A 3 7.20 28.95 2.04
N PHE A 4 7.09 28.06 1.07
CA PHE A 4 7.39 28.38 -0.32
C PHE A 4 6.11 28.40 -1.14
N VAL A 5 6.13 29.15 -2.22
CA VAL A 5 4.97 29.26 -3.10
C VAL A 5 4.95 28.08 -4.08
N VAL A 6 3.92 27.25 -3.97
CA VAL A 6 3.77 26.12 -4.87
C VAL A 6 3.15 26.58 -6.18
N LYS A 7 3.62 25.98 -7.26
CA LYS A 7 3.13 26.35 -8.59
C LYS A 7 2.14 25.31 -9.09
N ASP A 8 2.41 24.04 -8.80
CA ASP A 8 1.54 22.96 -9.22
C ASP A 8 1.46 21.88 -8.15
N ILE A 9 0.30 21.25 -8.05
CA ILE A 9 0.11 20.12 -7.17
C ILE A 9 -0.09 18.85 -8.03
N HIS A 10 0.66 17.81 -7.70
CA HIS A 10 0.62 16.55 -8.43
C HIS A 10 0.26 15.42 -7.47
N PHE A 11 -0.28 14.34 -8.00
CA PHE A 11 -0.66 13.20 -7.16
C PHE A 11 -0.07 11.90 -7.71
N GLU A 12 0.75 11.25 -6.91
CA GLU A 12 1.41 10.01 -7.31
C GLU A 12 0.66 8.80 -6.76
N GLY A 13 -0.47 8.53 -7.36
CA GLY A 13 -1.31 7.41 -6.98
C GLY A 13 -2.75 7.64 -7.38
N LEU A 14 -3.09 8.90 -7.60
CA LEU A 14 -4.41 9.27 -8.07
C LEU A 14 -4.50 9.18 -9.59
N GLN A 15 -5.52 8.47 -10.06
CA GLN A 15 -5.77 8.34 -11.48
C GLN A 15 -7.25 8.55 -11.78
N ARG A 16 -8.12 8.11 -10.87
CA ARG A 16 -9.56 8.33 -11.00
C ARG A 16 -9.90 9.75 -10.56
N VAL A 17 -9.53 10.08 -9.33
CA VAL A 17 -9.68 11.43 -8.83
C VAL A 17 -8.56 12.31 -9.39
N ALA A 18 -8.94 13.43 -9.98
CA ALA A 18 -7.98 14.35 -10.56
C ALA A 18 -7.55 15.41 -9.56
N VAL A 19 -6.39 16.00 -9.81
CA VAL A 19 -5.78 17.00 -8.92
C VAL A 19 -6.70 18.19 -8.64
N GLY A 20 -7.56 18.54 -9.59
CA GLY A 20 -8.48 19.65 -9.39
C GLY A 20 -9.56 19.32 -8.38
N ALA A 21 -10.01 18.08 -8.41
CA ALA A 21 -11.01 17.59 -7.47
C ALA A 21 -10.35 17.30 -6.12
N ALA A 22 -9.11 16.85 -6.18
CA ALA A 22 -8.33 16.52 -5.00
C ALA A 22 -7.93 17.76 -4.22
N LEU A 23 -7.74 18.86 -4.94
CA LEU A 23 -7.45 20.18 -4.38
C LEU A 23 -8.53 20.63 -3.38
N LEU A 24 -9.77 20.24 -3.61
CA LEU A 24 -10.87 20.63 -2.76
C LEU A 24 -10.75 20.01 -1.35
N SER A 25 -10.03 18.90 -1.27
CA SER A 25 -9.80 18.23 0.01
C SER A 25 -8.54 18.75 0.69
N MET A 26 -7.80 19.57 -0.04
CA MET A 26 -6.58 20.17 0.48
C MET A 26 -6.85 21.60 0.95
N PRO A 27 -6.39 21.95 2.15
CA PRO A 27 -6.52 23.32 2.69
C PRO A 27 -5.70 24.35 1.90
N VAL A 28 -4.70 23.86 1.16
CA VAL A 28 -3.82 24.71 0.39
C VAL A 28 -4.18 24.67 -1.09
N ARG A 29 -3.83 25.72 -1.81
CA ARG A 29 -4.13 25.82 -3.23
C ARG A 29 -2.90 26.23 -4.02
N THR A 30 -3.07 26.27 -5.33
CA THR A 30 -2.00 26.64 -6.24
C THR A 30 -1.68 28.14 -6.10
N GLY A 31 -0.42 28.45 -5.77
CA GLY A 31 -0.04 29.82 -5.54
C GLY A 31 0.11 30.14 -4.06
N ASP A 32 -0.27 29.18 -3.22
CA ASP A 32 -0.23 29.34 -1.77
C ASP A 32 1.16 29.12 -1.23
N THR A 33 1.42 29.71 -0.07
CA THR A 33 2.65 29.45 0.66
C THR A 33 2.45 28.25 1.58
N VAL A 34 3.32 27.25 1.46
CA VAL A 34 3.12 26.01 2.20
C VAL A 34 4.33 25.65 3.05
N ASN A 35 4.09 25.38 4.31
CA ASN A 35 5.12 24.92 5.23
C ASN A 35 5.05 23.41 5.38
N ASP A 36 5.91 22.86 6.22
CA ASP A 36 5.87 21.45 6.54
C ASP A 36 4.63 21.15 7.37
N GLU A 37 4.16 22.17 8.08
CA GLU A 37 2.88 22.12 8.81
C GLU A 37 1.72 21.95 7.83
N ASP A 38 1.83 22.60 6.67
CA ASP A 38 0.82 22.48 5.61
C ASP A 38 0.93 21.13 4.94
N ILE A 39 2.14 20.58 4.89
CA ILE A 39 2.36 19.22 4.41
C ILE A 39 1.60 18.21 5.28
N SER A 40 1.73 18.35 6.61
CA SER A 40 1.04 17.45 7.52
C SER A 40 -0.47 17.71 7.52
N ASN A 41 -0.85 18.97 7.32
CA ASN A 41 -2.26 19.36 7.28
C ASN A 41 -2.95 18.79 6.06
N THR A 42 -2.29 18.87 4.91
CA THR A 42 -2.83 18.25 3.70
C THR A 42 -2.90 16.72 3.85
N ILE A 43 -1.86 16.14 4.47
CA ILE A 43 -1.85 14.71 4.76
C ILE A 43 -3.07 14.29 5.60
N ARG A 44 -3.30 14.99 6.71
CA ARG A 44 -4.40 14.63 7.62
C ARG A 44 -5.78 14.92 7.01
N ALA A 45 -5.86 15.93 6.14
CA ALA A 45 -7.12 16.23 5.45
C ALA A 45 -7.51 15.09 4.53
N LEU A 46 -6.58 14.71 3.66
CA LEU A 46 -6.77 13.59 2.74
C LEU A 46 -6.89 12.25 3.48
N PHE A 47 -6.28 12.16 4.65
CA PHE A 47 -6.44 10.98 5.51
C PHE A 47 -7.86 10.93 6.06
N ALA A 48 -8.39 12.09 6.41
CA ALA A 48 -9.74 12.22 6.97
C ALA A 48 -10.83 12.10 5.91
N THR A 49 -10.46 12.21 4.64
CA THR A 49 -11.44 12.06 3.54
C THR A 49 -11.72 10.58 3.30
N GLY A 50 -10.74 9.75 3.66
CA GLY A 50 -10.95 8.31 3.74
C GLY A 50 -10.89 7.58 2.41
N ASN A 51 -10.64 8.30 1.33
CA ASN A 51 -10.62 7.69 0.00
C ASN A 51 -9.29 6.99 -0.25
N PHE A 52 -8.22 7.48 0.36
CA PHE A 52 -6.91 6.84 0.25
C PHE A 52 -6.57 6.15 1.55
N GLU A 53 -5.75 5.11 1.48
CA GLU A 53 -5.38 4.36 2.69
C GLU A 53 -4.18 4.99 3.39
N ASP A 54 -3.34 5.67 2.62
CA ASP A 54 -2.21 6.40 3.18
C ASP A 54 -1.92 7.62 2.33
N VAL A 55 -1.47 8.70 2.95
CA VAL A 55 -1.24 9.96 2.26
C VAL A 55 0.16 10.50 2.57
N ARG A 56 0.99 10.67 1.54
CA ARG A 56 2.30 11.28 1.71
C ARG A 56 2.41 12.54 0.85
N VAL A 57 2.63 13.68 1.49
CA VAL A 57 2.86 14.94 0.78
C VAL A 57 4.32 15.34 0.92
N LEU A 58 4.99 15.51 -0.21
CA LEU A 58 6.39 15.92 -0.23
C LEU A 58 6.62 16.91 -1.35
N ARG A 59 7.66 17.70 -1.23
CA ARG A 59 7.92 18.76 -2.19
C ARG A 59 9.02 18.37 -3.17
N ASP A 60 8.89 18.88 -4.39
CA ASP A 60 9.93 18.78 -5.40
C ASP A 60 10.02 20.10 -6.14
N GLY A 61 10.96 20.94 -5.72
CA GLY A 61 11.05 22.28 -6.25
C GLY A 61 9.88 23.13 -5.77
N ASP A 62 9.07 23.60 -6.70
CA ASP A 62 7.85 24.32 -6.34
C ASP A 62 6.64 23.47 -6.63
N THR A 63 6.87 22.18 -6.82
CA THR A 63 5.78 21.25 -7.07
C THR A 63 5.49 20.43 -5.82
N LEU A 64 4.24 20.40 -5.42
CA LEU A 64 3.84 19.61 -4.26
C LEU A 64 3.18 18.34 -4.73
N LEU A 65 3.80 17.22 -4.43
CA LEU A 65 3.31 15.95 -4.91
C LEU A 65 2.82 15.08 -3.77
N VAL A 66 1.61 14.57 -3.93
CA VAL A 66 0.97 13.75 -2.93
C VAL A 66 0.79 12.32 -3.44
N GLN A 67 1.60 11.43 -2.94
CA GLN A 67 1.51 10.03 -3.28
C GLN A 67 0.58 9.34 -2.30
N VAL A 68 -0.33 8.53 -2.81
CA VAL A 68 -1.35 7.94 -1.97
C VAL A 68 -1.34 6.42 -2.10
N LYS A 69 -1.82 5.75 -1.07
CA LYS A 69 -1.81 4.30 -1.02
C LYS A 69 -3.17 3.74 -1.40
N GLU A 70 -3.12 2.56 -2.03
CA GLU A 70 -4.26 1.86 -2.61
C GLU A 70 -5.52 1.94 -1.74
N ARG A 71 -6.63 2.28 -2.38
CA ARG A 71 -7.91 2.49 -1.72
C ARG A 71 -8.39 1.23 -0.95
N PRO A 72 -8.43 0.02 -1.58
CA PRO A 72 -8.87 -1.19 -0.89
C PRO A 72 -7.98 -1.58 0.29
N THR A 73 -8.64 -2.04 1.35
CA THR A 73 -7.96 -2.52 2.54
C THR A 73 -7.82 -4.04 2.49
N ILE A 74 -6.73 -4.57 3.04
CA ILE A 74 -6.58 -6.02 3.16
C ILE A 74 -7.68 -6.57 4.06
N ALA A 75 -8.52 -7.42 3.52
CA ALA A 75 -9.61 -7.98 4.29
C ALA A 75 -9.32 -9.42 4.69
N SER A 76 -8.89 -10.22 3.73
CA SER A 76 -8.55 -11.61 4.00
C SER A 76 -7.31 -12.03 3.23
N ILE A 77 -6.45 -12.76 3.91
CA ILE A 77 -5.32 -13.42 3.27
C ILE A 77 -5.56 -14.92 3.33
N THR A 78 -5.59 -15.55 2.17
CA THR A 78 -5.91 -16.96 2.07
C THR A 78 -4.74 -17.74 1.52
N PHE A 79 -4.48 -18.89 2.11
CA PHE A 79 -3.30 -19.67 1.76
C PHE A 79 -3.69 -21.00 1.13
N SER A 80 -2.97 -21.37 0.09
CA SER A 80 -3.22 -22.61 -0.63
C SER A 80 -1.88 -23.26 -0.98
N GLY A 81 -1.61 -24.40 -0.36
CA GLY A 81 -0.32 -25.05 -0.56
C GLY A 81 0.53 -25.05 0.70
N ASN A 82 -0.13 -24.90 1.84
CA ASN A 82 0.52 -24.91 3.14
C ASN A 82 0.78 -26.35 3.59
N LYS A 83 1.69 -27.02 2.92
CA LYS A 83 2.00 -28.43 3.18
C LYS A 83 3.00 -28.57 4.31
N SER A 84 3.84 -27.55 4.50
CA SER A 84 4.90 -27.60 5.50
C SER A 84 4.63 -26.62 6.62
N VAL A 85 4.56 -25.34 6.27
CA VAL A 85 4.37 -24.29 7.25
C VAL A 85 2.87 -24.04 7.44
N LYS A 86 2.48 -23.78 8.69
CA LYS A 86 1.08 -23.59 9.03
C LYS A 86 0.54 -22.30 8.44
N ASP A 87 -0.74 -22.32 8.07
CA ASP A 87 -1.40 -21.15 7.50
C ASP A 87 -1.46 -20.01 8.52
N ASP A 88 -1.65 -20.35 9.79
CA ASP A 88 -1.65 -19.37 10.86
C ASP A 88 -0.28 -18.70 10.98
N MET A 89 0.77 -19.48 10.74
CA MET A 89 2.13 -18.96 10.76
C MET A 89 2.35 -17.99 9.60
N LEU A 90 1.88 -18.38 8.42
CA LEU A 90 1.97 -17.54 7.22
C LEU A 90 1.17 -16.25 7.38
N LYS A 91 0.06 -16.33 8.12
CA LYS A 91 -0.79 -15.18 8.35
C LYS A 91 -0.04 -14.05 9.06
N GLN A 92 0.65 -14.42 10.14
CA GLN A 92 1.37 -13.45 10.94
C GLN A 92 2.66 -13.05 10.26
N ASN A 93 3.20 -13.98 9.46
CA ASN A 93 4.40 -13.73 8.71
C ASN A 93 4.17 -12.62 7.69
N LEU A 94 3.02 -12.69 7.00
CA LEU A 94 2.61 -11.65 6.06
C LEU A 94 2.37 -10.33 6.79
N GLU A 95 1.71 -10.40 7.95
CA GLU A 95 1.39 -9.23 8.75
C GLU A 95 2.65 -8.48 9.20
N ALA A 96 3.65 -9.26 9.59
CA ALA A 96 4.92 -8.72 10.05
C ALA A 96 5.78 -8.20 8.87
N SER A 97 5.43 -8.61 7.66
CA SER A 97 6.15 -8.18 6.47
C SER A 97 5.52 -6.93 5.85
N GLY A 98 4.28 -6.63 6.25
CA GLY A 98 3.64 -5.43 5.75
C GLY A 98 2.17 -5.61 5.47
N VAL A 99 1.82 -6.67 4.77
CA VAL A 99 0.44 -6.92 4.38
C VAL A 99 -0.31 -7.57 5.55
N ARG A 100 -1.11 -6.78 6.22
CA ARG A 100 -1.78 -7.23 7.43
C ARG A 100 -3.28 -6.93 7.32
N VAL A 101 -4.10 -7.76 7.96
CA VAL A 101 -5.55 -7.64 7.86
C VAL A 101 -6.02 -6.36 8.55
N GLY A 102 -6.73 -5.53 7.80
CA GLY A 102 -7.22 -4.27 8.32
C GLY A 102 -6.29 -3.11 8.02
N GLU A 103 -5.12 -3.42 7.47
CA GLU A 103 -4.12 -2.42 7.16
C GLU A 103 -4.12 -2.10 5.66
N SER A 104 -3.64 -0.90 5.31
CA SER A 104 -3.46 -0.50 3.90
C SER A 104 -2.56 -1.48 3.15
N LEU A 105 -2.98 -1.88 1.96
CA LEU A 105 -2.25 -2.87 1.21
C LEU A 105 -1.27 -2.22 0.23
N ASP A 106 -0.14 -2.88 0.06
CA ASP A 106 0.84 -2.49 -0.94
C ASP A 106 1.00 -3.59 -1.97
N ARG A 107 0.75 -3.23 -3.21
CA ARG A 107 0.90 -4.15 -4.33
C ARG A 107 2.38 -4.42 -4.63
N THR A 108 3.25 -3.55 -4.12
CA THR A 108 4.67 -3.66 -4.39
C THR A 108 5.38 -4.55 -3.37
N THR A 109 4.77 -4.73 -2.20
CA THR A 109 5.37 -5.61 -1.18
C THR A 109 4.93 -7.06 -1.43
N ILE A 110 4.01 -7.23 -2.37
CA ILE A 110 3.49 -8.55 -2.75
C ILE A 110 4.62 -9.48 -3.20
N ALA A 111 5.50 -8.95 -4.05
CA ALA A 111 6.63 -9.73 -4.57
C ALA A 111 7.61 -10.11 -3.47
N ASP A 112 7.76 -9.23 -2.49
CA ASP A 112 8.65 -9.47 -1.35
C ASP A 112 8.07 -10.58 -0.48
N ILE A 113 6.75 -10.63 -0.39
CA ILE A 113 6.06 -11.68 0.35
C ILE A 113 6.26 -13.03 -0.35
N GLU A 114 6.12 -13.02 -1.68
CA GLU A 114 6.33 -14.21 -2.50
C GLU A 114 7.74 -14.77 -2.29
N LYS A 115 8.74 -13.90 -2.39
CA LYS A 115 10.14 -14.31 -2.24
C LYS A 115 10.44 -14.74 -0.80
N GLY A 116 9.81 -14.08 0.15
CA GLY A 116 10.04 -14.37 1.56
C GLY A 116 9.48 -15.72 1.97
N LEU A 117 8.29 -16.04 1.48
CA LEU A 117 7.65 -17.31 1.81
C LEU A 117 8.35 -18.47 1.10
N GLU A 118 8.87 -18.19 -0.09
CA GLU A 118 9.67 -19.15 -0.84
C GLU A 118 10.95 -19.50 -0.08
N ASP A 119 11.56 -18.46 0.48
CA ASP A 119 12.80 -18.60 1.23
C ASP A 119 12.55 -19.33 2.56
N PHE A 120 11.41 -19.05 3.17
CA PHE A 120 11.02 -19.66 4.44
C PHE A 120 10.86 -21.17 4.30
N TYR A 121 10.22 -21.59 3.21
CA TYR A 121 9.99 -23.01 2.93
C TYR A 121 11.33 -23.76 2.78
N TYR A 122 12.27 -23.12 2.10
CA TYR A 122 13.59 -23.70 1.86
C TYR A 122 14.40 -23.81 3.15
N SER A 123 14.15 -22.88 4.08
CA SER A 123 14.88 -22.82 5.33
C SER A 123 14.46 -23.93 6.30
N VAL A 124 13.21 -24.41 6.19
CA VAL A 124 12.69 -25.43 7.11
C VAL A 124 13.28 -26.81 6.76
N GLY A 125 12.65 -27.50 5.82
CA GLY A 125 13.08 -28.83 5.45
C GLY A 125 13.65 -28.87 4.04
N LYS A 126 14.05 -27.69 3.54
CA LYS A 126 14.53 -27.52 2.18
C LYS A 126 13.42 -27.80 1.18
N TYR A 127 12.27 -27.17 1.42
CA TYR A 127 11.11 -27.32 0.55
C TYR A 127 11.16 -26.28 -0.56
N SER A 128 11.09 -26.75 -1.79
CA SER A 128 11.11 -25.87 -2.93
C SER A 128 9.70 -25.70 -3.50
N ALA A 129 9.06 -24.62 -3.10
CA ALA A 129 7.73 -24.28 -3.58
C ALA A 129 7.76 -22.90 -4.22
N SER A 130 6.93 -22.68 -5.22
CA SER A 130 6.83 -21.37 -5.85
C SER A 130 5.62 -20.63 -5.29
N VAL A 131 5.82 -19.39 -4.89
CA VAL A 131 4.77 -18.59 -4.28
C VAL A 131 4.34 -17.45 -5.18
N LYS A 132 3.04 -17.37 -5.44
CA LYS A 132 2.46 -16.26 -6.20
C LYS A 132 1.27 -15.69 -5.45
N ALA A 133 1.32 -14.40 -5.14
CA ALA A 133 0.24 -13.76 -4.39
C ALA A 133 -0.71 -13.03 -5.33
N VAL A 134 -1.93 -13.53 -5.42
CA VAL A 134 -2.94 -12.97 -6.30
C VAL A 134 -3.87 -12.05 -5.52
N VAL A 135 -3.93 -10.78 -5.93
CA VAL A 135 -4.78 -9.82 -5.26
C VAL A 135 -6.08 -9.60 -6.04
N THR A 136 -7.19 -9.92 -5.39
CA THR A 136 -8.50 -9.78 -5.99
C THR A 136 -9.31 -8.70 -5.30
N PRO A 137 -9.70 -7.64 -6.04
CA PRO A 137 -10.52 -6.56 -5.52
C PRO A 137 -12.00 -6.94 -5.41
N LEU A 138 -12.61 -6.54 -4.30
CA LEU A 138 -14.04 -6.75 -4.11
C LEU A 138 -14.72 -5.40 -3.87
N PRO A 139 -15.99 -5.26 -4.30
CA PRO A 139 -16.76 -4.02 -4.18
C PRO A 139 -17.21 -3.69 -2.75
N ARG A 140 -16.24 -3.57 -1.86
CA ARG A 140 -16.47 -3.11 -0.51
C ARG A 140 -15.27 -2.29 -0.06
N ASN A 141 -14.48 -1.86 -1.06
CA ASN A 141 -13.23 -1.13 -0.87
C ASN A 141 -12.21 -1.96 -0.07
N ARG A 142 -12.16 -3.25 -0.37
CA ARG A 142 -11.22 -4.15 0.25
C ARG A 142 -10.70 -5.15 -0.77
N VAL A 143 -9.64 -5.86 -0.42
CA VAL A 143 -9.06 -6.86 -1.30
C VAL A 143 -8.91 -8.20 -0.59
N ASP A 144 -9.14 -9.25 -1.35
CA ASP A 144 -8.92 -10.60 -0.88
C ASP A 144 -7.73 -11.18 -1.64
N LEU A 145 -6.69 -11.54 -0.92
CA LEU A 145 -5.47 -11.98 -1.58
C LEU A 145 -5.16 -13.43 -1.25
N LYS A 146 -4.85 -14.17 -2.29
CA LYS A 146 -4.63 -15.60 -2.18
C LYS A 146 -3.20 -15.95 -2.52
N LEU A 147 -2.62 -16.78 -1.69
CA LEU A 147 -1.22 -17.14 -1.79
C LEU A 147 -1.10 -18.52 -2.39
N VAL A 148 -0.59 -18.58 -3.61
CA VAL A 148 -0.50 -19.82 -4.35
C VAL A 148 0.86 -20.47 -4.15
N PHE A 149 0.85 -21.62 -3.51
CA PHE A 149 2.05 -22.41 -3.31
C PHE A 149 2.05 -23.60 -4.25
N GLN A 150 3.03 -23.66 -5.13
CA GLN A 150 3.16 -24.80 -6.03
C GLN A 150 3.97 -25.89 -5.36
N GLU A 151 3.33 -27.03 -5.12
CA GLU A 151 3.92 -28.10 -4.33
C GLU A 151 4.83 -29.00 -5.17
N GLY A 152 6.14 -28.85 -4.97
CA GLY A 152 7.10 -29.75 -5.56
C GLY A 152 7.56 -29.32 -6.92
N VAL A 153 8.30 -28.23 -7.00
CA VAL A 153 8.95 -27.85 -8.24
C VAL A 153 10.40 -28.32 -8.23
N SER A 154 10.92 -28.54 -7.03
CA SER A 154 12.24 -29.13 -6.82
C SER A 154 12.24 -29.87 -5.49
N ALA A 1 14.02 21.40 7.11
CA ALA A 1 13.97 21.19 5.65
C ALA A 1 12.54 21.33 5.14
N GLU A 2 11.89 22.40 5.52
CA GLU A 2 10.50 22.65 5.13
C GLU A 2 10.35 24.07 4.62
N GLY A 3 9.27 24.31 3.89
CA GLY A 3 9.04 25.60 3.30
C GLY A 3 9.64 25.68 1.92
N PHE A 4 9.40 24.64 1.15
CA PHE A 4 9.84 24.61 -0.23
C PHE A 4 8.67 24.83 -1.17
N VAL A 5 8.96 25.35 -2.34
CA VAL A 5 7.94 25.54 -3.35
C VAL A 5 7.78 24.25 -4.16
N VAL A 6 6.61 23.64 -4.08
CA VAL A 6 6.36 22.41 -4.81
C VAL A 6 6.26 22.68 -6.29
N LYS A 7 7.22 22.16 -7.02
CA LYS A 7 7.29 22.33 -8.45
C LYS A 7 6.32 21.38 -9.14
N ASP A 8 6.13 20.22 -8.53
CA ASP A 8 5.26 19.20 -9.09
C ASP A 8 4.61 18.37 -8.01
N ILE A 9 3.34 18.05 -8.20
CA ILE A 9 2.62 17.16 -7.31
C ILE A 9 2.30 15.86 -8.05
N HIS A 10 2.75 14.74 -7.52
CA HIS A 10 2.56 13.47 -8.19
C HIS A 10 1.97 12.44 -7.22
N PHE A 11 1.06 11.63 -7.71
CA PHE A 11 0.33 10.70 -6.87
C PHE A 11 0.65 9.25 -7.20
N GLU A 12 0.61 8.39 -6.19
CA GLU A 12 0.89 6.98 -6.37
C GLU A 12 -0.03 6.12 -5.49
N GLY A 13 -1.28 5.99 -5.89
CA GLY A 13 -2.20 5.14 -5.15
C GLY A 13 -3.62 5.19 -5.67
N LEU A 14 -4.10 6.39 -5.97
CA LEU A 14 -5.50 6.57 -6.41
C LEU A 14 -5.70 6.04 -7.83
N GLN A 15 -6.79 5.31 -8.03
CA GLN A 15 -7.13 4.78 -9.35
C GLN A 15 -8.37 5.47 -9.93
N ARG A 16 -9.25 5.94 -9.05
CA ARG A 16 -10.47 6.60 -9.50
C ARG A 16 -10.36 8.11 -9.31
N VAL A 17 -9.73 8.52 -8.22
CA VAL A 17 -9.51 9.94 -7.93
C VAL A 17 -8.43 10.49 -8.85
N ALA A 18 -8.78 11.50 -9.63
CA ALA A 18 -7.84 12.11 -10.56
C ALA A 18 -7.03 13.19 -9.88
N VAL A 19 -5.86 13.47 -10.43
CA VAL A 19 -4.91 14.41 -9.82
C VAL A 19 -5.48 15.81 -9.64
N GLY A 20 -6.32 16.25 -10.57
CA GLY A 20 -6.92 17.57 -10.46
C GLY A 20 -7.92 17.64 -9.32
N ALA A 21 -8.69 16.57 -9.16
CA ALA A 21 -9.66 16.47 -8.07
C ALA A 21 -8.95 16.29 -6.74
N ALA A 22 -7.82 15.60 -6.79
CA ALA A 22 -7.01 15.33 -5.61
C ALA A 22 -6.32 16.61 -5.12
N LEU A 23 -5.82 17.41 -6.05
CA LEU A 23 -5.24 18.71 -5.75
C LEU A 23 -6.25 19.66 -5.14
N LEU A 24 -7.52 19.52 -5.54
CA LEU A 24 -8.59 20.34 -5.01
C LEU A 24 -8.89 20.01 -3.55
N SER A 25 -8.52 18.80 -3.15
CA SER A 25 -8.70 18.36 -1.76
C SER A 25 -7.52 18.80 -0.90
N MET A 26 -6.42 19.16 -1.54
CA MET A 26 -5.23 19.62 -0.85
C MET A 26 -5.37 21.11 -0.54
N PRO A 27 -4.78 21.58 0.57
CA PRO A 27 -4.84 22.99 0.97
C PRO A 27 -3.79 23.87 0.26
N VAL A 28 -3.18 23.31 -0.78
CA VAL A 28 -2.12 23.99 -1.51
C VAL A 28 -2.17 23.58 -2.98
N ARG A 29 -1.45 24.32 -3.81
CA ARG A 29 -1.41 24.06 -5.23
C ARG A 29 0.03 24.06 -5.73
N THR A 30 0.20 23.77 -6.99
CA THR A 30 1.50 23.78 -7.62
C THR A 30 2.08 25.20 -7.66
N GLY A 31 3.30 25.36 -7.15
CA GLY A 31 3.90 26.69 -7.11
C GLY A 31 3.82 27.32 -5.74
N ASP A 32 3.15 26.63 -4.81
CA ASP A 32 2.99 27.14 -3.45
C ASP A 32 4.09 26.63 -2.52
N THR A 33 4.33 27.36 -1.45
CA THR A 33 5.30 26.98 -0.44
C THR A 33 4.65 26.08 0.60
N VAL A 34 5.29 24.98 0.97
CA VAL A 34 4.69 24.00 1.87
C VAL A 34 5.63 23.65 3.00
N ASN A 35 5.12 23.74 4.22
CA ASN A 35 5.86 23.34 5.41
C ASN A 35 5.45 21.94 5.83
N ASP A 36 6.04 21.47 6.94
CA ASP A 36 5.69 20.18 7.52
C ASP A 36 4.22 20.16 7.92
N GLU A 37 3.73 21.30 8.41
CA GLU A 37 2.33 21.48 8.76
C GLU A 37 1.43 21.27 7.56
N ASP A 38 1.87 21.71 6.39
CA ASP A 38 1.11 21.55 5.15
C ASP A 38 1.18 20.12 4.66
N ILE A 39 2.28 19.42 4.94
CA ILE A 39 2.37 18.00 4.64
C ILE A 39 1.30 17.21 5.42
N SER A 40 1.23 17.45 6.73
CA SER A 40 0.23 16.80 7.59
C SER A 40 -1.17 17.28 7.26
N ASN A 41 -1.29 18.55 6.84
CA ASN A 41 -2.58 19.11 6.46
C ASN A 41 -3.10 18.46 5.18
N THR A 42 -2.20 18.23 4.24
CA THR A 42 -2.53 17.47 3.03
C THR A 42 -2.98 16.04 3.39
N ILE A 43 -2.26 15.40 4.33
CA ILE A 43 -2.61 14.06 4.81
C ILE A 43 -4.04 14.02 5.35
N ARG A 44 -4.35 14.91 6.29
CA ARG A 44 -5.66 14.94 6.95
C ARG A 44 -6.76 15.41 5.99
N ALA A 45 -6.43 16.25 5.02
CA ALA A 45 -7.40 16.75 4.05
C ALA A 45 -7.85 15.63 3.11
N LEU A 46 -6.89 14.85 2.65
CA LEU A 46 -7.17 13.70 1.79
C LEU A 46 -7.83 12.59 2.60
N PHE A 47 -7.52 12.50 3.89
CA PHE A 47 -8.19 11.57 4.79
C PHE A 47 -9.65 11.98 4.99
N ALA A 48 -9.88 13.29 4.99
CA ALA A 48 -11.21 13.86 5.15
C ALA A 48 -12.10 13.62 3.92
N THR A 49 -11.50 13.20 2.80
CA THR A 49 -12.26 12.98 1.58
C THR A 49 -13.00 11.64 1.64
N GLY A 50 -12.49 10.72 2.44
CA GLY A 50 -13.13 9.43 2.61
C GLY A 50 -12.91 8.50 1.43
N ASN A 51 -12.03 8.89 0.52
CA ASN A 51 -11.76 8.11 -0.68
C ASN A 51 -10.63 7.13 -0.45
N PHE A 52 -9.76 7.46 0.49
CA PHE A 52 -8.58 6.65 0.77
C PHE A 52 -8.63 6.14 2.20
N GLU A 53 -8.07 4.95 2.41
CA GLU A 53 -8.02 4.35 3.74
C GLU A 53 -6.73 4.72 4.46
N ASP A 54 -5.76 5.24 3.71
CA ASP A 54 -4.49 5.68 4.27
C ASP A 54 -3.91 6.75 3.35
N VAL A 55 -3.35 7.79 3.94
CA VAL A 55 -2.76 8.87 3.15
C VAL A 55 -1.33 9.10 3.60
N ARG A 56 -0.39 8.93 2.69
CA ARG A 56 0.99 9.19 2.96
C ARG A 56 1.51 10.28 2.05
N VAL A 57 1.93 11.39 2.64
CA VAL A 57 2.57 12.46 1.90
C VAL A 57 4.06 12.48 2.23
N LEU A 58 4.88 12.34 1.20
CA LEU A 58 6.32 12.35 1.36
C LEU A 58 6.92 13.31 0.35
N ARG A 59 7.91 14.07 0.76
CA ARG A 59 8.52 15.01 -0.13
C ARG A 59 9.81 14.45 -0.70
N ASP A 60 10.03 14.71 -1.98
CA ASP A 60 11.23 14.29 -2.66
C ASP A 60 11.86 15.51 -3.31
N GLY A 61 12.80 16.12 -2.62
CA GLY A 61 13.34 17.40 -3.06
C GLY A 61 12.28 18.49 -3.01
N ASP A 62 11.84 18.93 -4.19
CA ASP A 62 10.77 19.90 -4.31
C ASP A 62 9.53 19.27 -4.94
N THR A 63 9.52 17.95 -5.01
CA THR A 63 8.38 17.23 -5.54
C THR A 63 7.57 16.63 -4.39
N LEU A 64 6.25 16.77 -4.45
CA LEU A 64 5.42 16.20 -3.42
C LEU A 64 4.74 14.93 -3.93
N LEU A 65 5.16 13.81 -3.36
CA LEU A 65 4.65 12.51 -3.77
C LEU A 65 3.65 12.00 -2.74
N VAL A 66 2.42 11.78 -3.17
CA VAL A 66 1.37 11.32 -2.27
C VAL A 66 0.86 9.95 -2.67
N GLN A 67 1.12 8.97 -1.82
CA GLN A 67 0.62 7.63 -2.02
C GLN A 67 -0.58 7.42 -1.10
N VAL A 68 -1.59 6.73 -1.60
CA VAL A 68 -2.83 6.57 -0.87
C VAL A 68 -3.32 5.14 -0.98
N LYS A 69 -4.13 4.75 -0.02
CA LYS A 69 -4.64 3.40 0.04
C LYS A 69 -6.06 3.34 -0.50
N GLU A 70 -6.34 2.30 -1.27
CA GLU A 70 -7.63 2.10 -1.89
C GLU A 70 -8.72 1.87 -0.84
N ARG A 71 -9.97 2.05 -1.26
CA ARG A 71 -11.13 1.94 -0.37
C ARG A 71 -11.35 0.53 0.20
N PRO A 72 -11.26 -0.58 -0.60
CA PRO A 72 -11.51 -1.93 -0.08
C PRO A 72 -10.59 -2.32 1.08
N THR A 73 -11.17 -2.99 2.07
CA THR A 73 -10.47 -3.39 3.27
C THR A 73 -10.30 -4.91 3.28
N ILE A 74 -9.13 -5.40 3.73
CA ILE A 74 -8.90 -6.84 3.85
C ILE A 74 -9.94 -7.46 4.78
N ALA A 75 -10.71 -8.38 4.23
CA ALA A 75 -11.70 -9.09 5.00
C ALA A 75 -11.23 -10.50 5.30
N SER A 76 -10.46 -11.07 4.38
CA SER A 76 -9.95 -12.41 4.54
C SER A 76 -8.60 -12.56 3.84
N ILE A 77 -7.67 -13.25 4.51
CA ILE A 77 -6.40 -13.59 3.89
C ILE A 77 -6.26 -15.10 3.84
N THR A 78 -5.88 -15.60 2.68
CA THR A 78 -5.73 -17.03 2.49
C THR A 78 -4.36 -17.36 1.92
N PHE A 79 -3.75 -18.41 2.41
CA PHE A 79 -2.44 -18.82 1.95
C PHE A 79 -2.51 -20.14 1.20
N SER A 80 -1.77 -20.24 0.10
CA SER A 80 -1.74 -21.45 -0.69
C SER A 80 -0.31 -21.75 -1.15
N GLY A 81 0.19 -22.93 -0.82
CA GLY A 81 1.51 -23.32 -1.26
C GLY A 81 2.57 -23.13 -0.19
N ASN A 82 2.14 -23.00 1.05
CA ASN A 82 3.06 -22.74 2.15
C ASN A 82 3.41 -24.04 2.88
N LYS A 83 4.29 -24.81 2.26
CA LYS A 83 4.77 -26.04 2.83
C LYS A 83 5.94 -25.79 3.77
N SER A 84 6.83 -24.88 3.37
CA SER A 84 8.03 -24.58 4.13
C SER A 84 7.71 -23.72 5.35
N VAL A 85 7.12 -22.56 5.09
CA VAL A 85 6.77 -21.65 6.17
C VAL A 85 5.31 -21.86 6.55
N LYS A 86 5.01 -21.74 7.84
CA LYS A 86 3.66 -21.97 8.34
C LYS A 86 2.69 -20.88 7.91
N ASP A 87 1.46 -21.30 7.66
CA ASP A 87 0.33 -20.41 7.40
C ASP A 87 0.16 -19.47 8.60
N ASP A 88 0.32 -20.05 9.79
CA ASP A 88 0.27 -19.33 11.06
C ASP A 88 1.32 -18.21 11.11
N MET A 89 2.53 -18.53 10.69
CA MET A 89 3.65 -17.59 10.74
C MET A 89 3.44 -16.46 9.74
N LEU A 90 2.95 -16.81 8.55
CA LEU A 90 2.68 -15.84 7.50
C LEU A 90 1.54 -14.91 7.87
N LYS A 91 0.57 -15.43 8.62
CA LYS A 91 -0.58 -14.64 9.07
C LYS A 91 -0.13 -13.45 9.91
N GLN A 92 0.73 -13.71 10.87
CA GLN A 92 1.23 -12.68 11.76
C GLN A 92 2.29 -11.86 11.05
N ASN A 93 2.97 -12.48 10.11
CA ASN A 93 3.98 -11.80 9.31
C ASN A 93 3.34 -10.69 8.48
N LEU A 94 2.14 -10.96 7.97
CA LEU A 94 1.35 -9.95 7.25
C LEU A 94 0.89 -8.86 8.21
N GLU A 95 0.42 -9.28 9.39
CA GLU A 95 -0.07 -8.38 10.43
C GLU A 95 1.01 -7.39 10.85
N ALA A 96 2.22 -7.91 11.02
CA ALA A 96 3.37 -7.12 11.44
C ALA A 96 3.90 -6.23 10.32
N SER A 97 3.46 -6.51 9.09
CA SER A 97 3.83 -5.69 7.95
C SER A 97 2.78 -4.60 7.71
N GLY A 98 1.63 -4.74 8.36
CA GLY A 98 0.60 -3.73 8.27
C GLY A 98 -0.69 -4.24 7.66
N VAL A 99 -0.58 -5.26 6.82
CA VAL A 99 -1.75 -5.78 6.11
C VAL A 99 -2.44 -6.86 6.93
N ARG A 100 -3.57 -6.50 7.54
CA ARG A 100 -4.31 -7.43 8.39
C ARG A 100 -5.81 -7.26 8.18
N VAL A 101 -6.59 -8.15 8.79
CA VAL A 101 -8.04 -8.12 8.65
C VAL A 101 -8.62 -6.91 9.37
N GLY A 102 -9.43 -6.15 8.66
CA GLY A 102 -10.01 -4.95 9.22
C GLY A 102 -9.26 -3.70 8.81
N GLU A 103 -8.13 -3.89 8.14
CA GLU A 103 -7.35 -2.79 7.63
C GLU A 103 -7.23 -2.93 6.10
N SER A 104 -7.19 -1.81 5.40
CA SER A 104 -7.07 -1.82 3.94
C SER A 104 -5.72 -2.39 3.51
N LEU A 105 -5.70 -2.98 2.32
CA LEU A 105 -4.51 -3.63 1.82
C LEU A 105 -3.71 -2.67 0.96
N ASP A 106 -2.40 -2.81 1.01
CA ASP A 106 -1.48 -1.93 0.32
C ASP A 106 -0.90 -2.59 -0.91
N ARG A 107 -1.48 -2.28 -2.06
CA ARG A 107 -1.01 -2.84 -3.33
C ARG A 107 0.32 -2.22 -3.76
N THR A 108 0.67 -1.07 -3.19
CA THR A 108 1.93 -0.40 -3.56
C THR A 108 3.12 -1.14 -2.95
N THR A 109 2.92 -1.74 -1.78
CA THR A 109 3.99 -2.49 -1.13
C THR A 109 3.89 -3.98 -1.45
N ILE A 110 2.84 -4.35 -2.20
CA ILE A 110 2.60 -5.74 -2.61
C ILE A 110 3.81 -6.32 -3.35
N ALA A 111 4.45 -5.49 -4.16
CA ALA A 111 5.60 -5.92 -4.94
C ALA A 111 6.75 -6.38 -4.05
N ASP A 112 7.03 -5.60 -3.00
CA ASP A 112 8.11 -5.94 -2.07
C ASP A 112 7.69 -7.08 -1.13
N ILE A 113 6.38 -7.19 -0.91
CA ILE A 113 5.83 -8.31 -0.13
C ILE A 113 6.04 -9.62 -0.90
N GLU A 114 5.65 -9.62 -2.18
CA GLU A 114 5.84 -10.79 -3.05
C GLU A 114 7.32 -11.17 -3.13
N LYS A 115 8.15 -10.17 -3.40
CA LYS A 115 9.60 -10.35 -3.51
C LYS A 115 10.20 -10.88 -2.21
N GLY A 116 9.72 -10.35 -1.08
CA GLY A 116 10.25 -10.72 0.22
C GLY A 116 9.89 -12.13 0.64
N LEU A 117 8.69 -12.58 0.26
CA LEU A 117 8.25 -13.93 0.56
C LEU A 117 9.04 -14.94 -0.27
N GLU A 118 9.25 -14.60 -1.53
CA GLU A 118 10.12 -15.39 -2.42
C GLU A 118 11.53 -15.51 -1.84
N ASP A 119 12.01 -14.40 -1.28
CA ASP A 119 13.33 -14.35 -0.64
C ASP A 119 13.37 -15.24 0.59
N PHE A 120 12.26 -15.26 1.33
CA PHE A 120 12.14 -16.04 2.55
C PHE A 120 12.19 -17.54 2.26
N TYR A 121 11.57 -17.94 1.15
CA TYR A 121 11.58 -19.35 0.73
C TYR A 121 12.98 -19.80 0.34
N TYR A 122 13.74 -18.87 -0.24
CA TYR A 122 15.14 -19.13 -0.56
C TYR A 122 15.99 -19.19 0.71
N SER A 123 15.58 -18.44 1.73
CA SER A 123 16.33 -18.36 2.98
C SER A 123 16.28 -19.67 3.78
N VAL A 124 15.21 -20.45 3.60
CA VAL A 124 15.09 -21.72 4.30
C VAL A 124 16.00 -22.78 3.67
N GLY A 125 15.46 -23.48 2.67
CA GLY A 125 16.22 -24.52 2.00
C GLY A 125 16.56 -24.17 0.57
N LYS A 126 16.47 -22.88 0.24
CA LYS A 126 16.62 -22.40 -1.14
C LYS A 126 15.53 -23.02 -2.03
N TYR A 127 14.29 -22.95 -1.56
CA TYR A 127 13.16 -23.57 -2.23
C TYR A 127 12.77 -22.80 -3.48
N SER A 128 12.92 -21.46 -3.39
CA SER A 128 12.61 -20.54 -4.50
C SER A 128 11.13 -20.55 -4.87
N ALA A 129 10.39 -19.61 -4.35
CA ALA A 129 8.96 -19.53 -4.62
C ALA A 129 8.65 -18.44 -5.63
N SER A 130 7.53 -18.59 -6.32
CA SER A 130 6.97 -17.54 -7.12
C SER A 130 5.68 -17.08 -6.46
N VAL A 131 5.67 -15.86 -5.96
CA VAL A 131 4.56 -15.38 -5.17
C VAL A 131 3.66 -14.46 -5.98
N LYS A 132 2.37 -14.79 -6.00
CA LYS A 132 1.39 -13.94 -6.62
C LYS A 132 0.28 -13.62 -5.62
N ALA A 133 0.12 -12.34 -5.31
CA ALA A 133 -0.93 -11.91 -4.40
C ALA A 133 -2.19 -11.56 -5.20
N VAL A 134 -3.21 -12.39 -5.04
CA VAL A 134 -4.46 -12.22 -5.76
C VAL A 134 -5.45 -11.42 -4.92
N VAL A 135 -5.92 -10.31 -5.46
CA VAL A 135 -6.89 -9.47 -4.77
C VAL A 135 -8.26 -9.56 -5.43
N THR A 136 -9.23 -10.05 -4.68
CA THR A 136 -10.58 -10.20 -5.18
C THR A 136 -11.53 -9.20 -4.53
N PRO A 137 -12.12 -8.31 -5.33
CA PRO A 137 -13.07 -7.31 -4.85
C PRO A 137 -14.47 -7.87 -4.62
N LEU A 138 -15.12 -7.40 -3.56
CA LEU A 138 -16.52 -7.73 -3.35
C LEU A 138 -17.35 -6.44 -3.27
N PRO A 139 -18.66 -6.52 -3.59
CA PRO A 139 -19.53 -5.34 -3.70
C PRO A 139 -20.02 -4.81 -2.35
N ARG A 140 -19.07 -4.49 -1.49
CA ARG A 140 -19.34 -3.85 -0.22
C ARG A 140 -18.34 -2.72 -0.03
N ASN A 141 -17.20 -3.05 0.57
CA ASN A 141 -16.04 -2.17 0.65
C ASN A 141 -14.85 -2.98 1.12
N ARG A 142 -14.80 -4.23 0.66
CA ARG A 142 -13.79 -5.17 1.15
C ARG A 142 -13.10 -5.88 0.00
N VAL A 143 -11.95 -6.45 0.32
CA VAL A 143 -11.15 -7.20 -0.64
C VAL A 143 -10.67 -8.51 0.00
N ASP A 144 -10.52 -9.53 -0.82
CA ASP A 144 -10.02 -10.83 -0.37
C ASP A 144 -8.62 -11.02 -0.92
N LEU A 145 -7.67 -11.34 -0.05
CA LEU A 145 -6.28 -11.47 -0.44
C LEU A 145 -5.82 -12.91 -0.31
N LYS A 146 -5.36 -13.49 -1.41
CA LYS A 146 -4.81 -14.82 -1.39
C LYS A 146 -3.36 -14.81 -1.86
N LEU A 147 -2.52 -15.49 -1.11
CA LEU A 147 -1.10 -15.53 -1.39
C LEU A 147 -0.76 -16.86 -2.05
N VAL A 148 -0.41 -16.81 -3.32
CA VAL A 148 -0.11 -18.01 -4.08
C VAL A 148 1.39 -18.26 -4.13
N PHE A 149 1.81 -19.41 -3.66
CA PHE A 149 3.22 -19.79 -3.63
C PHE A 149 3.48 -20.96 -4.57
N GLN A 150 4.31 -20.74 -5.56
CA GLN A 150 4.71 -21.79 -6.48
C GLN A 150 6.16 -22.17 -6.23
N GLU A 151 6.39 -23.40 -5.80
CA GLU A 151 7.74 -23.87 -5.49
C GLU A 151 8.47 -24.28 -6.76
N GLY A 152 9.59 -23.63 -7.02
CA GLY A 152 10.33 -23.84 -8.26
C GLY A 152 10.09 -22.72 -9.24
N VAL A 153 11.08 -21.88 -9.43
CA VAL A 153 10.93 -20.71 -10.28
C VAL A 153 12.23 -20.33 -10.99
N SER A 154 13.37 -20.56 -10.33
CA SER A 154 14.67 -20.03 -10.77
C SER A 154 14.61 -18.50 -10.84
N ALA A 1 10.74 26.92 -3.39
CA ALA A 1 10.57 27.83 -2.24
C ALA A 1 9.86 27.14 -1.09
N GLU A 2 10.23 27.49 0.13
CA GLU A 2 9.56 26.96 1.30
C GLU A 2 8.82 28.08 2.02
N GLY A 3 7.56 27.85 2.30
CA GLY A 3 6.72 28.88 2.87
C GLY A 3 6.06 29.68 1.77
N PHE A 4 5.49 28.98 0.82
CA PHE A 4 4.73 29.61 -0.25
C PHE A 4 3.25 29.30 -0.07
N VAL A 5 2.40 30.20 -0.55
CA VAL A 5 0.98 29.99 -0.51
C VAL A 5 0.56 29.11 -1.68
N VAL A 6 0.02 27.93 -1.38
CA VAL A 6 -0.45 27.04 -2.42
C VAL A 6 -1.68 27.60 -3.10
N LYS A 7 -1.48 28.05 -4.32
CA LYS A 7 -2.54 28.67 -5.10
C LYS A 7 -3.37 27.61 -5.80
N ASP A 8 -2.79 26.43 -5.95
CA ASP A 8 -3.46 25.33 -6.63
C ASP A 8 -2.87 24.00 -6.18
N ILE A 9 -3.73 23.02 -5.95
CA ILE A 9 -3.29 21.68 -5.63
C ILE A 9 -3.78 20.73 -6.71
N HIS A 10 -2.85 20.06 -7.37
CA HIS A 10 -3.19 19.14 -8.45
C HIS A 10 -2.92 17.71 -8.03
N PHE A 11 -3.92 16.87 -8.16
CA PHE A 11 -3.78 15.48 -7.77
C PHE A 11 -3.64 14.61 -9.01
N GLU A 12 -2.54 13.87 -9.09
CA GLU A 12 -2.21 13.13 -10.30
C GLU A 12 -2.17 11.63 -10.06
N GLY A 13 -2.25 11.23 -8.79
CA GLY A 13 -2.22 9.83 -8.47
C GLY A 13 -3.58 9.27 -8.12
N LEU A 14 -4.55 10.14 -7.94
CA LEU A 14 -5.89 9.70 -7.58
C LEU A 14 -6.93 10.25 -8.55
N GLN A 15 -7.86 9.38 -8.95
CA GLN A 15 -8.95 9.76 -9.84
C GLN A 15 -10.29 9.61 -9.13
N ARG A 16 -10.39 8.56 -8.31
CA ARG A 16 -11.61 8.28 -7.55
C ARG A 16 -11.70 9.19 -6.32
N VAL A 17 -10.57 9.37 -5.64
CA VAL A 17 -10.49 10.32 -4.53
C VAL A 17 -10.60 11.73 -5.08
N ALA A 18 -11.29 12.61 -4.36
CA ALA A 18 -11.52 13.96 -4.86
C ALA A 18 -10.56 14.95 -4.23
N VAL A 19 -10.37 16.08 -4.91
CA VAL A 19 -9.44 17.13 -4.47
C VAL A 19 -9.74 17.60 -3.04
N GLY A 20 -11.03 17.79 -2.74
CA GLY A 20 -11.43 18.24 -1.41
C GLY A 20 -11.33 17.13 -0.38
N ALA A 21 -11.68 15.92 -0.78
CA ALA A 21 -11.62 14.75 0.11
C ALA A 21 -10.18 14.41 0.48
N ALA A 22 -9.30 14.56 -0.50
CA ALA A 22 -7.88 14.29 -0.32
C ALA A 22 -7.21 15.39 0.50
N LEU A 23 -7.67 16.63 0.29
CA LEU A 23 -7.24 17.78 1.07
C LEU A 23 -7.54 17.61 2.57
N LEU A 24 -8.61 16.89 2.89
CA LEU A 24 -9.00 16.66 4.28
C LEU A 24 -8.00 15.75 5.00
N SER A 25 -7.23 14.99 4.23
CA SER A 25 -6.18 14.14 4.77
C SER A 25 -4.85 14.88 4.81
N MET A 26 -4.82 16.06 4.21
CA MET A 26 -3.65 16.92 4.24
C MET A 26 -3.75 17.84 5.45
N PRO A 27 -2.61 18.11 6.13
CA PRO A 27 -2.58 18.99 7.32
C PRO A 27 -2.97 20.42 6.99
N VAL A 28 -2.54 20.90 5.83
CA VAL A 28 -2.79 22.27 5.42
C VAL A 28 -3.55 22.31 4.11
N ARG A 29 -4.27 23.40 3.86
CA ARG A 29 -5.09 23.54 2.66
C ARG A 29 -4.54 24.63 1.76
N THR A 30 -5.10 24.71 0.56
CA THR A 30 -4.73 25.74 -0.41
C THR A 30 -5.18 27.11 0.10
N GLY A 31 -4.32 28.11 -0.09
CA GLY A 31 -4.58 29.43 0.43
C GLY A 31 -3.75 29.73 1.66
N ASP A 32 -3.15 28.69 2.22
CA ASP A 32 -2.28 28.83 3.37
C ASP A 32 -0.83 28.60 2.97
N THR A 33 0.08 29.15 3.76
CA THR A 33 1.51 29.00 3.52
C THR A 33 1.99 27.62 3.94
N VAL A 34 2.80 27.00 3.09
CA VAL A 34 3.27 25.64 3.34
C VAL A 34 4.79 25.56 3.21
N ASN A 35 5.42 24.99 4.23
CA ASN A 35 6.87 24.84 4.24
C ASN A 35 7.25 23.46 3.77
N ASP A 36 8.55 23.21 3.79
CA ASP A 36 9.10 21.92 3.40
C ASP A 36 8.67 20.83 4.37
N GLU A 37 8.44 21.20 5.62
CA GLU A 37 7.97 20.26 6.62
C GLU A 37 6.51 19.94 6.40
N ASP A 38 5.76 20.89 5.86
CA ASP A 38 4.34 20.69 5.53
C ASP A 38 4.21 19.83 4.29
N ILE A 39 5.19 19.90 3.40
CA ILE A 39 5.27 19.01 2.25
C ILE A 39 5.43 17.56 2.74
N SER A 40 6.38 17.35 3.64
CA SER A 40 6.61 16.03 4.23
C SER A 40 5.43 15.61 5.11
N ASN A 41 4.83 16.58 5.80
CA ASN A 41 3.65 16.34 6.64
C ASN A 41 2.49 15.83 5.80
N THR A 42 2.27 16.49 4.67
CA THR A 42 1.27 16.07 3.70
C THR A 42 1.53 14.64 3.21
N ILE A 43 2.78 14.36 2.86
CA ILE A 43 3.19 13.01 2.42
C ILE A 43 2.85 11.96 3.47
N ARG A 44 3.27 12.21 4.71
CA ARG A 44 3.10 11.26 5.82
C ARG A 44 1.64 11.11 6.23
N ALA A 45 0.88 12.21 6.14
CA ALA A 45 -0.53 12.19 6.52
C ALA A 45 -1.33 11.34 5.54
N LEU A 46 -1.09 11.54 4.24
CA LEU A 46 -1.74 10.76 3.21
C LEU A 46 -1.25 9.31 3.23
N PHE A 47 0.00 9.12 3.65
CA PHE A 47 0.57 7.79 3.82
C PHE A 47 -0.18 7.02 4.91
N ALA A 48 -0.50 7.73 5.99
CA ALA A 48 -1.16 7.16 7.16
C ALA A 48 -2.63 6.79 6.91
N THR A 49 -3.19 7.25 5.79
CA THR A 49 -4.62 7.08 5.54
C THR A 49 -4.93 5.65 5.06
N GLY A 50 -3.94 4.99 4.47
CA GLY A 50 -4.14 3.62 3.98
C GLY A 50 -5.02 3.57 2.74
N ASN A 51 -5.19 4.71 2.09
CA ASN A 51 -5.97 4.80 0.86
C ASN A 51 -5.07 4.53 -0.35
N PHE A 52 -3.81 4.94 -0.21
CA PHE A 52 -2.81 4.74 -1.24
C PHE A 52 -1.53 4.22 -0.60
N GLU A 53 -0.65 3.61 -1.40
CA GLU A 53 0.51 2.92 -0.86
C GLU A 53 1.75 3.82 -0.82
N ASP A 54 1.83 4.80 -1.70
CA ASP A 54 2.97 5.71 -1.71
C ASP A 54 2.50 7.12 -2.02
N VAL A 55 3.03 8.09 -1.30
CA VAL A 55 2.67 9.49 -1.52
C VAL A 55 3.91 10.33 -1.78
N ARG A 56 3.99 10.90 -2.96
CA ARG A 56 5.03 11.86 -3.27
C ARG A 56 4.43 13.18 -3.73
N VAL A 57 4.72 14.25 -3.02
CA VAL A 57 4.29 15.56 -3.44
C VAL A 57 5.47 16.35 -4.02
N LEU A 58 5.19 17.14 -5.04
CA LEU A 58 6.21 17.95 -5.70
C LEU A 58 5.68 19.35 -5.87
N ARG A 59 6.57 20.32 -5.98
CA ARG A 59 6.13 21.71 -6.08
C ARG A 59 6.52 22.30 -7.43
N ASP A 60 5.53 22.86 -8.09
CA ASP A 60 5.74 23.60 -9.33
C ASP A 60 5.29 25.03 -9.11
N GLY A 61 6.22 25.90 -8.76
CA GLY A 61 5.88 27.26 -8.38
C GLY A 61 5.08 27.30 -7.10
N ASP A 62 3.80 27.66 -7.22
CA ASP A 62 2.88 27.69 -6.08
C ASP A 62 1.90 26.53 -6.16
N THR A 63 2.17 25.62 -7.07
CA THR A 63 1.28 24.50 -7.29
C THR A 63 1.85 23.23 -6.67
N LEU A 64 1.03 22.55 -5.89
CA LEU A 64 1.47 21.32 -5.25
C LEU A 64 0.88 20.11 -5.97
N LEU A 65 1.76 19.35 -6.59
CA LEU A 65 1.36 18.16 -7.32
C LEU A 65 1.45 16.93 -6.44
N VAL A 66 0.31 16.36 -6.11
CA VAL A 66 0.27 15.17 -5.27
C VAL A 66 0.09 13.92 -6.11
N GLN A 67 1.16 13.15 -6.22
CA GLN A 67 1.13 11.90 -6.94
C GLN A 67 1.14 10.75 -5.96
N VAL A 68 0.15 9.88 -6.04
CA VAL A 68 0.04 8.76 -5.12
C VAL A 68 -0.03 7.44 -5.86
N LYS A 69 0.51 6.42 -5.24
CA LYS A 69 0.63 5.11 -5.85
C LYS A 69 -0.48 4.20 -5.33
N GLU A 70 -0.98 3.35 -6.23
CA GLU A 70 -2.01 2.35 -5.93
C GLU A 70 -3.38 2.97 -5.78
N ARG A 71 -4.37 2.09 -5.69
CA ARG A 71 -5.78 2.46 -5.73
C ARG A 71 -6.67 1.36 -5.12
N PRO A 72 -6.56 0.07 -5.55
CA PRO A 72 -7.41 -0.99 -5.01
C PRO A 72 -7.10 -1.34 -3.57
N THR A 73 -8.15 -1.62 -2.82
CA THR A 73 -8.03 -2.02 -1.42
C THR A 73 -8.03 -3.53 -1.32
N ILE A 74 -7.26 -4.08 -0.40
CA ILE A 74 -7.31 -5.50 -0.11
C ILE A 74 -8.61 -5.79 0.65
N ALA A 75 -9.46 -6.62 0.07
CA ALA A 75 -10.73 -6.94 0.68
C ALA A 75 -10.63 -8.26 1.43
N SER A 76 -9.98 -9.23 0.81
CA SER A 76 -9.76 -10.53 1.44
C SER A 76 -8.41 -11.09 1.05
N ILE A 77 -7.79 -11.82 1.96
CA ILE A 77 -6.56 -12.54 1.67
C ILE A 77 -6.80 -14.03 1.85
N THR A 78 -6.54 -14.79 0.80
CA THR A 78 -6.81 -16.21 0.80
C THR A 78 -5.52 -17.00 0.79
N PHE A 79 -5.46 -18.04 1.60
CA PHE A 79 -4.26 -18.85 1.71
C PHE A 79 -4.49 -20.25 1.19
N SER A 80 -3.57 -20.73 0.38
CA SER A 80 -3.68 -22.04 -0.24
C SER A 80 -2.44 -22.88 0.04
N GLY A 81 -2.65 -24.17 0.20
CA GLY A 81 -1.57 -25.07 0.56
C GLY A 81 -1.71 -25.52 1.99
N ASN A 82 -1.28 -24.65 2.91
CA ASN A 82 -1.35 -24.89 4.36
C ASN A 82 -0.84 -26.28 4.75
N LYS A 83 0.34 -26.62 4.26
CA LYS A 83 0.89 -27.95 4.49
C LYS A 83 1.44 -28.09 5.90
N SER A 84 2.13 -27.06 6.36
CA SER A 84 2.72 -27.07 7.69
C SER A 84 2.38 -25.81 8.48
N VAL A 85 2.11 -24.72 7.76
CA VAL A 85 1.88 -23.44 8.41
C VAL A 85 0.41 -23.04 8.25
N LYS A 86 -0.20 -22.63 9.35
CA LYS A 86 -1.61 -22.32 9.38
C LYS A 86 -1.95 -21.02 8.67
N ASP A 87 -3.20 -20.93 8.22
CA ASP A 87 -3.72 -19.73 7.58
C ASP A 87 -3.77 -18.60 8.60
N ASP A 88 -4.05 -18.96 9.85
CA ASP A 88 -3.99 -18.04 10.98
C ASP A 88 -2.61 -17.39 11.10
N MET A 89 -1.57 -18.20 10.91
CA MET A 89 -0.19 -17.71 10.96
C MET A 89 0.10 -16.79 9.79
N LEU A 90 -0.32 -17.21 8.60
CA LEU A 90 -0.17 -16.44 7.37
C LEU A 90 -0.89 -15.09 7.45
N LYS A 91 -2.00 -15.06 8.17
CA LYS A 91 -2.80 -13.85 8.31
C LYS A 91 -1.98 -12.71 8.91
N GLN A 92 -1.27 -13.00 10.00
CA GLN A 92 -0.46 -12.01 10.67
C GLN A 92 0.84 -11.81 9.91
N ASN A 93 1.27 -12.86 9.22
CA ASN A 93 2.48 -12.79 8.42
C ASN A 93 2.34 -11.74 7.30
N LEU A 94 1.13 -11.67 6.73
CA LEU A 94 0.82 -10.65 5.72
C LEU A 94 0.69 -9.27 6.36
N GLU A 95 0.10 -9.24 7.56
CA GLU A 95 -0.08 -8.00 8.31
C GLU A 95 1.25 -7.39 8.72
N ALA A 96 2.20 -8.24 9.08
CA ALA A 96 3.53 -7.81 9.49
C ALA A 96 4.36 -7.35 8.29
N SER A 97 3.90 -7.72 7.10
CA SER A 97 4.53 -7.27 5.86
C SER A 97 3.91 -5.95 5.42
N GLY A 98 2.76 -5.61 6.00
CA GLY A 98 2.16 -4.30 5.76
C GLY A 98 0.80 -4.38 5.09
N VAL A 99 0.63 -5.38 4.24
CA VAL A 99 -0.58 -5.51 3.42
C VAL A 99 -1.65 -6.34 4.14
N ARG A 100 -2.73 -5.67 4.49
CA ARG A 100 -3.82 -6.32 5.21
C ARG A 100 -5.17 -5.82 4.71
N VAL A 101 -6.24 -6.40 5.24
CA VAL A 101 -7.60 -6.03 4.84
C VAL A 101 -7.94 -4.61 5.27
N GLY A 102 -8.39 -3.82 4.31
CA GLY A 102 -8.69 -2.42 4.56
C GLY A 102 -7.59 -1.52 4.05
N GLU A 103 -6.38 -2.05 4.03
CA GLU A 103 -5.23 -1.35 3.48
C GLU A 103 -5.16 -1.55 1.98
N SER A 104 -4.40 -0.70 1.30
CA SER A 104 -4.11 -0.93 -0.11
C SER A 104 -3.00 -1.98 -0.22
N LEU A 105 -2.81 -2.53 -1.40
CA LEU A 105 -1.82 -3.57 -1.58
C LEU A 105 -0.67 -3.08 -2.44
N ASP A 106 0.53 -3.54 -2.11
CA ASP A 106 1.70 -3.25 -2.93
C ASP A 106 2.14 -4.51 -3.65
N ARG A 107 1.86 -4.53 -4.93
CA ARG A 107 2.20 -5.66 -5.80
C ARG A 107 3.71 -5.75 -6.05
N THR A 108 4.44 -4.68 -5.72
CA THR A 108 5.88 -4.64 -5.98
C THR A 108 6.61 -5.21 -4.77
N THR A 109 5.92 -5.15 -3.65
CA THR A 109 6.40 -5.67 -2.40
C THR A 109 6.01 -7.16 -2.28
N ILE A 110 5.09 -7.59 -3.15
CA ILE A 110 4.59 -8.97 -3.19
C ILE A 110 5.73 -10.00 -3.29
N ALA A 111 6.74 -9.68 -4.09
CA ALA A 111 7.87 -10.57 -4.29
C ALA A 111 8.67 -10.79 -3.01
N ASP A 112 8.84 -9.72 -2.23
CA ASP A 112 9.54 -9.81 -0.95
C ASP A 112 8.70 -10.54 0.08
N ILE A 113 7.38 -10.42 -0.05
CA ILE A 113 6.45 -11.15 0.80
C ILE A 113 6.61 -12.66 0.55
N GLU A 114 6.70 -13.03 -0.72
CA GLU A 114 6.91 -14.42 -1.13
C GLU A 114 8.25 -14.94 -0.58
N LYS A 115 9.29 -14.12 -0.71
CA LYS A 115 10.62 -14.47 -0.22
C LYS A 115 10.62 -14.72 1.30
N GLY A 116 9.91 -13.87 2.02
CA GLY A 116 9.83 -13.99 3.47
C GLY A 116 9.03 -15.21 3.90
N LEU A 117 7.96 -15.50 3.19
CA LEU A 117 7.11 -16.65 3.49
C LEU A 117 7.83 -17.97 3.16
N GLU A 118 8.65 -17.93 2.12
CA GLU A 118 9.44 -19.10 1.73
C GLU A 118 10.50 -19.42 2.78
N ASP A 119 11.03 -18.37 3.39
CA ASP A 119 12.01 -18.53 4.47
C ASP A 119 11.32 -18.98 5.76
N PHE A 120 10.08 -18.51 5.95
CA PHE A 120 9.29 -18.82 7.15
C PHE A 120 9.03 -20.32 7.27
N TYR A 121 8.76 -20.98 6.15
CA TYR A 121 8.54 -22.43 6.14
C TYR A 121 9.82 -23.17 6.53
N TYR A 122 10.96 -22.61 6.14
CA TYR A 122 12.26 -23.19 6.46
C TYR A 122 12.56 -23.06 7.96
N SER A 123 12.05 -22.01 8.58
CA SER A 123 12.26 -21.78 10.01
C SER A 123 11.52 -22.82 10.87
N VAL A 124 10.43 -23.36 10.35
CA VAL A 124 9.65 -24.35 11.08
C VAL A 124 10.33 -25.72 11.05
N GLY A 125 10.08 -26.49 10.00
CA GLY A 125 10.62 -27.83 9.89
C GLY A 125 11.65 -27.96 8.79
N LYS A 126 12.22 -26.81 8.39
CA LYS A 126 13.17 -26.74 7.28
C LYS A 126 12.49 -27.08 5.96
N TYR A 127 11.29 -26.56 5.78
CA TYR A 127 10.50 -26.81 4.59
C TYR A 127 10.84 -25.80 3.51
N SER A 128 10.93 -26.27 2.27
CA SER A 128 11.16 -25.38 1.16
C SER A 128 9.95 -25.40 0.22
N ALA A 129 8.88 -24.74 0.66
CA ALA A 129 7.69 -24.61 -0.16
C ALA A 129 7.74 -23.28 -0.90
N SER A 130 7.28 -23.29 -2.13
CA SER A 130 7.32 -22.11 -2.97
C SER A 130 5.97 -21.42 -2.98
N VAL A 131 5.96 -20.14 -2.66
CA VAL A 131 4.71 -19.39 -2.58
C VAL A 131 4.62 -18.33 -3.68
N LYS A 132 3.44 -18.20 -4.26
CA LYS A 132 3.16 -17.18 -5.25
C LYS A 132 1.92 -16.41 -4.86
N ALA A 133 2.03 -15.11 -4.77
CA ALA A 133 0.91 -14.27 -4.41
C ALA A 133 0.22 -13.70 -5.65
N VAL A 134 -1.00 -14.16 -5.88
CA VAL A 134 -1.78 -13.78 -7.05
C VAL A 134 -2.86 -12.78 -6.66
N VAL A 135 -2.91 -11.66 -7.39
CA VAL A 135 -3.93 -10.65 -7.13
C VAL A 135 -5.08 -10.77 -8.10
N THR A 136 -6.28 -10.92 -7.57
CA THR A 136 -7.47 -10.99 -8.36
C THR A 136 -8.29 -9.71 -8.22
N PRO A 137 -8.52 -9.01 -9.34
CA PRO A 137 -9.22 -7.74 -9.36
C PRO A 137 -10.73 -7.88 -9.51
N LEU A 138 -11.46 -7.20 -8.65
CA LEU A 138 -12.91 -7.12 -8.78
C LEU A 138 -13.32 -5.69 -9.10
N PRO A 139 -14.47 -5.51 -9.78
CA PRO A 139 -14.91 -4.18 -10.26
C PRO A 139 -15.48 -3.28 -9.17
N ARG A 140 -15.10 -3.55 -7.92
CA ARG A 140 -15.53 -2.75 -6.78
C ARG A 140 -14.33 -2.06 -6.14
N ASN A 141 -13.24 -1.96 -6.91
CA ASN A 141 -12.02 -1.24 -6.52
C ASN A 141 -11.29 -1.94 -5.37
N ARG A 142 -11.48 -3.24 -5.27
CA ARG A 142 -10.81 -4.03 -4.27
C ARG A 142 -10.17 -5.24 -4.94
N VAL A 143 -9.29 -5.92 -4.21
CA VAL A 143 -8.61 -7.10 -4.74
C VAL A 143 -8.65 -8.25 -3.74
N ASP A 144 -8.57 -9.45 -4.28
CA ASP A 144 -8.44 -10.65 -3.47
C ASP A 144 -7.03 -11.19 -3.65
N LEU A 145 -6.28 -11.26 -2.57
CA LEU A 145 -4.89 -11.66 -2.64
C LEU A 145 -4.74 -13.12 -2.21
N LYS A 146 -4.36 -13.97 -3.14
CA LYS A 146 -4.22 -15.39 -2.87
C LYS A 146 -2.77 -15.79 -2.77
N LEU A 147 -2.47 -16.51 -1.72
CA LEU A 147 -1.12 -16.96 -1.46
C LEU A 147 -1.05 -18.46 -1.70
N VAL A 148 -0.39 -18.85 -2.77
CA VAL A 148 -0.36 -20.25 -3.17
C VAL A 148 0.95 -20.90 -2.76
N PHE A 149 0.89 -21.82 -1.81
CA PHE A 149 2.07 -22.51 -1.34
C PHE A 149 2.19 -23.89 -1.97
N GLN A 150 3.43 -24.30 -2.19
CA GLN A 150 3.74 -25.60 -2.77
C GLN A 150 3.52 -26.71 -1.76
N GLU A 151 3.04 -27.86 -2.25
CA GLU A 151 2.80 -29.04 -1.42
C GLU A 151 4.06 -29.51 -0.70
N GLY A 152 5.22 -29.22 -1.28
CA GLY A 152 6.47 -29.63 -0.68
C GLY A 152 7.26 -30.51 -1.62
N VAL A 153 8.42 -30.03 -2.04
CA VAL A 153 9.25 -30.77 -2.98
C VAL A 153 10.20 -31.72 -2.26
N SER A 154 11.46 -31.75 -2.70
CA SER A 154 12.45 -32.68 -2.14
C SER A 154 13.08 -32.11 -0.87
N ALA A 1 11.29 32.29 2.02
CA ALA A 1 10.13 32.29 1.08
C ALA A 1 9.07 31.30 1.54
N GLU A 2 8.03 31.81 2.18
CA GLU A 2 6.97 30.97 2.69
C GLU A 2 5.63 31.67 2.58
N GLY A 3 4.57 30.88 2.57
CA GLY A 3 3.26 31.42 2.33
C GLY A 3 3.07 31.69 0.86
N PHE A 4 3.21 30.64 0.07
CA PHE A 4 2.99 30.73 -1.37
C PHE A 4 1.58 30.31 -1.73
N VAL A 5 1.08 30.83 -2.83
CA VAL A 5 -0.26 30.50 -3.30
C VAL A 5 -0.20 29.30 -4.24
N VAL A 6 -0.87 28.23 -3.85
CA VAL A 6 -0.94 27.03 -4.66
C VAL A 6 -1.76 27.27 -5.91
N LYS A 7 -1.15 27.05 -7.04
CA LYS A 7 -1.82 27.25 -8.33
C LYS A 7 -2.57 25.97 -8.72
N ASP A 8 -1.87 24.85 -8.65
CA ASP A 8 -2.44 23.57 -9.06
C ASP A 8 -1.92 22.46 -8.17
N ILE A 9 -2.80 21.51 -7.82
CA ILE A 9 -2.39 20.33 -7.11
C ILE A 9 -2.38 19.15 -8.07
N HIS A 10 -1.23 18.52 -8.21
CA HIS A 10 -1.09 17.40 -9.13
C HIS A 10 -0.68 16.15 -8.37
N PHE A 11 -1.43 15.09 -8.58
CA PHE A 11 -1.25 13.87 -7.83
C PHE A 11 -0.51 12.82 -8.65
N GLU A 12 0.58 12.32 -8.10
CA GLU A 12 1.42 11.34 -8.76
C GLU A 12 1.54 10.07 -7.93
N GLY A 13 0.44 9.34 -7.82
CA GLY A 13 0.45 8.12 -7.04
C GLY A 13 -0.93 7.50 -6.91
N LEU A 14 -1.94 8.34 -6.70
CA LEU A 14 -3.31 7.86 -6.58
C LEU A 14 -4.01 7.90 -7.93
N GLN A 15 -5.12 7.17 -8.02
CA GLN A 15 -5.86 7.05 -9.27
C GLN A 15 -7.32 6.68 -9.00
N ARG A 16 -7.51 5.53 -8.32
CA ARG A 16 -8.85 5.07 -7.98
C ARG A 16 -9.50 6.03 -6.98
N VAL A 17 -8.72 6.53 -6.04
CA VAL A 17 -9.12 7.68 -5.25
C VAL A 17 -8.92 8.93 -6.10
N ALA A 18 -9.99 9.66 -6.33
CA ALA A 18 -9.95 10.79 -7.25
C ALA A 18 -9.31 12.01 -6.64
N VAL A 19 -8.82 12.90 -7.52
CA VAL A 19 -8.14 14.13 -7.13
C VAL A 19 -8.97 14.98 -6.16
N GLY A 20 -10.28 15.07 -6.41
CA GLY A 20 -11.16 15.84 -5.56
C GLY A 20 -11.43 15.17 -4.22
N ALA A 21 -11.47 13.83 -4.25
CA ALA A 21 -11.69 13.06 -3.03
C ALA A 21 -10.42 13.05 -2.17
N ALA A 22 -9.28 13.04 -2.85
CA ALA A 22 -7.98 13.07 -2.19
C ALA A 22 -7.73 14.44 -1.56
N LEU A 23 -8.14 15.49 -2.28
CA LEU A 23 -8.14 16.86 -1.78
C LEU A 23 -8.90 17.01 -0.46
N LEU A 24 -9.96 16.21 -0.27
CA LEU A 24 -10.80 16.29 0.92
C LEU A 24 -10.07 15.82 2.19
N SER A 25 -8.94 15.15 2.00
CA SER A 25 -8.11 14.70 3.11
C SER A 25 -6.92 15.65 3.32
N MET A 26 -6.76 16.60 2.41
CA MET A 26 -5.65 17.54 2.47
C MET A 26 -6.14 18.88 2.99
N PRO A 27 -5.37 19.51 3.91
CA PRO A 27 -5.73 20.81 4.48
C PRO A 27 -5.34 21.99 3.59
N VAL A 28 -4.98 21.71 2.35
CA VAL A 28 -4.61 22.76 1.41
C VAL A 28 -5.56 22.76 0.22
N ARG A 29 -5.78 23.93 -0.37
CA ARG A 29 -6.64 24.05 -1.53
C ARG A 29 -5.98 24.87 -2.63
N THR A 30 -6.57 24.79 -3.80
CA THR A 30 -6.17 25.58 -4.94
C THR A 30 -6.50 27.06 -4.71
N GLY A 31 -5.49 27.90 -4.76
CA GLY A 31 -5.69 29.32 -4.50
C GLY A 31 -5.35 29.69 -3.06
N ASP A 32 -5.05 28.69 -2.24
CA ASP A 32 -4.73 28.92 -0.83
C ASP A 32 -3.27 29.29 -0.64
N THR A 33 -3.01 30.07 0.39
CA THR A 33 -1.65 30.45 0.75
C THR A 33 -1.20 29.62 1.95
N VAL A 34 -0.17 28.81 1.76
CA VAL A 34 0.20 27.82 2.76
C VAL A 34 1.69 27.81 3.04
N ASN A 35 2.05 27.33 4.23
CA ASN A 35 3.43 27.26 4.67
C ASN A 35 4.01 25.86 4.48
N ASP A 36 5.29 25.72 4.84
CA ASP A 36 5.97 24.42 4.85
C ASP A 36 5.29 23.47 5.82
N GLU A 37 4.76 24.04 6.91
CA GLU A 37 4.02 23.29 7.91
C GLU A 37 2.73 22.73 7.31
N ASP A 38 2.15 23.45 6.37
CA ASP A 38 0.94 23.01 5.68
C ASP A 38 1.24 21.92 4.67
N ILE A 39 2.41 21.99 4.05
CA ILE A 39 2.87 20.89 3.21
C ILE A 39 3.05 19.62 4.06
N SER A 40 3.71 19.77 5.21
CA SER A 40 3.89 18.67 6.15
C SER A 40 2.56 18.21 6.74
N ASN A 41 1.63 19.15 6.88
CA ASN A 41 0.29 18.87 7.41
C ASN A 41 -0.50 18.06 6.40
N THR A 42 -0.33 18.39 5.14
CA THR A 42 -0.89 17.59 4.03
C THR A 42 -0.35 16.15 4.10
N ILE A 43 0.96 16.03 4.28
CA ILE A 43 1.63 14.72 4.42
C ILE A 43 0.99 13.89 5.55
N ARG A 44 0.96 14.47 6.75
CA ARG A 44 0.44 13.76 7.92
C ARG A 44 -1.07 13.50 7.83
N ALA A 45 -1.80 14.38 7.14
CA ALA A 45 -3.24 14.22 6.99
C ALA A 45 -3.56 13.02 6.14
N LEU A 46 -2.86 12.89 5.02
CA LEU A 46 -3.00 11.74 4.14
C LEU A 46 -2.45 10.47 4.79
N PHE A 47 -1.44 10.62 5.64
CA PHE A 47 -0.90 9.51 6.41
C PHE A 47 -1.92 9.01 7.44
N ALA A 48 -2.68 9.95 7.99
CA ALA A 48 -3.70 9.67 9.00
C ALA A 48 -4.93 8.96 8.40
N THR A 49 -5.04 8.95 7.08
CA THR A 49 -6.17 8.31 6.43
C THR A 49 -6.00 6.79 6.40
N GLY A 50 -4.74 6.36 6.45
CA GLY A 50 -4.43 4.93 6.48
C GLY A 50 -4.59 4.24 5.13
N ASN A 51 -4.83 5.02 4.09
CA ASN A 51 -5.07 4.47 2.76
C ASN A 51 -3.76 4.17 2.05
N PHE A 52 -2.85 5.14 2.07
CA PHE A 52 -1.62 5.05 1.31
C PHE A 52 -0.49 4.51 2.17
N GLU A 53 0.45 3.83 1.52
CA GLU A 53 1.63 3.27 2.16
C GLU A 53 2.57 4.40 2.60
N ASP A 54 2.94 5.26 1.64
CA ASP A 54 3.87 6.35 1.90
C ASP A 54 3.34 7.61 1.27
N VAL A 55 3.50 8.74 1.95
CA VAL A 55 3.01 10.02 1.45
C VAL A 55 4.15 11.01 1.31
N ARG A 56 4.40 11.46 0.09
CA ARG A 56 5.39 12.49 -0.17
C ARG A 56 4.73 13.70 -0.81
N VAL A 57 4.81 14.84 -0.16
CA VAL A 57 4.28 16.07 -0.73
C VAL A 57 5.42 17.07 -0.90
N LEU A 58 5.60 17.53 -2.13
CA LEU A 58 6.66 18.47 -2.44
C LEU A 58 6.08 19.58 -3.30
N ARG A 59 6.73 20.73 -3.34
CA ARG A 59 6.25 21.78 -4.21
C ARG A 59 7.25 22.05 -5.32
N ASP A 60 6.71 22.49 -6.42
CA ASP A 60 7.49 22.96 -7.54
C ASP A 60 7.01 24.36 -7.87
N GLY A 61 7.70 25.35 -7.33
CA GLY A 61 7.22 26.71 -7.43
C GLY A 61 5.92 26.90 -6.68
N ASP A 62 4.84 27.06 -7.44
CA ASP A 62 3.51 27.24 -6.88
C ASP A 62 2.67 25.98 -7.01
N THR A 63 3.28 24.91 -7.49
CA THR A 63 2.56 23.70 -7.78
C THR A 63 2.79 22.66 -6.71
N LEU A 64 1.72 22.04 -6.24
CA LEU A 64 1.81 21.07 -5.16
C LEU A 64 1.72 19.67 -5.72
N LEU A 65 2.82 18.95 -5.63
CA LEU A 65 2.92 17.61 -6.16
C LEU A 65 2.77 16.59 -5.04
N VAL A 66 1.67 15.84 -5.07
CA VAL A 66 1.40 14.84 -4.07
C VAL A 66 1.61 13.44 -4.62
N GLN A 67 2.70 12.83 -4.23
CA GLN A 67 3.02 11.48 -4.65
C GLN A 67 2.78 10.53 -3.49
N VAL A 68 2.00 9.50 -3.73
CA VAL A 68 1.70 8.53 -2.70
C VAL A 68 2.03 7.15 -3.20
N LYS A 69 2.50 6.33 -2.28
CA LYS A 69 2.89 4.98 -2.61
C LYS A 69 1.76 4.04 -2.24
N GLU A 70 1.35 3.24 -3.22
CA GLU A 70 0.32 2.20 -3.07
C GLU A 70 -0.89 2.64 -2.26
N ARG A 71 -1.84 3.23 -2.98
CA ARG A 71 -3.07 3.73 -2.37
C ARG A 71 -4.16 2.66 -2.10
N PRO A 72 -4.25 1.48 -2.82
CA PRO A 72 -5.29 0.49 -2.52
C PRO A 72 -5.07 -0.24 -1.19
N THR A 73 -6.17 -0.47 -0.49
CA THR A 73 -6.14 -1.16 0.79
C THR A 73 -6.47 -2.65 0.59
N ILE A 74 -5.70 -3.53 1.22
CA ILE A 74 -6.01 -4.96 1.22
C ILE A 74 -7.32 -5.18 1.96
N ALA A 75 -8.32 -5.70 1.25
CA ALA A 75 -9.62 -5.92 1.83
C ALA A 75 -9.72 -7.32 2.41
N SER A 76 -9.07 -8.27 1.76
CA SER A 76 -8.99 -9.63 2.28
C SER A 76 -7.78 -10.35 1.68
N ILE A 77 -7.29 -11.34 2.42
CA ILE A 77 -6.26 -12.21 1.89
C ILE A 77 -6.82 -13.60 1.73
N THR A 78 -6.75 -14.12 0.52
CA THR A 78 -7.28 -15.41 0.20
C THR A 78 -6.15 -16.44 0.10
N PHE A 79 -6.30 -17.56 0.77
CA PHE A 79 -5.25 -18.56 0.83
C PHE A 79 -5.66 -19.83 0.08
N SER A 80 -4.74 -20.37 -0.73
CA SER A 80 -4.98 -21.63 -1.42
C SER A 80 -3.69 -22.44 -1.48
N GLY A 81 -3.79 -23.75 -1.23
CA GLY A 81 -2.64 -24.63 -1.37
C GLY A 81 -1.84 -24.81 -0.09
N ASN A 82 -2.19 -24.06 0.95
CA ASN A 82 -1.46 -24.13 2.20
C ASN A 82 -2.07 -25.18 3.12
N LYS A 83 -1.85 -26.44 2.77
CA LYS A 83 -2.28 -27.56 3.60
C LYS A 83 -1.22 -27.89 4.65
N SER A 84 0.00 -27.44 4.39
CA SER A 84 1.13 -27.72 5.26
C SER A 84 1.14 -26.78 6.46
N VAL A 85 1.09 -25.48 6.18
CA VAL A 85 1.03 -24.47 7.22
C VAL A 85 -0.39 -23.88 7.24
N LYS A 86 -0.89 -23.60 8.44
CA LYS A 86 -2.29 -23.22 8.63
C LYS A 86 -2.59 -21.83 8.05
N ASP A 87 -3.88 -21.61 7.78
CA ASP A 87 -4.38 -20.34 7.26
C ASP A 87 -4.18 -19.24 8.30
N ASP A 88 -4.41 -19.56 9.57
CA ASP A 88 -4.26 -18.59 10.65
C ASP A 88 -2.78 -18.27 10.89
N MET A 89 -1.94 -19.28 10.70
CA MET A 89 -0.49 -19.12 10.80
C MET A 89 0.01 -18.16 9.72
N LEU A 90 -0.46 -18.40 8.49
CA LEU A 90 -0.10 -17.59 7.34
C LEU A 90 -0.66 -16.17 7.45
N LYS A 91 -1.81 -16.04 8.08
CA LYS A 91 -2.43 -14.74 8.31
C LYS A 91 -1.53 -13.83 9.13
N GLN A 92 -0.95 -14.39 10.19
CA GLN A 92 -0.07 -13.63 11.07
C GLN A 92 1.30 -13.47 10.43
N ASN A 93 1.67 -14.43 9.59
CA ASN A 93 2.92 -14.37 8.86
C ASN A 93 2.92 -13.16 7.92
N LEU A 94 1.82 -12.98 7.21
CA LEU A 94 1.63 -11.84 6.34
C LEU A 94 1.51 -10.54 7.16
N GLU A 95 0.86 -10.66 8.31
CA GLU A 95 0.67 -9.52 9.22
C GLU A 95 2.00 -8.95 9.68
N ALA A 96 2.90 -9.83 10.07
CA ALA A 96 4.22 -9.44 10.55
C ALA A 96 5.12 -8.96 9.41
N SER A 97 4.74 -9.27 8.19
CA SER A 97 5.49 -8.85 7.02
C SER A 97 4.98 -7.50 6.50
N GLY A 98 3.83 -7.06 7.02
CA GLY A 98 3.32 -5.74 6.67
C GLY A 98 2.05 -5.78 5.84
N VAL A 99 1.79 -6.90 5.19
CA VAL A 99 0.63 -7.01 4.30
C VAL A 99 -0.52 -7.73 4.99
N ARG A 100 -1.50 -6.97 5.44
CA ARG A 100 -2.64 -7.51 6.15
C ARG A 100 -3.91 -6.79 5.77
N VAL A 101 -5.05 -7.28 6.25
CA VAL A 101 -6.34 -6.68 5.97
C VAL A 101 -6.46 -5.33 6.68
N GLY A 102 -6.77 -4.30 5.91
CA GLY A 102 -6.89 -2.96 6.46
C GLY A 102 -5.63 -2.16 6.24
N GLU A 103 -4.60 -2.80 5.72
CA GLU A 103 -3.33 -2.14 5.46
C GLU A 103 -3.14 -1.92 3.97
N SER A 104 -2.25 -1.00 3.64
CA SER A 104 -1.84 -0.78 2.26
C SER A 104 -0.89 -1.89 1.84
N LEU A 105 -1.06 -2.38 0.61
CA LEU A 105 -0.27 -3.50 0.13
C LEU A 105 0.96 -3.01 -0.63
N ASP A 106 2.04 -3.75 -0.53
CA ASP A 106 3.24 -3.45 -1.31
C ASP A 106 3.54 -4.58 -2.27
N ARG A 107 3.21 -4.34 -3.53
CA ARG A 107 3.45 -5.30 -4.60
C ARG A 107 4.95 -5.42 -4.92
N THR A 108 5.74 -4.46 -4.45
CA THR A 108 7.16 -4.46 -4.75
C THR A 108 7.93 -5.34 -3.78
N THR A 109 7.35 -5.63 -2.61
CA THR A 109 7.97 -6.57 -1.69
C THR A 109 7.33 -7.95 -1.78
N ILE A 110 6.37 -8.09 -2.71
CA ILE A 110 5.63 -9.35 -2.89
C ILE A 110 6.57 -10.52 -3.18
N ALA A 111 7.58 -10.29 -4.01
CA ALA A 111 8.53 -11.34 -4.39
C ALA A 111 9.36 -11.81 -3.20
N ASP A 112 9.73 -10.86 -2.33
CA ASP A 112 10.48 -11.16 -1.12
C ASP A 112 9.61 -11.91 -0.12
N ILE A 113 8.32 -11.58 -0.12
CA ILE A 113 7.35 -12.27 0.73
C ILE A 113 7.18 -13.71 0.27
N GLU A 114 7.08 -13.90 -1.06
CA GLU A 114 7.00 -15.22 -1.66
C GLU A 114 8.21 -16.05 -1.27
N LYS A 115 9.40 -15.48 -1.47
CA LYS A 115 10.66 -16.15 -1.17
C LYS A 115 10.79 -16.47 0.32
N GLY A 116 10.25 -15.61 1.17
CA GLY A 116 10.26 -15.84 2.59
C GLY A 116 9.38 -17.01 2.98
N LEU A 117 8.24 -17.13 2.30
CA LEU A 117 7.29 -18.20 2.56
C LEU A 117 7.77 -19.56 2.04
N GLU A 118 8.45 -19.58 0.89
CA GLU A 118 8.99 -20.83 0.37
C GLU A 118 10.20 -21.28 1.19
N ASP A 119 10.90 -20.32 1.77
CA ASP A 119 12.00 -20.63 2.69
C ASP A 119 11.45 -21.14 4.02
N PHE A 120 10.37 -20.51 4.48
CA PHE A 120 9.71 -20.89 5.73
C PHE A 120 9.17 -22.31 5.65
N TYR A 121 8.54 -22.64 4.53
CA TYR A 121 7.95 -23.96 4.31
C TYR A 121 9.01 -25.06 4.41
N TYR A 122 10.17 -24.80 3.82
CA TYR A 122 11.29 -25.73 3.85
C TYR A 122 11.84 -25.88 5.28
N SER A 123 11.80 -24.80 6.04
CA SER A 123 12.32 -24.80 7.40
C SER A 123 11.41 -25.59 8.36
N VAL A 124 10.12 -25.65 8.06
CA VAL A 124 9.17 -26.36 8.91
C VAL A 124 9.24 -27.86 8.66
N GLY A 125 8.56 -28.32 7.62
CA GLY A 125 8.42 -29.74 7.37
C GLY A 125 9.14 -30.19 6.13
N LYS A 126 10.14 -29.39 5.69
CA LYS A 126 10.93 -29.63 4.46
C LYS A 126 10.07 -29.42 3.20
N TYR A 127 8.94 -28.74 3.39
CA TYR A 127 7.92 -28.56 2.35
C TYR A 127 8.47 -27.83 1.13
N SER A 128 8.45 -28.51 -0.01
CA SER A 128 8.84 -27.94 -1.27
C SER A 128 7.63 -27.35 -1.97
N ALA A 129 7.40 -26.07 -1.77
CA ALA A 129 6.24 -25.40 -2.36
C ALA A 129 6.66 -24.12 -3.07
N SER A 130 6.02 -23.83 -4.18
CA SER A 130 6.27 -22.61 -4.92
C SER A 130 5.22 -21.57 -4.57
N VAL A 131 5.67 -20.43 -4.04
CA VAL A 131 4.77 -19.40 -3.56
C VAL A 131 4.58 -18.30 -4.59
N LYS A 132 3.34 -18.04 -4.95
CA LYS A 132 3.00 -16.96 -5.85
C LYS A 132 1.90 -16.10 -5.26
N ALA A 133 2.18 -14.82 -5.06
CA ALA A 133 1.20 -13.89 -4.53
C ALA A 133 0.55 -13.11 -5.65
N VAL A 134 -0.76 -13.26 -5.77
CA VAL A 134 -1.52 -12.63 -6.82
C VAL A 134 -2.28 -11.42 -6.28
N VAL A 135 -2.05 -10.27 -6.88
CA VAL A 135 -2.72 -9.04 -6.47
C VAL A 135 -3.89 -8.75 -7.39
N THR A 136 -5.08 -8.83 -6.82
CA THR A 136 -6.31 -8.62 -7.56
C THR A 136 -6.94 -7.27 -7.22
N PRO A 137 -7.16 -6.42 -8.23
CA PRO A 137 -7.77 -5.11 -8.04
C PRO A 137 -9.30 -5.13 -8.09
N LEU A 138 -9.94 -4.27 -7.30
CA LEU A 138 -11.38 -4.09 -7.37
C LEU A 138 -11.69 -2.59 -7.34
N PRO A 139 -12.88 -2.17 -7.85
CA PRO A 139 -13.22 -0.76 -8.03
C PRO A 139 -13.71 -0.07 -6.75
N ARG A 140 -12.94 -0.21 -5.68
CA ARG A 140 -13.25 0.44 -4.41
C ARG A 140 -11.95 0.97 -3.79
N ASN A 141 -10.92 1.07 -4.62
CA ASN A 141 -9.55 1.41 -4.15
C ASN A 141 -9.05 0.37 -3.16
N ARG A 142 -9.42 -0.88 -3.43
CA ARG A 142 -9.05 -1.99 -2.58
C ARG A 142 -8.46 -3.10 -3.42
N VAL A 143 -7.75 -4.00 -2.77
CA VAL A 143 -7.15 -5.14 -3.44
C VAL A 143 -7.41 -6.42 -2.66
N ASP A 144 -7.53 -7.51 -3.39
CA ASP A 144 -7.67 -8.82 -2.80
C ASP A 144 -6.39 -9.59 -3.05
N LEU A 145 -5.71 -9.97 -1.99
CA LEU A 145 -4.40 -10.61 -2.11
C LEU A 145 -4.55 -12.12 -1.99
N LYS A 146 -4.22 -12.82 -3.07
CA LYS A 146 -4.32 -14.27 -3.05
C LYS A 146 -2.95 -14.90 -2.96
N LEU A 147 -2.83 -15.85 -2.06
CA LEU A 147 -1.58 -16.52 -1.84
C LEU A 147 -1.68 -17.94 -2.37
N VAL A 148 -0.98 -18.20 -3.45
CA VAL A 148 -1.03 -19.48 -4.11
C VAL A 148 0.19 -20.32 -3.74
N PHE A 149 -0.05 -21.40 -3.04
CA PHE A 149 1.01 -22.34 -2.72
C PHE A 149 0.87 -23.58 -3.58
N GLN A 150 1.88 -23.83 -4.38
CA GLN A 150 1.89 -25.02 -5.20
C GLN A 150 2.32 -26.22 -4.36
N GLU A 151 1.69 -27.35 -4.58
CA GLU A 151 2.01 -28.56 -3.82
C GLU A 151 3.29 -29.20 -4.35
N GLY A 152 3.76 -28.70 -5.49
CA GLY A 152 4.97 -29.20 -6.10
C GLY A 152 5.43 -28.29 -7.22
N VAL A 153 5.94 -28.89 -8.29
CA VAL A 153 6.43 -28.15 -9.46
C VAL A 153 7.55 -27.19 -9.06
N SER A 154 8.70 -27.78 -8.70
CA SER A 154 9.91 -27.05 -8.31
C SER A 154 9.70 -26.22 -7.04
N ALA A 1 11.27 27.51 -5.01
CA ALA A 1 12.14 26.70 -4.13
C ALA A 1 11.31 26.05 -3.03
N GLU A 2 11.92 25.15 -2.27
CA GLU A 2 11.24 24.54 -1.13
C GLU A 2 11.07 25.57 -0.02
N GLY A 3 9.92 25.53 0.62
CA GLY A 3 9.57 26.57 1.57
C GLY A 3 8.73 27.63 0.89
N PHE A 4 7.73 27.19 0.15
CA PHE A 4 6.84 28.09 -0.56
C PHE A 4 5.44 28.00 0.03
N VAL A 5 4.68 29.07 -0.12
CA VAL A 5 3.31 29.11 0.36
C VAL A 5 2.40 28.46 -0.67
N VAL A 6 1.76 27.36 -0.28
CA VAL A 6 0.88 26.61 -1.19
C VAL A 6 -0.33 27.43 -1.58
N LYS A 7 -0.38 27.75 -2.85
CA LYS A 7 -1.49 28.51 -3.40
C LYS A 7 -2.70 27.61 -3.58
N ASP A 8 -2.44 26.39 -4.03
CA ASP A 8 -3.49 25.42 -4.26
C ASP A 8 -2.91 24.00 -4.20
N ILE A 9 -3.69 23.09 -3.64
CA ILE A 9 -3.32 21.68 -3.64
C ILE A 9 -4.18 20.95 -4.67
N HIS A 10 -3.51 20.34 -5.63
CA HIS A 10 -4.18 19.63 -6.70
C HIS A 10 -3.87 18.15 -6.62
N PHE A 11 -4.90 17.33 -6.63
CA PHE A 11 -4.72 15.90 -6.47
C PHE A 11 -4.92 15.16 -7.78
N GLU A 12 -4.17 14.10 -7.95
CA GLU A 12 -4.25 13.26 -9.12
C GLU A 12 -4.30 11.80 -8.70
N GLY A 13 -4.84 10.96 -9.57
CA GLY A 13 -5.02 9.56 -9.26
C GLY A 13 -6.18 9.30 -8.32
N LEU A 14 -6.83 10.38 -7.89
CA LEU A 14 -7.94 10.31 -6.94
C LEU A 14 -9.21 9.77 -7.59
N GLN A 15 -10.08 9.22 -6.76
CA GLN A 15 -11.40 8.75 -7.19
C GLN A 15 -12.34 8.70 -6.00
N ARG A 16 -11.91 8.02 -4.95
CA ARG A 16 -12.71 7.85 -3.74
C ARG A 16 -12.59 9.06 -2.83
N VAL A 17 -11.36 9.39 -2.45
CA VAL A 17 -11.10 10.48 -1.52
C VAL A 17 -11.22 11.83 -2.23
N ALA A 18 -11.75 12.81 -1.52
CA ALA A 18 -11.84 14.17 -2.04
C ALA A 18 -10.73 15.04 -1.49
N VAL A 19 -10.42 16.12 -2.20
CA VAL A 19 -9.32 17.01 -1.86
C VAL A 19 -9.45 17.62 -0.46
N GLY A 20 -10.68 17.88 -0.04
CA GLY A 20 -10.90 18.42 1.30
C GLY A 20 -10.65 17.39 2.39
N ALA A 21 -11.01 16.15 2.11
CA ALA A 21 -10.77 15.04 3.05
C ALA A 21 -9.28 14.69 3.05
N ALA A 22 -8.66 14.82 1.89
CA ALA A 22 -7.25 14.56 1.71
C ALA A 22 -6.40 15.62 2.42
N LEU A 23 -6.91 16.86 2.44
CA LEU A 23 -6.30 17.96 3.20
C LEU A 23 -6.25 17.66 4.69
N LEU A 24 -7.25 16.93 5.19
CA LEU A 24 -7.33 16.56 6.59
C LEU A 24 -6.28 15.51 6.93
N SER A 25 -5.79 14.81 5.92
CA SER A 25 -4.77 13.79 6.11
C SER A 25 -3.37 14.38 5.95
N MET A 26 -3.30 15.60 5.46
CA MET A 26 -2.03 16.28 5.28
C MET A 26 -1.71 17.15 6.50
N PRO A 27 -0.45 17.11 6.98
CA PRO A 27 -0.03 17.90 8.16
C PRO A 27 0.08 19.40 7.86
N VAL A 28 0.14 19.73 6.57
CA VAL A 28 0.21 21.11 6.13
C VAL A 28 -0.89 21.39 5.13
N ARG A 29 -1.36 22.63 5.11
CA ARG A 29 -2.48 23.02 4.26
C ARG A 29 -2.09 24.11 3.29
N THR A 30 -3.02 24.48 2.42
CA THR A 30 -2.81 25.61 1.52
C THR A 30 -2.76 26.90 2.34
N GLY A 31 -1.81 27.76 2.03
CA GLY A 31 -1.61 28.96 2.81
C GLY A 31 -0.46 28.81 3.77
N ASP A 32 0.04 27.58 3.88
CA ASP A 32 1.18 27.28 4.74
C ASP A 32 2.46 27.20 3.90
N THR A 33 3.59 27.41 4.55
CA THR A 33 4.88 27.29 3.90
C THR A 33 5.36 25.85 4.00
N VAL A 34 5.68 25.24 2.86
CA VAL A 34 6.00 23.81 2.84
C VAL A 34 7.37 23.56 2.23
N ASN A 35 8.18 22.81 2.95
CA ASN A 35 9.51 22.45 2.48
C ASN A 35 9.50 21.07 1.86
N ASP A 36 10.67 20.62 1.44
CA ASP A 36 10.81 19.28 0.90
C ASP A 36 10.63 18.22 2.00
N GLU A 37 10.92 18.61 3.24
CA GLU A 37 10.65 17.78 4.39
C GLU A 37 9.13 17.58 4.57
N ASP A 38 8.38 18.63 4.25
CA ASP A 38 6.92 18.59 4.32
C ASP A 38 6.35 17.81 3.14
N ILE A 39 7.06 17.81 2.02
CA ILE A 39 6.70 16.95 0.89
C ILE A 39 6.73 15.47 1.32
N SER A 40 7.80 15.07 2.01
CA SER A 40 7.91 13.70 2.54
C SER A 40 6.90 13.48 3.68
N ASN A 41 6.59 14.55 4.40
CA ASN A 41 5.64 14.51 5.50
C ASN A 41 4.23 14.25 4.97
N THR A 42 3.84 14.98 3.92
CA THR A 42 2.56 14.73 3.28
C THR A 42 2.50 13.33 2.68
N ILE A 43 3.61 12.88 2.10
CA ILE A 43 3.71 11.52 1.56
C ILE A 43 3.38 10.48 2.64
N ARG A 44 4.07 10.57 3.78
CA ARG A 44 3.92 9.58 4.85
C ARG A 44 2.56 9.69 5.57
N ALA A 45 2.02 10.90 5.63
CA ALA A 45 0.72 11.12 6.29
C ALA A 45 -0.40 10.49 5.48
N LEU A 46 -0.37 10.70 4.16
CA LEU A 46 -1.35 10.10 3.27
C LEU A 46 -1.12 8.60 3.16
N PHE A 47 0.13 8.17 3.29
CA PHE A 47 0.48 6.75 3.33
C PHE A 47 -0.16 6.08 4.54
N ALA A 48 -0.20 6.80 5.66
CA ALA A 48 -0.76 6.30 6.91
C ALA A 48 -2.29 6.16 6.89
N THR A 49 -2.94 6.74 5.89
CA THR A 49 -4.40 6.79 5.88
C THR A 49 -5.00 5.47 5.40
N GLY A 50 -4.24 4.70 4.64
CA GLY A 50 -4.69 3.40 4.18
C GLY A 50 -5.65 3.47 3.00
N ASN A 51 -5.97 4.69 2.57
CA ASN A 51 -6.88 4.90 1.44
C ASN A 51 -6.14 4.61 0.14
N PHE A 52 -4.95 5.16 0.04
CA PHE A 52 -4.11 4.99 -1.13
C PHE A 52 -2.79 4.36 -0.71
N GLU A 53 -2.32 3.39 -1.48
CA GLU A 53 -1.11 2.66 -1.13
C GLU A 53 0.14 3.31 -1.72
N ASP A 54 -0.05 4.16 -2.74
CA ASP A 54 1.07 4.92 -3.28
C ASP A 54 0.74 6.39 -3.19
N VAL A 55 1.70 7.17 -2.73
CA VAL A 55 1.53 8.62 -2.60
C VAL A 55 2.75 9.32 -3.20
N ARG A 56 2.51 10.10 -4.22
CA ARG A 56 3.57 10.89 -4.83
C ARG A 56 3.25 12.37 -4.70
N VAL A 57 4.07 13.09 -3.99
CA VAL A 57 3.92 14.53 -3.88
C VAL A 57 4.96 15.23 -4.75
N LEU A 58 4.47 16.04 -5.66
CA LEU A 58 5.31 16.82 -6.54
C LEU A 58 4.90 18.27 -6.41
N ARG A 59 5.84 19.18 -6.57
CA ARG A 59 5.50 20.58 -6.46
C ARG A 59 5.75 21.30 -7.78
N ASP A 60 4.82 22.15 -8.15
CA ASP A 60 4.94 22.93 -9.37
C ASP A 60 4.66 24.38 -9.07
N GLY A 61 5.73 25.14 -8.85
CA GLY A 61 5.60 26.52 -8.44
C GLY A 61 5.00 26.63 -7.05
N ASP A 62 3.78 27.14 -6.98
CA ASP A 62 3.08 27.26 -5.70
C ASP A 62 1.97 26.21 -5.62
N THR A 63 1.93 25.31 -6.58
CA THR A 63 0.90 24.29 -6.63
C THR A 63 1.47 22.95 -6.17
N LEU A 64 0.75 22.27 -5.30
CA LEU A 64 1.18 20.97 -4.81
C LEU A 64 0.33 19.87 -5.45
N LEU A 65 0.97 19.06 -6.30
CA LEU A 65 0.27 18.01 -7.02
C LEU A 65 0.58 16.65 -6.41
N VAL A 66 -0.45 16.00 -5.88
CA VAL A 66 -0.28 14.70 -5.24
C VAL A 66 -1.03 13.60 -5.99
N GLN A 67 -0.27 12.72 -6.62
CA GLN A 67 -0.84 11.57 -7.35
C GLN A 67 -0.81 10.35 -6.44
N VAL A 68 -1.96 9.70 -6.30
CA VAL A 68 -2.10 8.59 -5.35
C VAL A 68 -2.68 7.35 -6.02
N LYS A 69 -2.52 6.22 -5.38
CA LYS A 69 -3.10 4.98 -5.86
C LYS A 69 -4.10 4.42 -4.86
N GLU A 70 -5.38 4.54 -5.17
CA GLU A 70 -6.44 4.09 -4.26
C GLU A 70 -7.47 3.30 -5.04
N ARG A 71 -6.99 2.69 -6.11
CA ARG A 71 -7.86 2.05 -7.07
C ARG A 71 -8.27 0.62 -6.64
N PRO A 72 -7.33 -0.34 -6.53
CA PRO A 72 -7.67 -1.72 -6.27
C PRO A 72 -7.76 -2.03 -4.79
N THR A 73 -8.73 -2.84 -4.41
CA THR A 73 -8.89 -3.23 -3.02
C THR A 73 -8.92 -4.74 -2.89
N ILE A 74 -8.25 -5.27 -1.88
CA ILE A 74 -8.31 -6.69 -1.58
C ILE A 74 -9.65 -6.99 -0.91
N ALA A 75 -10.44 -7.87 -1.52
CA ALA A 75 -11.74 -8.20 -0.99
C ALA A 75 -11.67 -9.48 -0.15
N SER A 76 -10.87 -10.45 -0.60
CA SER A 76 -10.71 -11.70 0.12
C SER A 76 -9.31 -12.27 -0.10
N ILE A 77 -8.75 -12.88 0.93
CA ILE A 77 -7.49 -13.60 0.81
C ILE A 77 -7.68 -15.05 1.28
N THR A 78 -7.28 -15.99 0.44
CA THR A 78 -7.35 -17.39 0.79
C THR A 78 -5.96 -17.99 0.91
N PHE A 79 -5.76 -18.87 1.87
CA PHE A 79 -4.43 -19.43 2.12
C PHE A 79 -4.41 -20.92 1.80
N SER A 80 -3.36 -21.35 1.10
CA SER A 80 -3.17 -22.76 0.78
C SER A 80 -1.70 -23.13 0.99
N GLY A 81 -1.45 -24.32 1.54
CA GLY A 81 -0.08 -24.79 1.70
C GLY A 81 0.56 -24.30 2.98
N ASN A 82 -0.27 -23.82 3.89
CA ASN A 82 0.18 -23.34 5.19
C ASN A 82 0.45 -24.52 6.14
N LYS A 83 1.49 -25.28 5.84
CA LYS A 83 1.81 -26.47 6.61
C LYS A 83 2.59 -26.12 7.87
N SER A 84 3.62 -25.31 7.69
CA SER A 84 4.53 -25.00 8.79
C SER A 84 4.02 -23.84 9.64
N VAL A 85 3.25 -22.95 9.02
CA VAL A 85 2.71 -21.79 9.71
C VAL A 85 1.21 -21.75 9.51
N LYS A 86 0.47 -21.36 10.55
CA LYS A 86 -0.99 -21.36 10.52
C LYS A 86 -1.54 -20.31 9.57
N ASP A 87 -2.76 -20.55 9.10
CA ASP A 87 -3.49 -19.55 8.31
C ASP A 87 -3.78 -18.33 9.19
N ASP A 88 -4.00 -18.59 10.48
CA ASP A 88 -4.21 -17.56 11.47
C ASP A 88 -2.97 -16.65 11.58
N MET A 89 -1.79 -17.26 11.52
CA MET A 89 -0.55 -16.50 11.55
C MET A 89 -0.33 -15.76 10.24
N LEU A 90 -0.67 -16.42 9.14
CA LEU A 90 -0.58 -15.86 7.80
C LEU A 90 -1.46 -14.65 7.61
N LYS A 91 -2.60 -14.64 8.29
CA LYS A 91 -3.54 -13.53 8.23
C LYS A 91 -2.87 -12.22 8.63
N GLN A 92 -2.18 -12.24 9.75
CA GLN A 92 -1.45 -11.07 10.23
C GLN A 92 -0.15 -10.91 9.47
N ASN A 93 0.39 -12.02 8.98
CA ASN A 93 1.65 -12.01 8.25
C ASN A 93 1.53 -11.21 6.96
N LEU A 94 0.36 -11.33 6.30
CA LEU A 94 0.06 -10.55 5.10
C LEU A 94 -0.19 -9.09 5.45
N GLU A 95 -0.86 -8.87 6.58
CA GLU A 95 -1.17 -7.53 7.06
C GLU A 95 0.11 -6.76 7.37
N ALA A 96 1.08 -7.47 7.94
CA ALA A 96 2.34 -6.88 8.34
C ALA A 96 3.23 -6.54 7.13
N SER A 97 2.92 -7.11 5.97
CA SER A 97 3.64 -6.77 4.75
C SER A 97 2.91 -5.66 3.98
N GLY A 98 1.64 -5.43 4.33
CA GLY A 98 0.91 -4.33 3.75
C GLY A 98 -0.43 -4.73 3.15
N VAL A 99 -0.48 -5.90 2.55
CA VAL A 99 -1.67 -6.32 1.79
C VAL A 99 -2.68 -7.03 2.68
N ARG A 100 -3.81 -6.39 2.91
CA ARG A 100 -4.86 -6.98 3.72
C ARG A 100 -6.25 -6.67 3.17
N VAL A 101 -7.28 -7.30 3.73
CA VAL A 101 -8.64 -7.11 3.27
C VAL A 101 -9.14 -5.71 3.60
N GLY A 102 -9.65 -5.03 2.58
CA GLY A 102 -10.13 -3.68 2.74
C GLY A 102 -9.09 -2.65 2.38
N GLU A 103 -7.83 -3.05 2.36
CA GLU A 103 -6.73 -2.19 2.04
C GLU A 103 -6.46 -2.17 0.54
N SER A 104 -5.83 -1.10 0.07
CA SER A 104 -5.43 -0.98 -1.32
C SER A 104 -4.21 -1.88 -1.59
N LEU A 105 -4.27 -2.60 -2.69
CA LEU A 105 -3.21 -3.52 -3.05
C LEU A 105 -2.52 -3.07 -4.35
N ASP A 106 -1.21 -3.24 -4.42
CA ASP A 106 -0.52 -3.16 -5.71
C ASP A 106 0.11 -4.48 -6.04
N ARG A 107 -0.09 -4.91 -7.27
CA ARG A 107 0.48 -6.15 -7.78
C ARG A 107 2.00 -6.01 -7.98
N THR A 108 2.48 -4.76 -7.99
CA THR A 108 3.91 -4.51 -8.14
C THR A 108 4.61 -4.63 -6.79
N THR A 109 3.87 -4.39 -5.70
CA THR A 109 4.45 -4.56 -4.37
C THR A 109 4.31 -6.01 -3.90
N ILE A 110 3.52 -6.78 -4.65
CA ILE A 110 3.25 -8.20 -4.34
C ILE A 110 4.54 -9.01 -4.23
N ALA A 111 5.50 -8.72 -5.12
CA ALA A 111 6.78 -9.44 -5.14
C ALA A 111 7.58 -9.18 -3.87
N ASP A 112 7.54 -7.94 -3.37
CA ASP A 112 8.23 -7.58 -2.14
C ASP A 112 7.55 -8.23 -0.95
N ILE A 113 6.24 -8.35 -1.03
CA ILE A 113 5.45 -9.01 0.00
C ILE A 113 5.77 -10.52 0.02
N GLU A 114 5.92 -11.10 -1.16
CA GLU A 114 6.31 -12.50 -1.31
C GLU A 114 7.70 -12.74 -0.70
N LYS A 115 8.60 -11.79 -0.92
CA LYS A 115 9.93 -11.82 -0.32
C LYS A 115 9.84 -11.78 1.20
N GLY A 116 8.94 -10.95 1.72
CA GLY A 116 8.74 -10.84 3.16
C GLY A 116 8.17 -12.10 3.76
N LEU A 117 7.28 -12.76 3.03
CA LEU A 117 6.69 -14.03 3.48
C LEU A 117 7.75 -15.13 3.52
N GLU A 118 8.67 -15.10 2.55
CA GLU A 118 9.76 -16.05 2.48
C GLU A 118 10.73 -15.86 3.65
N ASP A 119 10.97 -14.60 3.99
CA ASP A 119 11.86 -14.27 5.10
C ASP A 119 11.25 -14.70 6.42
N PHE A 120 9.95 -14.44 6.58
CA PHE A 120 9.23 -14.77 7.81
C PHE A 120 9.23 -16.27 8.07
N TYR A 121 8.97 -17.07 7.02
CA TYR A 121 8.96 -18.52 7.13
C TYR A 121 10.33 -19.05 7.57
N TYR A 122 11.38 -18.42 7.05
CA TYR A 122 12.75 -18.80 7.37
C TYR A 122 13.12 -18.42 8.81
N SER A 123 12.50 -17.38 9.33
CA SER A 123 12.80 -16.89 10.68
C SER A 123 12.28 -17.85 11.75
N VAL A 124 11.22 -18.60 11.44
CA VAL A 124 10.62 -19.51 12.39
C VAL A 124 11.48 -20.77 12.58
N GLY A 125 11.31 -21.73 11.69
CA GLY A 125 12.01 -22.99 11.79
C GLY A 125 13.03 -23.17 10.67
N LYS A 126 13.42 -22.06 10.05
CA LYS A 126 14.23 -22.06 8.84
C LYS A 126 13.53 -22.82 7.71
N TYR A 127 12.23 -22.54 7.58
CA TYR A 127 11.41 -23.20 6.59
C TYR A 127 11.63 -22.55 5.23
N SER A 128 12.10 -23.34 4.28
CA SER A 128 12.33 -22.87 2.93
C SER A 128 11.06 -23.07 2.09
N ALA A 129 10.16 -22.10 2.16
CA ALA A 129 8.90 -22.17 1.45
C ALA A 129 8.97 -21.49 0.11
N SER A 130 8.27 -22.06 -0.87
CA SER A 130 8.15 -21.45 -2.17
C SER A 130 6.82 -20.71 -2.23
N VAL A 131 6.90 -19.40 -2.33
CA VAL A 131 5.72 -18.57 -2.16
C VAL A 131 5.17 -18.11 -3.51
N LYS A 132 3.86 -18.24 -3.66
CA LYS A 132 3.16 -17.72 -4.82
C LYS A 132 1.96 -16.90 -4.37
N ALA A 133 1.97 -15.62 -4.65
CA ALA A 133 0.82 -14.79 -4.36
C ALA A 133 0.11 -14.42 -5.66
N VAL A 134 -1.08 -14.98 -5.82
CA VAL A 134 -1.85 -14.78 -7.04
C VAL A 134 -2.93 -13.74 -6.81
N VAL A 135 -2.79 -12.61 -7.49
CA VAL A 135 -3.77 -11.54 -7.40
C VAL A 135 -4.61 -11.52 -8.67
N THR A 136 -5.86 -11.91 -8.52
CA THR A 136 -6.76 -11.99 -9.64
C THR A 136 -7.86 -10.93 -9.52
N PRO A 137 -7.91 -9.99 -10.47
CA PRO A 137 -8.92 -8.93 -10.48
C PRO A 137 -10.30 -9.45 -10.85
N LEU A 138 -11.30 -9.01 -10.11
CA LEU A 138 -12.69 -9.31 -10.44
C LEU A 138 -13.30 -8.10 -11.14
N PRO A 139 -14.40 -8.27 -11.91
CA PRO A 139 -15.06 -7.18 -12.65
C PRO A 139 -15.69 -6.12 -11.75
N ARG A 140 -14.84 -5.22 -11.24
CA ARG A 140 -15.25 -4.14 -10.35
C ARG A 140 -14.04 -3.23 -10.08
N ASN A 141 -13.57 -3.23 -8.84
CA ASN A 141 -12.38 -2.46 -8.45
C ASN A 141 -11.61 -3.22 -7.38
N ARG A 142 -12.01 -4.46 -7.14
CA ARG A 142 -11.45 -5.27 -6.07
C ARG A 142 -10.77 -6.50 -6.66
N VAL A 143 -9.98 -7.19 -5.85
CA VAL A 143 -9.25 -8.36 -6.29
C VAL A 143 -9.45 -9.53 -5.34
N ASP A 144 -9.19 -10.72 -5.85
CA ASP A 144 -9.16 -11.94 -5.06
C ASP A 144 -7.73 -12.42 -4.94
N LEU A 145 -7.23 -12.48 -3.72
CA LEU A 145 -5.83 -12.79 -3.48
C LEU A 145 -5.70 -14.20 -2.89
N LYS A 146 -4.89 -15.02 -3.52
CA LYS A 146 -4.64 -16.37 -3.04
C LYS A 146 -3.17 -16.60 -2.80
N LEU A 147 -2.87 -17.15 -1.64
CA LEU A 147 -1.50 -17.38 -1.23
C LEU A 147 -1.19 -18.87 -1.25
N VAL A 148 -0.35 -19.28 -2.19
CA VAL A 148 0.01 -20.68 -2.35
C VAL A 148 1.43 -20.92 -1.86
N PHE A 149 1.54 -21.67 -0.77
CA PHE A 149 2.83 -21.95 -0.17
C PHE A 149 3.22 -23.41 -0.35
N GLN A 150 4.41 -23.62 -0.88
CA GLN A 150 5.00 -24.93 -0.92
C GLN A 150 5.97 -25.08 0.25
N GLU A 151 5.92 -26.20 0.94
CA GLU A 151 6.75 -26.42 2.15
C GLU A 151 8.17 -26.87 1.79
N GLY A 152 8.54 -26.70 0.52
CA GLY A 152 9.83 -27.14 0.04
C GLY A 152 9.90 -28.66 -0.08
N VAL A 153 8.71 -29.29 -0.03
CA VAL A 153 8.52 -30.75 0.02
C VAL A 153 9.54 -31.48 0.91
N SER A 154 9.86 -30.86 2.04
CA SER A 154 10.79 -31.43 3.01
C SER A 154 10.36 -31.09 4.43
N ALA A 1 13.38 24.75 5.53
CA ALA A 1 13.05 26.03 4.86
C ALA A 1 11.60 26.42 5.14
N GLU A 2 10.67 25.75 4.44
CA GLU A 2 9.22 25.94 4.62
C GLU A 2 8.74 27.29 4.12
N GLY A 3 7.47 27.34 3.75
CA GLY A 3 6.89 28.54 3.21
C GLY A 3 7.36 28.80 1.80
N PHE A 4 7.25 27.78 0.97
CA PHE A 4 7.61 27.90 -0.43
C PHE A 4 6.36 27.97 -1.28
N VAL A 5 6.48 28.60 -2.44
CA VAL A 5 5.38 28.68 -3.39
C VAL A 5 5.40 27.45 -4.28
N VAL A 6 4.37 26.63 -4.15
CA VAL A 6 4.28 25.41 -4.92
C VAL A 6 3.94 25.73 -6.37
N LYS A 7 4.78 25.24 -7.27
CA LYS A 7 4.64 25.54 -8.68
C LYS A 7 3.78 24.49 -9.36
N ASP A 8 3.81 23.27 -8.85
CA ASP A 8 3.05 22.17 -9.42
C ASP A 8 2.77 21.11 -8.35
N ILE A 9 1.55 20.59 -8.34
CA ILE A 9 1.19 19.51 -7.44
C ILE A 9 0.99 18.24 -8.24
N HIS A 10 1.75 17.22 -7.92
CA HIS A 10 1.69 15.97 -8.61
C HIS A 10 1.30 14.85 -7.65
N PHE A 11 0.28 14.09 -8.00
CA PHE A 11 -0.24 13.07 -7.12
C PHE A 11 0.24 11.69 -7.54
N GLU A 12 0.38 10.82 -6.55
CA GLU A 12 0.84 9.47 -6.77
C GLU A 12 0.01 8.51 -5.93
N GLY A 13 0.14 7.22 -6.21
CA GLY A 13 -0.63 6.21 -5.50
C GLY A 13 -2.03 5.99 -6.08
N LEU A 14 -2.71 7.09 -6.38
CA LEU A 14 -4.08 7.06 -6.87
C LEU A 14 -4.14 6.61 -8.33
N GLN A 15 -5.31 6.15 -8.75
CA GLN A 15 -5.51 5.71 -10.12
C GLN A 15 -6.48 6.62 -10.86
N ARG A 16 -7.74 6.63 -10.41
CA ARG A 16 -8.80 7.39 -11.07
C ARG A 16 -9.00 8.75 -10.42
N VAL A 17 -8.24 9.03 -9.37
CA VAL A 17 -8.29 10.33 -8.72
C VAL A 17 -7.38 11.30 -9.48
N ALA A 18 -7.93 12.43 -9.87
CA ALA A 18 -7.19 13.38 -10.69
C ALA A 18 -6.61 14.51 -9.85
N VAL A 19 -5.56 15.15 -10.38
CA VAL A 19 -4.84 16.21 -9.68
C VAL A 19 -5.78 17.36 -9.27
N GLY A 20 -6.68 17.75 -10.16
CA GLY A 20 -7.61 18.82 -9.87
C GLY A 20 -8.71 18.40 -8.92
N ALA A 21 -9.13 17.14 -9.00
CA ALA A 21 -10.17 16.61 -8.13
C ALA A 21 -9.64 16.40 -6.71
N ALA A 22 -8.38 16.01 -6.63
CA ALA A 22 -7.72 15.74 -5.36
C ALA A 22 -7.36 17.06 -4.65
N LEU A 23 -7.02 18.08 -5.45
CA LEU A 23 -6.83 19.45 -4.97
C LEU A 23 -8.05 19.98 -4.20
N LEU A 24 -9.24 19.53 -4.58
CA LEU A 24 -10.48 19.98 -3.98
C LEU A 24 -10.61 19.56 -2.51
N SER A 25 -9.83 18.56 -2.10
CA SER A 25 -9.82 18.12 -0.71
C SER A 25 -8.71 18.81 0.06
N MET A 26 -7.85 19.53 -0.64
CA MET A 26 -6.74 20.24 -0.02
C MET A 26 -7.14 21.68 0.31
N PRO A 27 -6.77 22.16 1.51
CA PRO A 27 -6.99 23.56 1.91
C PRO A 27 -5.96 24.53 1.30
N VAL A 28 -5.13 23.99 0.41
CA VAL A 28 -4.09 24.76 -0.26
C VAL A 28 -4.18 24.52 -1.76
N ARG A 29 -3.68 25.44 -2.55
CA ARG A 29 -3.78 25.34 -3.99
C ARG A 29 -2.47 25.61 -4.68
N THR A 30 -2.49 25.46 -5.99
CA THR A 30 -1.34 25.69 -6.83
C THR A 30 -0.94 27.16 -6.84
N GLY A 31 0.28 27.46 -6.41
CA GLY A 31 0.71 28.84 -6.31
C GLY A 31 0.72 29.35 -4.89
N ASP A 32 0.24 28.51 -3.98
CA ASP A 32 0.16 28.87 -2.57
C ASP A 32 1.52 28.76 -1.89
N THR A 33 1.67 29.50 -0.81
CA THR A 33 2.84 29.42 0.03
C THR A 33 2.56 28.50 1.21
N VAL A 34 3.28 27.40 1.29
CA VAL A 34 2.92 26.34 2.22
C VAL A 34 4.08 25.96 3.15
N ASN A 35 3.78 25.95 4.44
CA ASN A 35 4.73 25.46 5.44
C ASN A 35 4.38 24.04 5.85
N ASP A 36 5.13 23.53 6.81
CA ASP A 36 4.96 22.16 7.27
C ASP A 36 3.59 21.94 7.89
N GLU A 37 2.99 22.99 8.41
CA GLU A 37 1.66 22.92 9.01
C GLU A 37 0.60 22.72 7.93
N ASP A 38 0.83 23.33 6.75
CA ASP A 38 -0.06 23.16 5.60
C ASP A 38 0.13 21.78 4.99
N ILE A 39 1.34 21.25 5.10
CA ILE A 39 1.62 19.89 4.66
C ILE A 39 0.88 18.87 5.54
N SER A 40 0.91 19.06 6.87
CA SER A 40 0.18 18.17 7.78
C SER A 40 -1.32 18.42 7.66
N ASN A 41 -1.70 19.65 7.32
CA ASN A 41 -3.10 20.02 7.13
C ASN A 41 -3.68 19.33 5.90
N THR A 42 -2.94 19.35 4.80
CA THR A 42 -3.36 18.64 3.59
C THR A 42 -3.42 17.13 3.81
N ILE A 43 -2.44 16.60 4.56
CA ILE A 43 -2.45 15.18 4.94
C ILE A 43 -3.74 14.83 5.68
N ARG A 44 -4.09 15.63 6.69
CA ARG A 44 -5.28 15.41 7.50
C ARG A 44 -6.56 15.57 6.69
N ALA A 45 -6.56 16.52 5.77
CA ALA A 45 -7.72 16.81 4.94
C ALA A 45 -8.06 15.65 4.03
N LEU A 46 -7.04 15.13 3.34
CA LEU A 46 -7.21 13.99 2.46
C LEU A 46 -7.46 12.71 3.25
N PHE A 47 -6.89 12.63 4.45
CA PHE A 47 -7.10 11.49 5.33
C PHE A 47 -8.54 11.43 5.83
N ALA A 48 -9.11 12.61 6.07
CA ALA A 48 -10.48 12.74 6.56
C ALA A 48 -11.51 12.39 5.49
N THR A 49 -11.08 12.31 4.23
CA THR A 49 -12.01 12.03 3.14
C THR A 49 -12.35 10.54 3.09
N GLY A 50 -11.43 9.72 3.61
CA GLY A 50 -11.63 8.28 3.63
C GLY A 50 -11.61 7.67 2.25
N ASN A 51 -11.01 8.38 1.30
CA ASN A 51 -10.94 7.93 -0.09
C ASN A 51 -9.75 7.01 -0.29
N PHE A 52 -8.75 7.16 0.56
CA PHE A 52 -7.53 6.37 0.50
C PHE A 52 -7.26 5.71 1.84
N GLU A 53 -6.22 4.90 1.92
CA GLU A 53 -5.86 4.25 3.18
C GLU A 53 -4.75 5.01 3.91
N ASP A 54 -3.97 5.79 3.16
CA ASP A 54 -2.88 6.56 3.74
C ASP A 54 -2.58 7.75 2.84
N VAL A 55 -2.20 8.87 3.43
CA VAL A 55 -1.84 10.07 2.67
C VAL A 55 -0.51 10.65 3.16
N ARG A 56 0.47 10.71 2.28
CA ARG A 56 1.73 11.37 2.58
C ARG A 56 2.01 12.50 1.60
N VAL A 57 2.23 13.69 2.14
CA VAL A 57 2.60 14.85 1.34
C VAL A 57 4.11 15.10 1.46
N LEU A 58 4.78 15.11 0.31
CA LEU A 58 6.22 15.30 0.26
C LEU A 58 6.53 16.42 -0.71
N ARG A 59 7.69 17.04 -0.57
CA ARG A 59 8.08 18.07 -1.50
C ARG A 59 9.38 17.74 -2.20
N ASP A 60 9.46 18.15 -3.45
CA ASP A 60 10.68 18.09 -4.22
C ASP A 60 10.94 19.47 -4.81
N GLY A 61 11.76 20.24 -4.12
CA GLY A 61 11.96 21.64 -4.48
C GLY A 61 10.69 22.46 -4.25
N ASP A 62 10.07 22.88 -5.35
CA ASP A 62 8.81 23.62 -5.29
C ASP A 62 7.67 22.76 -5.80
N THR A 63 7.92 21.47 -5.92
CA THR A 63 6.92 20.56 -6.41
C THR A 63 6.34 19.75 -5.24
N LEU A 64 5.03 19.67 -5.18
CA LEU A 64 4.38 18.97 -4.10
C LEU A 64 3.89 17.61 -4.59
N LEU A 65 4.50 16.55 -4.08
CA LEU A 65 4.17 15.20 -4.47
C LEU A 65 3.36 14.52 -3.37
N VAL A 66 2.11 14.24 -3.66
CA VAL A 66 1.23 13.62 -2.67
C VAL A 66 0.94 12.17 -3.05
N GLN A 67 1.53 11.26 -2.30
CA GLN A 67 1.34 9.84 -2.55
C GLN A 67 0.29 9.30 -1.59
N VAL A 68 -0.62 8.48 -2.12
CA VAL A 68 -1.67 7.90 -1.29
C VAL A 68 -1.66 6.39 -1.41
N LYS A 69 -2.25 5.73 -0.43
CA LYS A 69 -2.27 4.27 -0.39
C LYS A 69 -3.62 3.73 -0.81
N GLU A 70 -3.56 2.51 -1.37
CA GLU A 70 -4.70 1.73 -1.89
C GLU A 70 -6.04 2.06 -1.25
N ARG A 71 -7.01 2.32 -2.12
CA ARG A 71 -8.38 2.56 -1.70
C ARG A 71 -8.97 1.31 -1.00
N PRO A 72 -8.88 0.08 -1.59
CA PRO A 72 -9.34 -1.13 -0.91
C PRO A 72 -8.45 -1.50 0.27
N THR A 73 -9.10 -1.95 1.33
CA THR A 73 -8.40 -2.38 2.53
C THR A 73 -8.35 -3.91 2.59
N ILE A 74 -7.21 -4.46 3.03
CA ILE A 74 -7.11 -5.90 3.23
C ILE A 74 -8.09 -6.31 4.32
N ALA A 75 -9.03 -7.17 3.96
CA ALA A 75 -10.01 -7.65 4.92
C ALA A 75 -9.74 -9.09 5.29
N SER A 76 -9.08 -9.81 4.39
CA SER A 76 -8.68 -11.19 4.64
C SER A 76 -7.38 -11.51 3.92
N ILE A 77 -6.51 -12.24 4.61
CA ILE A 77 -5.37 -12.86 3.97
C ILE A 77 -5.61 -14.37 3.96
N THR A 78 -5.64 -14.95 2.78
CA THR A 78 -6.01 -16.34 2.63
C THR A 78 -4.87 -17.15 2.03
N PHE A 79 -4.75 -18.38 2.49
CA PHE A 79 -3.62 -19.22 2.13
C PHE A 79 -4.09 -20.51 1.47
N SER A 80 -3.42 -20.89 0.39
CA SER A 80 -3.81 -22.08 -0.36
C SER A 80 -2.58 -22.76 -0.97
N GLY A 81 -2.36 -24.01 -0.59
CA GLY A 81 -1.27 -24.78 -1.18
C GLY A 81 -0.10 -24.96 -0.23
N ASN A 82 -0.15 -24.27 0.90
CA ASN A 82 0.92 -24.31 1.88
C ASN A 82 0.82 -25.55 2.76
N LYS A 83 1.35 -26.65 2.25
CA LYS A 83 1.35 -27.93 2.98
C LYS A 83 2.55 -28.01 3.92
N SER A 84 3.63 -27.35 3.54
CA SER A 84 4.88 -27.41 4.28
C SER A 84 4.85 -26.46 5.49
N VAL A 85 4.81 -25.16 5.22
CA VAL A 85 4.81 -24.16 6.28
C VAL A 85 3.37 -23.85 6.67
N LYS A 86 3.14 -23.64 7.96
CA LYS A 86 1.79 -23.45 8.48
C LYS A 86 1.19 -22.12 8.04
N ASP A 87 -0.11 -22.14 7.84
CA ASP A 87 -0.87 -20.93 7.52
C ASP A 87 -0.81 -19.94 8.69
N ASP A 88 -0.75 -20.47 9.91
CA ASP A 88 -0.59 -19.65 11.11
C ASP A 88 0.73 -18.88 11.08
N MET A 89 1.79 -19.56 10.62
CA MET A 89 3.10 -18.93 10.48
C MET A 89 3.06 -17.87 9.37
N LEU A 90 2.37 -18.20 8.29
CA LEU A 90 2.19 -17.29 7.15
C LEU A 90 1.43 -16.04 7.55
N LYS A 91 0.46 -16.20 8.44
CA LYS A 91 -0.33 -15.08 8.94
C LYS A 91 0.55 -14.05 9.61
N GLN A 92 1.46 -14.52 10.45
CA GLN A 92 2.35 -13.68 11.20
C GLN A 92 3.46 -13.15 10.31
N ASN A 93 3.79 -13.92 9.28
CA ASN A 93 4.81 -13.55 8.31
C ASN A 93 4.39 -12.28 7.56
N LEU A 94 3.16 -12.28 7.04
CA LEU A 94 2.61 -11.11 6.37
C LEU A 94 2.40 -9.97 7.35
N GLU A 95 2.03 -10.32 8.59
CA GLU A 95 1.81 -9.34 9.65
C GLU A 95 3.09 -8.55 9.94
N ALA A 96 4.22 -9.25 9.98
CA ALA A 96 5.52 -8.65 10.26
C ALA A 96 6.03 -7.86 9.05
N SER A 97 5.44 -8.10 7.89
CA SER A 97 5.83 -7.40 6.68
C SER A 97 5.05 -6.09 6.54
N GLY A 98 3.95 -5.98 7.29
CA GLY A 98 3.18 -4.75 7.29
C GLY A 98 1.80 -4.92 6.69
N VAL A 99 1.59 -6.01 5.97
CA VAL A 99 0.31 -6.27 5.32
C VAL A 99 -0.57 -7.13 6.22
N ARG A 100 -1.55 -6.49 6.85
CA ARG A 100 -2.39 -7.16 7.85
C ARG A 100 -3.86 -6.82 7.60
N VAL A 101 -4.74 -7.49 8.34
CA VAL A 101 -6.17 -7.26 8.21
C VAL A 101 -6.55 -5.91 8.83
N GLY A 102 -7.17 -5.07 8.02
CA GLY A 102 -7.53 -3.74 8.45
C GLY A 102 -6.48 -2.71 8.08
N GLU A 103 -5.33 -3.20 7.62
CA GLU A 103 -4.25 -2.34 7.18
C GLU A 103 -4.34 -2.09 5.68
N SER A 104 -3.68 -1.02 5.25
CA SER A 104 -3.50 -0.76 3.84
C SER A 104 -2.60 -1.83 3.22
N LEU A 105 -2.90 -2.20 1.99
CA LEU A 105 -2.11 -3.20 1.30
C LEU A 105 -1.04 -2.53 0.45
N ASP A 106 0.09 -3.21 0.31
CA ASP A 106 1.19 -2.71 -0.51
C ASP A 106 1.38 -3.60 -1.73
N ARG A 107 0.83 -3.18 -2.84
CA ARG A 107 0.93 -3.90 -4.10
C ARG A 107 2.35 -3.85 -4.70
N THR A 108 3.19 -2.95 -4.20
CA THR A 108 4.54 -2.79 -4.74
C THR A 108 5.51 -3.77 -4.09
N THR A 109 5.18 -4.25 -2.89
CA THR A 109 6.04 -5.20 -2.20
C THR A 109 5.54 -6.63 -2.35
N ILE A 110 4.49 -6.79 -3.17
CA ILE A 110 3.88 -8.09 -3.42
C ILE A 110 4.91 -9.09 -3.97
N ALA A 111 5.73 -8.62 -4.90
CA ALA A 111 6.76 -9.46 -5.51
C ALA A 111 7.81 -9.89 -4.49
N ASP A 112 8.16 -8.98 -3.57
CA ASP A 112 9.13 -9.28 -2.53
C ASP A 112 8.53 -10.23 -1.50
N ILE A 113 7.21 -10.18 -1.34
CA ILE A 113 6.49 -11.11 -0.48
C ILE A 113 6.57 -12.53 -1.06
N GLU A 114 6.35 -12.65 -2.37
CA GLU A 114 6.44 -13.95 -3.06
C GLU A 114 7.85 -14.52 -2.95
N LYS A 115 8.85 -13.69 -3.24
CA LYS A 115 10.25 -14.11 -3.20
C LYS A 115 10.69 -14.43 -1.76
N GLY A 116 10.17 -13.65 -0.81
CA GLY A 116 10.53 -13.85 0.58
C GLY A 116 9.91 -15.08 1.20
N LEU A 117 8.72 -15.45 0.71
CA LEU A 117 8.05 -16.66 1.16
C LEU A 117 8.71 -17.90 0.55
N GLU A 118 9.22 -17.76 -0.67
CA GLU A 118 9.99 -18.82 -1.32
C GLU A 118 11.29 -19.06 -0.55
N ASP A 119 11.89 -17.97 -0.08
CA ASP A 119 13.11 -18.04 0.71
C ASP A 119 12.84 -18.69 2.07
N PHE A 120 11.72 -18.30 2.68
CA PHE A 120 11.28 -18.84 3.96
C PHE A 120 10.98 -20.34 3.85
N TYR A 121 10.51 -20.75 2.69
CA TYR A 121 10.19 -22.15 2.41
C TYR A 121 11.47 -22.98 2.28
N TYR A 122 12.44 -22.43 1.55
CA TYR A 122 13.66 -23.15 1.22
C TYR A 122 14.58 -23.35 2.42
N SER A 123 14.55 -22.42 3.38
CA SER A 123 15.44 -22.50 4.53
C SER A 123 15.06 -23.65 5.46
N VAL A 124 13.77 -23.99 5.48
CA VAL A 124 13.27 -25.05 6.37
C VAL A 124 13.64 -26.44 5.85
N GLY A 125 12.83 -26.97 4.94
CA GLY A 125 13.02 -28.32 4.47
C GLY A 125 13.46 -28.39 3.02
N LYS A 126 13.99 -27.27 2.51
CA LYS A 126 14.35 -27.14 1.09
C LYS A 126 13.09 -27.26 0.24
N TYR A 127 12.09 -26.46 0.58
CA TYR A 127 10.79 -26.57 -0.05
C TYR A 127 10.72 -25.69 -1.30
N SER A 128 10.77 -26.33 -2.46
CA SER A 128 10.63 -25.63 -3.72
C SER A 128 9.16 -25.60 -4.14
N ALA A 129 8.64 -24.40 -4.32
CA ALA A 129 7.27 -24.21 -4.78
C ALA A 129 7.15 -22.89 -5.52
N SER A 130 6.10 -22.73 -6.29
CA SER A 130 5.86 -21.47 -7.00
C SER A 130 4.85 -20.63 -6.22
N VAL A 131 5.31 -19.49 -5.72
CA VAL A 131 4.47 -18.62 -4.90
C VAL A 131 3.86 -17.51 -5.74
N LYS A 132 2.53 -17.44 -5.73
CA LYS A 132 1.79 -16.43 -6.45
C LYS A 132 0.87 -15.67 -5.50
N ALA A 133 1.09 -14.37 -5.36
CA ALA A 133 0.23 -13.55 -4.53
C ALA A 133 -0.80 -12.82 -5.39
N VAL A 134 -2.04 -13.22 -5.23
CA VAL A 134 -3.13 -12.67 -6.03
C VAL A 134 -4.09 -11.89 -5.14
N VAL A 135 -4.46 -10.69 -5.58
CA VAL A 135 -5.40 -9.86 -4.84
C VAL A 135 -6.78 -9.93 -5.46
N THR A 136 -7.75 -10.32 -4.65
CA THR A 136 -9.11 -10.48 -5.12
C THR A 136 -9.98 -9.33 -4.63
N PRO A 137 -10.58 -8.59 -5.57
CA PRO A 137 -11.47 -7.46 -5.24
C PRO A 137 -12.86 -7.93 -4.80
N LEU A 138 -13.33 -7.39 -3.69
CA LEU A 138 -14.68 -7.68 -3.22
C LEU A 138 -15.46 -6.37 -3.06
N PRO A 139 -16.81 -6.40 -3.13
CA PRO A 139 -17.63 -5.20 -3.20
C PRO A 139 -17.90 -4.54 -1.84
N ARG A 140 -16.82 -4.22 -1.15
CA ARG A 140 -16.89 -3.53 0.13
C ARG A 140 -15.74 -2.55 0.27
N ASN A 141 -15.14 -2.20 -0.87
CA ASN A 141 -13.92 -1.39 -0.91
C ASN A 141 -12.79 -2.13 -0.17
N ARG A 142 -12.78 -3.44 -0.34
CA ARG A 142 -11.83 -4.29 0.34
C ARG A 142 -11.15 -5.22 -0.65
N VAL A 143 -10.01 -5.74 -0.24
CA VAL A 143 -9.27 -6.68 -1.06
C VAL A 143 -8.88 -7.91 -0.24
N ASP A 144 -8.81 -9.04 -0.93
CA ASP A 144 -8.39 -10.28 -0.32
C ASP A 144 -7.01 -10.64 -0.85
N LEU A 145 -6.06 -10.80 0.05
CA LEU A 145 -4.71 -11.16 -0.34
C LEU A 145 -4.54 -12.66 -0.21
N LYS A 146 -4.42 -13.33 -1.34
CA LYS A 146 -4.35 -14.76 -1.36
C LYS A 146 -3.00 -15.24 -1.82
N LEU A 147 -2.46 -16.17 -1.07
CA LEU A 147 -1.15 -16.69 -1.31
C LEU A 147 -1.25 -18.10 -1.86
N VAL A 148 -0.90 -18.25 -3.12
CA VAL A 148 -1.00 -19.53 -3.79
C VAL A 148 0.36 -20.20 -3.85
N PHE A 149 0.50 -21.29 -3.11
CA PHE A 149 1.71 -22.10 -3.16
C PHE A 149 1.45 -23.30 -4.04
N GLN A 150 2.19 -23.39 -5.13
CA GLN A 150 1.96 -24.44 -6.11
C GLN A 150 3.09 -25.43 -6.12
N GLU A 151 2.77 -26.67 -5.77
CA GLU A 151 3.71 -27.77 -5.88
C GLU A 151 3.83 -28.21 -7.34
N GLY A 152 4.96 -28.78 -7.70
CA GLY A 152 5.14 -29.26 -9.06
C GLY A 152 6.54 -29.08 -9.58
N VAL A 153 7.52 -29.48 -8.78
CA VAL A 153 8.91 -29.44 -9.19
C VAL A 153 9.56 -30.80 -8.98
N SER A 154 10.69 -31.03 -9.64
CA SER A 154 11.36 -32.31 -9.59
C SER A 154 12.14 -32.45 -8.29
N ALA A 1 12.09 29.26 -2.96
CA ALA A 1 11.04 28.26 -2.66
C ALA A 1 11.10 27.89 -1.19
N GLU A 2 10.26 26.92 -0.79
CA GLU A 2 10.06 26.54 0.63
C GLU A 2 9.54 27.72 1.42
N GLY A 3 8.25 27.77 1.54
CA GLY A 3 7.57 28.95 1.99
C GLY A 3 7.12 29.78 0.81
N PHE A 4 6.63 29.08 -0.20
CA PHE A 4 6.19 29.70 -1.43
C PHE A 4 4.67 29.61 -1.55
N VAL A 5 4.09 30.56 -2.26
CA VAL A 5 2.66 30.54 -2.51
C VAL A 5 2.35 29.57 -3.64
N VAL A 6 1.66 28.49 -3.29
CA VAL A 6 1.30 27.47 -4.26
C VAL A 6 0.18 27.96 -5.17
N LYS A 7 0.44 27.88 -6.45
CA LYS A 7 -0.50 28.37 -7.44
C LYS A 7 -1.54 27.30 -7.78
N ASP A 8 -1.12 26.04 -7.69
CA ASP A 8 -2.01 24.91 -7.97
C ASP A 8 -1.48 23.65 -7.31
N ILE A 9 -2.38 22.79 -6.88
CA ILE A 9 -2.00 21.49 -6.36
C ILE A 9 -2.42 20.42 -7.35
N HIS A 10 -1.47 19.66 -7.84
CA HIS A 10 -1.72 18.65 -8.85
C HIS A 10 -1.62 17.26 -8.24
N PHE A 11 -2.65 16.48 -8.42
CA PHE A 11 -2.70 15.15 -7.84
C PHE A 11 -2.45 14.08 -8.88
N GLU A 12 -1.40 13.30 -8.68
CA GLU A 12 -1.04 12.23 -9.61
C GLU A 12 -1.45 10.88 -9.03
N GLY A 13 -2.75 10.70 -8.91
CA GLY A 13 -3.30 9.46 -8.40
C GLY A 13 -4.80 9.53 -8.29
N LEU A 14 -5.27 10.25 -7.27
CA LEU A 14 -6.71 10.50 -7.04
C LEU A 14 -7.54 9.22 -7.07
N GLN A 15 -7.40 8.40 -6.04
CA GLN A 15 -8.14 7.14 -5.99
C GLN A 15 -9.47 7.33 -5.27
N ARG A 16 -10.51 7.64 -6.05
CA ARG A 16 -11.90 7.82 -5.58
C ARG A 16 -12.12 9.14 -4.85
N VAL A 17 -11.05 9.73 -4.34
CA VAL A 17 -11.11 11.02 -3.66
C VAL A 17 -10.72 12.12 -4.63
N ALA A 18 -11.62 13.06 -4.87
CA ALA A 18 -11.41 14.16 -5.80
C ALA A 18 -10.52 15.23 -5.19
N VAL A 19 -9.89 16.02 -6.07
CA VAL A 19 -8.91 17.04 -5.68
C VAL A 19 -9.41 18.00 -4.59
N GLY A 20 -10.67 18.41 -4.68
CA GLY A 20 -11.21 19.35 -3.70
C GLY A 20 -11.29 18.74 -2.32
N ALA A 21 -11.73 17.48 -2.26
CA ALA A 21 -11.84 16.75 -1.01
C ALA A 21 -10.47 16.38 -0.46
N ALA A 22 -9.56 16.06 -1.37
CA ALA A 22 -8.20 15.69 -1.02
C ALA A 22 -7.43 16.87 -0.45
N LEU A 23 -7.65 18.06 -1.03
CA LEU A 23 -7.06 19.30 -0.54
C LEU A 23 -7.56 19.63 0.87
N LEU A 24 -8.79 19.23 1.17
CA LEU A 24 -9.37 19.45 2.49
C LEU A 24 -8.78 18.49 3.53
N SER A 25 -8.07 17.48 3.07
CA SER A 25 -7.37 16.55 3.95
C SER A 25 -5.91 16.97 4.09
N MET A 26 -5.51 17.96 3.29
CA MET A 26 -4.19 18.54 3.39
C MET A 26 -4.22 19.73 4.34
N PRO A 27 -3.12 20.01 5.05
CA PRO A 27 -3.02 21.17 5.94
C PRO A 27 -2.84 22.47 5.17
N VAL A 28 -2.58 22.35 3.87
CA VAL A 28 -2.29 23.50 3.02
C VAL A 28 -3.12 23.43 1.75
N ARG A 29 -3.48 24.59 1.22
CA ARG A 29 -4.31 24.67 0.03
C ARG A 29 -3.76 25.67 -0.95
N THR A 30 -4.43 25.78 -2.09
CA THR A 30 -4.03 26.66 -3.16
C THR A 30 -4.12 28.13 -2.74
N GLY A 31 -3.06 28.89 -2.98
CA GLY A 31 -3.03 30.28 -2.59
C GLY A 31 -2.32 30.51 -1.27
N ASP A 32 -1.98 29.41 -0.59
CA ASP A 32 -1.34 29.48 0.72
C ASP A 32 0.16 29.33 0.60
N THR A 33 0.87 29.85 1.59
CA THR A 33 2.31 29.73 1.66
C THR A 33 2.68 28.46 2.43
N VAL A 34 3.47 27.59 1.81
CA VAL A 34 3.74 26.27 2.37
C VAL A 34 5.24 25.99 2.41
N ASN A 35 5.68 25.45 3.53
CA ASN A 35 7.10 25.16 3.74
C ASN A 35 7.39 23.69 3.46
N ASP A 36 8.64 23.30 3.65
CA ASP A 36 9.07 21.90 3.45
C ASP A 36 8.40 21.01 4.48
N GLU A 37 8.25 21.53 5.69
CA GLU A 37 7.55 20.81 6.75
C GLU A 37 6.06 20.66 6.42
N ASP A 38 5.51 21.62 5.67
CA ASP A 38 4.12 21.53 5.20
C ASP A 38 3.98 20.50 4.10
N ILE A 39 5.04 20.31 3.32
CA ILE A 39 5.09 19.22 2.35
C ILE A 39 4.99 17.87 3.08
N SER A 40 5.83 17.69 4.10
CA SER A 40 5.80 16.47 4.93
C SER A 40 4.49 16.38 5.74
N ASN A 41 3.93 17.54 6.07
CA ASN A 41 2.66 17.62 6.81
C ASN A 41 1.52 17.16 5.94
N THR A 42 1.56 17.56 4.67
CA THR A 42 0.62 17.06 3.67
C THR A 42 0.70 15.54 3.55
N ILE A 43 1.93 15.02 3.45
CA ILE A 43 2.17 13.57 3.41
C ILE A 43 1.48 12.87 4.59
N ARG A 44 1.80 13.32 5.80
CA ARG A 44 1.31 12.68 7.02
C ARG A 44 -0.19 12.88 7.22
N ALA A 45 -0.74 13.99 6.73
CA ALA A 45 -2.18 14.25 6.85
C ALA A 45 -2.96 13.27 6.01
N LEU A 46 -2.63 13.20 4.73
CA LEU A 46 -3.30 12.27 3.81
C LEU A 46 -3.06 10.82 4.22
N PHE A 47 -1.91 10.55 4.83
CA PHE A 47 -1.62 9.22 5.38
C PHE A 47 -2.58 8.89 6.53
N ALA A 48 -2.76 9.86 7.43
CA ALA A 48 -3.57 9.67 8.62
C ALA A 48 -5.07 9.72 8.33
N THR A 49 -5.46 10.20 7.15
CA THR A 49 -6.88 10.28 6.80
C THR A 49 -7.40 8.92 6.34
N GLY A 50 -6.48 8.07 5.86
CA GLY A 50 -6.88 6.77 5.37
C GLY A 50 -7.59 6.85 4.03
N ASN A 51 -7.36 7.93 3.31
CA ASN A 51 -7.97 8.14 2.00
C ASN A 51 -7.18 7.41 0.93
N PHE A 52 -5.86 7.40 1.09
CA PHE A 52 -4.95 6.73 0.16
C PHE A 52 -4.01 5.83 0.93
N GLU A 53 -3.35 4.92 0.21
CA GLU A 53 -2.40 3.99 0.83
C GLU A 53 -1.09 4.70 1.11
N ASP A 54 -0.56 5.36 0.09
CA ASP A 54 0.76 5.96 0.15
C ASP A 54 0.70 7.37 -0.41
N VAL A 55 1.47 8.28 0.16
CA VAL A 55 1.40 9.68 -0.20
C VAL A 55 2.79 10.24 -0.54
N ARG A 56 2.93 10.73 -1.77
CA ARG A 56 4.15 11.40 -2.18
C ARG A 56 3.87 12.86 -2.47
N VAL A 57 4.51 13.75 -1.73
CA VAL A 57 4.40 15.18 -2.02
C VAL A 57 5.75 15.70 -2.51
N LEU A 58 5.75 16.28 -3.69
CA LEU A 58 6.95 16.80 -4.32
C LEU A 58 6.64 18.14 -4.95
N ARG A 59 7.65 18.95 -5.18
CA ARG A 59 7.45 20.24 -5.80
C ARG A 59 7.69 20.18 -7.30
N ASP A 60 6.86 20.90 -8.04
CA ASP A 60 7.07 21.08 -9.46
C ASP A 60 6.83 22.55 -9.81
N GLY A 61 7.90 23.33 -9.81
CA GLY A 61 7.78 24.76 -10.03
C GLY A 61 7.01 25.45 -8.92
N ASP A 62 5.81 25.89 -9.23
CA ASP A 62 4.91 26.49 -8.23
C ASP A 62 3.71 25.57 -8.00
N THR A 63 3.81 24.36 -8.51
CA THR A 63 2.77 23.38 -8.35
C THR A 63 3.16 22.38 -7.30
N LEU A 64 2.20 21.95 -6.51
CA LEU A 64 2.47 20.94 -5.50
C LEU A 64 1.96 19.59 -6.00
N LEU A 65 2.88 18.70 -6.29
CA LEU A 65 2.55 17.42 -6.87
C LEU A 65 2.35 16.37 -5.80
N VAL A 66 1.11 15.92 -5.64
CA VAL A 66 0.81 14.89 -4.68
C VAL A 66 0.35 13.63 -5.41
N GLN A 67 1.23 12.67 -5.47
CA GLN A 67 0.93 11.38 -6.09
C GLN A 67 0.60 10.39 -4.99
N VAL A 68 -0.54 9.76 -5.12
CA VAL A 68 -1.05 8.91 -4.08
C VAL A 68 -1.34 7.52 -4.60
N LYS A 69 -1.22 6.53 -3.74
CA LYS A 69 -1.31 5.15 -4.15
C LYS A 69 -2.69 4.58 -3.86
N GLU A 70 -3.18 3.80 -4.82
CA GLU A 70 -4.42 3.04 -4.68
C GLU A 70 -4.38 2.18 -3.43
N ARG A 71 -5.50 2.08 -2.75
CA ARG A 71 -5.58 1.24 -1.57
C ARG A 71 -6.77 0.29 -1.64
N PRO A 72 -6.73 -0.72 -2.55
CA PRO A 72 -7.74 -1.76 -2.58
C PRO A 72 -7.77 -2.54 -1.28
N THR A 73 -8.97 -2.84 -0.82
CA THR A 73 -9.14 -3.55 0.43
C THR A 73 -9.01 -5.04 0.22
N ILE A 74 -8.13 -5.69 0.96
CA ILE A 74 -8.06 -7.14 0.96
C ILE A 74 -9.36 -7.66 1.56
N ALA A 75 -10.12 -8.38 0.76
CA ALA A 75 -11.39 -8.91 1.20
C ALA A 75 -11.22 -10.34 1.68
N SER A 76 -10.37 -11.08 0.98
CA SER A 76 -10.03 -12.43 1.37
C SER A 76 -8.58 -12.73 1.03
N ILE A 77 -7.90 -13.40 1.94
CA ILE A 77 -6.62 -14.00 1.64
C ILE A 77 -6.82 -15.50 1.52
N THR A 78 -6.46 -16.03 0.36
CA THR A 78 -6.71 -17.41 0.06
C THR A 78 -5.40 -18.15 -0.19
N PHE A 79 -5.28 -19.32 0.39
CA PHE A 79 -4.00 -20.02 0.40
C PHE A 79 -4.10 -21.34 -0.36
N SER A 80 -3.09 -21.60 -1.17
CA SER A 80 -3.00 -22.81 -1.96
C SER A 80 -1.56 -23.32 -1.97
N GLY A 81 -1.32 -24.43 -1.31
CA GLY A 81 0.04 -24.95 -1.19
C GLY A 81 0.44 -25.13 0.26
N ASN A 82 -0.44 -25.75 1.02
CA ASN A 82 -0.22 -25.99 2.44
C ASN A 82 0.62 -27.24 2.64
N LYS A 83 1.92 -27.11 2.42
CA LYS A 83 2.84 -28.23 2.52
C LYS A 83 3.30 -28.43 3.96
N SER A 84 3.51 -27.32 4.66
CA SER A 84 3.99 -27.37 6.03
C SER A 84 3.31 -26.29 6.88
N VAL A 85 3.47 -25.04 6.47
CA VAL A 85 2.87 -23.93 7.19
C VAL A 85 1.38 -23.89 6.91
N LYS A 86 0.59 -23.89 7.99
CA LYS A 86 -0.86 -23.94 7.88
C LYS A 86 -1.44 -22.61 7.42
N ASP A 87 -2.66 -22.67 6.91
CA ASP A 87 -3.37 -21.48 6.42
C ASP A 87 -3.65 -20.52 7.58
N ASP A 88 -3.89 -21.08 8.76
CA ASP A 88 -4.11 -20.28 9.97
C ASP A 88 -2.84 -19.50 10.33
N MET A 89 -1.69 -20.14 10.15
CA MET A 89 -0.39 -19.51 10.41
C MET A 89 -0.11 -18.45 9.35
N LEU A 90 -0.47 -18.75 8.10
CA LEU A 90 -0.28 -17.85 6.97
C LEU A 90 -1.11 -16.58 7.14
N LYS A 91 -2.30 -16.73 7.69
CA LYS A 91 -3.19 -15.59 7.93
C LYS A 91 -2.55 -14.59 8.89
N GLN A 92 -1.95 -15.13 9.94
CA GLN A 92 -1.32 -14.33 10.98
C GLN A 92 0.03 -13.81 10.50
N ASN A 93 0.65 -14.57 9.60
CA ASN A 93 1.92 -14.18 9.02
C ASN A 93 1.74 -12.94 8.15
N LEU A 94 0.68 -12.92 7.35
CA LEU A 94 0.31 -11.77 6.55
C LEU A 94 -0.11 -10.61 7.45
N GLU A 95 -0.73 -10.94 8.59
CA GLU A 95 -1.16 -9.93 9.56
C GLU A 95 0.04 -9.20 10.15
N ALA A 96 1.12 -9.96 10.37
CA ALA A 96 2.36 -9.41 10.92
C ALA A 96 3.10 -8.57 9.88
N SER A 97 2.75 -8.75 8.62
CA SER A 97 3.36 -8.01 7.53
C SER A 97 2.57 -6.74 7.24
N GLY A 98 1.35 -6.68 7.77
CA GLY A 98 0.52 -5.50 7.61
C GLY A 98 -0.59 -5.70 6.59
N VAL A 99 -0.48 -6.75 5.80
CA VAL A 99 -1.48 -7.02 4.76
C VAL A 99 -2.51 -8.03 5.28
N ARG A 100 -3.68 -7.52 5.62
CA ARG A 100 -4.73 -8.36 6.20
C ARG A 100 -6.10 -7.96 5.68
N VAL A 101 -7.13 -8.72 6.07
CA VAL A 101 -8.49 -8.43 5.64
C VAL A 101 -8.98 -7.15 6.30
N GLY A 102 -9.43 -6.22 5.47
CA GLY A 102 -9.89 -4.93 5.95
C GLY A 102 -8.86 -3.85 5.69
N GLU A 103 -7.59 -4.24 5.64
CA GLU A 103 -6.52 -3.36 5.31
C GLU A 103 -6.33 -3.28 3.80
N SER A 104 -5.62 -2.27 3.34
CA SER A 104 -5.25 -2.19 1.94
C SER A 104 -3.95 -2.96 1.70
N LEU A 105 -3.75 -3.40 0.48
CA LEU A 105 -2.58 -4.19 0.16
C LEU A 105 -1.64 -3.44 -0.79
N ASP A 106 -0.34 -3.54 -0.53
CA ASP A 106 0.66 -2.98 -1.42
C ASP A 106 1.25 -4.06 -2.32
N ARG A 107 0.99 -3.93 -3.60
CA ARG A 107 1.48 -4.87 -4.61
C ARG A 107 2.99 -4.71 -4.82
N THR A 108 3.55 -3.59 -4.37
CA THR A 108 4.97 -3.33 -4.55
C THR A 108 5.78 -3.97 -3.44
N THR A 109 5.16 -4.20 -2.28
CA THR A 109 5.85 -4.85 -1.17
C THR A 109 5.66 -6.36 -1.24
N ILE A 110 4.98 -6.82 -2.30
CA ILE A 110 4.68 -8.23 -2.52
C ILE A 110 5.97 -9.06 -2.57
N ALA A 111 7.01 -8.50 -3.16
CA ALA A 111 8.31 -9.18 -3.29
C ALA A 111 8.93 -9.46 -1.92
N ASP A 112 8.82 -8.49 -1.02
CA ASP A 112 9.35 -8.62 0.33
C ASP A 112 8.53 -9.65 1.12
N ILE A 113 7.21 -9.62 0.90
CA ILE A 113 6.31 -10.56 1.54
C ILE A 113 6.61 -11.99 1.05
N GLU A 114 6.83 -12.12 -0.26
CA GLU A 114 7.17 -13.40 -0.88
C GLU A 114 8.47 -13.96 -0.29
N LYS A 115 9.48 -13.10 -0.16
CA LYS A 115 10.77 -13.50 0.40
C LYS A 115 10.64 -13.92 1.87
N GLY A 116 9.78 -13.22 2.60
CA GLY A 116 9.54 -13.53 3.99
C GLY A 116 8.82 -14.86 4.19
N LEU A 117 7.92 -15.19 3.27
CA LEU A 117 7.21 -16.44 3.31
C LEU A 117 8.13 -17.63 3.00
N GLU A 118 9.08 -17.41 2.10
CA GLU A 118 10.10 -18.42 1.79
C GLU A 118 10.97 -18.67 3.02
N ASP A 119 11.23 -17.60 3.77
CA ASP A 119 12.03 -17.67 4.98
C ASP A 119 11.28 -18.43 6.08
N PHE A 120 9.97 -18.24 6.14
CA PHE A 120 9.13 -18.90 7.13
C PHE A 120 9.15 -20.43 6.97
N TYR A 121 9.02 -20.87 5.72
CA TYR A 121 9.04 -22.30 5.40
C TYR A 121 10.38 -22.93 5.72
N TYR A 122 11.44 -22.18 5.43
CA TYR A 122 12.81 -22.64 5.64
C TYR A 122 13.17 -22.73 7.12
N SER A 123 12.54 -21.88 7.94
CA SER A 123 12.84 -21.83 9.36
C SER A 123 12.35 -23.07 10.12
N VAL A 124 11.30 -23.73 9.61
CA VAL A 124 10.76 -24.90 10.28
C VAL A 124 11.67 -26.11 10.11
N GLY A 125 11.46 -26.85 9.03
CA GLY A 125 12.26 -28.02 8.75
C GLY A 125 13.16 -27.84 7.55
N LYS A 126 13.37 -26.57 7.18
CA LYS A 126 14.12 -26.18 5.97
C LYS A 126 13.36 -26.62 4.74
N TYR A 127 12.06 -26.37 4.75
CA TYR A 127 11.19 -26.73 3.65
C TYR A 127 11.35 -25.73 2.51
N SER A 128 11.88 -26.18 1.41
CA SER A 128 12.12 -25.32 0.26
C SER A 128 10.85 -25.21 -0.59
N ALA A 129 10.13 -24.12 -0.41
CA ALA A 129 8.95 -23.84 -1.21
C ALA A 129 9.11 -22.56 -2.00
N SER A 130 8.52 -22.51 -3.17
CA SER A 130 8.59 -21.36 -4.04
C SER A 130 7.33 -20.53 -3.89
N VAL A 131 7.50 -19.22 -3.80
CA VAL A 131 6.38 -18.33 -3.51
C VAL A 131 5.80 -17.70 -4.78
N LYS A 132 4.49 -17.74 -4.89
CA LYS A 132 3.77 -17.00 -5.89
C LYS A 132 2.62 -16.25 -5.24
N ALA A 133 2.67 -14.93 -5.27
CA ALA A 133 1.58 -14.13 -4.73
C ALA A 133 0.81 -13.44 -5.83
N VAL A 134 -0.41 -13.89 -6.03
CA VAL A 134 -1.25 -13.41 -7.11
C VAL A 134 -2.30 -12.45 -6.59
N VAL A 135 -2.32 -11.25 -7.15
CA VAL A 135 -3.29 -10.24 -6.77
C VAL A 135 -4.42 -10.19 -7.78
N THR A 136 -5.60 -10.55 -7.32
CA THR A 136 -6.77 -10.59 -8.18
C THR A 136 -7.79 -9.54 -7.78
N PRO A 137 -8.11 -8.62 -8.68
CA PRO A 137 -9.01 -7.51 -8.41
C PRO A 137 -10.48 -7.88 -8.63
N LEU A 138 -11.35 -7.40 -7.74
CA LEU A 138 -12.78 -7.58 -7.92
C LEU A 138 -13.44 -6.22 -8.11
N PRO A 139 -14.46 -6.16 -9.00
CA PRO A 139 -15.14 -4.91 -9.40
C PRO A 139 -15.78 -4.15 -8.24
N ARG A 140 -15.01 -3.21 -7.70
CA ARG A 140 -15.45 -2.28 -6.65
C ARG A 140 -14.26 -1.43 -6.23
N ASN A 141 -13.54 -1.90 -5.21
CA ASN A 141 -12.31 -1.26 -4.74
C ASN A 141 -11.57 -2.25 -3.83
N ARG A 142 -11.78 -3.53 -4.06
CA ARG A 142 -11.21 -4.56 -3.20
C ARG A 142 -10.35 -5.53 -4.02
N VAL A 143 -9.54 -6.29 -3.32
CA VAL A 143 -8.63 -7.23 -3.95
C VAL A 143 -8.63 -8.57 -3.18
N ASP A 144 -8.42 -9.64 -3.92
CA ASP A 144 -8.29 -10.97 -3.35
C ASP A 144 -6.85 -11.41 -3.48
N LEU A 145 -6.23 -11.75 -2.37
CA LEU A 145 -4.82 -12.12 -2.39
C LEU A 145 -4.69 -13.63 -2.29
N LYS A 146 -4.19 -14.24 -3.35
CA LYS A 146 -4.01 -15.67 -3.37
C LYS A 146 -2.55 -16.05 -3.33
N LEU A 147 -2.24 -16.97 -2.44
CA LEU A 147 -0.88 -17.39 -2.21
C LEU A 147 -0.67 -18.79 -2.73
N VAL A 148 0.15 -18.90 -3.76
CA VAL A 148 0.48 -20.18 -4.36
C VAL A 148 1.84 -20.65 -3.89
N PHE A 149 1.88 -21.81 -3.26
CA PHE A 149 3.12 -22.37 -2.77
C PHE A 149 3.52 -23.56 -3.63
N GLN A 150 4.68 -23.43 -4.27
CA GLN A 150 5.18 -24.45 -5.18
C GLN A 150 6.22 -25.31 -4.47
N GLU A 151 6.19 -26.60 -4.74
CA GLU A 151 7.18 -27.52 -4.18
C GLU A 151 8.26 -27.82 -5.21
N GLY A 152 8.78 -26.75 -5.82
CA GLY A 152 9.75 -26.88 -6.88
C GLY A 152 11.15 -27.14 -6.36
N VAL A 153 11.74 -26.12 -5.75
CA VAL A 153 13.09 -26.24 -5.18
C VAL A 153 13.10 -27.26 -4.04
N SER A 154 14.20 -27.98 -3.91
CA SER A 154 14.31 -29.02 -2.89
C SER A 154 15.73 -29.10 -2.34
N ALA A 1 13.70 25.08 -4.30
CA ALA A 1 12.54 24.25 -4.70
C ALA A 1 11.74 23.82 -3.48
N GLU A 2 11.85 24.57 -2.40
CA GLU A 2 11.15 24.27 -1.16
C GLU A 2 10.89 25.55 -0.39
N GLY A 3 9.85 25.52 0.45
CA GLY A 3 9.46 26.70 1.19
C GLY A 3 8.75 27.69 0.29
N PHE A 4 7.86 27.19 -0.54
CA PHE A 4 7.07 28.03 -1.41
C PHE A 4 5.61 28.01 -0.97
N VAL A 5 4.88 29.05 -1.26
CA VAL A 5 3.48 29.13 -0.89
C VAL A 5 2.63 28.47 -1.97
N VAL A 6 1.99 27.37 -1.62
CA VAL A 6 1.17 26.64 -2.56
C VAL A 6 -0.10 27.42 -2.89
N LYS A 7 -0.26 27.71 -4.15
CA LYS A 7 -1.42 28.46 -4.62
C LYS A 7 -2.59 27.52 -4.85
N ASP A 8 -2.27 26.26 -5.13
CA ASP A 8 -3.28 25.23 -5.35
C ASP A 8 -2.69 23.85 -5.12
N ILE A 9 -3.54 22.90 -4.77
CA ILE A 9 -3.14 21.51 -4.58
C ILE A 9 -4.01 20.62 -5.45
N HIS A 10 -3.39 19.77 -6.24
CA HIS A 10 -4.09 18.87 -7.14
C HIS A 10 -3.90 17.43 -6.72
N PHE A 11 -4.98 16.67 -6.69
CA PHE A 11 -4.93 15.27 -6.28
C PHE A 11 -5.40 14.39 -7.44
N GLU A 12 -4.68 13.31 -7.71
CA GLU A 12 -4.92 12.53 -8.91
C GLU A 12 -5.45 11.12 -8.63
N GLY A 13 -4.69 10.33 -7.87
CA GLY A 13 -4.95 8.89 -7.82
C GLY A 13 -6.07 8.46 -6.88
N LEU A 14 -6.63 9.39 -6.13
CA LEU A 14 -7.68 9.05 -5.17
C LEU A 14 -9.02 8.76 -5.84
N GLN A 15 -9.83 8.00 -5.13
CA GLN A 15 -11.19 7.70 -5.51
C GLN A 15 -12.07 7.86 -4.28
N ARG A 16 -13.07 8.74 -4.40
CA ARG A 16 -14.02 9.09 -3.31
C ARG A 16 -13.43 10.15 -2.38
N VAL A 17 -12.10 10.17 -2.27
CA VAL A 17 -11.42 11.16 -1.43
C VAL A 17 -11.33 12.49 -2.16
N ALA A 18 -11.86 13.53 -1.55
CA ALA A 18 -11.88 14.86 -2.14
C ALA A 18 -10.72 15.70 -1.63
N VAL A 19 -10.35 16.71 -2.42
CA VAL A 19 -9.20 17.57 -2.11
C VAL A 19 -9.39 18.33 -0.79
N GLY A 20 -10.63 18.63 -0.44
CA GLY A 20 -10.91 19.30 0.82
C GLY A 20 -10.63 18.41 2.01
N ALA A 21 -11.01 17.15 1.88
CA ALA A 21 -10.78 16.14 2.91
C ALA A 21 -9.31 15.75 2.97
N ALA A 22 -8.71 15.69 1.79
CA ALA A 22 -7.31 15.35 1.64
C ALA A 22 -6.41 16.43 2.25
N LEU A 23 -6.79 17.70 2.05
CA LEU A 23 -6.12 18.82 2.68
C LEU A 23 -6.13 18.73 4.20
N LEU A 24 -7.20 18.17 4.77
CA LEU A 24 -7.34 18.03 6.20
C LEU A 24 -6.44 16.91 6.74
N SER A 25 -5.95 16.07 5.84
CA SER A 25 -5.01 15.01 6.20
C SER A 25 -3.57 15.51 6.06
N MET A 26 -3.40 16.56 5.27
CA MET A 26 -2.06 17.13 5.03
C MET A 26 -1.68 18.06 6.18
N PRO A 27 -0.38 18.11 6.54
CA PRO A 27 0.11 19.00 7.60
C PRO A 27 0.30 20.44 7.12
N VAL A 28 -0.17 20.72 5.91
CA VAL A 28 -0.03 22.03 5.27
C VAL A 28 -1.22 22.27 4.36
N ARG A 29 -1.52 23.54 4.12
CA ARG A 29 -2.71 23.90 3.35
C ARG A 29 -2.37 24.90 2.27
N THR A 30 -3.36 25.19 1.44
CA THR A 30 -3.23 26.17 0.39
C THR A 30 -3.07 27.57 0.98
N GLY A 31 -2.01 28.25 0.61
CA GLY A 31 -1.71 29.54 1.21
C GLY A 31 -0.61 29.43 2.25
N ASP A 32 -0.25 28.19 2.60
CA ASP A 32 0.80 27.93 3.57
C ASP A 32 2.13 27.71 2.85
N THR A 33 3.22 27.94 3.55
CA THR A 33 4.55 27.68 3.03
C THR A 33 4.88 26.19 3.21
N VAL A 34 5.34 25.54 2.14
CA VAL A 34 5.58 24.10 2.20
C VAL A 34 7.02 23.77 1.87
N ASN A 35 7.66 23.02 2.75
CA ASN A 35 9.05 22.64 2.60
C ASN A 35 9.16 21.25 1.99
N ASP A 36 10.39 20.79 1.78
CA ASP A 36 10.61 19.43 1.29
C ASP A 36 10.23 18.42 2.36
N GLU A 37 10.39 18.84 3.61
CA GLU A 37 9.94 18.05 4.76
C GLU A 37 8.43 17.95 4.77
N ASP A 38 7.76 19.00 4.30
CA ASP A 38 6.30 19.03 4.23
C ASP A 38 5.81 18.18 3.08
N ILE A 39 6.59 18.07 2.01
CA ILE A 39 6.28 17.15 0.93
C ILE A 39 6.28 15.71 1.44
N SER A 40 7.35 15.34 2.14
CA SER A 40 7.49 14.00 2.70
C SER A 40 6.52 13.77 3.86
N ASN A 41 6.18 14.84 4.58
CA ASN A 41 5.20 14.77 5.66
C ASN A 41 3.80 14.59 5.12
N THR A 42 3.52 15.23 3.99
CA THR A 42 2.27 14.99 3.27
C THR A 42 2.18 13.53 2.83
N ILE A 43 3.29 12.99 2.31
CA ILE A 43 3.37 11.57 1.96
C ILE A 43 3.00 10.69 3.17
N ARG A 44 3.67 10.93 4.30
CA ARG A 44 3.49 10.16 5.52
C ARG A 44 2.09 10.32 6.12
N ALA A 45 1.56 11.54 6.05
CA ALA A 45 0.24 11.83 6.62
C ALA A 45 -0.86 11.10 5.87
N LEU A 46 -0.82 11.18 4.55
CA LEU A 46 -1.77 10.49 3.70
C LEU A 46 -1.59 8.97 3.79
N PHE A 47 -0.35 8.56 4.03
CA PHE A 47 -0.05 7.14 4.29
C PHE A 47 -0.74 6.68 5.57
N ALA A 48 -0.72 7.55 6.57
CA ALA A 48 -1.29 7.27 7.89
C ALA A 48 -2.82 7.27 7.88
N THR A 49 -3.44 7.77 6.82
CA THR A 49 -4.89 7.84 6.76
C THR A 49 -5.49 6.48 6.40
N GLY A 50 -4.70 5.64 5.73
CA GLY A 50 -5.18 4.33 5.32
C GLY A 50 -6.14 4.41 4.14
N ASN A 51 -6.31 5.60 3.59
CA ASN A 51 -7.21 5.81 2.46
C ASN A 51 -6.59 5.23 1.20
N PHE A 52 -5.31 5.49 1.01
CA PHE A 52 -4.57 5.04 -0.15
C PHE A 52 -3.36 4.23 0.29
N GLU A 53 -2.90 3.34 -0.59
CA GLU A 53 -1.75 2.48 -0.30
C GLU A 53 -0.44 3.27 -0.33
N ASP A 54 -0.22 4.02 -1.40
CA ASP A 54 1.05 4.68 -1.61
C ASP A 54 0.83 6.14 -1.92
N VAL A 55 1.74 6.99 -1.49
CA VAL A 55 1.61 8.42 -1.68
C VAL A 55 2.85 9.01 -2.33
N ARG A 56 2.67 9.63 -3.50
CA ARG A 56 3.75 10.34 -4.16
C ARG A 56 3.38 11.82 -4.28
N VAL A 57 4.16 12.67 -3.64
CA VAL A 57 3.97 14.11 -3.73
C VAL A 57 5.04 14.74 -4.63
N LEU A 58 4.59 15.56 -5.58
CA LEU A 58 5.48 16.29 -6.46
C LEU A 58 5.06 17.75 -6.47
N ARG A 59 5.95 18.64 -6.84
CA ARG A 59 5.60 20.04 -6.93
C ARG A 59 5.76 20.54 -8.37
N ASP A 60 4.72 21.19 -8.85
CA ASP A 60 4.69 21.70 -10.21
C ASP A 60 4.52 23.22 -10.19
N GLY A 61 5.63 23.93 -10.27
CA GLY A 61 5.62 25.37 -10.13
C GLY A 61 5.26 25.78 -8.72
N ASP A 62 4.07 26.34 -8.54
CA ASP A 62 3.58 26.71 -7.23
C ASP A 62 2.37 25.84 -6.87
N THR A 63 2.20 24.77 -7.62
CA THR A 63 1.12 23.82 -7.40
C THR A 63 1.67 22.54 -6.80
N LEU A 64 0.96 21.96 -5.84
CA LEU A 64 1.38 20.71 -5.26
C LEU A 64 0.51 19.57 -5.77
N LEU A 65 1.11 18.66 -6.51
CA LEU A 65 0.36 17.56 -7.13
C LEU A 65 0.66 16.25 -6.42
N VAL A 66 -0.39 15.60 -5.93
CA VAL A 66 -0.23 14.35 -5.21
C VAL A 66 -0.95 13.20 -5.93
N GLN A 67 -0.18 12.22 -6.32
CA GLN A 67 -0.73 11.01 -6.91
C GLN A 67 -0.55 9.87 -5.93
N VAL A 68 -1.61 9.11 -5.73
CA VAL A 68 -1.61 8.04 -4.75
C VAL A 68 -2.01 6.73 -5.40
N LYS A 69 -1.71 5.63 -4.73
CA LYS A 69 -2.13 4.33 -5.21
C LYS A 69 -3.39 3.94 -4.45
N GLU A 70 -4.49 3.91 -5.17
CA GLU A 70 -5.79 3.70 -4.57
C GLU A 70 -6.72 3.20 -5.64
N ARG A 71 -7.85 2.63 -5.17
CA ARG A 71 -8.97 2.09 -5.99
C ARG A 71 -9.15 0.58 -5.79
N PRO A 72 -8.12 -0.27 -6.04
CA PRO A 72 -8.30 -1.72 -5.89
C PRO A 72 -8.37 -2.15 -4.43
N THR A 73 -9.26 -3.07 -4.14
CA THR A 73 -9.44 -3.56 -2.79
C THR A 73 -9.30 -5.09 -2.75
N ILE A 74 -8.54 -5.58 -1.79
CA ILE A 74 -8.46 -7.01 -1.56
C ILE A 74 -9.81 -7.50 -1.01
N ALA A 75 -10.46 -8.37 -1.76
CA ALA A 75 -11.75 -8.89 -1.37
C ALA A 75 -11.60 -10.21 -0.61
N SER A 76 -10.52 -10.91 -0.89
CA SER A 76 -10.20 -12.16 -0.20
C SER A 76 -8.70 -12.38 -0.19
N ILE A 77 -8.19 -12.83 0.94
CA ILE A 77 -6.83 -13.35 0.99
C ILE A 77 -6.90 -14.85 1.17
N THR A 78 -6.33 -15.58 0.24
CA THR A 78 -6.42 -17.02 0.24
C THR A 78 -5.06 -17.62 0.49
N PHE A 79 -5.01 -18.59 1.39
CA PHE A 79 -3.76 -19.19 1.78
C PHE A 79 -3.71 -20.64 1.30
N SER A 80 -2.58 -21.04 0.74
CA SER A 80 -2.47 -22.35 0.11
C SER A 80 -1.06 -22.92 0.28
N GLY A 81 -0.97 -24.05 0.97
CA GLY A 81 0.30 -24.74 1.09
C GLY A 81 1.12 -24.28 2.28
N ASN A 82 0.47 -23.63 3.23
CA ASN A 82 1.13 -23.14 4.42
C ASN A 82 1.21 -24.22 5.49
N LYS A 83 2.33 -24.93 5.49
CA LYS A 83 2.57 -26.03 6.42
C LYS A 83 3.15 -25.50 7.74
N SER A 84 4.13 -24.62 7.63
CA SER A 84 4.81 -24.06 8.79
C SER A 84 3.90 -23.08 9.53
N VAL A 85 3.78 -21.89 8.97
CA VAL A 85 2.94 -20.85 9.52
C VAL A 85 1.51 -21.12 9.11
N LYS A 86 0.62 -21.19 10.10
CA LYS A 86 -0.78 -21.51 9.83
C LYS A 86 -1.48 -20.37 9.12
N ASP A 87 -2.57 -20.68 8.43
CA ASP A 87 -3.35 -19.68 7.70
C ASP A 87 -3.88 -18.60 8.64
N ASP A 88 -4.24 -19.01 9.85
CA ASP A 88 -4.73 -18.09 10.88
C ASP A 88 -3.66 -17.07 11.27
N MET A 89 -2.41 -17.52 11.33
CA MET A 89 -1.30 -16.65 11.65
C MET A 89 -0.97 -15.75 10.45
N LEU A 90 -1.13 -16.30 9.26
CA LEU A 90 -0.89 -15.58 8.01
C LEU A 90 -1.86 -14.44 7.82
N LYS A 91 -3.08 -14.62 8.31
CA LYS A 91 -4.10 -13.58 8.27
C LYS A 91 -3.61 -12.30 8.96
N GLN A 92 -3.01 -12.47 10.14
CA GLN A 92 -2.49 -11.36 10.92
C GLN A 92 -1.20 -10.85 10.33
N ASN A 93 -0.47 -11.74 9.68
CA ASN A 93 0.80 -11.40 9.05
C ASN A 93 0.57 -10.44 7.89
N LEU A 94 -0.46 -10.71 7.09
CA LEU A 94 -0.86 -9.82 5.99
C LEU A 94 -1.42 -8.50 6.53
N GLU A 95 -2.12 -8.59 7.66
CA GLU A 95 -2.67 -7.42 8.33
C GLU A 95 -1.57 -6.48 8.81
N ALA A 96 -0.45 -7.07 9.25
CA ALA A 96 0.66 -6.32 9.81
C ALA A 96 1.45 -5.58 8.73
N SER A 97 1.36 -6.06 7.49
CA SER A 97 2.03 -5.40 6.38
C SER A 97 1.13 -4.32 5.79
N GLY A 98 -0.17 -4.42 6.10
CA GLY A 98 -1.11 -3.40 5.67
C GLY A 98 -2.07 -3.90 4.60
N VAL A 99 -1.75 -5.04 4.01
CA VAL A 99 -2.54 -5.55 2.89
C VAL A 99 -3.49 -6.64 3.35
N ARG A 100 -4.76 -6.26 3.49
CA ARG A 100 -5.76 -7.18 4.02
C ARG A 100 -7.11 -6.97 3.32
N VAL A 101 -8.09 -7.81 3.67
CA VAL A 101 -9.43 -7.70 3.10
C VAL A 101 -10.11 -6.42 3.55
N GLY A 102 -10.59 -5.67 2.57
CA GLY A 102 -11.27 -4.42 2.86
C GLY A 102 -10.35 -3.23 2.68
N GLU A 103 -9.07 -3.51 2.52
CA GLU A 103 -8.08 -2.47 2.32
C GLU A 103 -7.54 -2.55 0.90
N SER A 104 -6.84 -1.50 0.50
CA SER A 104 -6.22 -1.46 -0.81
C SER A 104 -4.95 -2.31 -0.82
N LEU A 105 -4.47 -2.66 -2.01
CA LEU A 105 -3.27 -3.46 -2.13
C LEU A 105 -2.32 -2.84 -3.17
N ASP A 106 -1.02 -2.96 -2.91
CA ASP A 106 0.00 -2.59 -3.90
C ASP A 106 0.70 -3.81 -4.45
N ARG A 107 0.62 -3.94 -5.77
CA ARG A 107 1.19 -5.07 -6.50
C ARG A 107 2.71 -5.00 -6.58
N THR A 108 3.28 -3.84 -6.29
CA THR A 108 4.73 -3.69 -6.38
C THR A 108 5.35 -4.04 -5.04
N THR A 109 4.49 -4.05 -4.04
CA THR A 109 4.87 -4.44 -2.69
C THR A 109 4.80 -5.97 -2.54
N ILE A 110 4.15 -6.62 -3.52
CA ILE A 110 3.98 -8.07 -3.56
C ILE A 110 5.31 -8.82 -3.44
N ALA A 111 6.33 -8.32 -4.11
CA ALA A 111 7.65 -8.95 -4.12
C ALA A 111 8.27 -9.01 -2.72
N ASP A 112 8.12 -7.91 -1.98
CA ASP A 112 8.65 -7.85 -0.61
C ASP A 112 7.82 -8.71 0.32
N ILE A 113 6.53 -8.83 0.03
CA ILE A 113 5.65 -9.72 0.79
C ILE A 113 6.12 -11.18 0.63
N GLU A 114 6.40 -11.57 -0.61
CA GLU A 114 6.87 -12.91 -0.92
C GLU A 114 8.21 -13.21 -0.23
N LYS A 115 9.16 -12.30 -0.39
CA LYS A 115 10.50 -12.46 0.19
C LYS A 115 10.45 -12.46 1.73
N GLY A 116 9.53 -11.69 2.29
CA GLY A 116 9.37 -11.64 3.74
C GLY A 116 8.83 -12.95 4.28
N LEU A 117 7.86 -13.53 3.58
CA LEU A 117 7.29 -14.82 3.97
C LEU A 117 8.29 -15.95 3.77
N GLU A 118 9.14 -15.82 2.75
CA GLU A 118 10.20 -16.80 2.48
C GLU A 118 11.26 -16.76 3.58
N ASP A 119 11.53 -15.56 4.07
CA ASP A 119 12.48 -15.38 5.17
C ASP A 119 11.94 -15.98 6.45
N PHE A 120 10.66 -15.72 6.73
CA PHE A 120 9.98 -16.24 7.91
C PHE A 120 9.88 -17.77 7.87
N TYR A 121 9.63 -18.30 6.68
CA TYR A 121 9.55 -19.75 6.48
C TYR A 121 10.85 -20.44 6.86
N TYR A 122 11.96 -19.84 6.45
CA TYR A 122 13.29 -20.35 6.74
C TYR A 122 13.64 -20.19 8.22
N SER A 123 13.08 -19.17 8.85
CA SER A 123 13.38 -18.87 10.25
C SER A 123 12.84 -19.97 11.17
N VAL A 124 11.80 -20.66 10.76
CA VAL A 124 11.23 -21.75 11.54
C VAL A 124 12.08 -23.02 11.39
N GLY A 125 11.67 -23.89 10.48
CA GLY A 125 12.33 -25.17 10.29
C GLY A 125 13.21 -25.18 9.06
N LYS A 126 13.56 -23.99 8.58
CA LYS A 126 14.34 -23.81 7.35
C LYS A 126 13.54 -24.32 6.16
N TYR A 127 12.35 -23.76 5.99
CA TYR A 127 11.44 -24.20 4.96
C TYR A 127 11.70 -23.46 3.65
N SER A 128 12.47 -24.09 2.78
CA SER A 128 12.70 -23.58 1.44
C SER A 128 11.48 -23.85 0.57
N ALA A 129 10.67 -22.82 0.37
CA ALA A 129 9.46 -22.95 -0.42
C ALA A 129 9.41 -21.87 -1.49
N SER A 130 8.68 -22.13 -2.55
CA SER A 130 8.47 -21.14 -3.59
C SER A 130 7.14 -20.45 -3.36
N VAL A 131 7.19 -19.17 -3.03
CA VAL A 131 6.00 -18.41 -2.69
C VAL A 131 5.63 -17.45 -3.82
N LYS A 132 4.38 -17.54 -4.26
CA LYS A 132 3.85 -16.67 -5.29
C LYS A 132 2.55 -16.03 -4.82
N ALA A 133 2.55 -14.70 -4.73
CA ALA A 133 1.35 -13.98 -4.37
C ALA A 133 0.64 -13.54 -5.65
N VAL A 134 -0.50 -14.16 -5.91
CA VAL A 134 -1.23 -13.95 -7.14
C VAL A 134 -2.42 -13.02 -6.91
N VAL A 135 -2.50 -11.97 -7.71
CA VAL A 135 -3.63 -11.06 -7.66
C VAL A 135 -4.53 -11.27 -8.86
N THR A 136 -5.71 -11.77 -8.61
CA THR A 136 -6.68 -12.03 -9.65
C THR A 136 -7.79 -10.98 -9.65
N PRO A 137 -7.90 -10.22 -10.75
CA PRO A 137 -8.88 -9.13 -10.87
C PRO A 137 -10.29 -9.63 -11.14
N LEU A 138 -11.27 -8.98 -10.51
CA LEU A 138 -12.68 -9.21 -10.84
C LEU A 138 -13.27 -7.92 -11.42
N PRO A 139 -14.34 -8.04 -12.24
CA PRO A 139 -14.95 -6.88 -12.93
C PRO A 139 -15.62 -5.89 -11.98
N ARG A 140 -14.79 -5.08 -11.33
CA ARG A 140 -15.23 -4.03 -10.42
C ARG A 140 -14.03 -3.13 -10.11
N ASN A 141 -13.61 -3.12 -8.87
CA ASN A 141 -12.39 -2.44 -8.44
C ASN A 141 -11.72 -3.26 -7.35
N ARG A 142 -11.98 -4.56 -7.38
CA ARG A 142 -11.52 -5.45 -6.33
C ARG A 142 -10.64 -6.56 -6.92
N VAL A 143 -9.78 -7.10 -6.08
CA VAL A 143 -8.87 -8.18 -6.49
C VAL A 143 -8.85 -9.29 -5.46
N ASP A 144 -8.46 -10.47 -5.89
CA ASP A 144 -8.31 -11.62 -5.00
C ASP A 144 -6.84 -11.95 -4.86
N LEU A 145 -6.36 -11.96 -3.62
CA LEU A 145 -4.96 -12.20 -3.36
C LEU A 145 -4.75 -13.59 -2.78
N LYS A 146 -4.03 -14.42 -3.50
CA LYS A 146 -3.77 -15.79 -3.06
C LYS A 146 -2.29 -16.02 -2.90
N LEU A 147 -1.95 -16.61 -1.78
CA LEU A 147 -0.57 -16.88 -1.44
C LEU A 147 -0.27 -18.35 -1.66
N VAL A 148 0.53 -18.64 -2.66
CA VAL A 148 0.86 -20.00 -3.02
C VAL A 148 2.22 -20.39 -2.45
N PHE A 149 2.21 -21.37 -1.56
CA PHE A 149 3.45 -21.91 -1.00
C PHE A 149 3.69 -23.31 -1.52
N GLN A 150 4.80 -23.49 -2.22
CA GLN A 150 5.18 -24.79 -2.76
C GLN A 150 5.69 -25.71 -1.66
N GLU A 151 5.36 -27.00 -1.79
CA GLU A 151 5.62 -28.02 -0.75
C GLU A 151 7.03 -27.98 -0.17
N GLY A 152 8.05 -27.85 -1.02
CA GLY A 152 9.41 -27.76 -0.52
C GLY A 152 10.43 -28.22 -1.53
N VAL A 153 10.03 -29.14 -2.41
CA VAL A 153 10.90 -29.70 -3.46
C VAL A 153 11.99 -30.59 -2.86
N SER A 154 13.04 -29.97 -2.32
CA SER A 154 14.14 -30.71 -1.71
C SER A 154 13.89 -30.94 -0.23
N ALA A 1 10.69 30.46 0.25
CA ALA A 1 10.45 29.22 -0.54
C ALA A 1 9.27 28.46 0.03
N GLU A 2 9.36 28.12 1.31
CA GLU A 2 8.27 27.50 2.03
C GLU A 2 7.33 28.59 2.52
N GLY A 3 6.06 28.24 2.68
CA GLY A 3 5.06 29.25 2.97
C GLY A 3 4.69 29.99 1.71
N PHE A 4 4.44 29.23 0.67
CA PHE A 4 4.18 29.76 -0.65
C PHE A 4 2.70 29.59 -1.00
N VAL A 5 2.20 30.46 -1.86
CA VAL A 5 0.84 30.38 -2.33
C VAL A 5 0.74 29.31 -3.42
N VAL A 6 0.05 28.22 -3.11
CA VAL A 6 -0.09 27.10 -4.03
C VAL A 6 -0.96 27.48 -5.21
N LYS A 7 -0.42 27.29 -6.41
CA LYS A 7 -1.13 27.64 -7.63
C LYS A 7 -1.91 26.44 -8.14
N ASP A 8 -1.30 25.27 -8.07
CA ASP A 8 -1.92 24.05 -8.58
C ASP A 8 -1.49 22.85 -7.75
N ILE A 9 -2.39 21.87 -7.63
CA ILE A 9 -2.06 20.63 -6.95
C ILE A 9 -2.15 19.48 -7.96
N HIS A 10 -1.07 18.73 -8.08
CA HIS A 10 -1.01 17.63 -9.03
C HIS A 10 -0.65 16.35 -8.32
N PHE A 11 -1.46 15.32 -8.52
CA PHE A 11 -1.24 14.04 -7.90
C PHE A 11 -0.60 13.08 -8.89
N GLU A 12 0.61 12.66 -8.60
CA GLU A 12 1.35 11.79 -9.51
C GLU A 12 1.15 10.32 -9.13
N GLY A 13 -0.09 9.88 -9.27
CA GLY A 13 -0.44 8.51 -9.02
C GLY A 13 -1.93 8.31 -9.15
N LEU A 14 -2.63 8.53 -8.03
CA LEU A 14 -4.09 8.43 -7.95
C LEU A 14 -4.64 7.09 -8.45
N GLN A 15 -5.95 7.06 -8.68
CA GLN A 15 -6.66 5.91 -9.22
C GLN A 15 -8.13 6.29 -9.46
N ARG A 16 -9.01 5.88 -8.56
CA ARG A 16 -10.42 6.25 -8.65
C ARG A 16 -10.73 7.45 -7.75
N VAL A 17 -9.71 7.90 -7.03
CA VAL A 17 -9.82 9.10 -6.21
C VAL A 17 -9.44 10.32 -7.04
N ALA A 18 -10.27 11.35 -6.98
CA ALA A 18 -10.03 12.57 -7.74
C ALA A 18 -9.34 13.63 -6.91
N VAL A 19 -8.67 14.56 -7.59
CA VAL A 19 -7.92 15.63 -6.94
C VAL A 19 -8.81 16.49 -6.04
N GLY A 20 -10.08 16.63 -6.40
CA GLY A 20 -11.00 17.41 -5.59
C GLY A 20 -11.37 16.70 -4.29
N ALA A 21 -11.47 15.38 -4.36
CA ALA A 21 -11.74 14.56 -3.18
C ALA A 21 -10.48 14.44 -2.33
N ALA A 22 -9.34 14.37 -3.00
CA ALA A 22 -8.04 14.27 -2.36
C ALA A 22 -7.72 15.56 -1.60
N LEU A 23 -8.10 16.70 -2.19
CA LEU A 23 -7.97 18.02 -1.58
C LEU A 23 -8.66 18.12 -0.23
N LEU A 24 -9.75 17.37 -0.05
CA LEU A 24 -10.54 17.42 1.17
C LEU A 24 -9.81 16.78 2.35
N SER A 25 -8.78 16.01 2.05
CA SER A 25 -7.96 15.37 3.08
C SER A 25 -6.67 16.15 3.31
N MET A 26 -6.42 17.13 2.45
CA MET A 26 -5.23 17.95 2.54
C MET A 26 -5.50 19.21 3.34
N PRO A 27 -4.58 19.60 4.24
CA PRO A 27 -4.68 20.86 5.00
C PRO A 27 -4.24 22.07 4.17
N VAL A 28 -4.52 22.02 2.88
CA VAL A 28 -4.12 23.05 1.95
C VAL A 28 -5.06 23.03 0.74
N ARG A 29 -5.32 24.20 0.19
CA ARG A 29 -6.09 24.34 -1.04
C ARG A 29 -5.36 25.29 -1.97
N THR A 30 -5.90 25.49 -3.16
CA THR A 30 -5.33 26.43 -4.10
C THR A 30 -5.50 27.85 -3.57
N GLY A 31 -4.38 28.54 -3.40
CA GLY A 31 -4.41 29.88 -2.82
C GLY A 31 -3.93 29.88 -1.37
N ASP A 32 -3.69 28.69 -0.83
CA ASP A 32 -3.23 28.55 0.56
C ASP A 32 -1.73 28.75 0.65
N THR A 33 -1.25 29.12 1.84
CA THR A 33 0.17 29.31 2.08
C THR A 33 0.67 28.25 3.05
N VAL A 34 1.51 27.35 2.58
CA VAL A 34 1.90 26.19 3.38
C VAL A 34 3.42 26.04 3.50
N ASN A 35 3.87 25.83 4.73
CA ASN A 35 5.29 25.61 5.03
C ASN A 35 5.66 24.15 4.85
N ASP A 36 6.93 23.86 5.15
CA ASP A 36 7.45 22.50 5.09
C ASP A 36 6.70 21.58 6.08
N GLU A 37 6.32 22.15 7.21
CA GLU A 37 5.55 21.42 8.21
C GLU A 37 4.19 21.01 7.67
N ASP A 38 3.59 21.88 6.87
CA ASP A 38 2.28 21.61 6.26
C ASP A 38 2.40 20.64 5.11
N ILE A 39 3.54 20.63 4.43
CA ILE A 39 3.80 19.60 3.43
C ILE A 39 3.80 18.21 4.10
N SER A 40 4.52 18.12 5.22
CA SER A 40 4.54 16.89 6.02
C SER A 40 3.19 16.62 6.68
N ASN A 41 2.45 17.69 6.98
CA ASN A 41 1.09 17.59 7.53
C ASN A 41 0.17 16.95 6.51
N THR A 42 0.30 17.40 5.26
CA THR A 42 -0.41 16.82 4.14
C THR A 42 -0.07 15.33 3.98
N ILE A 43 1.22 15.00 4.10
CA ILE A 43 1.67 13.61 4.04
C ILE A 43 0.95 12.76 5.09
N ARG A 44 0.96 13.25 6.35
CA ARG A 44 0.37 12.52 7.47
C ARG A 44 -1.14 12.38 7.34
N ALA A 45 -1.77 13.42 6.81
CA ALA A 45 -3.23 13.44 6.66
C ALA A 45 -3.69 12.43 5.63
N LEU A 46 -2.99 12.39 4.50
CA LEU A 46 -3.28 11.44 3.44
C LEU A 46 -2.87 10.01 3.84
N PHE A 47 -1.87 9.91 4.71
CA PHE A 47 -1.47 8.63 5.29
C PHE A 47 -2.58 8.08 6.20
N ALA A 48 -3.21 8.99 6.93
CA ALA A 48 -4.27 8.67 7.90
C ALA A 48 -5.59 8.26 7.24
N THR A 49 -5.70 8.41 5.92
CA THR A 49 -6.99 8.23 5.24
C THR A 49 -7.35 6.76 5.07
N GLY A 50 -6.34 5.88 5.15
CA GLY A 50 -6.58 4.45 4.97
C GLY A 50 -6.78 4.10 3.52
N ASN A 51 -6.29 4.96 2.64
CA ASN A 51 -6.39 4.74 1.21
C ASN A 51 -5.04 4.31 0.65
N PHE A 52 -4.23 5.28 0.27
CA PHE A 52 -2.92 5.01 -0.32
C PHE A 52 -1.88 4.80 0.78
N GLU A 53 -1.06 3.77 0.62
CA GLU A 53 -0.12 3.35 1.66
C GLU A 53 1.10 4.27 1.75
N ASP A 54 1.52 4.86 0.63
CA ASP A 54 2.64 5.78 0.66
C ASP A 54 2.22 7.12 0.10
N VAL A 55 2.60 8.19 0.77
CA VAL A 55 2.29 9.53 0.34
C VAL A 55 3.54 10.39 0.40
N ARG A 56 3.98 10.90 -0.74
CA ARG A 56 5.08 11.84 -0.78
C ARG A 56 4.64 13.16 -1.39
N VAL A 57 4.77 14.20 -0.61
CA VAL A 57 4.44 15.55 -1.05
C VAL A 57 5.72 16.32 -1.31
N LEU A 58 5.85 16.83 -2.53
CA LEU A 58 7.05 17.52 -2.95
C LEU A 58 6.67 18.86 -3.54
N ARG A 59 7.42 19.89 -3.21
CA ARG A 59 7.16 21.21 -3.72
C ARG A 59 7.87 21.41 -5.04
N ASP A 60 7.10 21.48 -6.12
CA ASP A 60 7.67 21.67 -7.45
C ASP A 60 7.25 23.03 -7.99
N GLY A 61 8.11 24.01 -7.80
CA GLY A 61 7.77 25.38 -8.14
C GLY A 61 6.63 25.88 -7.28
N ASP A 62 5.54 26.28 -7.92
CA ASP A 62 4.33 26.68 -7.19
C ASP A 62 3.29 25.57 -7.27
N THR A 63 3.72 24.40 -7.71
CA THR A 63 2.85 23.26 -7.82
C THR A 63 3.11 22.29 -6.68
N LEU A 64 2.05 21.69 -6.16
CA LEU A 64 2.18 20.71 -5.11
C LEU A 64 2.05 19.31 -5.69
N LEU A 65 3.14 18.58 -5.69
CA LEU A 65 3.18 17.27 -6.31
C LEU A 65 3.04 16.19 -5.26
N VAL A 66 1.94 15.48 -5.28
CA VAL A 66 1.70 14.42 -4.32
C VAL A 66 1.60 13.08 -5.02
N GLN A 67 2.64 12.28 -4.88
CA GLN A 67 2.65 10.95 -5.47
C GLN A 67 2.22 9.95 -4.41
N VAL A 68 1.29 9.08 -4.78
CA VAL A 68 0.71 8.14 -3.84
C VAL A 68 0.83 6.71 -4.34
N LYS A 69 0.94 5.78 -3.41
CA LYS A 69 1.15 4.38 -3.72
C LYS A 69 -0.05 3.55 -3.28
N GLU A 70 -0.62 2.81 -4.24
CA GLU A 70 -1.67 1.80 -3.99
C GLU A 70 -2.81 2.30 -3.10
N ARG A 71 -3.82 2.87 -3.75
CA ARG A 71 -5.02 3.36 -3.07
C ARG A 71 -5.96 2.22 -2.54
N PRO A 72 -6.10 1.03 -3.19
CA PRO A 72 -7.03 0.00 -2.71
C PRO A 72 -6.60 -0.67 -1.40
N THR A 73 -7.58 -0.92 -0.55
CA THR A 73 -7.37 -1.59 0.73
C THR A 73 -7.53 -3.11 0.59
N ILE A 74 -6.63 -3.87 1.19
CA ILE A 74 -6.80 -5.32 1.25
C ILE A 74 -8.03 -5.64 2.10
N ALA A 75 -9.02 -6.27 1.49
CA ALA A 75 -10.26 -6.56 2.18
C ALA A 75 -10.31 -8.03 2.63
N SER A 76 -9.77 -8.92 1.80
CA SER A 76 -9.70 -10.32 2.15
C SER A 76 -8.39 -10.92 1.64
N ILE A 77 -7.83 -11.84 2.42
CA ILE A 77 -6.66 -12.59 1.98
C ILE A 77 -6.99 -14.08 1.94
N THR A 78 -6.79 -14.68 0.78
CA THR A 78 -7.07 -16.08 0.59
C THR A 78 -5.80 -16.89 0.58
N PHE A 79 -5.77 -17.96 1.36
CA PHE A 79 -4.60 -18.81 1.44
C PHE A 79 -4.87 -20.15 0.78
N SER A 80 -3.91 -20.61 -0.03
CA SER A 80 -4.09 -21.84 -0.80
C SER A 80 -2.76 -22.58 -0.93
N GLY A 81 -2.74 -23.85 -0.49
CA GLY A 81 -1.54 -24.67 -0.65
C GLY A 81 -0.69 -24.70 0.60
N ASN A 82 -1.24 -24.23 1.71
CA ASN A 82 -0.52 -24.16 2.97
C ASN A 82 -0.78 -25.40 3.82
N LYS A 83 -0.13 -26.50 3.48
CA LYS A 83 -0.24 -27.73 4.25
C LYS A 83 0.74 -27.74 5.42
N SER A 84 1.95 -27.26 5.17
CA SER A 84 3.01 -27.27 6.17
C SER A 84 2.80 -26.19 7.21
N VAL A 85 2.80 -24.94 6.77
CA VAL A 85 2.57 -23.81 7.64
C VAL A 85 1.06 -23.55 7.74
N LYS A 86 0.60 -23.23 8.94
CA LYS A 86 -0.82 -23.01 9.17
C LYS A 86 -1.29 -21.72 8.50
N ASP A 87 -2.57 -21.69 8.13
CA ASP A 87 -3.16 -20.51 7.53
C ASP A 87 -3.24 -19.37 8.54
N ASP A 88 -3.50 -19.72 9.80
CA ASP A 88 -3.53 -18.72 10.87
C ASP A 88 -2.13 -18.17 11.15
N MET A 89 -1.12 -19.03 11.02
CA MET A 89 0.27 -18.62 11.12
C MET A 89 0.63 -17.68 9.97
N LEU A 90 0.11 -18.00 8.78
CA LEU A 90 0.32 -17.19 7.59
C LEU A 90 -0.37 -15.84 7.70
N LYS A 91 -1.51 -15.83 8.40
CA LYS A 91 -2.24 -14.60 8.65
C LYS A 91 -1.38 -13.62 9.46
N GLN A 92 -0.68 -14.16 10.45
CA GLN A 92 0.17 -13.38 11.32
C GLN A 92 1.47 -13.03 10.60
N ASN A 93 1.87 -13.91 9.70
CA ASN A 93 3.08 -13.72 8.91
C ASN A 93 2.90 -12.54 7.95
N LEU A 94 1.71 -12.45 7.37
CA LEU A 94 1.36 -11.35 6.49
C LEU A 94 1.21 -10.05 7.28
N GLU A 95 0.66 -10.17 8.50
CA GLU A 95 0.51 -9.03 9.40
C GLU A 95 1.87 -8.46 9.78
N ALA A 96 2.84 -9.36 9.96
CA ALA A 96 4.20 -8.97 10.32
C ALA A 96 4.95 -8.37 9.11
N SER A 97 4.40 -8.58 7.92
CA SER A 97 4.97 -8.02 6.70
C SER A 97 4.32 -6.67 6.35
N GLY A 98 3.20 -6.38 6.99
CA GLY A 98 2.54 -5.10 6.80
C GLY A 98 1.22 -5.23 6.05
N VAL A 99 1.07 -6.31 5.29
CA VAL A 99 -0.10 -6.50 4.44
C VAL A 99 -1.16 -7.36 5.15
N ARG A 100 -2.20 -6.70 5.62
CA ARG A 100 -3.28 -7.38 6.33
C ARG A 100 -4.64 -6.80 5.94
N VAL A 101 -5.71 -7.43 6.41
CA VAL A 101 -7.06 -6.99 6.13
C VAL A 101 -7.36 -5.65 6.81
N GLY A 102 -7.74 -4.67 6.02
CA GLY A 102 -8.01 -3.34 6.54
C GLY A 102 -6.85 -2.40 6.32
N GLU A 103 -5.75 -2.94 5.81
CA GLU A 103 -4.57 -2.13 5.52
C GLU A 103 -4.37 -2.00 4.02
N SER A 104 -3.64 -0.98 3.63
CA SER A 104 -3.29 -0.76 2.23
C SER A 104 -2.13 -1.66 1.85
N LEU A 105 -2.14 -2.16 0.63
CA LEU A 105 -1.16 -3.16 0.22
C LEU A 105 0.02 -2.52 -0.50
N ASP A 106 1.20 -3.08 -0.28
CA ASP A 106 2.40 -2.65 -0.99
C ASP A 106 2.77 -3.67 -2.04
N ARG A 107 2.51 -3.30 -3.29
CA ARG A 107 2.79 -4.17 -4.42
C ARG A 107 4.30 -4.31 -4.67
N THR A 108 5.09 -3.40 -4.10
CA THR A 108 6.52 -3.39 -4.35
C THR A 108 7.25 -4.36 -3.42
N THR A 109 6.64 -4.67 -2.28
CA THR A 109 7.26 -5.61 -1.35
C THR A 109 6.67 -7.01 -1.50
N ILE A 110 5.76 -7.16 -2.46
CA ILE A 110 5.08 -8.44 -2.72
C ILE A 110 6.07 -9.56 -3.04
N ALA A 111 7.10 -9.25 -3.82
CA ALA A 111 8.09 -10.24 -4.22
C ALA A 111 8.93 -10.72 -3.04
N ASP A 112 9.25 -9.82 -2.13
CA ASP A 112 10.01 -10.15 -0.93
C ASP A 112 9.14 -10.96 0.04
N ILE A 113 7.84 -10.68 0.02
CA ILE A 113 6.89 -11.46 0.81
C ILE A 113 6.84 -12.90 0.29
N GLU A 114 6.78 -13.05 -1.04
CA GLU A 114 6.77 -14.36 -1.67
C GLU A 114 8.04 -15.14 -1.31
N LYS A 115 9.19 -14.46 -1.43
CA LYS A 115 10.49 -15.07 -1.12
C LYS A 115 10.58 -15.45 0.37
N GLY A 116 9.98 -14.63 1.23
CA GLY A 116 9.99 -14.88 2.66
C GLY A 116 9.16 -16.08 3.04
N LEU A 117 8.03 -16.25 2.36
CA LEU A 117 7.16 -17.40 2.58
C LEU A 117 7.83 -18.69 2.12
N GLU A 118 8.54 -18.61 1.00
CA GLU A 118 9.36 -19.72 0.51
C GLU A 118 10.38 -20.16 1.55
N ASP A 119 11.02 -19.18 2.18
CA ASP A 119 12.03 -19.46 3.21
C ASP A 119 11.38 -19.98 4.49
N PHE A 120 10.17 -19.52 4.76
CA PHE A 120 9.38 -19.95 5.91
C PHE A 120 9.03 -21.44 5.82
N TYR A 121 8.80 -21.90 4.59
CA TYR A 121 8.51 -23.31 4.35
C TYR A 121 9.77 -24.16 4.55
N TYR A 122 10.91 -23.60 4.18
CA TYR A 122 12.18 -24.30 4.28
C TYR A 122 12.65 -24.47 5.73
N SER A 123 12.29 -23.53 6.59
CA SER A 123 12.76 -23.54 7.97
C SER A 123 12.08 -24.63 8.80
N VAL A 124 10.83 -24.96 8.47
CA VAL A 124 10.07 -25.92 9.27
C VAL A 124 10.47 -27.37 8.91
N GLY A 125 10.06 -27.86 7.76
CA GLY A 125 10.38 -29.23 7.41
C GLY A 125 11.31 -29.34 6.22
N LYS A 126 11.99 -28.23 5.92
CA LYS A 126 12.84 -28.12 4.72
C LYS A 126 12.01 -28.29 3.46
N TYR A 127 10.85 -27.65 3.45
CA TYR A 127 9.94 -27.73 2.31
C TYR A 127 10.28 -26.65 1.29
N SER A 128 10.29 -27.03 0.03
CA SER A 128 10.41 -26.06 -1.05
C SER A 128 9.03 -25.66 -1.55
N ALA A 129 8.77 -24.37 -1.63
CA ALA A 129 7.48 -23.89 -2.09
C ALA A 129 7.66 -22.77 -3.11
N SER A 130 6.79 -22.74 -4.10
CA SER A 130 6.76 -21.67 -5.07
C SER A 130 5.56 -20.78 -4.80
N VAL A 131 5.82 -19.54 -4.40
CA VAL A 131 4.76 -18.65 -3.92
C VAL A 131 4.39 -17.60 -4.98
N LYS A 132 3.10 -17.47 -5.22
CA LYS A 132 2.58 -16.45 -6.13
C LYS A 132 1.48 -15.66 -5.44
N ALA A 133 1.70 -14.36 -5.26
CA ALA A 133 0.71 -13.49 -4.66
C ALA A 133 -0.08 -12.74 -5.73
N VAL A 134 -1.36 -13.08 -5.85
CA VAL A 134 -2.21 -12.50 -6.87
C VAL A 134 -3.13 -11.43 -6.27
N VAL A 135 -2.98 -10.21 -6.74
CA VAL A 135 -3.83 -9.10 -6.32
C VAL A 135 -4.92 -8.86 -7.35
N THR A 136 -6.16 -9.10 -6.95
CA THR A 136 -7.30 -8.91 -7.83
C THR A 136 -8.21 -7.80 -7.28
N PRO A 137 -8.43 -6.73 -8.06
CA PRO A 137 -9.26 -5.60 -7.63
C PRO A 137 -10.76 -5.91 -7.66
N LEU A 138 -11.50 -5.29 -6.75
CA LEU A 138 -12.95 -5.37 -6.75
C LEU A 138 -13.53 -3.96 -6.95
N PRO A 139 -14.81 -3.85 -7.40
CA PRO A 139 -15.40 -2.57 -7.80
C PRO A 139 -15.77 -1.65 -6.62
N ARG A 140 -14.75 -1.08 -6.00
CA ARG A 140 -14.90 -0.07 -4.95
C ARG A 140 -13.57 0.63 -4.69
N ASN A 141 -13.00 0.38 -3.53
CA ASN A 141 -11.73 0.95 -3.14
C ASN A 141 -10.89 -0.13 -2.48
N ARG A 142 -11.16 -1.38 -2.84
CA ARG A 142 -10.57 -2.53 -2.17
C ARG A 142 -9.99 -3.53 -3.16
N VAL A 143 -9.10 -4.39 -2.67
CA VAL A 143 -8.53 -5.47 -3.46
C VAL A 143 -8.58 -6.77 -2.66
N ASP A 144 -8.57 -7.88 -3.38
CA ASP A 144 -8.54 -9.20 -2.78
C ASP A 144 -7.19 -9.85 -3.08
N LEU A 145 -6.50 -10.29 -2.06
CA LEU A 145 -5.16 -10.85 -2.22
C LEU A 145 -5.19 -12.36 -1.99
N LYS A 146 -4.60 -13.11 -2.90
CA LYS A 146 -4.51 -14.55 -2.76
C LYS A 146 -3.08 -15.03 -2.79
N LEU A 147 -2.75 -15.89 -1.84
CA LEU A 147 -1.41 -16.44 -1.72
C LEU A 147 -1.43 -17.88 -2.20
N VAL A 148 -0.81 -18.13 -3.34
CA VAL A 148 -0.81 -19.44 -3.94
C VAL A 148 0.52 -20.15 -3.68
N PHE A 149 0.45 -21.29 -3.00
CA PHE A 149 1.64 -22.05 -2.69
C PHE A 149 1.68 -23.34 -3.49
N GLN A 150 2.70 -23.47 -4.32
CA GLN A 150 2.99 -24.72 -4.98
C GLN A 150 3.93 -25.50 -4.07
N GLU A 151 3.60 -26.76 -3.80
CA GLU A 151 4.29 -27.54 -2.77
C GLU A 151 5.56 -28.20 -3.30
N GLY A 152 6.32 -27.46 -4.10
CA GLY A 152 7.63 -27.91 -4.54
C GLY A 152 7.60 -28.84 -5.74
N VAL A 153 6.40 -29.37 -6.03
CA VAL A 153 6.16 -30.30 -7.14
C VAL A 153 6.71 -31.72 -6.88
N SER A 154 7.91 -31.82 -6.29
CA SER A 154 8.49 -33.11 -5.96
C SER A 154 9.55 -32.97 -4.86
N ALA A 1 13.53 25.74 0.21
CA ALA A 1 12.89 27.07 0.34
C ALA A 1 11.41 26.87 0.60
N GLU A 2 11.01 27.08 1.85
CA GLU A 2 9.66 26.82 2.27
C GLU A 2 8.94 28.12 2.55
N GLY A 3 7.63 28.07 2.43
CA GLY A 3 6.82 29.26 2.59
C GLY A 3 6.53 29.93 1.27
N PHE A 4 6.15 29.12 0.29
CA PHE A 4 5.74 29.65 -1.00
C PHE A 4 4.23 29.56 -1.15
N VAL A 5 3.65 30.50 -1.88
CA VAL A 5 2.23 30.47 -2.15
C VAL A 5 1.95 29.52 -3.31
N VAL A 6 1.25 28.43 -3.00
CA VAL A 6 0.91 27.45 -4.01
C VAL A 6 -0.21 27.97 -4.91
N LYS A 7 -0.02 27.82 -6.21
CA LYS A 7 -1.00 28.28 -7.18
C LYS A 7 -2.05 27.21 -7.43
N ASP A 8 -1.59 25.97 -7.57
CA ASP A 8 -2.48 24.85 -7.87
C ASP A 8 -1.97 23.58 -7.22
N ILE A 9 -2.89 22.73 -6.77
CA ILE A 9 -2.52 21.42 -6.25
C ILE A 9 -2.92 20.35 -7.26
N HIS A 10 -1.94 19.60 -7.72
CA HIS A 10 -2.15 18.60 -8.75
C HIS A 10 -2.01 17.21 -8.14
N PHE A 11 -3.00 16.37 -8.36
CA PHE A 11 -2.96 15.01 -7.84
C PHE A 11 -2.73 14.03 -8.97
N GLU A 12 -1.76 13.13 -8.78
CA GLU A 12 -1.35 12.25 -9.85
C GLU A 12 -1.77 10.80 -9.59
N GLY A 13 -1.60 10.35 -8.35
CA GLY A 13 -1.87 8.95 -8.04
C GLY A 13 -3.35 8.64 -7.91
N LEU A 14 -4.12 9.60 -7.43
CA LEU A 14 -5.55 9.39 -7.21
C LEU A 14 -6.34 9.91 -8.41
N GLN A 15 -7.12 9.02 -9.02
CA GLN A 15 -7.93 9.38 -10.18
C GLN A 15 -9.41 9.44 -9.79
N ARG A 16 -9.86 8.40 -9.09
CA ARG A 16 -11.24 8.35 -8.61
C ARG A 16 -11.46 9.36 -7.48
N VAL A 17 -10.44 9.55 -6.66
CA VAL A 17 -10.46 10.60 -5.65
C VAL A 17 -10.15 11.92 -6.33
N ALA A 18 -11.02 12.90 -6.15
CA ALA A 18 -10.89 14.16 -6.86
C ALA A 18 -10.12 15.18 -6.05
N VAL A 19 -9.57 16.17 -6.76
CA VAL A 19 -8.75 17.23 -6.18
C VAL A 19 -9.44 17.93 -5.01
N GLY A 20 -10.75 18.14 -5.13
CA GLY A 20 -11.50 18.80 -4.08
C GLY A 20 -11.70 17.92 -2.85
N ALA A 21 -11.98 16.65 -3.08
CA ALA A 21 -12.20 15.68 -2.00
C ALA A 21 -10.90 15.41 -1.26
N ALA A 22 -9.81 15.35 -2.01
CA ALA A 22 -8.49 15.13 -1.45
C ALA A 22 -8.01 16.35 -0.66
N LEU A 23 -8.31 17.53 -1.19
CA LEU A 23 -8.08 18.80 -0.50
C LEU A 23 -8.77 18.89 0.86
N LEU A 24 -9.93 18.23 1.00
CA LEU A 24 -10.68 18.25 2.24
C LEU A 24 -9.89 17.62 3.39
N SER A 25 -8.97 16.71 3.05
CA SER A 25 -8.15 16.04 4.03
C SER A 25 -6.89 16.86 4.32
N MET A 26 -6.61 17.84 3.47
CA MET A 26 -5.44 18.69 3.62
C MET A 26 -5.78 19.91 4.47
N PRO A 27 -4.87 20.31 5.39
CA PRO A 27 -5.07 21.49 6.25
C PRO A 27 -4.71 22.81 5.55
N VAL A 28 -4.60 22.77 4.22
CA VAL A 28 -4.22 23.93 3.44
C VAL A 28 -4.79 23.80 2.02
N ARG A 29 -5.14 24.94 1.43
CA ARG A 29 -5.72 24.98 0.09
C ARG A 29 -4.87 25.86 -0.82
N THR A 30 -5.28 25.93 -2.08
CA THR A 30 -4.57 26.68 -3.08
C THR A 30 -4.59 28.18 -2.79
N GLY A 31 -3.41 28.78 -2.76
CA GLY A 31 -3.32 30.20 -2.45
C GLY A 31 -2.73 30.45 -1.07
N ASP A 32 -2.52 29.38 -0.31
CA ASP A 32 -1.92 29.48 1.02
C ASP A 32 -0.42 29.20 0.94
N THR A 33 0.29 29.69 1.94
CA THR A 33 1.73 29.50 2.04
C THR A 33 2.05 28.17 2.70
N VAL A 34 2.97 27.41 2.12
CA VAL A 34 3.24 26.05 2.60
C VAL A 34 4.72 25.86 2.89
N ASN A 35 5.00 25.35 4.09
CA ASN A 35 6.35 25.00 4.52
C ASN A 35 6.60 23.51 4.33
N ASP A 36 7.79 23.04 4.68
CA ASP A 36 8.10 21.61 4.65
C ASP A 36 7.25 20.87 5.67
N GLU A 37 6.96 21.55 6.77
CA GLU A 37 6.06 21.03 7.79
C GLU A 37 4.67 20.80 7.23
N ASP A 38 4.24 21.68 6.33
CA ASP A 38 2.95 21.57 5.67
C ASP A 38 2.96 20.49 4.60
N ILE A 39 4.12 20.29 3.97
CA ILE A 39 4.31 19.19 3.03
C ILE A 39 4.17 17.85 3.76
N SER A 40 4.81 17.72 4.91
CA SER A 40 4.74 16.51 5.71
C SER A 40 3.38 16.38 6.40
N ASN A 41 2.74 17.52 6.65
CA ASN A 41 1.41 17.55 7.27
C ASN A 41 0.37 17.04 6.29
N THR A 42 0.44 17.52 5.05
CA THR A 42 -0.45 17.03 3.99
C THR A 42 -0.18 15.55 3.70
N ILE A 43 1.11 15.16 3.72
CA ILE A 43 1.50 13.76 3.57
C ILE A 43 0.80 12.89 4.62
N ARG A 44 0.94 13.26 5.90
CA ARG A 44 0.39 12.46 6.99
C ARG A 44 -1.13 12.52 7.05
N ALA A 45 -1.71 13.64 6.61
CA ALA A 45 -3.17 13.80 6.60
C ALA A 45 -3.80 12.85 5.58
N LEU A 46 -3.24 12.82 4.38
CA LEU A 46 -3.69 11.93 3.32
C LEU A 46 -3.32 10.48 3.65
N PHE A 47 -2.22 10.30 4.36
CA PHE A 47 -1.81 8.98 4.84
C PHE A 47 -2.86 8.40 5.80
N ALA A 48 -3.42 9.28 6.62
CA ALA A 48 -4.43 8.92 7.62
C ALA A 48 -5.79 8.59 7.01
N THR A 49 -5.98 8.90 5.73
CA THR A 49 -7.28 8.71 5.08
C THR A 49 -7.50 7.24 4.72
N GLY A 50 -6.40 6.50 4.55
CA GLY A 50 -6.48 5.07 4.27
C GLY A 50 -6.90 4.76 2.84
N ASN A 51 -6.98 5.78 2.00
CA ASN A 51 -7.38 5.61 0.61
C ASN A 51 -6.19 5.19 -0.24
N PHE A 52 -4.98 5.46 0.26
CA PHE A 52 -3.76 5.15 -0.46
C PHE A 52 -2.78 4.45 0.48
N GLU A 53 -1.74 3.86 -0.11
CA GLU A 53 -0.70 3.19 0.64
C GLU A 53 0.35 4.20 1.11
N ASP A 54 0.83 5.01 0.18
CA ASP A 54 1.92 5.94 0.47
C ASP A 54 1.62 7.29 -0.15
N VAL A 55 1.89 8.35 0.58
CA VAL A 55 1.61 9.70 0.09
C VAL A 55 2.91 10.49 -0.04
N ARG A 56 3.20 10.94 -1.24
CA ARG A 56 4.39 11.74 -1.49
C ARG A 56 3.98 13.12 -2.01
N VAL A 57 4.33 14.14 -1.26
CA VAL A 57 4.06 15.52 -1.66
C VAL A 57 5.35 16.20 -2.10
N LEU A 58 5.35 16.70 -3.32
CA LEU A 58 6.51 17.37 -3.89
C LEU A 58 6.07 18.68 -4.51
N ARG A 59 6.98 19.61 -4.68
CA ARG A 59 6.63 20.87 -5.29
C ARG A 59 7.29 21.00 -6.66
N ASP A 60 6.55 21.56 -7.59
CA ASP A 60 7.03 21.81 -8.94
C ASP A 60 6.80 23.28 -9.27
N GLY A 61 7.83 24.09 -9.07
CA GLY A 61 7.66 25.53 -9.18
C GLY A 61 6.80 26.06 -8.06
N ASP A 62 5.59 26.49 -8.41
CA ASP A 62 4.62 26.95 -7.42
C ASP A 62 3.41 26.01 -7.40
N THR A 63 3.58 24.85 -8.03
CA THR A 63 2.53 23.86 -8.07
C THR A 63 2.84 22.74 -7.09
N LEU A 64 1.84 22.26 -6.39
CA LEU A 64 2.03 21.21 -5.40
C LEU A 64 1.54 19.88 -5.97
N LEU A 65 2.46 18.97 -6.22
CA LEU A 65 2.15 17.70 -6.84
C LEU A 65 2.09 16.59 -5.80
N VAL A 66 0.92 16.00 -5.64
CA VAL A 66 0.74 14.92 -4.70
C VAL A 66 0.57 13.60 -5.43
N GLN A 67 1.58 12.75 -5.31
CA GLN A 67 1.54 11.42 -5.90
C GLN A 67 1.35 10.39 -4.81
N VAL A 68 0.45 9.45 -5.04
CA VAL A 68 0.17 8.44 -4.04
C VAL A 68 0.36 7.04 -4.60
N LYS A 69 0.60 6.11 -3.71
CA LYS A 69 0.84 4.74 -4.06
C LYS A 69 -0.42 3.92 -3.83
N GLU A 70 -0.78 3.11 -4.81
CA GLU A 70 -1.92 2.19 -4.73
C GLU A 70 -3.26 2.90 -4.55
N ARG A 71 -4.26 2.11 -4.22
CA ARG A 71 -5.64 2.55 -4.08
C ARG A 71 -6.52 1.40 -3.56
N PRO A 72 -6.40 0.15 -4.10
CA PRO A 72 -7.13 -0.99 -3.55
C PRO A 72 -6.64 -1.43 -2.17
N THR A 73 -7.60 -1.78 -1.34
CA THR A 73 -7.35 -2.29 0.01
C THR A 73 -7.41 -3.81 0.00
N ILE A 74 -6.59 -4.46 0.79
CA ILE A 74 -6.70 -5.90 0.98
C ILE A 74 -7.98 -6.19 1.76
N ALA A 75 -8.89 -6.92 1.14
CA ALA A 75 -10.15 -7.23 1.77
C ALA A 75 -10.16 -8.66 2.29
N SER A 76 -9.49 -9.54 1.56
CA SER A 76 -9.40 -10.94 1.96
C SER A 76 -8.08 -11.55 1.47
N ILE A 77 -7.50 -12.43 2.27
CA ILE A 77 -6.32 -13.18 1.85
C ILE A 77 -6.65 -14.66 1.81
N THR A 78 -6.44 -15.28 0.67
CA THR A 78 -6.77 -16.67 0.48
C THR A 78 -5.51 -17.54 0.45
N PHE A 79 -5.55 -18.67 1.14
CA PHE A 79 -4.39 -19.54 1.22
C PHE A 79 -4.67 -20.88 0.55
N SER A 80 -3.71 -21.35 -0.24
CA SER A 80 -3.83 -22.63 -0.93
C SER A 80 -2.49 -23.35 -0.97
N GLY A 81 -2.49 -24.62 -0.54
CA GLY A 81 -1.28 -25.43 -0.58
C GLY A 81 -0.41 -25.26 0.65
N ASN A 82 -1.00 -24.70 1.70
CA ASN A 82 -0.26 -24.36 2.91
C ASN A 82 -0.57 -25.32 4.03
N LYS A 83 -0.23 -26.59 3.83
CA LYS A 83 -0.48 -27.60 4.84
C LYS A 83 0.68 -27.73 5.84
N SER A 84 1.86 -27.27 5.44
CA SER A 84 3.05 -27.37 6.29
C SER A 84 2.96 -26.40 7.47
N VAL A 85 2.69 -25.14 7.15
CA VAL A 85 2.49 -24.12 8.18
C VAL A 85 1.02 -23.74 8.19
N LYS A 86 0.46 -23.52 9.37
CA LYS A 86 -0.98 -23.28 9.51
C LYS A 86 -1.39 -21.95 8.92
N ASP A 87 -2.60 -21.92 8.36
CA ASP A 87 -3.18 -20.72 7.78
C ASP A 87 -3.32 -19.64 8.86
N ASP A 88 -3.61 -20.10 10.08
CA ASP A 88 -3.65 -19.23 11.27
C ASP A 88 -2.33 -18.48 11.44
N MET A 89 -1.22 -19.20 11.30
CA MET A 89 0.11 -18.62 11.42
C MET A 89 0.41 -17.66 10.28
N LEU A 90 0.05 -18.06 9.06
CA LEU A 90 0.31 -17.26 7.86
C LEU A 90 -0.45 -15.95 7.87
N LYS A 91 -1.65 -15.95 8.45
CA LYS A 91 -2.47 -14.73 8.54
C LYS A 91 -1.76 -13.66 9.34
N GLN A 92 -1.18 -14.05 10.47
CA GLN A 92 -0.49 -13.12 11.35
C GLN A 92 0.90 -12.82 10.78
N ASN A 93 1.44 -13.78 10.05
CA ASN A 93 2.75 -13.61 9.41
C ASN A 93 2.67 -12.51 8.35
N LEU A 94 1.54 -12.48 7.63
CA LEU A 94 1.27 -11.44 6.66
C LEU A 94 1.11 -10.08 7.34
N GLU A 95 0.50 -10.10 8.52
CA GLU A 95 0.29 -8.89 9.32
C GLU A 95 1.62 -8.28 9.74
N ALA A 96 2.57 -9.15 10.09
CA ALA A 96 3.91 -8.71 10.51
C ALA A 96 4.75 -8.26 9.32
N SER A 97 4.31 -8.63 8.12
CA SER A 97 4.98 -8.23 6.90
C SER A 97 4.42 -6.90 6.40
N GLY A 98 3.27 -6.52 6.92
CA GLY A 98 2.68 -5.23 6.60
C GLY A 98 1.37 -5.33 5.84
N VAL A 99 1.17 -6.43 5.15
CA VAL A 99 -0.02 -6.59 4.30
C VAL A 99 -1.13 -7.31 5.06
N ARG A 100 -2.12 -6.55 5.49
CA ARG A 100 -3.22 -7.09 6.31
C ARG A 100 -4.56 -6.64 5.77
N VAL A 101 -5.63 -7.25 6.26
CA VAL A 101 -6.98 -6.91 5.87
C VAL A 101 -7.39 -5.55 6.43
N GLY A 102 -7.88 -4.68 5.56
CA GLY A 102 -8.24 -3.33 5.96
C GLY A 102 -7.11 -2.36 5.73
N GLU A 103 -5.96 -2.89 5.34
CA GLU A 103 -4.78 -2.10 5.08
C GLU A 103 -4.46 -2.13 3.59
N SER A 104 -3.95 -1.02 3.07
CA SER A 104 -3.58 -0.90 1.67
C SER A 104 -2.40 -1.83 1.36
N LEU A 105 -2.41 -2.41 0.17
CA LEU A 105 -1.44 -3.46 -0.16
C LEU A 105 -0.22 -2.90 -0.87
N ASP A 106 0.92 -3.52 -0.61
CA ASP A 106 2.14 -3.23 -1.34
C ASP A 106 2.48 -4.38 -2.28
N ARG A 107 2.07 -4.21 -3.53
CA ARG A 107 2.27 -5.22 -4.56
C ARG A 107 3.75 -5.33 -4.99
N THR A 108 4.58 -4.35 -4.64
CA THR A 108 5.95 -4.32 -5.14
C THR A 108 6.84 -5.08 -4.18
N THR A 109 6.43 -5.08 -2.92
CA THR A 109 7.15 -5.75 -1.87
C THR A 109 6.58 -7.15 -1.64
N ILE A 110 5.65 -7.54 -2.52
CA ILE A 110 5.05 -8.86 -2.49
C ILE A 110 6.12 -9.96 -2.65
N ALA A 111 7.14 -9.66 -3.45
CA ALA A 111 8.23 -10.61 -3.67
C ALA A 111 9.08 -10.81 -2.42
N ASP A 112 9.25 -9.74 -1.65
CA ASP A 112 9.96 -9.82 -0.36
C ASP A 112 9.16 -10.66 0.62
N ILE A 113 7.84 -10.50 0.58
CA ILE A 113 6.94 -11.29 1.40
C ILE A 113 6.97 -12.76 0.97
N GLU A 114 6.96 -12.98 -0.35
CA GLU A 114 7.03 -14.32 -0.94
C GLU A 114 8.29 -15.05 -0.49
N LYS A 115 9.43 -14.37 -0.57
CA LYS A 115 10.72 -14.95 -0.20
C LYS A 115 10.80 -15.19 1.31
N GLY A 116 10.18 -14.30 2.08
CA GLY A 116 10.15 -14.45 3.53
C GLY A 116 9.33 -15.65 3.97
N LEU A 117 8.24 -15.92 3.27
CA LEU A 117 7.40 -17.08 3.54
C LEU A 117 8.08 -18.37 3.09
N GLU A 118 8.87 -18.27 2.02
CA GLU A 118 9.66 -19.40 1.53
C GLU A 118 10.74 -19.77 2.54
N ASP A 119 11.40 -18.76 3.09
CA ASP A 119 12.46 -18.97 4.07
C ASP A 119 11.87 -19.50 5.38
N PHE A 120 10.64 -19.10 5.67
CA PHE A 120 9.90 -19.59 6.82
C PHE A 120 9.71 -21.11 6.73
N TYR A 121 9.30 -21.57 5.55
CA TYR A 121 9.10 -22.99 5.30
C TYR A 121 10.42 -23.77 5.37
N TYR A 122 11.48 -23.10 4.89
CA TYR A 122 12.82 -23.67 4.87
C TYR A 122 13.39 -23.86 6.29
N SER A 123 13.03 -22.95 7.18
CA SER A 123 13.55 -22.95 8.55
C SER A 123 12.96 -24.11 9.38
N VAL A 124 11.73 -24.51 9.06
CA VAL A 124 11.04 -25.54 9.82
C VAL A 124 11.54 -26.94 9.43
N GLY A 125 10.94 -27.50 8.40
CA GLY A 125 11.26 -28.86 8.00
C GLY A 125 11.99 -28.94 6.68
N LYS A 126 12.56 -27.81 6.24
CA LYS A 126 13.18 -27.68 4.93
C LYS A 126 12.14 -27.93 3.84
N TYR A 127 10.99 -27.29 4.01
CA TYR A 127 9.86 -27.50 3.13
C TYR A 127 10.09 -26.81 1.79
N SER A 128 10.01 -27.59 0.73
CA SER A 128 10.15 -27.06 -0.62
C SER A 128 8.82 -26.47 -1.07
N ALA A 129 8.86 -25.26 -1.61
CA ALA A 129 7.66 -24.58 -2.04
C ALA A 129 7.97 -23.59 -3.16
N SER A 130 7.04 -23.50 -4.09
CA SER A 130 7.07 -22.46 -5.11
C SER A 130 5.88 -21.56 -4.91
N VAL A 131 6.14 -20.31 -4.54
CA VAL A 131 5.08 -19.42 -4.08
C VAL A 131 4.68 -18.40 -5.14
N LYS A 132 3.38 -18.24 -5.30
CA LYS A 132 2.83 -17.24 -6.19
C LYS A 132 1.76 -16.42 -5.48
N ALA A 133 1.99 -15.14 -5.31
CA ALA A 133 0.98 -14.25 -4.74
C ALA A 133 0.21 -13.57 -5.87
N VAL A 134 -1.06 -13.95 -5.99
CA VAL A 134 -1.90 -13.47 -7.07
C VAL A 134 -2.96 -12.52 -6.54
N VAL A 135 -2.98 -11.30 -7.05
CA VAL A 135 -3.97 -10.32 -6.63
C VAL A 135 -5.09 -10.24 -7.65
N THR A 136 -6.32 -10.37 -7.17
CA THR A 136 -7.49 -10.24 -8.02
C THR A 136 -8.38 -9.10 -7.53
N PRO A 137 -8.63 -8.11 -8.40
CA PRO A 137 -9.38 -6.91 -8.05
C PRO A 137 -10.88 -7.09 -8.20
N LEU A 138 -11.63 -6.41 -7.33
CA LEU A 138 -13.07 -6.33 -7.43
C LEU A 138 -13.47 -4.94 -7.96
N PRO A 139 -14.70 -4.79 -8.52
CA PRO A 139 -15.15 -3.52 -9.13
C PRO A 139 -15.42 -2.39 -8.11
N ARG A 140 -14.36 -1.95 -7.46
CA ARG A 140 -14.39 -0.80 -6.56
C ARG A 140 -12.95 -0.34 -6.30
N ASN A 141 -12.48 -0.49 -5.06
CA ASN A 141 -11.08 -0.20 -4.75
C ASN A 141 -10.54 -1.16 -3.69
N ARG A 142 -10.69 -2.45 -3.96
CA ARG A 142 -10.14 -3.48 -3.09
C ARG A 142 -9.62 -4.65 -3.91
N VAL A 143 -8.74 -5.43 -3.30
CA VAL A 143 -8.18 -6.61 -3.95
C VAL A 143 -8.25 -7.81 -3.01
N ASP A 144 -8.31 -8.98 -3.60
CA ASP A 144 -8.21 -10.22 -2.85
C ASP A 144 -6.88 -10.88 -3.20
N LEU A 145 -6.10 -11.18 -2.18
CA LEU A 145 -4.75 -11.67 -2.37
C LEU A 145 -4.67 -13.16 -2.10
N LYS A 146 -4.32 -13.91 -3.13
CA LYS A 146 -4.22 -15.35 -3.02
C LYS A 146 -2.77 -15.79 -2.96
N LEU A 147 -2.48 -16.64 -2.00
CA LEU A 147 -1.15 -17.18 -1.83
C LEU A 147 -1.14 -18.63 -2.28
N VAL A 148 -0.49 -18.88 -3.40
CA VAL A 148 -0.41 -20.22 -3.96
C VAL A 148 0.93 -20.86 -3.64
N PHE A 149 0.90 -21.89 -2.81
CA PHE A 149 2.10 -22.62 -2.47
C PHE A 149 2.10 -23.96 -3.19
N GLN A 150 3.09 -24.16 -4.04
CA GLN A 150 3.27 -25.43 -4.72
C GLN A 150 4.15 -26.33 -3.88
N GLU A 151 3.61 -27.48 -3.51
CA GLU A 151 4.31 -28.42 -2.64
C GLU A 151 5.46 -29.10 -3.38
N GLY A 152 6.68 -28.79 -2.96
CA GLY A 152 7.85 -29.34 -3.57
C GLY A 152 8.37 -28.44 -4.67
N VAL A 153 8.74 -29.07 -5.79
CA VAL A 153 9.29 -28.38 -6.97
C VAL A 153 10.59 -27.63 -6.63
N SER A 154 10.48 -26.37 -6.23
CA SER A 154 11.65 -25.52 -6.05
C SER A 154 12.20 -25.59 -4.62
N ALA A 1 11.48 30.34 -2.22
CA ALA A 1 10.25 29.72 -2.80
C ALA A 1 9.53 28.88 -1.75
N GLU A 2 9.30 29.50 -0.59
CA GLU A 2 8.62 28.84 0.51
C GLU A 2 7.69 29.84 1.18
N GLY A 3 6.57 29.35 1.69
CA GLY A 3 5.53 30.25 2.16
C GLY A 3 4.87 30.96 1.01
N PHE A 4 4.50 30.18 0.00
CA PHE A 4 3.96 30.70 -1.23
C PHE A 4 2.49 30.38 -1.36
N VAL A 5 1.79 31.21 -2.13
CA VAL A 5 0.39 30.96 -2.42
C VAL A 5 0.28 29.93 -3.53
N VAL A 6 -0.33 28.78 -3.23
CA VAL A 6 -0.50 27.73 -4.21
C VAL A 6 -1.58 28.09 -5.21
N LYS A 7 -1.20 28.12 -6.46
CA LYS A 7 -2.13 28.42 -7.54
C LYS A 7 -2.69 27.14 -8.14
N ASP A 8 -1.95 26.05 -7.96
CA ASP A 8 -2.36 24.76 -8.48
C ASP A 8 -1.79 23.63 -7.64
N ILE A 9 -2.62 22.62 -7.41
CA ILE A 9 -2.20 21.42 -6.72
C ILE A 9 -2.36 20.23 -7.66
N HIS A 10 -1.28 19.51 -7.87
CA HIS A 10 -1.27 18.39 -8.79
C HIS A 10 -0.87 17.12 -8.07
N PHE A 11 -1.63 16.06 -8.29
CA PHE A 11 -1.37 14.80 -7.60
C PHE A 11 -0.71 13.79 -8.54
N GLU A 12 0.28 13.09 -8.02
CA GLU A 12 1.03 12.12 -8.81
C GLU A 12 0.90 10.73 -8.20
N GLY A 13 -0.28 10.16 -8.31
CA GLY A 13 -0.54 8.84 -7.77
C GLY A 13 -2.01 8.58 -7.55
N LEU A 14 -2.79 9.66 -7.54
CA LEU A 14 -4.24 9.56 -7.42
C LEU A 14 -4.84 8.73 -8.55
N GLN A 15 -5.60 7.70 -8.18
CA GLN A 15 -6.16 6.79 -9.17
C GLN A 15 -7.57 6.33 -8.77
N ARG A 16 -8.28 7.20 -8.06
CA ARG A 16 -9.64 6.93 -7.62
C ARG A 16 -10.26 8.20 -7.04
N VAL A 17 -9.54 8.81 -6.12
CA VAL A 17 -9.93 10.09 -5.55
C VAL A 17 -9.55 11.20 -6.52
N ALA A 18 -10.41 12.21 -6.64
CA ALA A 18 -10.13 13.35 -7.49
C ALA A 18 -9.44 14.45 -6.72
N VAL A 19 -8.73 15.32 -7.45
CA VAL A 19 -7.92 16.38 -6.82
C VAL A 19 -8.74 17.35 -5.98
N GLY A 20 -9.99 17.59 -6.37
CA GLY A 20 -10.86 18.45 -5.60
C GLY A 20 -11.30 17.81 -4.29
N ALA A 21 -11.54 16.50 -4.34
CA ALA A 21 -11.90 15.73 -3.16
C ALA A 21 -10.70 15.55 -2.24
N ALA A 22 -9.53 15.37 -2.86
CA ALA A 22 -8.28 15.18 -2.15
C ALA A 22 -7.84 16.47 -1.45
N LEU A 23 -8.14 17.62 -2.08
CA LEU A 23 -7.92 18.93 -1.51
C LEU A 23 -8.61 19.11 -0.15
N LEU A 24 -9.75 18.45 0.04
CA LEU A 24 -10.54 18.59 1.26
C LEU A 24 -9.86 17.90 2.44
N SER A 25 -8.88 17.06 2.17
CA SER A 25 -8.10 16.40 3.22
C SER A 25 -6.83 17.19 3.51
N MET A 26 -6.56 18.20 2.70
CA MET A 26 -5.37 19.02 2.87
C MET A 26 -5.71 20.25 3.69
N PRO A 27 -4.86 20.59 4.69
CA PRO A 27 -5.04 21.78 5.53
C PRO A 27 -4.91 23.08 4.75
N VAL A 28 -4.11 23.06 3.68
CA VAL A 28 -3.96 24.22 2.82
C VAL A 28 -4.71 24.00 1.51
N ARG A 29 -5.19 25.10 0.94
CA ARG A 29 -6.02 25.06 -0.26
C ARG A 29 -5.52 26.04 -1.28
N THR A 30 -6.20 26.04 -2.41
CA THR A 30 -5.83 26.91 -3.51
C THR A 30 -6.10 28.37 -3.16
N GLY A 31 -5.05 29.18 -3.20
CA GLY A 31 -5.17 30.57 -2.79
C GLY A 31 -4.59 30.80 -1.41
N ASP A 32 -4.20 29.72 -0.75
CA ASP A 32 -3.65 29.80 0.60
C ASP A 32 -2.13 29.74 0.55
N THR A 33 -1.50 30.26 1.60
CA THR A 33 -0.06 30.25 1.72
C THR A 33 0.40 29.01 2.50
N VAL A 34 1.46 28.36 2.03
CA VAL A 34 1.91 27.12 2.65
C VAL A 34 3.43 27.14 2.90
N ASN A 35 3.80 26.80 4.13
CA ASN A 35 5.20 26.70 4.53
C ASN A 35 5.65 25.24 4.46
N ASP A 36 6.89 24.99 4.86
CA ASP A 36 7.43 23.64 4.91
C ASP A 36 6.67 22.80 5.95
N GLU A 37 6.12 23.47 6.95
CA GLU A 37 5.31 22.80 7.95
C GLU A 37 3.95 22.39 7.36
N ASP A 38 3.45 23.17 6.39
CA ASP A 38 2.22 22.84 5.68
C ASP A 38 2.44 21.73 4.67
N ILE A 39 3.67 21.64 4.15
CA ILE A 39 4.05 20.51 3.31
C ILE A 39 3.99 19.21 4.14
N SER A 40 4.56 19.25 5.33
CA SER A 40 4.50 18.12 6.25
C SER A 40 3.08 17.92 6.79
N ASN A 41 2.33 19.01 6.86
CA ASN A 41 0.94 18.98 7.31
C ASN A 41 0.05 18.27 6.31
N THR A 42 0.23 18.59 5.02
CA THR A 42 -0.50 17.90 3.97
C THR A 42 -0.11 16.42 3.92
N ILE A 43 1.18 16.13 4.12
CA ILE A 43 1.67 14.75 4.22
C ILE A 43 0.93 13.98 5.32
N ARG A 44 0.93 14.51 6.55
CA ARG A 44 0.33 13.80 7.69
C ARG A 44 -1.20 13.74 7.59
N ALA A 45 -1.81 14.75 6.97
CA ALA A 45 -3.27 14.79 6.84
C ALA A 45 -3.75 13.71 5.88
N LEU A 46 -3.14 13.65 4.71
CA LEU A 46 -3.48 12.65 3.70
C LEU A 46 -3.06 11.26 4.16
N PHE A 47 -2.00 11.18 4.95
CA PHE A 47 -1.57 9.92 5.55
C PHE A 47 -2.65 9.39 6.50
N ALA A 48 -3.23 10.30 7.28
CA ALA A 48 -4.26 9.98 8.26
C ALA A 48 -5.59 9.55 7.63
N THR A 49 -5.75 9.76 6.32
CA THR A 49 -7.02 9.44 5.66
C THR A 49 -7.13 7.94 5.37
N GLY A 50 -5.98 7.26 5.32
CA GLY A 50 -5.95 5.82 5.10
C GLY A 50 -6.36 5.42 3.70
N ASN A 51 -6.28 6.36 2.77
CA ASN A 51 -6.63 6.09 1.37
C ASN A 51 -5.42 5.61 0.59
N PHE A 52 -4.24 6.05 1.02
CA PHE A 52 -3.00 5.71 0.35
C PHE A 52 -1.99 5.19 1.37
N GLU A 53 -0.96 4.51 0.88
CA GLU A 53 0.05 3.91 1.73
C GLU A 53 1.13 4.92 2.11
N ASP A 54 1.50 5.79 1.17
CA ASP A 54 2.54 6.77 1.41
C ASP A 54 2.15 8.09 0.76
N VAL A 55 2.51 9.19 1.40
CA VAL A 55 2.19 10.52 0.88
C VAL A 55 3.45 11.39 0.85
N ARG A 56 3.83 11.83 -0.34
CA ARG A 56 4.97 12.71 -0.50
C ARG A 56 4.55 14.02 -1.12
N VAL A 57 4.77 15.11 -0.40
CA VAL A 57 4.44 16.43 -0.90
C VAL A 57 5.71 17.18 -1.28
N LEU A 58 5.77 17.63 -2.53
CA LEU A 58 6.91 18.36 -3.03
C LEU A 58 6.44 19.72 -3.50
N ARG A 59 7.29 20.71 -3.34
CA ARG A 59 6.93 22.05 -3.75
C ARG A 59 7.71 22.42 -5.01
N ASP A 60 7.01 22.96 -5.98
CA ASP A 60 7.64 23.39 -7.23
C ASP A 60 7.12 24.76 -7.62
N GLY A 61 7.87 25.80 -7.24
CA GLY A 61 7.44 27.16 -7.48
C GLY A 61 6.16 27.50 -6.73
N ASP A 62 5.07 27.63 -7.49
CA ASP A 62 3.75 27.91 -6.93
C ASP A 62 2.86 26.69 -6.98
N THR A 63 3.42 25.59 -7.46
CA THR A 63 2.65 24.37 -7.63
C THR A 63 3.00 23.35 -6.57
N LEU A 64 1.99 22.76 -5.98
CA LEU A 64 2.18 21.74 -4.96
C LEU A 64 1.91 20.37 -5.55
N LEU A 65 2.95 19.55 -5.65
CA LEU A 65 2.84 18.24 -6.25
C LEU A 65 2.81 17.17 -5.16
N VAL A 66 1.68 16.51 -5.02
CA VAL A 66 1.50 15.50 -4.01
C VAL A 66 1.40 14.12 -4.64
N GLN A 67 2.46 13.35 -4.51
CA GLN A 67 2.47 11.97 -5.00
C GLN A 67 2.04 11.03 -3.89
N VAL A 68 1.19 10.08 -4.23
CA VAL A 68 0.70 9.13 -3.24
C VAL A 68 0.93 7.71 -3.73
N LYS A 69 1.26 6.84 -2.80
CA LYS A 69 1.62 5.47 -3.11
C LYS A 69 0.45 4.54 -2.86
N GLU A 70 0.34 3.54 -3.74
CA GLU A 70 -0.64 2.46 -3.64
C GLU A 70 -2.05 2.93 -3.98
N ARG A 71 -3.01 2.03 -3.79
CA ARG A 71 -4.38 2.23 -4.27
C ARG A 71 -5.32 1.13 -3.72
N PRO A 72 -5.04 -0.18 -3.96
CA PRO A 72 -5.96 -1.24 -3.58
C PRO A 72 -5.87 -1.64 -2.11
N THR A 73 -7.04 -1.91 -1.53
CA THR A 73 -7.13 -2.41 -0.17
C THR A 73 -7.27 -3.92 -0.16
N ILE A 74 -6.51 -4.60 0.68
CA ILE A 74 -6.70 -6.03 0.88
C ILE A 74 -7.99 -6.23 1.67
N ALA A 75 -8.95 -6.90 1.07
CA ALA A 75 -10.22 -7.14 1.72
C ALA A 75 -10.25 -8.53 2.34
N SER A 76 -9.58 -9.47 1.69
CA SER A 76 -9.48 -10.84 2.19
C SER A 76 -8.14 -11.44 1.80
N ILE A 77 -7.57 -12.23 2.70
CA ILE A 77 -6.39 -13.03 2.36
C ILE A 77 -6.75 -14.50 2.45
N THR A 78 -6.56 -15.22 1.37
CA THR A 78 -6.96 -16.61 1.30
C THR A 78 -5.77 -17.50 0.97
N PHE A 79 -5.62 -18.57 1.71
CA PHE A 79 -4.47 -19.44 1.58
C PHE A 79 -4.89 -20.79 1.00
N SER A 80 -4.14 -21.30 0.03
CA SER A 80 -4.47 -22.56 -0.62
C SER A 80 -3.23 -23.44 -0.78
N GLY A 81 -3.27 -24.64 -0.19
CA GLY A 81 -2.17 -25.59 -0.35
C GLY A 81 -1.15 -25.49 0.76
N ASN A 82 -1.59 -25.10 1.94
CA ASN A 82 -0.72 -24.92 3.08
C ASN A 82 -0.94 -26.04 4.11
N LYS A 83 -0.63 -27.26 3.70
CA LYS A 83 -0.84 -28.42 4.57
C LYS A 83 0.37 -28.63 5.48
N SER A 84 1.49 -28.01 5.13
CA SER A 84 2.71 -28.14 5.91
C SER A 84 2.83 -27.02 6.93
N VAL A 85 2.69 -25.79 6.47
CA VAL A 85 2.68 -24.63 7.35
C VAL A 85 1.25 -24.09 7.41
N LYS A 86 0.74 -23.89 8.61
CA LYS A 86 -0.68 -23.58 8.79
C LYS A 86 -1.04 -22.20 8.28
N ASP A 87 -2.28 -22.09 7.83
CA ASP A 87 -2.90 -20.82 7.44
C ASP A 87 -2.86 -19.82 8.59
N ASP A 88 -3.02 -20.33 9.81
CA ASP A 88 -2.92 -19.52 11.02
C ASP A 88 -1.55 -18.84 11.11
N MET A 89 -0.50 -19.60 10.84
CA MET A 89 0.87 -19.07 10.85
C MET A 89 1.07 -18.09 9.70
N LEU A 90 0.53 -18.45 8.54
CA LEU A 90 0.61 -17.63 7.33
C LEU A 90 -0.07 -16.28 7.52
N LYS A 91 -1.17 -16.28 8.27
CA LYS A 91 -1.92 -15.08 8.54
C LYS A 91 -1.08 -14.05 9.29
N GLN A 92 -0.38 -14.52 10.32
CA GLN A 92 0.42 -13.65 11.15
C GLN A 92 1.72 -13.30 10.43
N ASN A 93 2.17 -14.20 9.57
CA ASN A 93 3.35 -13.98 8.76
C ASN A 93 3.13 -12.79 7.84
N LEU A 94 1.98 -12.77 7.17
CA LEU A 94 1.60 -11.67 6.30
C LEU A 94 1.39 -10.39 7.10
N GLU A 95 0.76 -10.52 8.27
CA GLU A 95 0.49 -9.39 9.16
C GLU A 95 1.77 -8.71 9.60
N ALA A 96 2.78 -9.52 9.93
CA ALA A 96 4.05 -9.02 10.40
C ALA A 96 4.87 -8.40 9.27
N SER A 97 4.56 -8.78 8.04
CA SER A 97 5.26 -8.26 6.88
C SER A 97 4.60 -6.98 6.37
N GLY A 98 3.35 -6.75 6.81
CA GLY A 98 2.68 -5.51 6.50
C GLY A 98 1.35 -5.69 5.80
N VAL A 99 1.18 -6.81 5.11
CA VAL A 99 0.00 -7.04 4.30
C VAL A 99 -1.08 -7.81 5.07
N ARG A 100 -2.11 -7.09 5.50
CA ARG A 100 -3.23 -7.70 6.21
C ARG A 100 -4.56 -7.08 5.77
N VAL A 101 -5.66 -7.61 6.30
CA VAL A 101 -6.99 -7.17 5.90
C VAL A 101 -7.28 -5.75 6.36
N GLY A 102 -7.66 -4.92 5.40
CA GLY A 102 -7.93 -3.51 5.67
C GLY A 102 -6.75 -2.63 5.36
N GLU A 103 -5.58 -3.24 5.23
CA GLU A 103 -4.37 -2.52 4.92
C GLU A 103 -4.22 -2.32 3.41
N SER A 104 -3.48 -1.30 3.04
CA SER A 104 -3.10 -1.09 1.66
C SER A 104 -2.03 -2.10 1.28
N LEU A 105 -2.18 -2.74 0.14
CA LEU A 105 -1.28 -3.82 -0.23
C LEU A 105 -0.11 -3.31 -1.05
N ASP A 106 1.07 -3.81 -0.74
CA ASP A 106 2.28 -3.49 -1.47
C ASP A 106 2.73 -4.68 -2.28
N ARG A 107 2.45 -4.62 -3.58
CA ARG A 107 2.78 -5.67 -4.52
C ARG A 107 4.29 -5.75 -4.76
N THR A 108 5.02 -4.70 -4.39
CA THR A 108 6.46 -4.65 -4.66
C THR A 108 7.22 -5.39 -3.57
N THR A 109 6.58 -5.61 -2.42
CA THR A 109 7.20 -6.40 -1.35
C THR A 109 6.71 -7.84 -1.38
N ILE A 110 5.82 -8.14 -2.34
CA ILE A 110 5.22 -9.47 -2.49
C ILE A 110 6.29 -10.53 -2.72
N ALA A 111 7.34 -10.17 -3.45
CA ALA A 111 8.41 -11.11 -3.78
C ALA A 111 9.19 -11.52 -2.54
N ASP A 112 9.41 -10.58 -1.62
CA ASP A 112 10.10 -10.87 -0.37
C ASP A 112 9.18 -11.63 0.58
N ILE A 113 7.88 -11.40 0.46
CA ILE A 113 6.88 -12.16 1.22
C ILE A 113 6.88 -13.63 0.75
N GLU A 114 6.93 -13.83 -0.56
CA GLU A 114 7.01 -15.15 -1.15
C GLU A 114 8.30 -15.86 -0.72
N LYS A 115 9.41 -15.11 -0.72
CA LYS A 115 10.70 -15.63 -0.26
C LYS A 115 10.64 -16.03 1.22
N GLY A 116 9.98 -15.20 2.02
CA GLY A 116 9.86 -15.46 3.46
C GLY A 116 9.03 -16.69 3.75
N LEU A 117 7.98 -16.90 2.97
CA LEU A 117 7.13 -18.06 3.13
C LEU A 117 7.81 -19.32 2.60
N GLU A 118 8.64 -19.15 1.57
CA GLU A 118 9.45 -20.25 1.03
C GLU A 118 10.47 -20.71 2.07
N ASP A 119 11.05 -19.74 2.76
CA ASP A 119 12.02 -20.03 3.82
C ASP A 119 11.34 -20.73 4.99
N PHE A 120 10.13 -20.29 5.31
CA PHE A 120 9.34 -20.88 6.40
C PHE A 120 9.02 -22.34 6.11
N TYR A 121 8.65 -22.62 4.87
CA TYR A 121 8.32 -23.97 4.43
C TYR A 121 9.54 -24.89 4.47
N TYR A 122 10.67 -24.37 4.04
CA TYR A 122 11.91 -25.14 4.02
C TYR A 122 12.48 -25.36 5.42
N SER A 123 12.27 -24.39 6.31
CA SER A 123 12.85 -24.44 7.65
C SER A 123 12.21 -25.50 8.54
N VAL A 124 10.91 -25.76 8.34
CA VAL A 124 10.20 -26.70 9.21
C VAL A 124 10.54 -28.16 8.87
N GLY A 125 9.98 -28.70 7.80
CA GLY A 125 10.26 -30.08 7.42
C GLY A 125 11.00 -30.19 6.11
N LYS A 126 11.60 -29.08 5.68
CA LYS A 126 12.23 -28.97 4.36
C LYS A 126 11.23 -29.31 3.26
N TYR A 127 10.14 -28.56 3.24
CA TYR A 127 9.10 -28.74 2.26
C TYR A 127 9.34 -27.85 1.06
N SER A 128 9.65 -28.47 -0.07
CA SER A 128 9.86 -27.75 -1.32
C SER A 128 8.51 -27.29 -1.89
N ALA A 129 8.18 -26.04 -1.65
CA ALA A 129 6.90 -25.50 -2.09
C ALA A 129 7.08 -24.55 -3.27
N SER A 130 6.11 -24.57 -4.16
CA SER A 130 6.05 -23.59 -5.23
C SER A 130 5.06 -22.50 -4.83
N VAL A 131 5.58 -21.29 -4.64
CA VAL A 131 4.78 -20.21 -4.07
C VAL A 131 4.33 -19.22 -5.15
N LYS A 132 3.02 -19.01 -5.23
CA LYS A 132 2.47 -18.00 -6.13
C LYS A 132 1.47 -17.11 -5.38
N ALA A 133 1.79 -15.83 -5.28
CA ALA A 133 0.85 -14.88 -4.69
C ALA A 133 0.07 -14.18 -5.79
N VAL A 134 -1.22 -14.47 -5.84
CA VAL A 134 -2.11 -13.94 -6.85
C VAL A 134 -3.04 -12.90 -6.23
N VAL A 135 -2.97 -11.68 -6.73
CA VAL A 135 -3.88 -10.64 -6.28
C VAL A 135 -5.00 -10.46 -7.28
N THR A 136 -6.19 -10.82 -6.87
CA THR A 136 -7.35 -10.74 -7.73
C THR A 136 -8.22 -9.54 -7.36
N PRO A 137 -8.36 -8.59 -8.29
CA PRO A 137 -9.09 -7.35 -8.06
C PRO A 137 -10.61 -7.51 -8.18
N LEU A 138 -11.33 -6.90 -7.26
CA LEU A 138 -12.77 -6.78 -7.37
C LEU A 138 -13.11 -5.35 -7.78
N PRO A 139 -14.15 -5.16 -8.62
CA PRO A 139 -14.43 -3.87 -9.30
C PRO A 139 -14.82 -2.73 -8.35
N ARG A 140 -13.81 -2.10 -7.75
CA ARG A 140 -13.98 -0.86 -6.99
C ARG A 140 -12.61 -0.28 -6.65
N ASN A 141 -11.99 -0.79 -5.59
CA ASN A 141 -10.67 -0.35 -5.15
C ASN A 141 -10.06 -1.37 -4.19
N ARG A 142 -10.54 -2.61 -4.28
CA ARG A 142 -10.14 -3.64 -3.34
C ARG A 142 -9.65 -4.89 -4.08
N VAL A 143 -8.81 -5.67 -3.39
CA VAL A 143 -8.26 -6.90 -3.95
C VAL A 143 -8.30 -8.02 -2.92
N ASP A 144 -8.22 -9.25 -3.41
CA ASP A 144 -8.05 -10.41 -2.54
C ASP A 144 -6.67 -11.00 -2.79
N LEU A 145 -5.95 -11.27 -1.73
CA LEU A 145 -4.61 -11.81 -1.84
C LEU A 145 -4.64 -13.31 -1.61
N LYS A 146 -4.32 -14.06 -2.65
CA LYS A 146 -4.35 -15.50 -2.59
C LYS A 146 -2.96 -16.08 -2.67
N LEU A 147 -2.71 -17.00 -1.78
CA LEU A 147 -1.41 -17.63 -1.69
C LEU A 147 -1.53 -19.07 -2.13
N VAL A 148 -0.97 -19.37 -3.28
CA VAL A 148 -1.06 -20.71 -3.87
C VAL A 148 0.22 -21.47 -3.62
N PHE A 149 0.13 -22.50 -2.79
CA PHE A 149 1.29 -23.30 -2.41
C PHE A 149 1.14 -24.74 -2.90
N GLN A 150 2.16 -25.26 -3.54
CA GLN A 150 2.23 -26.68 -3.84
C GLN A 150 3.24 -27.32 -2.89
N GLU A 151 2.76 -28.19 -2.03
CA GLU A 151 3.59 -28.73 -0.94
C GLU A 151 4.32 -30.00 -1.36
N GLY A 152 5.61 -29.85 -1.64
CA GLY A 152 6.44 -30.99 -1.97
C GLY A 152 6.30 -31.43 -3.41
N VAL A 153 5.26 -32.25 -3.64
CA VAL A 153 4.92 -32.86 -4.96
C VAL A 153 6.01 -33.81 -5.50
N SER A 154 7.26 -33.36 -5.58
CA SER A 154 8.34 -34.18 -6.11
C SER A 154 9.69 -33.81 -5.47
N ALA A 1 11.14 30.69 1.79
CA ALA A 1 11.04 29.22 1.60
C ALA A 1 9.59 28.82 1.40
N GLU A 2 8.79 28.94 2.46
CA GLU A 2 7.38 28.62 2.38
C GLU A 2 6.55 29.89 2.27
N GLY A 3 5.26 29.73 2.01
CA GLY A 3 4.39 30.86 1.76
C GLY A 3 4.52 31.34 0.34
N PHE A 4 4.49 30.38 -0.57
CA PHE A 4 4.60 30.66 -1.99
C PHE A 4 3.28 30.35 -2.68
N VAL A 5 3.03 31.00 -3.80
CA VAL A 5 1.87 30.72 -4.62
C VAL A 5 2.12 29.43 -5.42
N VAL A 6 1.37 28.39 -5.11
CA VAL A 6 1.49 27.13 -5.81
C VAL A 6 0.83 27.24 -7.17
N LYS A 7 1.59 26.95 -8.20
CA LYS A 7 1.11 27.07 -9.57
C LYS A 7 0.46 25.77 -10.02
N ASP A 8 1.02 24.65 -9.58
CA ASP A 8 0.51 23.35 -9.99
C ASP A 8 0.62 22.34 -8.86
N ILE A 9 -0.36 21.47 -8.76
CA ILE A 9 -0.30 20.36 -7.83
C ILE A 9 -0.01 19.07 -8.59
N HIS A 10 1.08 18.42 -8.23
CA HIS A 10 1.46 17.18 -8.87
C HIS A 10 1.31 16.04 -7.86
N PHE A 11 0.58 15.02 -8.25
CA PHE A 11 0.39 13.87 -7.41
C PHE A 11 1.21 12.70 -7.93
N GLU A 12 2.18 12.27 -7.13
CA GLU A 12 3.06 11.18 -7.53
C GLU A 12 2.65 9.91 -6.80
N GLY A 13 1.48 9.40 -7.17
CA GLY A 13 1.00 8.16 -6.59
C GLY A 13 -0.43 7.89 -6.98
N LEU A 14 -1.32 8.01 -6.00
CA LEU A 14 -2.76 7.79 -6.19
C LEU A 14 -3.06 6.38 -6.74
N GLN A 15 -4.22 6.23 -7.38
CA GLN A 15 -4.63 4.97 -8.00
C GLN A 15 -5.88 5.20 -8.85
N ARG A 16 -7.04 5.21 -8.20
CA ARG A 16 -8.29 5.52 -8.86
C ARG A 16 -8.91 6.76 -8.24
N VAL A 17 -8.13 7.44 -7.41
CA VAL A 17 -8.53 8.70 -6.82
C VAL A 17 -7.98 9.83 -7.68
N ALA A 18 -8.86 10.70 -8.14
CA ALA A 18 -8.46 11.78 -9.04
C ALA A 18 -7.97 12.99 -8.27
N VAL A 19 -7.18 13.82 -8.96
CA VAL A 19 -6.58 15.01 -8.36
C VAL A 19 -7.64 16.01 -7.85
N GLY A 20 -8.81 16.01 -8.49
CA GLY A 20 -9.89 16.87 -8.04
C GLY A 20 -10.53 16.37 -6.77
N ALA A 21 -10.61 15.06 -6.64
CA ALA A 21 -11.15 14.43 -5.42
C ALA A 21 -10.12 14.49 -4.30
N ALA A 22 -8.86 14.39 -4.68
CA ALA A 22 -7.75 14.46 -3.75
C ALA A 22 -7.59 15.89 -3.22
N LEU A 23 -7.82 16.87 -4.09
CA LEU A 23 -7.86 18.28 -3.71
C LEU A 23 -8.92 18.57 -2.66
N LEU A 24 -10.02 17.81 -2.70
CA LEU A 24 -11.11 17.97 -1.73
C LEU A 24 -10.68 17.52 -0.34
N SER A 25 -9.65 16.68 -0.28
CA SER A 25 -9.09 16.25 0.99
C SER A 25 -8.01 17.22 1.46
N MET A 26 -7.48 17.98 0.52
CA MET A 26 -6.48 19.00 0.80
C MET A 26 -7.16 20.27 1.30
N PRO A 27 -6.60 20.92 2.32
CA PRO A 27 -7.12 22.19 2.86
C PRO A 27 -6.85 23.37 1.93
N VAL A 28 -5.95 23.18 0.98
CA VAL A 28 -5.54 24.25 0.07
C VAL A 28 -5.95 23.93 -1.37
N ARG A 29 -5.86 24.92 -2.24
CA ARG A 29 -6.21 24.76 -3.65
C ARG A 29 -5.08 25.27 -4.55
N THR A 30 -5.24 25.06 -5.85
CA THR A 30 -4.29 25.52 -6.84
C THR A 30 -4.30 27.04 -6.93
N GLY A 31 -3.13 27.66 -6.73
CA GLY A 31 -3.06 29.10 -6.81
C GLY A 31 -2.96 29.74 -5.43
N ASP A 32 -3.08 28.91 -4.41
CA ASP A 32 -3.03 29.36 -3.02
C ASP A 32 -1.61 29.69 -2.59
N THR A 33 -1.51 30.56 -1.60
CA THR A 33 -0.23 30.83 -0.97
C THR A 33 -0.09 29.91 0.25
N VAL A 34 0.85 28.98 0.19
CA VAL A 34 0.87 27.88 1.12
C VAL A 34 2.11 27.90 2.00
N ASN A 35 1.88 27.85 3.29
CA ASN A 35 2.95 27.90 4.28
C ASN A 35 3.30 26.50 4.77
N ASP A 36 4.23 26.42 5.71
CA ASP A 36 4.64 25.14 6.30
C ASP A 36 3.47 24.52 7.06
N GLU A 37 2.59 25.38 7.57
CA GLU A 37 1.38 24.94 8.24
C GLU A 37 0.47 24.22 7.27
N ASP A 38 0.33 24.79 6.07
CA ASP A 38 -0.53 24.23 5.02
C ASP A 38 0.04 22.92 4.48
N ILE A 39 1.36 22.83 4.41
CA ILE A 39 2.01 21.59 4.00
C ILE A 39 1.68 20.46 5.00
N SER A 40 1.89 20.75 6.29
CA SER A 40 1.65 19.76 7.35
C SER A 40 0.15 19.45 7.48
N ASN A 41 -0.67 20.47 7.28
CA ASN A 41 -2.13 20.33 7.33
C ASN A 41 -2.61 19.41 6.24
N THR A 42 -2.08 19.61 5.03
CA THR A 42 -2.37 18.72 3.90
C THR A 42 -1.93 17.27 4.22
N ILE A 43 -0.74 17.12 4.84
CA ILE A 43 -0.22 15.80 5.21
C ILE A 43 -1.22 15.06 6.11
N ARG A 44 -1.61 15.67 7.22
CA ARG A 44 -2.51 15.03 8.18
C ARG A 44 -3.93 14.90 7.63
N ALA A 45 -4.32 15.81 6.74
CA ALA A 45 -5.65 15.76 6.12
C ALA A 45 -5.81 14.49 5.29
N LEU A 46 -4.85 14.27 4.39
CA LEU A 46 -4.80 13.09 3.55
C LEU A 46 -4.55 11.83 4.36
N PHE A 47 -3.80 11.97 5.45
CA PHE A 47 -3.56 10.83 6.35
C PHE A 47 -4.86 10.43 7.06
N ALA A 48 -5.70 11.42 7.34
CA ALA A 48 -6.99 11.20 8.00
C ALA A 48 -8.01 10.54 7.08
N THR A 49 -7.73 10.48 5.79
CA THR A 49 -8.69 9.93 4.83
C THR A 49 -8.66 8.40 4.85
N GLY A 50 -7.51 7.85 5.27
CA GLY A 50 -7.37 6.41 5.41
C GLY A 50 -7.53 5.65 4.11
N ASN A 51 -7.28 6.31 2.98
CA ASN A 51 -7.39 5.65 1.68
C ASN A 51 -6.02 5.54 1.00
N PHE A 52 -4.98 5.96 1.72
CA PHE A 52 -3.60 5.67 1.33
C PHE A 52 -2.86 5.12 2.54
N GLU A 53 -1.71 4.49 2.32
CA GLU A 53 -0.89 3.98 3.41
C GLU A 53 0.06 5.07 3.91
N ASP A 54 0.70 5.77 3.00
CA ASP A 54 1.66 6.80 3.37
C ASP A 54 1.35 8.09 2.61
N VAL A 55 1.43 9.22 3.32
CA VAL A 55 1.22 10.51 2.70
C VAL A 55 2.45 11.38 2.89
N ARG A 56 3.08 11.75 1.78
CA ARG A 56 4.18 12.68 1.80
C ARG A 56 3.86 13.91 0.97
N VAL A 57 3.86 15.07 1.60
CA VAL A 57 3.67 16.32 0.87
C VAL A 57 4.95 17.12 0.91
N LEU A 58 5.47 17.42 -0.27
CA LEU A 58 6.74 18.11 -0.40
C LEU A 58 6.61 19.20 -1.44
N ARG A 59 7.15 20.36 -1.14
CA ARG A 59 7.11 21.45 -2.08
C ARG A 59 8.38 21.46 -2.94
N ASP A 60 8.20 21.67 -4.23
CA ASP A 60 9.30 21.76 -5.16
C ASP A 60 9.20 23.05 -5.95
N GLY A 61 9.90 24.07 -5.47
CA GLY A 61 9.82 25.38 -6.07
C GLY A 61 8.43 25.99 -5.94
N ASP A 62 7.73 26.07 -7.05
CA ASP A 62 6.37 26.61 -7.10
C ASP A 62 5.35 25.49 -7.29
N THR A 63 5.81 24.27 -7.16
CA THR A 63 4.95 23.11 -7.38
C THR A 63 4.74 22.36 -6.07
N LEU A 64 3.52 21.87 -5.86
CA LEU A 64 3.23 21.07 -4.68
C LEU A 64 3.15 19.61 -5.06
N LEU A 65 4.08 18.82 -4.56
CA LEU A 65 4.19 17.42 -4.92
C LEU A 65 3.72 16.53 -3.78
N VAL A 66 2.61 15.85 -4.01
CA VAL A 66 2.08 14.93 -3.01
C VAL A 66 2.18 13.50 -3.52
N GLN A 67 3.03 12.73 -2.88
CA GLN A 67 3.17 11.31 -3.20
C GLN A 67 2.49 10.50 -2.13
N VAL A 68 1.64 9.60 -2.55
CA VAL A 68 0.92 8.75 -1.62
C VAL A 68 1.14 7.29 -1.99
N LYS A 69 1.27 6.46 -0.97
CA LYS A 69 1.65 5.07 -1.15
C LYS A 69 0.44 4.17 -1.08
N GLU A 70 0.09 3.56 -2.22
CA GLU A 70 -0.96 2.54 -2.30
C GLU A 70 -2.37 3.12 -2.03
N ARG A 71 -3.41 2.30 -2.19
CA ARG A 71 -4.78 2.78 -2.04
C ARG A 71 -5.71 1.75 -1.39
N PRO A 72 -5.91 0.54 -1.97
CA PRO A 72 -6.89 -0.42 -1.45
C PRO A 72 -6.42 -1.15 -0.19
N THR A 73 -7.34 -1.32 0.74
CA THR A 73 -7.06 -1.96 2.02
C THR A 73 -7.30 -3.47 1.91
N ILE A 74 -6.39 -4.27 2.46
CA ILE A 74 -6.59 -5.72 2.52
C ILE A 74 -7.83 -6.01 3.39
N ALA A 75 -8.83 -6.62 2.76
CA ALA A 75 -10.08 -6.90 3.43
C ALA A 75 -10.11 -8.35 3.92
N SER A 76 -9.39 -9.21 3.21
CA SER A 76 -9.30 -10.62 3.58
C SER A 76 -8.04 -11.24 3.00
N ILE A 77 -7.50 -12.23 3.68
CA ILE A 77 -6.40 -13.02 3.15
C ILE A 77 -6.77 -14.49 3.15
N THR A 78 -6.55 -15.15 2.03
CA THR A 78 -6.90 -16.56 1.89
C THR A 78 -5.73 -17.36 1.34
N PHE A 79 -5.64 -18.62 1.75
CA PHE A 79 -4.49 -19.44 1.43
C PHE A 79 -4.89 -20.68 0.64
N SER A 80 -3.97 -21.19 -0.16
CA SER A 80 -4.20 -22.41 -0.94
C SER A 80 -2.91 -23.17 -1.18
N GLY A 81 -2.98 -24.50 -1.17
CA GLY A 81 -1.83 -25.32 -1.52
C GLY A 81 -0.84 -25.54 -0.39
N ASN A 82 -1.26 -25.26 0.84
CA ASN A 82 -0.38 -25.41 2.00
C ASN A 82 -0.71 -26.69 2.74
N LYS A 83 -0.20 -27.80 2.24
CA LYS A 83 -0.41 -29.10 2.88
C LYS A 83 0.63 -29.34 3.97
N SER A 84 1.86 -28.86 3.74
CA SER A 84 2.96 -29.05 4.67
C SER A 84 2.85 -28.08 5.86
N VAL A 85 2.80 -26.79 5.54
CA VAL A 85 2.67 -25.77 6.57
C VAL A 85 1.20 -25.43 6.79
N LYS A 86 0.88 -24.84 7.95
CA LYS A 86 -0.50 -24.50 8.24
C LYS A 86 -0.83 -23.10 7.72
N ASP A 87 -2.08 -22.95 7.29
CA ASP A 87 -2.63 -21.67 6.88
C ASP A 87 -2.73 -20.74 8.08
N ASP A 88 -3.02 -21.32 9.23
CA ASP A 88 -3.05 -20.60 10.51
C ASP A 88 -1.70 -19.97 10.81
N MET A 89 -0.63 -20.69 10.49
CA MET A 89 0.73 -20.19 10.66
C MET A 89 1.02 -19.08 9.65
N LEU A 90 0.61 -19.30 8.39
CA LEU A 90 0.74 -18.30 7.32
C LEU A 90 0.03 -17.00 7.67
N LYS A 91 -1.07 -17.10 8.41
CA LYS A 91 -1.82 -15.93 8.84
C LYS A 91 -0.94 -14.98 9.65
N GLN A 92 -0.23 -15.52 10.62
CA GLN A 92 0.67 -14.73 11.45
C GLN A 92 1.95 -14.44 10.69
N ASN A 93 2.30 -15.34 9.79
CA ASN A 93 3.50 -15.19 8.97
C ASN A 93 3.40 -13.95 8.08
N LEU A 94 2.20 -13.67 7.60
CA LEU A 94 1.93 -12.47 6.82
C LEU A 94 1.89 -11.25 7.72
N GLU A 95 1.32 -11.41 8.91
CA GLU A 95 1.20 -10.33 9.89
C GLU A 95 2.58 -9.85 10.33
N ALA A 96 3.54 -10.77 10.35
CA ALA A 96 4.91 -10.47 10.76
C ALA A 96 5.65 -9.65 9.71
N SER A 97 5.24 -9.77 8.45
CA SER A 97 5.82 -8.98 7.37
C SER A 97 5.08 -7.64 7.26
N GLY A 98 3.90 -7.56 7.85
CA GLY A 98 3.16 -6.31 7.89
C GLY A 98 1.81 -6.38 7.22
N VAL A 99 1.64 -7.34 6.32
CA VAL A 99 0.40 -7.44 5.56
C VAL A 99 -0.67 -8.22 6.33
N ARG A 100 -1.68 -7.51 6.81
CA ARG A 100 -2.76 -8.12 7.56
C ARG A 100 -4.10 -7.49 7.17
N VAL A 101 -5.19 -8.08 7.66
CA VAL A 101 -6.53 -7.60 7.36
C VAL A 101 -6.79 -6.28 8.08
N GLY A 102 -7.22 -5.29 7.30
CA GLY A 102 -7.45 -3.96 7.84
C GLY A 102 -6.27 -3.05 7.61
N GLU A 103 -5.11 -3.64 7.40
CA GLU A 103 -3.91 -2.90 7.08
C GLU A 103 -3.85 -2.57 5.60
N SER A 104 -3.00 -1.63 5.27
CA SER A 104 -2.68 -1.36 3.90
C SER A 104 -1.56 -2.31 3.47
N LEU A 105 -1.52 -2.64 2.19
CA LEU A 105 -0.63 -3.65 1.71
C LEU A 105 0.57 -3.05 0.97
N ASP A 106 1.71 -3.68 1.14
CA ASP A 106 2.92 -3.27 0.44
C ASP A 106 3.23 -4.25 -0.67
N ARG A 107 2.83 -3.86 -1.88
CA ARG A 107 3.03 -4.68 -3.07
C ARG A 107 4.51 -4.70 -3.49
N THR A 108 5.30 -3.78 -2.96
CA THR A 108 6.72 -3.72 -3.29
C THR A 108 7.50 -4.71 -2.44
N THR A 109 6.90 -5.14 -1.33
CA THR A 109 7.51 -6.15 -0.48
C THR A 109 6.86 -7.52 -0.71
N ILE A 110 5.97 -7.60 -1.71
CA ILE A 110 5.27 -8.83 -2.07
C ILE A 110 6.26 -9.92 -2.49
N ALA A 111 7.29 -9.54 -3.23
CA ALA A 111 8.34 -10.46 -3.66
C ALA A 111 9.13 -10.98 -2.47
N ASP A 112 9.30 -10.12 -1.46
CA ASP A 112 9.99 -10.49 -0.23
C ASP A 112 9.12 -11.46 0.58
N ILE A 113 7.80 -11.27 0.49
CA ILE A 113 6.84 -12.16 1.14
C ILE A 113 6.87 -13.53 0.48
N GLU A 114 6.83 -13.54 -0.84
CA GLU A 114 6.84 -14.78 -1.62
C GLU A 114 8.16 -15.53 -1.41
N LYS A 115 9.27 -14.79 -1.40
CA LYS A 115 10.58 -15.39 -1.18
C LYS A 115 10.72 -15.92 0.25
N GLY A 116 10.14 -15.21 1.20
CA GLY A 116 10.17 -15.63 2.59
C GLY A 116 9.36 -16.89 2.84
N LEU A 117 8.22 -17.00 2.16
CA LEU A 117 7.36 -18.16 2.29
C LEU A 117 7.96 -19.37 1.55
N GLU A 118 8.66 -19.09 0.45
CA GLU A 118 9.36 -20.14 -0.29
C GLU A 118 10.56 -20.65 0.52
N ASP A 119 11.21 -19.72 1.22
CA ASP A 119 12.32 -20.06 2.11
C ASP A 119 11.83 -20.89 3.28
N PHE A 120 10.60 -20.62 3.71
CA PHE A 120 9.96 -21.38 4.78
C PHE A 120 9.73 -22.82 4.33
N TYR A 121 9.23 -22.99 3.11
CA TYR A 121 8.99 -24.31 2.53
C TYR A 121 10.30 -25.08 2.38
N TYR A 122 11.36 -24.35 2.01
CA TYR A 122 12.69 -24.92 1.88
C TYR A 122 13.25 -25.34 3.23
N SER A 123 12.93 -24.57 4.27
CA SER A 123 13.44 -24.83 5.62
C SER A 123 12.84 -26.10 6.21
N VAL A 124 11.60 -26.42 5.84
CA VAL A 124 10.98 -27.65 6.31
C VAL A 124 11.56 -28.86 5.58
N GLY A 125 10.95 -29.26 4.48
CA GLY A 125 11.39 -30.44 3.75
C GLY A 125 11.99 -30.11 2.40
N LYS A 126 12.38 -28.84 2.22
CA LYS A 126 12.87 -28.34 0.93
C LYS A 126 11.79 -28.51 -0.14
N TYR A 127 10.58 -28.05 0.20
CA TYR A 127 9.43 -28.20 -0.68
C TYR A 127 9.46 -27.14 -1.77
N SER A 128 9.53 -27.59 -3.02
CA SER A 128 9.57 -26.70 -4.16
C SER A 128 8.18 -26.22 -4.52
N ALA A 129 7.84 -25.02 -4.09
CA ALA A 129 6.53 -24.48 -4.34
C ALA A 129 6.58 -23.24 -5.21
N SER A 130 5.59 -23.07 -6.04
CA SER A 130 5.42 -21.86 -6.79
C SER A 130 4.40 -20.99 -6.07
N VAL A 131 4.85 -19.88 -5.54
CA VAL A 131 4.00 -19.03 -4.74
C VAL A 131 3.65 -17.76 -5.49
N LYS A 132 2.36 -17.48 -5.55
CA LYS A 132 1.88 -16.25 -6.14
C LYS A 132 0.92 -15.56 -5.18
N ALA A 133 1.29 -14.38 -4.73
CA ALA A 133 0.41 -13.58 -3.90
C ALA A 133 -0.39 -12.64 -4.77
N VAL A 134 -1.67 -12.92 -4.86
CA VAL A 134 -2.55 -12.21 -5.78
C VAL A 134 -3.41 -11.21 -5.04
N VAL A 135 -3.35 -9.96 -5.49
CA VAL A 135 -4.21 -8.92 -4.96
C VAL A 135 -5.37 -8.71 -5.91
N THR A 136 -6.55 -9.03 -5.43
CA THR A 136 -7.75 -8.96 -6.25
C THR A 136 -8.58 -7.73 -5.87
N PRO A 137 -8.72 -6.79 -6.81
CA PRO A 137 -9.47 -5.56 -6.59
C PRO A 137 -10.98 -5.76 -6.64
N LEU A 138 -11.66 -5.32 -5.60
CA LEU A 138 -13.12 -5.29 -5.61
C LEU A 138 -13.57 -3.84 -5.80
N PRO A 139 -14.75 -3.62 -6.42
CA PRO A 139 -15.26 -2.27 -6.75
C PRO A 139 -15.55 -1.39 -5.52
N ARG A 140 -14.49 -0.82 -4.96
CA ARG A 140 -14.58 0.08 -3.82
C ARG A 140 -13.20 0.73 -3.58
N ASN A 141 -12.52 0.24 -2.55
CA ASN A 141 -11.17 0.69 -2.22
C ASN A 141 -10.48 -0.40 -1.40
N ARG A 142 -10.80 -1.64 -1.72
CA ARG A 142 -10.29 -2.77 -0.96
C ARG A 142 -9.77 -3.87 -1.90
N VAL A 143 -8.86 -4.68 -1.38
CA VAL A 143 -8.31 -5.80 -2.14
C VAL A 143 -8.42 -7.09 -1.35
N ASP A 144 -8.52 -8.19 -2.08
CA ASP A 144 -8.55 -9.52 -1.48
C ASP A 144 -7.24 -10.22 -1.81
N LEU A 145 -6.50 -10.58 -0.78
CA LEU A 145 -5.19 -11.18 -0.95
C LEU A 145 -5.26 -12.69 -0.87
N LYS A 146 -4.83 -13.35 -1.94
CA LYS A 146 -4.84 -14.80 -1.98
C LYS A 146 -3.47 -15.34 -2.28
N LEU A 147 -3.07 -16.32 -1.49
CA LEU A 147 -1.74 -16.90 -1.58
C LEU A 147 -1.82 -18.27 -2.23
N VAL A 148 -1.28 -18.36 -3.44
CA VAL A 148 -1.33 -19.60 -4.20
C VAL A 148 -0.03 -20.37 -4.08
N PHE A 149 -0.11 -21.59 -3.57
CA PHE A 149 1.06 -22.47 -3.48
C PHE A 149 0.85 -23.71 -4.36
N GLN A 150 1.72 -23.88 -5.34
CA GLN A 150 1.65 -25.04 -6.21
C GLN A 150 2.98 -25.77 -6.26
N GLU A 151 2.98 -27.04 -5.86
CA GLU A 151 4.19 -27.84 -5.88
C GLU A 151 4.68 -28.04 -7.32
N GLY A 152 5.99 -27.87 -7.52
CA GLY A 152 6.58 -28.06 -8.82
C GLY A 152 7.64 -27.04 -9.13
N VAL A 153 7.20 -25.83 -9.51
CA VAL A 153 8.04 -24.69 -9.93
C VAL A 153 9.21 -25.14 -10.85
N SER A 154 10.44 -25.21 -10.33
CA SER A 154 11.58 -25.62 -11.14
C SER A 154 12.51 -26.54 -10.34
N ALA A 1 10.41 32.40 3.57
CA ALA A 1 8.96 32.57 3.40
C ALA A 1 8.45 31.63 2.32
N GLU A 2 7.87 30.50 2.75
CA GLU A 2 7.50 29.44 1.83
C GLU A 2 6.06 29.51 1.42
N GLY A 3 5.47 30.68 1.54
CA GLY A 3 4.16 30.92 0.99
C GLY A 3 4.25 31.20 -0.49
N PHE A 4 4.44 30.14 -1.26
CA PHE A 4 4.44 30.23 -2.71
C PHE A 4 3.08 29.85 -3.27
N VAL A 5 2.75 30.40 -4.44
CA VAL A 5 1.51 30.06 -5.11
C VAL A 5 1.72 28.81 -5.95
N VAL A 6 0.93 27.77 -5.70
CA VAL A 6 1.04 26.54 -6.45
C VAL A 6 0.46 26.70 -7.84
N LYS A 7 1.30 26.40 -8.81
CA LYS A 7 0.92 26.49 -10.21
C LYS A 7 0.12 25.27 -10.63
N ASP A 8 0.37 24.16 -9.93
CA ASP A 8 -0.30 22.91 -10.21
C ASP A 8 -0.16 21.95 -9.02
N ILE A 9 -1.15 21.10 -8.82
CA ILE A 9 -1.09 20.07 -7.80
C ILE A 9 -1.04 18.70 -8.48
N HIS A 10 0.01 17.96 -8.19
CA HIS A 10 0.21 16.65 -8.78
C HIS A 10 0.19 15.59 -7.69
N PHE A 11 -0.65 14.58 -7.86
CA PHE A 11 -0.73 13.51 -6.88
C PHE A 11 -0.08 12.25 -7.42
N GLU A 12 0.70 11.61 -6.56
CA GLU A 12 1.42 10.40 -6.92
C GLU A 12 1.18 9.33 -5.85
N GLY A 13 1.56 8.09 -6.15
CA GLY A 13 1.34 6.99 -5.23
C GLY A 13 -0.07 6.40 -5.32
N LEU A 14 -1.05 7.25 -5.62
CA LEU A 14 -2.43 6.83 -5.72
C LEU A 14 -2.73 6.26 -7.11
N GLN A 15 -3.66 5.33 -7.17
CA GLN A 15 -4.08 4.74 -8.42
C GLN A 15 -5.39 5.35 -8.90
N ARG A 16 -6.46 5.15 -8.14
CA ARG A 16 -7.79 5.58 -8.55
C ARG A 16 -8.29 6.76 -7.71
N VAL A 17 -7.37 7.60 -7.26
CA VAL A 17 -7.74 8.83 -6.57
C VAL A 17 -7.44 10.02 -7.47
N ALA A 18 -8.49 10.70 -7.93
CA ALA A 18 -8.33 11.83 -8.81
C ALA A 18 -7.94 13.08 -8.04
N VAL A 19 -7.29 14.02 -8.72
CA VAL A 19 -6.79 15.23 -8.07
C VAL A 19 -7.92 16.11 -7.56
N GLY A 20 -9.09 16.04 -8.19
CA GLY A 20 -10.24 16.78 -7.71
C GLY A 20 -10.80 16.21 -6.42
N ALA A 21 -10.78 14.88 -6.32
CA ALA A 21 -11.25 14.18 -5.13
C ALA A 21 -10.23 14.29 -4.00
N ALA A 22 -8.97 14.30 -4.39
CA ALA A 22 -7.86 14.41 -3.47
C ALA A 22 -7.75 15.84 -2.92
N LEU A 23 -8.05 16.83 -3.77
CA LEU A 23 -8.14 18.23 -3.37
C LEU A 23 -9.17 18.45 -2.26
N LEU A 24 -10.22 17.64 -2.24
CA LEU A 24 -11.28 17.75 -1.25
C LEU A 24 -10.76 17.41 0.16
N SER A 25 -9.67 16.66 0.22
CA SER A 25 -9.05 16.32 1.49
C SER A 25 -7.87 17.26 1.77
N MET A 26 -7.51 18.05 0.78
CA MET A 26 -6.44 19.04 0.91
C MET A 26 -6.98 20.32 1.55
N PRO A 27 -6.18 20.98 2.41
CA PRO A 27 -6.59 22.22 3.07
C PRO A 27 -6.48 23.46 2.17
N VAL A 28 -5.98 23.26 0.95
CA VAL A 28 -5.81 24.37 0.01
C VAL A 28 -6.19 23.92 -1.40
N ARG A 29 -6.39 24.89 -2.28
CA ARG A 29 -6.78 24.61 -3.66
C ARG A 29 -5.75 25.17 -4.64
N THR A 30 -5.98 24.89 -5.92
CA THR A 30 -5.10 25.32 -6.98
C THR A 30 -5.10 26.84 -7.14
N GLY A 31 -3.91 27.43 -7.25
CA GLY A 31 -3.81 28.86 -7.44
C GLY A 31 -3.68 29.62 -6.12
N ASP A 32 -3.79 28.89 -5.02
CA ASP A 32 -3.71 29.49 -3.70
C ASP A 32 -2.27 29.52 -3.20
N THR A 33 -2.00 30.43 -2.28
CA THR A 33 -0.68 30.51 -1.65
C THR A 33 -0.59 29.50 -0.52
N VAL A 34 0.43 28.65 -0.57
CA VAL A 34 0.60 27.59 0.41
C VAL A 34 1.97 27.72 1.06
N ASN A 35 2.01 27.55 2.37
CA ASN A 35 3.28 27.62 3.11
C ASN A 35 3.84 26.24 3.35
N ASP A 36 5.01 26.19 3.99
CA ASP A 36 5.61 24.92 4.35
C ASP A 36 4.84 24.25 5.47
N GLU A 37 4.17 25.07 6.28
CA GLU A 37 3.26 24.56 7.31
C GLU A 37 2.00 24.00 6.66
N ASP A 38 1.62 24.55 5.51
CA ASP A 38 0.50 24.05 4.73
C ASP A 38 0.87 22.74 4.04
N ILE A 39 2.15 22.58 3.72
CA ILE A 39 2.66 21.29 3.25
C ILE A 39 2.44 20.23 4.34
N SER A 40 2.85 20.56 5.57
CA SER A 40 2.63 19.68 6.72
C SER A 40 1.15 19.51 7.03
N ASN A 41 0.38 20.58 6.84
CA ASN A 41 -1.07 20.56 7.05
C ASN A 41 -1.74 19.61 6.07
N THR A 42 -1.31 19.66 4.82
CA THR A 42 -1.77 18.71 3.80
C THR A 42 -1.42 17.26 4.19
N ILE A 43 -0.21 17.06 4.72
CA ILE A 43 0.20 15.74 5.24
C ILE A 43 -0.79 15.27 6.32
N ARG A 44 -1.09 16.14 7.27
CA ARG A 44 -1.96 15.82 8.40
C ARG A 44 -3.40 15.54 7.97
N ALA A 45 -3.87 16.28 6.96
CA ALA A 45 -5.24 16.15 6.49
C ALA A 45 -5.44 14.82 5.77
N LEU A 46 -4.50 14.48 4.89
CA LEU A 46 -4.54 13.23 4.14
C LEU A 46 -4.24 12.04 5.06
N PHE A 47 -3.48 12.27 6.12
CA PHE A 47 -3.21 11.24 7.11
C PHE A 47 -4.48 10.95 7.94
N ALA A 48 -5.15 12.02 8.36
CA ALA A 48 -6.31 11.92 9.25
C ALA A 48 -7.58 11.46 8.52
N THR A 49 -7.58 11.53 7.19
CA THR A 49 -8.75 11.10 6.42
C THR A 49 -8.75 9.57 6.26
N GLY A 50 -7.56 8.97 6.36
CA GLY A 50 -7.46 7.53 6.56
C GLY A 50 -7.56 6.69 5.29
N ASN A 51 -7.69 7.33 4.13
CA ASN A 51 -7.76 6.57 2.88
C ASN A 51 -6.37 6.25 2.34
N PHE A 52 -5.34 6.79 2.98
CA PHE A 52 -3.96 6.42 2.69
C PHE A 52 -3.29 5.95 3.99
N GLU A 53 -2.20 5.19 3.87
CA GLU A 53 -1.43 4.79 5.05
C GLU A 53 -0.31 5.79 5.34
N ASP A 54 0.31 6.34 4.29
CA ASP A 54 1.41 7.27 4.48
C ASP A 54 1.28 8.43 3.51
N VAL A 55 1.59 9.62 3.97
CA VAL A 55 1.44 10.82 3.16
C VAL A 55 2.73 11.63 3.14
N ARG A 56 3.29 11.81 1.96
CA ARG A 56 4.45 12.66 1.79
C ARG A 56 4.11 13.81 0.85
N VAL A 57 4.19 15.02 1.36
CA VAL A 57 3.99 16.20 0.54
C VAL A 57 5.32 16.87 0.30
N LEU A 58 5.69 17.02 -0.97
CA LEU A 58 6.95 17.63 -1.33
C LEU A 58 6.75 18.55 -2.51
N ARG A 59 7.37 19.69 -2.46
CA ARG A 59 7.20 20.68 -3.51
C ARG A 59 8.33 20.59 -4.53
N ASP A 60 7.96 20.68 -5.79
CA ASP A 60 8.92 20.75 -6.87
C ASP A 60 8.81 22.12 -7.52
N GLY A 61 9.68 23.03 -7.09
CA GLY A 61 9.57 24.41 -7.53
C GLY A 61 8.31 25.06 -7.00
N ASP A 62 7.39 25.32 -7.91
CA ASP A 62 6.10 25.92 -7.57
C ASP A 62 4.97 24.91 -7.76
N THR A 63 5.35 23.65 -7.96
CA THR A 63 4.40 22.57 -8.12
C THR A 63 4.34 21.74 -6.85
N LEU A 64 3.16 21.33 -6.44
CA LEU A 64 3.02 20.54 -5.23
C LEU A 64 2.76 19.08 -5.58
N LEU A 65 3.70 18.21 -5.23
CA LEU A 65 3.57 16.79 -5.51
C LEU A 65 3.34 16.02 -4.22
N VAL A 66 2.17 15.42 -4.11
CA VAL A 66 1.83 14.62 -2.94
C VAL A 66 1.86 13.14 -3.27
N GLN A 67 2.89 12.45 -2.76
CA GLN A 67 3.02 11.02 -2.94
C GLN A 67 2.46 10.30 -1.72
N VAL A 68 1.55 9.37 -1.96
CA VAL A 68 0.85 8.70 -0.87
C VAL A 68 1.02 7.19 -0.99
N LYS A 69 0.99 6.55 0.16
CA LYS A 69 1.16 5.12 0.25
C LYS A 69 -0.17 4.49 0.60
N GLU A 70 -0.56 3.45 -0.15
CA GLU A 70 -1.77 2.67 0.10
C GLU A 70 -3.04 3.45 -0.27
N ARG A 71 -4.07 2.70 -0.64
CA ARG A 71 -5.38 3.25 -0.93
C ARG A 71 -6.46 2.16 -0.71
N PRO A 72 -6.34 0.96 -1.35
CA PRO A 72 -7.23 -0.14 -1.04
C PRO A 72 -6.66 -1.02 0.07
N THR A 73 -7.51 -1.42 0.98
CA THR A 73 -7.08 -2.13 2.18
C THR A 73 -7.24 -3.64 2.00
N ILE A 74 -6.35 -4.40 2.63
CA ILE A 74 -6.45 -5.85 2.64
C ILE A 74 -7.79 -6.27 3.24
N ALA A 75 -8.59 -6.96 2.44
CA ALA A 75 -9.86 -7.47 2.90
C ALA A 75 -9.78 -8.97 3.10
N SER A 76 -9.07 -9.65 2.21
CA SER A 76 -8.87 -11.08 2.31
C SER A 76 -7.48 -11.49 1.83
N ILE A 77 -6.87 -12.39 2.57
CA ILE A 77 -5.64 -13.05 2.13
C ILE A 77 -5.96 -14.52 1.95
N THR A 78 -5.70 -15.04 0.76
CA THR A 78 -6.02 -16.42 0.48
C THR A 78 -4.78 -17.17 0.02
N PHE A 79 -4.61 -18.36 0.55
CA PHE A 79 -3.43 -19.15 0.27
C PHE A 79 -3.80 -20.38 -0.56
N SER A 80 -3.01 -20.65 -1.59
CA SER A 80 -3.27 -21.80 -2.45
C SER A 80 -1.96 -22.47 -2.87
N GLY A 81 -1.75 -23.68 -2.38
CA GLY A 81 -0.56 -24.42 -2.73
C GLY A 81 -0.51 -25.76 -2.04
N ASN A 82 -0.52 -25.75 -0.71
CA ASN A 82 -0.44 -26.98 0.06
C ASN A 82 -1.09 -26.84 1.42
N LYS A 83 -1.63 -27.94 1.89
CA LYS A 83 -2.13 -28.04 3.25
C LYS A 83 -1.00 -28.44 4.20
N SER A 84 0.11 -28.88 3.60
CA SER A 84 1.28 -29.30 4.36
C SER A 84 1.80 -28.17 5.24
N VAL A 85 1.99 -27.01 4.65
CA VAL A 85 2.24 -25.81 5.42
C VAL A 85 0.90 -25.19 5.80
N LYS A 86 0.76 -24.73 7.04
CA LYS A 86 -0.53 -24.26 7.48
C LYS A 86 -0.81 -22.86 6.98
N ASP A 87 -2.08 -22.63 6.66
CA ASP A 87 -2.55 -21.33 6.21
C ASP A 87 -2.45 -20.34 7.36
N ASP A 88 -2.69 -20.85 8.57
CA ASP A 88 -2.53 -20.07 9.80
C ASP A 88 -1.09 -19.63 10.02
N MET A 89 -0.14 -20.45 9.54
CA MET A 89 1.28 -20.11 9.64
C MET A 89 1.65 -19.01 8.66
N LEU A 90 1.17 -19.16 7.42
CA LEU A 90 1.36 -18.13 6.39
C LEU A 90 0.67 -16.83 6.79
N LYS A 91 -0.44 -16.94 7.51
CA LYS A 91 -1.16 -15.80 8.05
C LYS A 91 -0.26 -14.99 8.98
N GLN A 92 0.48 -15.71 9.84
CA GLN A 92 1.35 -15.11 10.82
C GLN A 92 2.60 -14.59 10.13
N ASN A 93 2.97 -15.23 9.03
CA ASN A 93 4.10 -14.81 8.23
C ASN A 93 3.82 -13.42 7.63
N LEU A 94 2.61 -13.23 7.10
CA LEU A 94 2.18 -11.95 6.58
C LEU A 94 2.09 -10.92 7.71
N GLU A 95 1.66 -11.36 8.88
CA GLU A 95 1.54 -10.50 10.05
C GLU A 95 2.89 -9.99 10.51
N ALA A 96 3.93 -10.79 10.31
CA ALA A 96 5.29 -10.42 10.68
C ALA A 96 5.84 -9.35 9.73
N SER A 97 5.31 -9.29 8.52
CA SER A 97 5.67 -8.24 7.57
C SER A 97 4.85 -6.99 7.82
N GLY A 98 3.75 -7.15 8.56
CA GLY A 98 2.96 -6.02 8.99
C GLY A 98 1.65 -5.89 8.23
N VAL A 99 1.39 -6.83 7.32
CA VAL A 99 0.19 -6.77 6.49
C VAL A 99 -0.87 -7.75 7.00
N ARG A 100 -2.00 -7.22 7.41
CA ARG A 100 -3.08 -8.02 7.98
C ARG A 100 -4.43 -7.56 7.44
N VAL A 101 -5.47 -8.33 7.72
CA VAL A 101 -6.82 -8.02 7.24
C VAL A 101 -7.39 -6.82 7.99
N GLY A 102 -7.83 -5.83 7.22
CA GLY A 102 -8.37 -4.60 7.79
C GLY A 102 -7.30 -3.55 7.97
N GLU A 103 -6.06 -3.93 7.70
CA GLU A 103 -4.94 -3.05 7.82
C GLU A 103 -4.45 -2.65 6.41
N SER A 104 -3.81 -1.50 6.32
CA SER A 104 -3.25 -1.01 5.07
C SER A 104 -2.25 -2.01 4.49
N LEU A 105 -2.30 -2.17 3.17
CA LEU A 105 -1.46 -3.16 2.50
C LEU A 105 -0.19 -2.51 1.96
N ASP A 106 0.89 -3.29 1.99
CA ASP A 106 2.14 -2.85 1.40
C ASP A 106 2.57 -3.77 0.27
N ARG A 107 2.52 -3.22 -0.93
CA ARG A 107 2.92 -3.92 -2.14
C ARG A 107 4.44 -4.13 -2.22
N THR A 108 5.19 -3.40 -1.38
CA THR A 108 6.64 -3.52 -1.41
C THR A 108 7.15 -4.61 -0.48
N THR A 109 6.30 -5.08 0.45
CA THR A 109 6.69 -6.19 1.31
C THR A 109 6.26 -7.53 0.72
N ILE A 110 5.67 -7.47 -0.47
CA ILE A 110 5.18 -8.65 -1.16
C ILE A 110 6.32 -9.63 -1.43
N ALA A 111 7.46 -9.10 -1.84
CA ALA A 111 8.65 -9.90 -2.11
C ALA A 111 9.18 -10.58 -0.85
N ASP A 112 9.11 -9.86 0.28
CA ASP A 112 9.52 -10.41 1.57
C ASP A 112 8.60 -11.58 1.95
N ILE A 113 7.31 -11.38 1.69
CA ILE A 113 6.30 -12.39 1.97
C ILE A 113 6.55 -13.64 1.12
N GLU A 114 6.81 -13.42 -0.17
CA GLU A 114 7.07 -14.52 -1.10
C GLU A 114 8.28 -15.34 -0.68
N LYS A 115 9.38 -14.66 -0.39
CA LYS A 115 10.61 -15.33 0.02
C LYS A 115 10.42 -16.11 1.33
N GLY A 116 9.69 -15.52 2.26
CA GLY A 116 9.44 -16.15 3.55
C GLY A 116 8.51 -17.34 3.46
N LEU A 117 7.55 -17.28 2.53
CA LEU A 117 6.58 -18.37 2.34
C LEU A 117 7.24 -19.55 1.64
N GLU A 118 8.20 -19.26 0.78
CA GLU A 118 9.00 -20.31 0.12
C GLU A 118 9.87 -21.02 1.15
N ASP A 119 10.39 -20.25 2.10
CA ASP A 119 11.23 -20.80 3.16
C ASP A 119 10.38 -21.65 4.12
N PHE A 120 9.11 -21.26 4.26
CA PHE A 120 8.15 -22.00 5.08
C PHE A 120 7.85 -23.36 4.44
N TYR A 121 7.80 -23.39 3.11
CA TYR A 121 7.59 -24.62 2.35
C TYR A 121 8.72 -25.62 2.58
N TYR A 122 9.93 -25.09 2.73
CA TYR A 122 11.13 -25.91 2.92
C TYR A 122 11.14 -26.59 4.29
N SER A 123 10.59 -25.91 5.30
CA SER A 123 10.57 -26.43 6.67
C SER A 123 9.67 -27.65 6.81
N VAL A 124 8.65 -27.76 5.96
CA VAL A 124 7.68 -28.85 6.04
C VAL A 124 8.29 -30.16 5.51
N GLY A 125 8.19 -30.36 4.20
CA GLY A 125 8.65 -31.60 3.60
C GLY A 125 9.86 -31.40 2.73
N LYS A 126 10.56 -30.28 2.94
CA LYS A 126 11.69 -29.87 2.08
C LYS A 126 11.22 -29.70 0.64
N TYR A 127 10.24 -28.85 0.46
CA TYR A 127 9.59 -28.67 -0.83
C TYR A 127 10.33 -27.65 -1.68
N SER A 128 10.28 -27.83 -2.99
CA SER A 128 10.96 -26.97 -3.93
C SER A 128 9.93 -26.19 -4.75
N ALA A 129 9.54 -25.03 -4.25
CA ALA A 129 8.48 -24.28 -4.88
C ALA A 129 8.77 -22.78 -4.88
N SER A 130 8.13 -22.09 -5.81
CA SER A 130 8.16 -20.63 -5.85
C SER A 130 6.72 -20.12 -5.69
N VAL A 131 6.56 -19.05 -4.93
CA VAL A 131 5.23 -18.51 -4.68
C VAL A 131 5.08 -17.13 -5.30
N LYS A 132 3.91 -16.89 -5.89
CA LYS A 132 3.60 -15.60 -6.49
C LYS A 132 2.36 -15.01 -5.85
N ALA A 133 2.47 -13.77 -5.41
CA ALA A 133 1.35 -13.08 -4.77
C ALA A 133 0.56 -12.27 -5.80
N VAL A 134 -0.69 -12.65 -5.98
CA VAL A 134 -1.59 -11.97 -6.88
C VAL A 134 -2.48 -10.99 -6.10
N VAL A 135 -2.28 -9.70 -6.31
CA VAL A 135 -3.07 -8.69 -5.66
C VAL A 135 -4.11 -8.13 -6.62
N THR A 136 -5.36 -8.43 -6.36
CA THR A 136 -6.45 -8.01 -7.21
C THR A 136 -7.43 -7.10 -6.47
N PRO A 137 -7.69 -5.90 -7.00
CA PRO A 137 -8.59 -4.93 -6.39
C PRO A 137 -10.05 -5.21 -6.72
N LEU A 138 -10.93 -4.92 -5.76
CA LEU A 138 -12.36 -5.04 -5.97
C LEU A 138 -12.97 -3.64 -6.11
N PRO A 139 -14.16 -3.51 -6.73
CA PRO A 139 -14.83 -2.21 -6.95
C PRO A 139 -15.42 -1.60 -5.68
N ARG A 140 -14.56 -1.31 -4.71
CA ARG A 140 -14.95 -0.65 -3.48
C ARG A 140 -13.80 0.25 -3.01
N ASN A 141 -12.95 -0.31 -2.15
CA ASN A 141 -11.73 0.36 -1.69
C ASN A 141 -10.85 -0.64 -0.95
N ARG A 142 -10.92 -1.90 -1.38
CA ARG A 142 -10.18 -2.98 -0.73
C ARG A 142 -9.54 -3.88 -1.79
N VAL A 143 -8.62 -4.73 -1.35
CA VAL A 143 -7.94 -5.66 -2.25
C VAL A 143 -8.00 -7.09 -1.71
N ASP A 144 -8.05 -8.04 -2.63
CA ASP A 144 -7.97 -9.45 -2.30
C ASP A 144 -6.65 -9.99 -2.82
N LEU A 145 -5.83 -10.55 -1.95
CA LEU A 145 -4.53 -11.03 -2.36
C LEU A 145 -4.38 -12.52 -2.13
N LYS A 146 -3.89 -13.19 -3.15
CA LYS A 146 -3.76 -14.64 -3.13
C LYS A 146 -2.32 -15.06 -3.33
N LEU A 147 -1.89 -15.97 -2.49
CA LEU A 147 -0.52 -16.46 -2.52
C LEU A 147 -0.52 -17.83 -3.18
N VAL A 148 0.05 -17.90 -4.37
CA VAL A 148 0.01 -19.13 -5.15
C VAL A 148 1.36 -19.86 -5.10
N PHE A 149 1.34 -21.05 -4.53
CA PHE A 149 2.57 -21.84 -4.37
C PHE A 149 2.66 -22.87 -5.50
N GLN A 150 3.71 -22.76 -6.29
CA GLN A 150 3.91 -23.67 -7.40
C GLN A 150 5.19 -24.48 -7.21
N GLU A 151 5.04 -25.79 -7.05
CA GLU A 151 6.19 -26.68 -6.90
C GLU A 151 6.89 -26.89 -8.24
N GLY A 152 7.84 -26.01 -8.52
CA GLY A 152 8.57 -26.02 -9.76
C GLY A 152 9.42 -24.78 -9.87
N VAL A 153 10.00 -24.54 -11.05
CA VAL A 153 10.83 -23.35 -11.31
C VAL A 153 12.17 -23.44 -10.54
N SER A 154 13.20 -22.77 -11.04
CA SER A 154 14.46 -22.66 -10.30
C SER A 154 14.22 -21.90 -9.01
N ALA A 1 12.36 25.69 4.18
CA ALA A 1 11.41 26.81 4.04
C ALA A 1 9.97 26.32 4.05
N GLU A 2 9.23 26.71 5.08
CA GLU A 2 7.81 26.39 5.16
C GLU A 2 7.03 27.66 5.51
N GLY A 3 5.72 27.58 5.33
CA GLY A 3 4.88 28.74 5.52
C GLY A 3 4.77 29.58 4.26
N PHE A 4 4.60 28.90 3.14
CA PHE A 4 4.44 29.58 1.86
C PHE A 4 3.01 29.45 1.37
N VAL A 5 2.58 30.40 0.56
CA VAL A 5 1.24 30.38 -0.01
C VAL A 5 1.21 29.47 -1.23
N VAL A 6 0.42 28.41 -1.14
CA VAL A 6 0.27 27.47 -2.25
C VAL A 6 -0.54 28.11 -3.35
N LYS A 7 0.10 28.29 -4.48
CA LYS A 7 -0.54 28.91 -5.63
C LYS A 7 -1.39 27.89 -6.36
N ASP A 8 -0.87 26.69 -6.50
CA ASP A 8 -1.54 25.63 -7.24
C ASP A 8 -1.31 24.28 -6.60
N ILE A 9 -2.33 23.43 -6.64
CA ILE A 9 -2.23 22.06 -6.18
C ILE A 9 -2.16 21.14 -7.39
N HIS A 10 -1.10 20.37 -7.49
CA HIS A 10 -0.90 19.51 -8.64
C HIS A 10 -0.62 18.08 -8.22
N PHE A 11 -1.37 17.15 -8.81
CA PHE A 11 -1.24 15.75 -8.49
C PHE A 11 -0.53 15.04 -9.64
N GLU A 12 0.39 14.15 -9.30
CA GLU A 12 1.21 13.49 -10.32
C GLU A 12 0.95 11.99 -10.37
N GLY A 13 0.87 11.36 -9.20
CA GLY A 13 0.71 9.92 -9.15
C GLY A 13 -0.74 9.46 -9.26
N LEU A 14 -1.63 10.43 -9.48
CA LEU A 14 -3.07 10.15 -9.55
C LEU A 14 -3.43 9.36 -10.79
N GLN A 15 -4.21 8.31 -10.61
CA GLN A 15 -4.65 7.50 -11.73
C GLN A 15 -5.86 8.13 -12.41
N ARG A 16 -7.06 7.88 -11.88
CA ARG A 16 -8.27 8.48 -12.43
C ARG A 16 -9.07 9.19 -11.35
N VAL A 17 -8.37 9.64 -10.32
CA VAL A 17 -8.94 10.53 -9.32
C VAL A 17 -8.79 11.95 -9.84
N ALA A 18 -9.84 12.74 -9.79
CA ALA A 18 -9.77 14.11 -10.26
C ALA A 18 -9.26 15.03 -9.18
N VAL A 19 -8.68 16.15 -9.60
CA VAL A 19 -8.13 17.13 -8.67
C VAL A 19 -9.22 17.69 -7.75
N GLY A 20 -10.44 17.81 -8.27
CA GLY A 20 -11.54 18.30 -7.46
C GLY A 20 -11.92 17.30 -6.38
N ALA A 21 -11.87 16.02 -6.73
CA ALA A 21 -12.18 14.94 -5.80
C ALA A 21 -11.04 14.75 -4.79
N ALA A 22 -9.83 15.00 -5.27
CA ALA A 22 -8.63 14.83 -4.47
C ALA A 22 -8.46 15.98 -3.46
N LEU A 23 -8.77 17.20 -3.91
CA LEU A 23 -8.73 18.39 -3.06
C LEU A 23 -9.70 18.29 -1.89
N LEU A 24 -10.80 17.56 -2.06
CA LEU A 24 -11.81 17.39 -1.03
C LEU A 24 -11.25 16.68 0.21
N SER A 25 -10.19 15.89 0.01
CA SER A 25 -9.54 15.18 1.11
C SER A 25 -8.33 15.96 1.60
N MET A 26 -7.97 17.02 0.90
CA MET A 26 -6.86 17.87 1.28
C MET A 26 -7.35 18.95 2.25
N PRO A 27 -6.64 19.14 3.38
CA PRO A 27 -6.99 20.15 4.38
C PRO A 27 -6.74 21.58 3.89
N VAL A 28 -5.80 21.72 2.95
CA VAL A 28 -5.42 23.04 2.47
C VAL A 28 -5.83 23.24 1.02
N ARG A 29 -6.13 24.48 0.68
CA ARG A 29 -6.55 24.87 -0.64
C ARG A 29 -5.59 25.83 -1.27
N THR A 30 -5.93 26.21 -2.48
CA THR A 30 -5.18 27.20 -3.23
C THR A 30 -5.31 28.56 -2.55
N GLY A 31 -4.18 29.14 -2.16
CA GLY A 31 -4.19 30.39 -1.43
C GLY A 31 -3.93 30.19 0.05
N ASP A 32 -3.85 28.94 0.48
CA ASP A 32 -3.60 28.62 1.88
C ASP A 32 -2.11 28.60 2.17
N THR A 33 -1.75 28.86 3.41
CA THR A 33 -0.37 28.79 3.86
C THR A 33 -0.09 27.43 4.48
N VAL A 34 1.07 26.84 4.20
CA VAL A 34 1.34 25.49 4.66
C VAL A 34 2.67 25.41 5.39
N ASN A 35 2.63 24.87 6.59
CA ASN A 35 3.84 24.59 7.36
C ASN A 35 4.20 23.12 7.18
N ASP A 36 5.25 22.68 7.87
CA ASP A 36 5.63 21.28 7.83
C ASP A 36 4.55 20.41 8.49
N GLU A 37 3.82 21.00 9.42
CA GLU A 37 2.69 20.34 10.05
C GLU A 37 1.56 20.13 9.05
N ASP A 38 1.37 21.10 8.15
CA ASP A 38 0.34 21.03 7.10
C ASP A 38 0.74 20.05 6.02
N ILE A 39 2.04 19.90 5.80
CA ILE A 39 2.56 18.89 4.89
C ILE A 39 2.18 17.49 5.41
N SER A 40 2.43 17.25 6.69
CA SER A 40 2.08 15.98 7.31
C SER A 40 0.56 15.84 7.47
N ASN A 41 -0.13 16.97 7.68
CA ASN A 41 -1.59 16.99 7.79
C ASN A 41 -2.23 16.50 6.49
N THR A 42 -1.78 17.08 5.39
CA THR A 42 -2.24 16.70 4.06
C THR A 42 -1.92 15.23 3.75
N ILE A 43 -0.69 14.81 4.08
CA ILE A 43 -0.25 13.44 3.88
C ILE A 43 -1.15 12.46 4.63
N ARG A 44 -1.40 12.74 5.92
CA ARG A 44 -2.21 11.85 6.77
C ARG A 44 -3.68 11.85 6.35
N ALA A 45 -4.16 12.99 5.85
CA ALA A 45 -5.55 13.11 5.42
C ALA A 45 -5.80 12.23 4.21
N LEU A 46 -4.95 12.37 3.20
CA LEU A 46 -5.04 11.58 1.98
C LEU A 46 -4.73 10.10 2.26
N PHE A 47 -3.88 9.85 3.25
CA PHE A 47 -3.56 8.48 3.67
C PHE A 47 -4.81 7.80 4.25
N ALA A 48 -5.55 8.57 5.06
CA ALA A 48 -6.74 8.08 5.74
C ALA A 48 -7.90 7.78 4.80
N THR A 49 -7.81 8.23 3.55
CA THR A 49 -8.90 8.07 2.59
C THR A 49 -8.92 6.65 2.02
N GLY A 50 -7.76 6.00 2.01
CA GLY A 50 -7.64 4.68 1.42
C GLY A 50 -7.89 4.68 -0.08
N ASN A 51 -7.61 5.82 -0.71
CA ASN A 51 -7.77 5.98 -2.15
C ASN A 51 -6.44 5.75 -2.85
N PHE A 52 -5.37 5.86 -2.07
CA PHE A 52 -4.02 5.61 -2.55
C PHE A 52 -3.25 4.93 -1.43
N GLU A 53 -2.22 4.17 -1.78
CA GLU A 53 -1.49 3.38 -0.80
C GLU A 53 -0.47 4.24 -0.04
N ASP A 54 0.24 5.09 -0.78
CA ASP A 54 1.26 5.94 -0.19
C ASP A 54 1.09 7.36 -0.71
N VAL A 55 1.21 8.33 0.18
CA VAL A 55 1.01 9.73 -0.20
C VAL A 55 2.23 10.55 0.21
N ARG A 56 2.89 11.14 -0.77
CA ARG A 56 3.95 12.08 -0.52
C ARG A 56 3.64 13.43 -1.14
N VAL A 57 3.61 14.46 -0.32
CA VAL A 57 3.51 15.81 -0.83
C VAL A 57 4.90 16.45 -0.92
N LEU A 58 5.13 17.14 -2.01
CA LEU A 58 6.43 17.72 -2.29
C LEU A 58 6.25 19.19 -2.60
N ARG A 59 7.29 19.98 -2.36
CA ARG A 59 7.21 21.40 -2.61
C ARG A 59 8.02 21.78 -3.83
N ASP A 60 7.33 22.25 -4.86
CA ASP A 60 7.99 22.74 -6.06
C ASP A 60 7.67 24.22 -6.24
N GLY A 61 8.57 25.07 -5.77
CA GLY A 61 8.33 26.51 -5.81
C GLY A 61 7.14 26.92 -4.95
N ASP A 62 6.08 27.35 -5.63
CA ASP A 62 4.83 27.73 -4.97
C ASP A 62 3.75 26.68 -5.19
N THR A 63 4.16 25.57 -5.76
CA THR A 63 3.22 24.54 -6.16
C THR A 63 3.38 23.30 -5.30
N LEU A 64 2.28 22.67 -4.95
CA LEU A 64 2.33 21.48 -4.15
C LEU A 64 2.12 20.26 -5.01
N LEU A 65 3.15 19.43 -5.10
CA LEU A 65 3.12 18.25 -5.94
C LEU A 65 2.81 17.02 -5.10
N VAL A 66 1.66 16.43 -5.32
CA VAL A 66 1.26 15.26 -4.57
C VAL A 66 1.44 14.00 -5.41
N GLN A 67 2.42 13.20 -5.03
CA GLN A 67 2.69 11.95 -5.69
C GLN A 67 2.18 10.79 -4.83
N VAL A 68 1.35 9.94 -5.42
CA VAL A 68 0.76 8.84 -4.68
C VAL A 68 1.04 7.50 -5.36
N LYS A 69 0.95 6.43 -4.57
CA LYS A 69 1.24 5.09 -5.06
C LYS A 69 -0.06 4.34 -5.37
N GLU A 70 -0.18 3.92 -6.64
CA GLU A 70 -1.27 3.08 -7.13
C GLU A 70 -2.65 3.62 -6.74
N ARG A 71 -3.39 2.83 -5.97
CA ARG A 71 -4.77 3.13 -5.64
C ARG A 71 -5.30 2.23 -4.50
N PRO A 72 -5.25 0.88 -4.64
CA PRO A 72 -5.93 0.00 -3.70
C PRO A 72 -5.12 -0.30 -2.44
N THR A 73 -5.81 -0.30 -1.31
CA THR A 73 -5.20 -0.64 -0.03
C THR A 73 -5.54 -2.08 0.32
N ILE A 74 -4.56 -2.83 0.84
CA ILE A 74 -4.82 -4.19 1.31
C ILE A 74 -5.85 -4.15 2.43
N ALA A 75 -6.99 -4.76 2.21
CA ALA A 75 -8.07 -4.73 3.18
C ALA A 75 -8.18 -6.06 3.92
N SER A 76 -7.69 -7.12 3.29
CA SER A 76 -7.68 -8.43 3.91
C SER A 76 -6.62 -9.33 3.27
N ILE A 77 -5.92 -10.09 4.11
CA ILE A 77 -5.04 -11.13 3.62
C ILE A 77 -5.53 -12.47 4.15
N THR A 78 -5.79 -13.38 3.24
CA THR A 78 -6.35 -14.67 3.60
C THR A 78 -5.40 -15.79 3.23
N PHE A 79 -5.17 -16.70 4.16
CA PHE A 79 -4.23 -17.79 3.95
C PHE A 79 -4.98 -19.10 3.72
N SER A 80 -4.37 -20.00 2.96
CA SER A 80 -4.92 -21.33 2.73
C SER A 80 -3.79 -22.33 2.49
N GLY A 81 -3.91 -23.52 3.04
CA GLY A 81 -2.86 -24.53 2.87
C GLY A 81 -1.80 -24.42 3.94
N ASN A 82 -2.14 -23.73 5.01
CA ASN A 82 -1.25 -23.49 6.13
C ASN A 82 -1.29 -24.65 7.13
N LYS A 83 -1.01 -25.85 6.64
CA LYS A 83 -1.02 -27.04 7.47
C LYS A 83 0.31 -27.24 8.17
N SER A 84 1.39 -26.89 7.49
CA SER A 84 2.73 -27.06 8.02
C SER A 84 3.13 -25.89 8.90
N VAL A 85 2.97 -24.69 8.38
CA VAL A 85 3.26 -23.48 9.13
C VAL A 85 1.95 -22.75 9.41
N LYS A 86 1.80 -22.25 10.65
CA LYS A 86 0.54 -21.64 11.07
C LYS A 86 0.30 -20.32 10.36
N ASP A 87 -0.98 -20.04 10.14
CA ASP A 87 -1.40 -18.77 9.55
C ASP A 87 -1.05 -17.62 10.48
N ASP A 88 -1.10 -17.88 11.79
CA ASP A 88 -0.69 -16.94 12.82
C ASP A 88 0.78 -16.51 12.62
N MET A 89 1.62 -17.46 12.21
CA MET A 89 3.03 -17.18 11.94
C MET A 89 3.18 -16.43 10.61
N LEU A 90 2.45 -16.87 9.60
CA LEU A 90 2.47 -16.24 8.26
C LEU A 90 2.01 -14.79 8.31
N LYS A 91 1.08 -14.48 9.21
CA LYS A 91 0.55 -13.13 9.35
C LYS A 91 1.66 -12.14 9.69
N GLN A 92 2.50 -12.50 10.66
CA GLN A 92 3.57 -11.66 11.11
C GLN A 92 4.73 -11.70 10.13
N ASN A 93 4.86 -12.82 9.43
CA ASN A 93 5.88 -12.97 8.41
C ASN A 93 5.63 -12.00 7.26
N LEU A 94 4.36 -11.87 6.90
CA LEU A 94 3.93 -10.91 5.90
C LEU A 94 4.11 -9.47 6.41
N GLU A 95 3.77 -9.27 7.69
CA GLU A 95 3.88 -7.96 8.34
C GLU A 95 5.31 -7.45 8.34
N ALA A 96 6.26 -8.35 8.63
CA ALA A 96 7.67 -8.01 8.67
C ALA A 96 8.25 -7.81 7.27
N SER A 97 7.52 -8.28 6.25
CA SER A 97 7.93 -8.11 4.87
C SER A 97 7.33 -6.82 4.28
N GLY A 98 6.37 -6.25 4.98
CA GLY A 98 5.80 -4.97 4.57
C GLY A 98 4.35 -5.08 4.16
N VAL A 99 3.93 -6.27 3.79
CA VAL A 99 2.57 -6.50 3.31
C VAL A 99 1.66 -6.90 4.46
N ARG A 100 0.84 -5.96 4.92
CA ARG A 100 -0.05 -6.23 6.04
C ARG A 100 -1.39 -5.54 5.82
N VAL A 101 -2.37 -5.86 6.66
CA VAL A 101 -3.71 -5.32 6.53
C VAL A 101 -3.73 -3.81 6.82
N GLY A 102 -4.37 -3.06 5.93
CA GLY A 102 -4.47 -1.62 6.07
C GLY A 102 -3.28 -0.89 5.50
N GLU A 103 -2.28 -1.65 5.08
CA GLU A 103 -1.03 -1.08 4.60
C GLU A 103 -0.98 -1.06 3.07
N SER A 104 0.00 -0.31 2.57
CA SER A 104 0.30 -0.27 1.15
C SER A 104 0.71 -1.65 0.65
N LEU A 105 0.40 -1.94 -0.60
CA LEU A 105 0.71 -3.24 -1.16
C LEU A 105 1.78 -3.13 -2.24
N ASP A 106 2.74 -4.02 -2.19
CA ASP A 106 3.71 -4.11 -3.25
C ASP A 106 3.43 -5.35 -4.09
N ARG A 107 2.74 -5.12 -5.20
CA ARG A 107 2.32 -6.20 -6.09
C ARG A 107 3.50 -6.81 -6.84
N THR A 108 4.64 -6.12 -6.84
CA THR A 108 5.84 -6.63 -7.50
C THR A 108 6.68 -7.48 -6.55
N THR A 109 6.51 -7.24 -5.25
CA THR A 109 7.26 -7.99 -4.24
C THR A 109 6.51 -9.27 -3.85
N ILE A 110 5.34 -9.45 -4.47
CA ILE A 110 4.49 -10.62 -4.25
C ILE A 110 5.25 -11.91 -4.57
N ALA A 111 5.99 -11.92 -5.68
CA ALA A 111 6.77 -13.08 -6.10
C ALA A 111 7.87 -13.41 -5.09
N ASP A 112 8.49 -12.36 -4.54
CA ASP A 112 9.53 -12.53 -3.51
C ASP A 112 8.92 -13.13 -2.25
N ILE A 113 7.69 -12.73 -1.95
CA ILE A 113 6.96 -13.25 -0.79
C ILE A 113 6.68 -14.75 -0.98
N GLU A 114 6.22 -15.12 -2.18
CA GLU A 114 5.93 -16.52 -2.51
C GLU A 114 7.18 -17.38 -2.38
N LYS A 115 8.28 -16.92 -2.98
CA LYS A 115 9.54 -17.66 -2.96
C LYS A 115 10.13 -17.74 -1.56
N GLY A 116 9.93 -16.69 -0.77
CA GLY A 116 10.40 -16.67 0.60
C GLY A 116 9.66 -17.64 1.48
N LEU A 117 8.34 -17.72 1.27
CA LEU A 117 7.49 -18.64 2.01
C LEU A 117 7.76 -20.08 1.59
N GLU A 118 8.12 -20.27 0.33
CA GLU A 118 8.53 -21.58 -0.18
C GLU A 118 9.80 -22.05 0.51
N ASP A 119 10.73 -21.11 0.72
CA ASP A 119 11.99 -21.38 1.39
C ASP A 119 11.75 -21.77 2.84
N PHE A 120 10.85 -21.05 3.50
CA PHE A 120 10.51 -21.31 4.90
C PHE A 120 9.85 -22.67 5.07
N TYR A 121 8.98 -23.03 4.11
CA TYR A 121 8.29 -24.31 4.11
C TYR A 121 9.29 -25.46 3.93
N TYR A 122 10.32 -25.21 3.11
CA TYR A 122 11.34 -26.20 2.81
C TYR A 122 12.24 -26.50 4.01
N SER A 123 12.44 -25.51 4.88
CA SER A 123 13.30 -25.70 6.04
C SER A 123 12.63 -26.59 7.10
N VAL A 124 11.29 -26.58 7.14
CA VAL A 124 10.55 -27.33 8.15
C VAL A 124 10.60 -28.84 7.87
N GLY A 125 9.72 -29.30 6.99
CA GLY A 125 9.65 -30.72 6.67
C GLY A 125 10.08 -31.01 5.26
N LYS A 126 10.80 -30.06 4.65
CA LYS A 126 11.21 -30.13 3.24
C LYS A 126 9.98 -30.10 2.34
N TYR A 127 9.05 -29.19 2.65
CA TYR A 127 7.79 -29.12 1.96
C TYR A 127 7.94 -28.39 0.64
N SER A 128 7.62 -29.08 -0.45
CA SER A 128 7.64 -28.49 -1.77
C SER A 128 6.27 -27.91 -2.10
N ALA A 129 5.96 -26.80 -1.47
CA ALA A 129 4.65 -26.19 -1.59
C ALA A 129 4.66 -25.15 -2.68
N SER A 130 3.55 -25.05 -3.40
CA SER A 130 3.40 -24.05 -4.43
C SER A 130 2.63 -22.87 -3.86
N VAL A 131 3.28 -21.72 -3.79
CA VAL A 131 2.69 -20.54 -3.20
C VAL A 131 2.31 -19.53 -4.26
N LYS A 132 1.05 -19.17 -4.29
CA LYS A 132 0.58 -18.15 -5.21
C LYS A 132 -0.23 -17.09 -4.45
N ALA A 133 0.22 -15.85 -4.50
CA ALA A 133 -0.50 -14.76 -3.89
C ALA A 133 -1.36 -14.05 -4.94
N VAL A 134 -2.66 -14.20 -4.78
CA VAL A 134 -3.63 -13.64 -5.73
C VAL A 134 -4.15 -12.30 -5.24
N VAL A 135 -3.91 -11.26 -6.03
CA VAL A 135 -4.39 -9.93 -5.72
C VAL A 135 -5.63 -9.62 -6.54
N THR A 136 -6.75 -9.42 -5.86
CA THR A 136 -7.99 -9.09 -6.51
C THR A 136 -8.53 -7.74 -6.01
N PRO A 137 -8.73 -6.78 -6.92
CA PRO A 137 -9.18 -5.43 -6.60
C PRO A 137 -10.70 -5.30 -6.54
N LEU A 138 -11.19 -4.51 -5.61
CA LEU A 138 -12.62 -4.26 -5.48
C LEU A 138 -12.91 -2.77 -5.63
N PRO A 139 -14.18 -2.38 -5.96
CA PRO A 139 -14.56 -0.98 -6.27
C PRO A 139 -14.39 0.00 -5.10
N ARG A 140 -14.07 -0.50 -3.91
CA ARG A 140 -13.82 0.35 -2.75
C ARG A 140 -12.37 0.84 -2.71
N ASN A 141 -11.66 0.63 -3.83
CA ASN A 141 -10.24 0.99 -3.97
C ASN A 141 -9.39 0.20 -2.98
N ARG A 142 -9.72 -1.08 -2.86
CA ARG A 142 -9.02 -1.97 -1.97
C ARG A 142 -8.64 -3.24 -2.71
N VAL A 143 -7.72 -4.00 -2.14
CA VAL A 143 -7.33 -5.28 -2.71
C VAL A 143 -7.42 -6.38 -1.68
N ASP A 144 -7.77 -7.55 -2.15
CA ASP A 144 -7.81 -8.74 -1.32
C ASP A 144 -6.66 -9.64 -1.75
N LEU A 145 -5.81 -9.98 -0.80
CA LEU A 145 -4.66 -10.83 -1.09
C LEU A 145 -4.89 -12.22 -0.51
N LYS A 146 -4.88 -13.21 -1.37
CA LYS A 146 -5.05 -14.58 -0.92
C LYS A 146 -3.80 -15.39 -1.20
N LEU A 147 -3.35 -16.09 -0.19
CA LEU A 147 -2.13 -16.86 -0.28
C LEU A 147 -2.47 -18.34 -0.41
N VAL A 148 -2.21 -18.87 -1.59
CA VAL A 148 -2.52 -20.26 -1.88
C VAL A 148 -1.28 -21.12 -1.68
N PHE A 149 -1.32 -21.96 -0.65
CA PHE A 149 -0.26 -22.93 -0.39
C PHE A 149 -0.76 -24.32 -0.71
N GLN A 150 0.04 -25.12 -1.38
CA GLN A 150 -0.28 -26.51 -1.58
C GLN A 150 0.70 -27.38 -0.83
N GLU A 151 0.23 -28.05 0.21
CA GLU A 151 1.09 -28.84 1.08
C GLU A 151 1.08 -30.32 0.65
N GLY A 152 0.74 -30.55 -0.61
CA GLY A 152 0.62 -31.89 -1.13
C GLY A 152 1.32 -32.07 -2.46
N VAL A 153 2.25 -31.17 -2.76
CA VAL A 153 3.04 -31.27 -3.97
C VAL A 153 4.38 -31.89 -3.64
N SER A 154 4.69 -32.99 -4.33
CA SER A 154 5.88 -33.80 -4.04
C SER A 154 5.80 -34.40 -2.63
N ALA A 1 9.68 26.69 -5.43
CA ALA A 1 9.25 27.76 -4.50
C ALA A 1 9.06 27.22 -3.10
N GLU A 2 9.23 28.09 -2.11
CA GLU A 2 9.00 27.74 -0.72
C GLU A 2 8.29 28.89 -0.02
N GLY A 3 7.39 28.54 0.89
CA GLY A 3 6.57 29.54 1.54
C GLY A 3 5.64 30.21 0.57
N PHE A 4 4.98 29.41 -0.24
CA PHE A 4 4.06 29.93 -1.23
C PHE A 4 2.62 29.63 -0.83
N VAL A 5 1.71 30.47 -1.28
CA VAL A 5 0.30 30.27 -1.03
C VAL A 5 -0.27 29.32 -2.07
N VAL A 6 -0.68 28.13 -1.62
CA VAL A 6 -1.19 27.11 -2.52
C VAL A 6 -2.43 27.58 -3.24
N LYS A 7 -2.32 27.63 -4.55
CA LYS A 7 -3.42 28.03 -5.40
C LYS A 7 -4.42 26.88 -5.52
N ASP A 8 -3.89 25.70 -5.78
CA ASP A 8 -4.72 24.50 -5.93
C ASP A 8 -3.91 23.27 -5.58
N ILE A 9 -4.57 22.26 -5.01
CA ILE A 9 -3.93 20.98 -4.79
C ILE A 9 -4.46 19.99 -5.82
N HIS A 10 -3.55 19.45 -6.62
CA HIS A 10 -3.90 18.55 -7.70
C HIS A 10 -3.44 17.14 -7.35
N PHE A 11 -4.36 16.18 -7.43
CA PHE A 11 -4.02 14.80 -7.14
C PHE A 11 -3.86 14.01 -8.42
N GLU A 12 -2.83 13.17 -8.45
CA GLU A 12 -2.55 12.36 -9.64
C GLU A 12 -2.80 10.88 -9.38
N GLY A 13 -2.61 10.45 -8.13
CA GLY A 13 -2.76 9.05 -7.81
C GLY A 13 -4.13 8.72 -7.25
N LEU A 14 -4.37 9.13 -6.01
CA LEU A 14 -5.61 8.84 -5.27
C LEU A 14 -5.82 7.34 -5.08
N GLN A 15 -7.06 6.96 -4.72
CA GLN A 15 -7.40 5.58 -4.44
C GLN A 15 -8.93 5.42 -4.42
N ARG A 16 -9.51 5.60 -3.24
CA ARG A 16 -10.96 5.56 -3.07
C ARG A 16 -11.44 6.81 -2.35
N VAL A 17 -10.53 7.78 -2.23
CA VAL A 17 -10.82 9.04 -1.57
C VAL A 17 -10.90 10.15 -2.61
N ALA A 18 -11.84 11.06 -2.43
CA ALA A 18 -11.98 12.20 -3.34
C ALA A 18 -11.12 13.35 -2.85
N VAL A 19 -10.79 14.25 -3.77
CA VAL A 19 -9.84 15.34 -3.52
C VAL A 19 -10.21 16.21 -2.31
N GLY A 20 -11.50 16.46 -2.10
CA GLY A 20 -11.94 17.28 -0.98
C GLY A 20 -11.68 16.60 0.35
N ALA A 21 -11.93 15.30 0.39
CA ALA A 21 -11.69 14.49 1.58
C ALA A 21 -10.19 14.30 1.80
N ALA A 22 -9.46 14.18 0.70
CA ALA A 22 -8.02 13.96 0.73
C ALA A 22 -7.27 15.20 1.23
N LEU A 23 -7.83 16.37 0.93
CA LEU A 23 -7.29 17.64 1.40
C LEU A 23 -7.47 17.79 2.91
N LEU A 24 -8.54 17.20 3.43
CA LEU A 24 -8.87 17.26 4.84
C LEU A 24 -7.86 16.47 5.69
N SER A 25 -7.20 15.49 5.06
CA SER A 25 -6.18 14.71 5.74
C SER A 25 -4.86 15.47 5.79
N MET A 26 -4.71 16.43 4.89
CA MET A 26 -3.51 17.25 4.83
C MET A 26 -3.58 18.37 5.86
N PRO A 27 -2.46 18.67 6.54
CA PRO A 27 -2.40 19.73 7.54
C PRO A 27 -2.66 21.11 6.94
N VAL A 28 -2.19 21.31 5.72
CA VAL A 28 -2.33 22.60 5.04
C VAL A 28 -3.31 22.48 3.88
N ARG A 29 -3.99 23.57 3.58
CA ARG A 29 -5.04 23.59 2.56
C ARG A 29 -4.81 24.69 1.55
N THR A 30 -5.69 24.77 0.57
CA THR A 30 -5.62 25.76 -0.46
C THR A 30 -5.84 27.17 0.12
N GLY A 31 -4.86 28.04 -0.08
CA GLY A 31 -4.90 29.37 0.52
C GLY A 31 -3.92 29.49 1.66
N ASP A 32 -3.34 28.37 2.06
CA ASP A 32 -2.35 28.36 3.14
C ASP A 32 -0.95 28.55 2.57
N THR A 33 -0.06 29.10 3.39
CA THR A 33 1.33 29.23 3.02
C THR A 33 2.10 28.00 3.49
N VAL A 34 2.84 27.39 2.57
CA VAL A 34 3.43 26.08 2.85
C VAL A 34 4.95 26.10 2.78
N ASN A 35 5.57 25.54 3.82
CA ASN A 35 7.01 25.37 3.86
C ASN A 35 7.37 23.99 3.32
N ASP A 36 8.68 23.74 3.17
CA ASP A 36 9.17 22.41 2.80
C ASP A 36 8.78 21.41 3.90
N GLU A 37 8.73 21.92 5.12
CA GLU A 37 8.26 21.17 6.29
C GLU A 37 6.81 20.75 6.11
N ASP A 38 6.01 21.62 5.49
CA ASP A 38 4.59 21.32 5.23
C ASP A 38 4.44 20.35 4.08
N ILE A 39 5.39 20.36 3.15
CA ILE A 39 5.43 19.35 2.10
C ILE A 39 5.69 17.96 2.70
N SER A 40 6.65 17.89 3.63
CA SER A 40 6.91 16.65 4.35
C SER A 40 5.74 16.28 5.26
N ASN A 41 5.06 17.31 5.78
CA ASN A 41 3.91 17.12 6.66
C ASN A 41 2.71 16.56 5.91
N THR A 42 2.46 17.09 4.72
CA THR A 42 1.38 16.56 3.87
C THR A 42 1.66 15.11 3.46
N ILE A 43 2.92 14.83 3.09
CA ILE A 43 3.37 13.46 2.79
C ILE A 43 3.06 12.52 3.98
N ARG A 44 3.45 12.96 5.17
CA ARG A 44 3.26 12.20 6.40
C ARG A 44 1.79 11.94 6.72
N ALA A 45 1.00 13.00 6.60
CA ALA A 45 -0.42 12.94 6.92
C ALA A 45 -1.15 11.94 6.03
N LEU A 46 -0.91 12.03 4.73
CA LEU A 46 -1.52 11.11 3.78
C LEU A 46 -0.94 9.70 3.93
N PHE A 47 0.33 9.61 4.36
CA PHE A 47 0.95 8.31 4.62
C PHE A 47 0.28 7.63 5.82
N ALA A 48 -0.14 8.45 6.78
CA ALA A 48 -0.79 7.98 8.00
C ALA A 48 -2.21 7.48 7.74
N THR A 49 -2.77 7.78 6.56
CA THR A 49 -4.14 7.40 6.27
C THR A 49 -4.21 5.92 5.92
N GLY A 50 -3.10 5.37 5.42
CA GLY A 50 -2.99 3.95 5.15
C GLY A 50 -3.78 3.49 3.92
N ASN A 51 -4.53 4.39 3.31
CA ASN A 51 -5.38 4.02 2.19
C ASN A 51 -4.63 4.15 0.86
N PHE A 52 -3.59 4.99 0.84
CA PHE A 52 -2.65 5.01 -0.29
C PHE A 52 -1.39 4.26 0.12
N GLU A 53 -0.62 3.75 -0.84
CA GLU A 53 0.56 2.96 -0.50
C GLU A 53 1.79 3.86 -0.28
N ASP A 54 1.96 4.88 -1.13
CA ASP A 54 3.12 5.77 -1.00
C ASP A 54 2.71 7.18 -1.42
N VAL A 55 3.18 8.17 -0.68
CA VAL A 55 2.78 9.56 -0.91
C VAL A 55 3.96 10.42 -1.34
N ARG A 56 3.84 11.01 -2.52
CA ARG A 56 4.83 11.94 -3.02
C ARG A 56 4.20 13.31 -3.23
N VAL A 57 4.70 14.31 -2.51
CA VAL A 57 4.21 15.67 -2.70
C VAL A 57 5.25 16.51 -3.44
N LEU A 58 4.82 17.14 -4.52
CA LEU A 58 5.67 17.98 -5.32
C LEU A 58 5.01 19.33 -5.46
N ARG A 59 5.78 20.36 -5.78
CA ARG A 59 5.19 21.66 -6.01
C ARG A 59 5.59 22.20 -7.38
N ASP A 60 4.59 22.64 -8.12
CA ASP A 60 4.80 23.23 -9.43
C ASP A 60 4.44 24.70 -9.37
N GLY A 61 5.45 25.55 -9.19
CA GLY A 61 5.20 26.96 -8.97
C GLY A 61 4.50 27.22 -7.66
N ASP A 62 3.24 27.61 -7.73
CA ASP A 62 2.42 27.85 -6.54
C ASP A 62 1.32 26.80 -6.44
N THR A 63 1.48 25.72 -7.19
CA THR A 63 0.52 24.63 -7.17
C THR A 63 1.10 23.42 -6.45
N LEU A 64 0.28 22.74 -5.66
CA LEU A 64 0.73 21.56 -4.95
C LEU A 64 0.21 20.31 -5.63
N LEU A 65 1.12 19.47 -6.10
CA LEU A 65 0.75 18.27 -6.83
C LEU A 65 1.09 17.04 -6.01
N VAL A 66 0.08 16.28 -5.64
CA VAL A 66 0.27 15.08 -4.84
C VAL A 66 0.08 13.83 -5.70
N GLN A 67 1.17 13.13 -5.92
CA GLN A 67 1.14 11.86 -6.63
C GLN A 67 1.23 10.75 -5.61
N VAL A 68 0.42 9.74 -5.79
CA VAL A 68 0.32 8.69 -4.80
C VAL A 68 0.43 7.33 -5.47
N LYS A 69 0.84 6.35 -4.69
CA LYS A 69 1.08 5.03 -5.22
C LYS A 69 -0.10 4.14 -4.95
N GLU A 70 -0.39 3.32 -5.96
CA GLU A 70 -1.52 2.41 -6.01
C GLU A 70 -2.81 3.14 -6.38
N ARG A 71 -3.92 2.57 -5.95
CA ARG A 71 -5.27 2.88 -6.43
C ARG A 71 -6.22 1.72 -6.10
N PRO A 72 -5.83 0.44 -6.37
CA PRO A 72 -6.62 -0.70 -5.93
C PRO A 72 -6.40 -1.03 -4.45
N THR A 73 -7.48 -1.38 -3.80
CA THR A 73 -7.46 -1.79 -2.40
C THR A 73 -7.62 -3.31 -2.32
N ILE A 74 -6.82 -3.96 -1.47
CA ILE A 74 -6.98 -5.38 -1.24
C ILE A 74 -8.34 -5.64 -0.60
N ALA A 75 -9.17 -6.40 -1.29
CA ALA A 75 -10.52 -6.67 -0.82
C ALA A 75 -10.57 -8.01 -0.09
N SER A 76 -9.66 -8.92 -0.47
CA SER A 76 -9.56 -10.21 0.19
C SER A 76 -8.18 -10.81 0.00
N ILE A 77 -7.66 -11.41 1.06
CA ILE A 77 -6.49 -12.25 0.97
C ILE A 77 -6.89 -13.70 1.19
N THR A 78 -6.59 -14.53 0.21
CA THR A 78 -7.02 -15.91 0.24
C THR A 78 -5.80 -16.84 0.29
N PHE A 79 -5.84 -17.80 1.20
CA PHE A 79 -4.70 -18.67 1.41
C PHE A 79 -5.02 -20.10 1.00
N SER A 80 -4.11 -20.72 0.27
CA SER A 80 -4.31 -22.08 -0.20
C SER A 80 -3.00 -22.87 -0.16
N GLY A 81 -3.02 -24.02 0.50
CA GLY A 81 -1.86 -24.90 0.52
C GLY A 81 -1.02 -24.77 1.79
N ASN A 82 -1.43 -23.86 2.67
CA ASN A 82 -0.68 -23.60 3.91
C ASN A 82 -1.12 -24.57 5.01
N LYS A 83 -0.54 -25.77 4.98
CA LYS A 83 -0.86 -26.79 5.97
C LYS A 83 0.00 -26.66 7.23
N SER A 84 1.26 -26.26 7.06
CA SER A 84 2.18 -26.13 8.17
C SER A 84 1.79 -24.96 9.07
N VAL A 85 1.88 -23.77 8.50
CA VAL A 85 1.43 -22.56 9.19
C VAL A 85 0.02 -22.26 8.70
N LYS A 86 -0.89 -22.02 9.64
CA LYS A 86 -2.31 -21.88 9.32
C LYS A 86 -2.60 -20.61 8.54
N ASP A 87 -3.71 -20.62 7.83
CA ASP A 87 -4.22 -19.44 7.15
C ASP A 87 -4.52 -18.34 8.17
N ASP A 88 -4.97 -18.77 9.35
CA ASP A 88 -5.23 -17.85 10.46
C ASP A 88 -3.95 -17.12 10.87
N MET A 89 -2.83 -17.84 10.93
CA MET A 89 -1.55 -17.24 11.28
C MET A 89 -0.99 -16.42 10.12
N LEU A 90 -1.24 -16.91 8.90
CA LEU A 90 -0.79 -16.23 7.68
C LEU A 90 -1.45 -14.88 7.51
N LYS A 91 -2.69 -14.77 7.98
CA LYS A 91 -3.42 -13.50 7.95
C LYS A 91 -2.65 -12.42 8.70
N GLN A 92 -2.13 -12.79 9.85
CA GLN A 92 -1.39 -11.88 10.71
C GLN A 92 0.02 -11.69 10.17
N ASN A 93 0.52 -12.71 9.50
CA ASN A 93 1.84 -12.67 8.88
C ASN A 93 1.86 -11.64 7.75
N LEU A 94 0.80 -11.66 6.95
CA LEU A 94 0.60 -10.69 5.88
C LEU A 94 0.37 -9.30 6.44
N GLU A 95 -0.39 -9.23 7.55
CA GLU A 95 -0.66 -7.99 8.26
C GLU A 95 0.65 -7.35 8.75
N ALA A 96 1.55 -8.18 9.23
CA ALA A 96 2.84 -7.72 9.74
C ALA A 96 3.77 -7.28 8.61
N SER A 97 3.49 -7.73 7.40
CA SER A 97 4.27 -7.36 6.23
C SER A 97 3.73 -6.08 5.60
N GLY A 98 2.53 -5.69 6.02
CA GLY A 98 1.94 -4.45 5.54
C GLY A 98 0.87 -4.68 4.48
N VAL A 99 0.81 -5.90 3.99
CA VAL A 99 -0.13 -6.26 2.94
C VAL A 99 -1.33 -6.97 3.55
N ARG A 100 -2.43 -6.24 3.70
CA ARG A 100 -3.62 -6.78 4.34
C ARG A 100 -4.88 -6.26 3.67
N VAL A 101 -6.02 -6.76 4.10
CA VAL A 101 -7.31 -6.31 3.60
C VAL A 101 -7.58 -4.87 4.05
N GLY A 102 -8.05 -4.05 3.13
CA GLY A 102 -8.30 -2.64 3.42
C GLY A 102 -7.10 -1.77 3.09
N GLU A 103 -5.91 -2.36 3.11
CA GLU A 103 -4.69 -1.68 2.78
C GLU A 103 -4.45 -1.70 1.27
N SER A 104 -3.61 -0.79 0.80
CA SER A 104 -3.13 -0.81 -0.56
C SER A 104 -1.97 -1.80 -0.67
N LEU A 105 -1.80 -2.40 -1.83
CA LEU A 105 -0.81 -3.44 -1.98
C LEU A 105 0.25 -3.07 -3.01
N ASP A 106 1.51 -3.23 -2.64
CA ASP A 106 2.62 -3.07 -3.58
C ASP A 106 2.92 -4.40 -4.23
N ARG A 107 2.66 -4.46 -5.52
CA ARG A 107 2.87 -5.65 -6.32
C ARG A 107 4.37 -5.91 -6.52
N THR A 108 5.20 -4.89 -6.27
CA THR A 108 6.62 -5.02 -6.46
C THR A 108 7.29 -5.68 -5.26
N THR A 109 6.67 -5.56 -4.08
CA THR A 109 7.22 -6.20 -2.89
C THR A 109 6.69 -7.62 -2.73
N ILE A 110 5.82 -8.02 -3.67
CA ILE A 110 5.19 -9.34 -3.65
C ILE A 110 6.24 -10.46 -3.63
N ALA A 111 7.30 -10.29 -4.43
CA ALA A 111 8.36 -11.28 -4.53
C ALA A 111 9.12 -11.43 -3.22
N ASP A 112 9.34 -10.31 -2.53
CA ASP A 112 10.00 -10.32 -1.23
C ASP A 112 9.11 -10.96 -0.17
N ILE A 113 7.80 -10.81 -0.33
CA ILE A 113 6.82 -11.43 0.55
C ILE A 113 6.86 -12.96 0.40
N GLU A 114 6.93 -13.42 -0.85
CA GLU A 114 7.03 -14.85 -1.13
C GLU A 114 8.33 -15.43 -0.56
N LYS A 115 9.42 -14.71 -0.76
CA LYS A 115 10.72 -15.09 -0.21
C LYS A 115 10.67 -15.18 1.31
N GLY A 116 9.99 -14.21 1.93
CA GLY A 116 9.86 -14.17 3.38
C GLY A 116 9.03 -15.32 3.91
N LEU A 117 7.99 -15.70 3.19
CA LEU A 117 7.14 -16.82 3.58
C LEU A 117 7.89 -18.15 3.46
N GLU A 118 8.69 -18.28 2.41
CA GLU A 118 9.53 -19.47 2.22
C GLU A 118 10.60 -19.54 3.31
N ASP A 119 11.15 -18.37 3.65
CA ASP A 119 12.15 -18.25 4.71
C ASP A 119 11.57 -18.71 6.04
N PHE A 120 10.38 -18.21 6.36
CA PHE A 120 9.68 -18.53 7.60
C PHE A 120 9.39 -20.02 7.71
N TYR A 121 8.90 -20.60 6.61
CA TYR A 121 8.56 -22.02 6.56
C TYR A 121 9.79 -22.90 6.82
N TYR A 122 10.91 -22.50 6.23
CA TYR A 122 12.16 -23.24 6.36
C TYR A 122 12.76 -23.11 7.76
N SER A 123 12.57 -21.94 8.39
CA SER A 123 13.17 -21.67 9.69
C SER A 123 12.58 -22.55 10.80
N VAL A 124 11.33 -22.98 10.63
CA VAL A 124 10.67 -23.83 11.62
C VAL A 124 11.11 -25.29 11.47
N GLY A 125 10.40 -26.03 10.63
CA GLY A 125 10.68 -27.44 10.46
C GLY A 125 11.26 -27.75 9.09
N LYS A 126 11.77 -26.71 8.42
CA LYS A 126 12.25 -26.80 7.04
C LYS A 126 11.13 -27.25 6.11
N TYR A 127 9.96 -26.65 6.30
CA TYR A 127 8.78 -26.97 5.50
C TYR A 127 8.93 -26.38 4.10
N SER A 128 9.25 -27.25 3.15
CA SER A 128 9.51 -26.82 1.80
C SER A 128 8.25 -26.78 0.96
N ALA A 129 7.53 -25.67 1.06
CA ALA A 129 6.43 -25.38 0.16
C ALA A 129 6.76 -24.12 -0.61
N SER A 130 6.41 -24.07 -1.88
CA SER A 130 6.74 -22.92 -2.71
C SER A 130 5.54 -22.00 -2.85
N VAL A 131 5.72 -20.75 -2.45
CA VAL A 131 4.61 -19.80 -2.43
C VAL A 131 4.69 -18.79 -3.58
N LYS A 132 3.57 -18.60 -4.24
CA LYS A 132 3.43 -17.59 -5.27
C LYS A 132 2.20 -16.74 -5.00
N ALA A 133 2.39 -15.44 -4.87
CA ALA A 133 1.28 -14.54 -4.58
C ALA A 133 0.71 -13.96 -5.87
N VAL A 134 -0.51 -14.35 -6.18
CA VAL A 134 -1.17 -13.93 -7.40
C VAL A 134 -2.18 -12.83 -7.10
N VAL A 135 -1.94 -11.65 -7.67
CA VAL A 135 -2.84 -10.52 -7.51
C VAL A 135 -3.63 -10.29 -8.76
N THR A 136 -4.95 -10.41 -8.66
CA THR A 136 -5.82 -10.19 -9.78
C THR A 136 -6.86 -9.13 -9.45
N PRO A 137 -6.85 -8.00 -10.18
CA PRO A 137 -7.82 -6.93 -9.99
C PRO A 137 -9.22 -7.32 -10.45
N LEU A 138 -10.21 -6.85 -9.72
CA LEU A 138 -11.60 -7.02 -10.10
C LEU A 138 -12.10 -5.71 -10.73
N PRO A 139 -13.21 -5.76 -11.52
CA PRO A 139 -13.76 -4.56 -12.21
C PRO A 139 -14.29 -3.47 -11.27
N ARG A 140 -13.37 -2.79 -10.60
CA ARG A 140 -13.67 -1.66 -9.73
C ARG A 140 -12.39 -0.90 -9.44
N ASN A 141 -12.01 -0.86 -8.18
CA ASN A 141 -10.77 -0.26 -7.73
C ASN A 141 -10.16 -1.16 -6.66
N ARG A 142 -10.32 -2.47 -6.85
CA ARG A 142 -9.92 -3.44 -5.84
C ARG A 142 -9.13 -4.59 -6.46
N VAL A 143 -8.35 -5.27 -5.63
CA VAL A 143 -7.58 -6.43 -6.07
C VAL A 143 -7.84 -7.61 -5.14
N ASP A 144 -7.79 -8.80 -5.70
CA ASP A 144 -7.90 -10.03 -4.92
C ASP A 144 -6.55 -10.71 -4.89
N LEU A 145 -6.06 -11.02 -3.69
CA LEU A 145 -4.74 -11.60 -3.54
C LEU A 145 -4.83 -13.02 -3.03
N LYS A 146 -4.41 -13.96 -3.86
CA LYS A 146 -4.42 -15.37 -3.48
C LYS A 146 -3.01 -15.90 -3.37
N LEU A 147 -2.77 -16.57 -2.27
CA LEU A 147 -1.45 -17.10 -1.97
C LEU A 147 -1.42 -18.57 -2.34
N VAL A 148 -0.66 -18.89 -3.38
CA VAL A 148 -0.59 -20.24 -3.89
C VAL A 148 0.62 -20.95 -3.28
N PHE A 149 0.36 -21.92 -2.43
CA PHE A 149 1.41 -22.73 -1.86
C PHE A 149 1.43 -24.09 -2.55
N GLN A 150 2.61 -24.49 -3.00
CA GLN A 150 2.79 -25.80 -3.60
C GLN A 150 2.76 -26.86 -2.53
N GLU A 151 1.74 -27.70 -2.55
CA GLU A 151 1.55 -28.72 -1.54
C GLU A 151 1.92 -30.09 -2.10
N GLY A 152 3.21 -30.32 -2.28
CA GLY A 152 3.65 -31.60 -2.79
C GLY A 152 4.99 -31.52 -3.48
N VAL A 153 6.05 -31.56 -2.68
CA VAL A 153 7.40 -31.57 -3.19
C VAL A 153 8.14 -32.81 -2.65
N SER A 154 9.32 -33.10 -3.18
CA SER A 154 10.07 -34.30 -2.81
C SER A 154 10.67 -34.22 -1.41
N ALA A 1 11.80 27.69 -3.75
CA ALA A 1 10.41 27.18 -3.81
C ALA A 1 10.04 26.53 -2.48
N GLU A 2 10.45 27.16 -1.38
CA GLU A 2 10.18 26.65 -0.04
C GLU A 2 9.57 27.75 0.80
N GLY A 3 8.41 27.47 1.37
CA GLY A 3 7.65 28.49 2.04
C GLY A 3 6.93 29.38 1.05
N PHE A 4 6.32 28.75 0.07
CA PHE A 4 5.59 29.45 -0.97
C PHE A 4 4.09 29.26 -0.76
N VAL A 5 3.29 30.20 -1.24
CA VAL A 5 1.85 30.07 -1.17
C VAL A 5 1.36 29.19 -2.33
N VAL A 6 0.62 28.13 -1.98
CA VAL A 6 0.07 27.23 -2.98
C VAL A 6 -1.02 27.91 -3.77
N LYS A 7 -0.90 27.85 -5.08
CA LYS A 7 -1.87 28.48 -5.96
C LYS A 7 -2.87 27.45 -6.46
N ASP A 8 -2.38 26.26 -6.77
CA ASP A 8 -3.22 25.17 -7.24
C ASP A 8 -2.73 23.84 -6.69
N ILE A 9 -3.66 22.97 -6.35
CA ILE A 9 -3.33 21.63 -5.89
C ILE A 9 -3.73 20.63 -6.97
N HIS A 10 -2.77 19.86 -7.44
CA HIS A 10 -3.00 18.88 -8.47
C HIS A 10 -2.60 17.50 -7.99
N PHE A 11 -3.49 16.56 -8.12
CA PHE A 11 -3.25 15.20 -7.68
C PHE A 11 -2.92 14.31 -8.86
N GLU A 12 -1.94 13.45 -8.69
CA GLU A 12 -1.56 12.49 -9.73
C GLU A 12 -1.73 11.07 -9.20
N GLY A 13 -2.98 10.72 -8.97
CA GLY A 13 -3.33 9.41 -8.49
C GLY A 13 -4.79 9.35 -8.11
N LEU A 14 -5.10 9.82 -6.89
CA LEU A 14 -6.47 9.91 -6.37
C LEU A 14 -7.15 8.54 -6.19
N GLN A 15 -7.53 8.26 -4.95
CA GLN A 15 -8.25 7.04 -4.65
C GLN A 15 -9.48 7.34 -3.81
N ARG A 16 -10.61 7.56 -4.50
CA ARG A 16 -11.94 7.74 -3.87
C ARG A 16 -12.12 9.13 -3.26
N VAL A 17 -11.05 9.68 -2.70
CA VAL A 17 -11.11 10.98 -2.05
C VAL A 17 -10.86 12.08 -3.07
N ALA A 18 -11.87 12.88 -3.34
CA ALA A 18 -11.76 14.01 -4.25
C ALA A 18 -10.89 15.10 -3.67
N VAL A 19 -10.33 15.95 -4.54
CA VAL A 19 -9.35 16.95 -4.15
C VAL A 19 -9.82 17.87 -3.01
N GLY A 20 -11.11 18.21 -2.98
CA GLY A 20 -11.65 19.06 -1.93
C GLY A 20 -11.75 18.32 -0.60
N ALA A 21 -12.10 17.04 -0.68
CA ALA A 21 -12.19 16.20 0.51
C ALA A 21 -10.81 15.81 1.02
N ALA A 22 -9.88 15.62 0.09
CA ALA A 22 -8.50 15.29 0.42
C ALA A 22 -7.80 16.50 1.04
N LEU A 23 -8.22 17.69 0.62
CA LEU A 23 -7.81 18.94 1.22
C LEU A 23 -8.11 19.02 2.72
N LEU A 24 -9.19 18.36 3.13
CA LEU A 24 -9.56 18.33 4.54
C LEU A 24 -8.58 17.50 5.36
N SER A 25 -7.88 16.58 4.70
CA SER A 25 -6.87 15.77 5.35
C SER A 25 -5.49 16.44 5.23
N MET A 26 -5.40 17.38 4.30
CA MET A 26 -4.19 18.15 4.10
C MET A 26 -4.14 19.30 5.09
N PRO A 27 -2.97 19.57 5.69
CA PRO A 27 -2.81 20.68 6.65
C PRO A 27 -2.90 22.05 5.97
N VAL A 28 -2.65 22.10 4.67
CA VAL A 28 -2.62 23.35 3.94
C VAL A 28 -3.58 23.30 2.74
N ARG A 29 -4.10 24.47 2.40
CA ARG A 29 -5.03 24.64 1.29
C ARG A 29 -4.50 25.69 0.34
N THR A 30 -5.23 25.91 -0.74
CA THR A 30 -4.86 26.89 -1.73
C THR A 30 -4.90 28.30 -1.16
N GLY A 31 -3.76 28.97 -1.18
CA GLY A 31 -3.64 30.26 -0.53
C GLY A 31 -2.83 30.19 0.75
N ASP A 32 -2.46 28.97 1.16
CA ASP A 32 -1.66 28.77 2.36
C ASP A 32 -0.19 28.58 2.00
N THR A 33 0.68 28.88 2.95
CA THR A 33 2.12 28.73 2.76
C THR A 33 2.58 27.34 3.23
N VAL A 34 3.51 26.73 2.50
CA VAL A 34 3.98 25.38 2.85
C VAL A 34 5.49 25.34 2.98
N ASN A 35 5.95 24.79 4.09
CA ASN A 35 7.37 24.49 4.25
C ASN A 35 7.63 23.05 3.88
N ASP A 36 8.88 22.63 4.00
CA ASP A 36 9.23 21.25 3.74
C ASP A 36 8.62 20.35 4.80
N GLU A 37 8.46 20.89 6.00
CA GLU A 37 7.80 20.20 7.09
C GLU A 37 6.32 19.96 6.76
N ASP A 38 5.70 20.91 6.05
CA ASP A 38 4.30 20.78 5.65
C ASP A 38 4.14 19.84 4.46
N ILE A 39 5.16 19.75 3.62
CA ILE A 39 5.18 18.74 2.56
C ILE A 39 5.14 17.34 3.20
N SER A 40 6.00 17.13 4.20
CA SER A 40 6.05 15.87 4.94
C SER A 40 4.77 15.67 5.77
N ASN A 41 4.20 16.76 6.26
CA ASN A 41 2.96 16.74 7.03
C ASN A 41 1.81 16.22 6.17
N THR A 42 1.70 16.78 4.98
CA THR A 42 0.71 16.34 3.99
C THR A 42 0.91 14.85 3.63
N ILE A 43 2.16 14.47 3.39
CA ILE A 43 2.54 13.10 3.08
C ILE A 43 2.05 12.14 4.18
N ARG A 44 2.35 12.49 5.43
CA ARG A 44 2.06 11.65 6.58
C ARG A 44 0.56 11.54 6.85
N ALA A 45 -0.11 12.66 6.70
CA ALA A 45 -1.56 12.73 6.91
C ALA A 45 -2.30 11.81 5.96
N LEU A 46 -2.01 11.96 4.68
CA LEU A 46 -2.59 11.13 3.64
C LEU A 46 -2.12 9.68 3.75
N PHE A 47 -0.90 9.48 4.24
CA PHE A 47 -0.36 8.16 4.51
C PHE A 47 -1.21 7.42 5.55
N ALA A 48 -1.63 8.17 6.56
CA ALA A 48 -2.43 7.63 7.66
C ALA A 48 -3.85 7.29 7.26
N THR A 49 -4.30 7.75 6.09
CA THR A 49 -5.69 7.55 5.69
C THR A 49 -5.93 6.14 5.16
N GLY A 50 -4.87 5.49 4.67
CA GLY A 50 -4.97 4.11 4.21
C GLY A 50 -5.56 3.96 2.82
N ASN A 51 -6.05 5.05 2.25
CA ASN A 51 -6.68 5.03 0.93
C ASN A 51 -5.64 4.78 -0.16
N PHE A 52 -4.44 5.28 0.08
CA PHE A 52 -3.33 5.09 -0.83
C PHE A 52 -2.15 4.55 -0.06
N GLU A 53 -1.31 3.76 -0.73
CA GLU A 53 -0.20 3.08 -0.08
C GLU A 53 0.91 4.07 0.29
N ASP A 54 1.25 4.95 -0.64
CA ASP A 54 2.33 5.89 -0.45
C ASP A 54 1.93 7.25 -1.01
N VAL A 55 2.40 8.31 -0.38
CA VAL A 55 2.03 9.66 -0.77
C VAL A 55 3.27 10.49 -1.03
N ARG A 56 3.38 11.04 -2.24
CA ARG A 56 4.49 11.90 -2.59
C ARG A 56 4.00 13.30 -2.94
N VAL A 57 4.44 14.28 -2.18
CA VAL A 57 4.14 15.68 -2.48
C VAL A 57 5.36 16.37 -3.08
N LEU A 58 5.19 16.92 -4.27
CA LEU A 58 6.26 17.57 -5.00
C LEU A 58 5.79 18.95 -5.43
N ARG A 59 6.72 19.84 -5.71
CA ARG A 59 6.34 21.20 -6.07
C ARG A 59 6.71 21.52 -7.51
N ASP A 60 5.88 22.30 -8.17
CA ASP A 60 6.18 22.83 -9.48
C ASP A 60 5.72 24.28 -9.56
N GLY A 61 6.65 25.21 -9.35
CA GLY A 61 6.30 26.61 -9.28
C GLY A 61 5.51 26.92 -8.01
N ASP A 62 4.24 27.25 -8.19
CA ASP A 62 3.33 27.47 -7.06
C ASP A 62 2.28 26.37 -7.03
N THR A 63 2.54 25.28 -7.71
CA THR A 63 1.59 24.20 -7.80
C THR A 63 2.06 23.02 -6.97
N LEU A 64 1.16 22.45 -6.20
CA LEU A 64 1.48 21.31 -5.36
C LEU A 64 0.97 20.04 -6.01
N LEU A 65 1.89 19.16 -6.31
CA LEU A 65 1.57 17.92 -6.99
C LEU A 65 1.64 16.76 -6.02
N VAL A 66 0.49 16.17 -5.74
CA VAL A 66 0.41 15.05 -4.82
C VAL A 66 0.08 13.76 -5.57
N GLN A 67 1.09 12.93 -5.74
CA GLN A 67 0.91 11.64 -6.39
C GLN A 67 0.77 10.56 -5.34
N VAL A 68 0.01 9.53 -5.65
CA VAL A 68 -0.22 8.45 -4.69
C VAL A 68 0.14 7.11 -5.30
N LYS A 69 0.52 6.18 -4.45
CA LYS A 69 0.88 4.85 -4.88
C LYS A 69 -0.27 3.89 -4.63
N GLU A 70 -0.49 3.00 -5.59
CA GLU A 70 -1.57 2.00 -5.56
C GLU A 70 -2.96 2.66 -5.62
N ARG A 71 -3.98 1.85 -5.38
CA ARG A 71 -5.37 2.23 -5.65
C ARG A 71 -6.35 1.16 -5.15
N PRO A 72 -6.22 -0.14 -5.56
CA PRO A 72 -7.18 -1.18 -5.14
C PRO A 72 -6.97 -1.62 -3.69
N THR A 73 -8.07 -1.88 -3.01
CA THR A 73 -8.03 -2.33 -1.63
C THR A 73 -8.16 -3.84 -1.55
N ILE A 74 -7.33 -4.49 -0.72
CA ILE A 74 -7.44 -5.92 -0.49
C ILE A 74 -8.80 -6.23 0.15
N ALA A 75 -9.59 -7.04 -0.53
CA ALA A 75 -10.89 -7.43 -0.01
C ALA A 75 -10.82 -8.80 0.64
N SER A 76 -9.94 -9.65 0.15
CA SER A 76 -9.76 -10.98 0.70
C SER A 76 -8.33 -11.47 0.52
N ILE A 77 -7.80 -12.11 1.55
CA ILE A 77 -6.53 -12.83 1.43
C ILE A 77 -6.77 -14.31 1.70
N THR A 78 -6.41 -15.13 0.74
CA THR A 78 -6.66 -16.55 0.82
C THR A 78 -5.36 -17.32 0.68
N PHE A 79 -5.15 -18.27 1.58
CA PHE A 79 -3.94 -19.06 1.57
C PHE A 79 -4.24 -20.49 1.14
N SER A 80 -3.42 -21.03 0.25
CA SER A 80 -3.61 -22.38 -0.25
C SER A 80 -2.29 -23.13 -0.27
N GLY A 81 -2.17 -24.16 0.57
CA GLY A 81 -0.96 -24.96 0.63
C GLY A 81 -0.25 -24.84 1.96
N ASN A 82 -0.95 -24.30 2.94
CA ASN A 82 -0.44 -24.16 4.31
C ASN A 82 -0.54 -25.49 5.06
N LYS A 83 0.28 -26.45 4.64
CA LYS A 83 0.27 -27.77 5.25
C LYS A 83 1.18 -27.81 6.48
N SER A 84 2.24 -27.01 6.45
CA SER A 84 3.24 -27.03 7.50
C SER A 84 3.25 -25.73 8.29
N VAL A 85 2.11 -25.04 8.30
CA VAL A 85 1.96 -23.77 9.01
C VAL A 85 0.47 -23.42 9.07
N LYS A 86 0.07 -22.62 10.06
CA LYS A 86 -1.33 -22.24 10.17
C LYS A 86 -1.66 -21.07 9.27
N ASP A 87 -2.88 -21.11 8.76
CA ASP A 87 -3.44 -20.04 7.94
C ASP A 87 -3.62 -18.79 8.79
N ASP A 88 -3.99 -19.01 10.05
CA ASP A 88 -4.10 -17.95 11.05
C ASP A 88 -2.77 -17.22 11.24
N MET A 89 -1.68 -17.98 11.27
CA MET A 89 -0.36 -17.42 11.48
C MET A 89 0.08 -16.63 10.26
N LEU A 90 -0.19 -17.19 9.09
CA LEU A 90 0.06 -16.55 7.81
C LEU A 90 -0.70 -15.24 7.67
N LYS A 91 -1.93 -15.24 8.16
CA LYS A 91 -2.78 -14.06 8.11
C LYS A 91 -2.19 -12.90 8.89
N GLN A 92 -1.64 -13.20 10.07
CA GLN A 92 -1.04 -12.19 10.91
C GLN A 92 0.34 -11.82 10.38
N ASN A 93 0.97 -12.77 9.72
CA ASN A 93 2.27 -12.54 9.11
C ASN A 93 2.15 -11.48 8.02
N LEU A 94 1.11 -11.60 7.21
CA LEU A 94 0.79 -10.61 6.18
C LEU A 94 0.35 -9.30 6.83
N GLU A 95 -0.48 -9.44 7.89
CA GLU A 95 -1.02 -8.30 8.63
C GLU A 95 0.09 -7.41 9.19
N ALA A 96 1.09 -8.03 9.78
CA ALA A 96 2.19 -7.34 10.41
C ALA A 96 3.15 -6.74 9.38
N SER A 97 3.12 -7.27 8.16
CA SER A 97 3.96 -6.76 7.09
C SER A 97 3.31 -5.55 6.43
N GLY A 98 2.01 -5.39 6.66
CA GLY A 98 1.31 -4.24 6.14
C GLY A 98 0.18 -4.59 5.20
N VAL A 99 0.21 -5.79 4.65
CA VAL A 99 -0.78 -6.20 3.66
C VAL A 99 -1.90 -7.02 4.31
N ARG A 100 -3.05 -6.38 4.50
CA ARG A 100 -4.19 -7.03 5.13
C ARG A 100 -5.48 -6.59 4.46
N VAL A 101 -6.60 -7.20 4.88
CA VAL A 101 -7.91 -6.84 4.37
C VAL A 101 -8.29 -5.43 4.81
N GLY A 102 -8.57 -4.59 3.83
CA GLY A 102 -8.87 -3.19 4.11
C GLY A 102 -7.74 -2.28 3.71
N GLU A 103 -6.53 -2.83 3.63
CA GLU A 103 -5.35 -2.06 3.28
C GLU A 103 -5.13 -2.01 1.78
N SER A 104 -4.36 -1.02 1.35
CA SER A 104 -3.89 -0.96 -0.02
C SER A 104 -2.63 -1.81 -0.14
N LEU A 105 -2.61 -2.72 -1.10
CA LEU A 105 -1.55 -3.70 -1.20
C LEU A 105 -0.47 -3.26 -2.19
N ASP A 106 0.78 -3.58 -1.87
CA ASP A 106 1.91 -3.26 -2.73
C ASP A 106 2.22 -4.40 -3.66
N ARG A 107 2.00 -4.16 -4.94
CA ARG A 107 2.25 -5.15 -5.98
C ARG A 107 3.74 -5.36 -6.21
N THR A 108 4.53 -4.33 -5.93
CA THR A 108 5.97 -4.38 -6.16
C THR A 108 6.67 -5.15 -5.06
N THR A 109 6.02 -5.23 -3.89
CA THR A 109 6.58 -5.93 -2.75
C THR A 109 6.02 -7.37 -2.67
N ILE A 110 5.18 -7.72 -3.65
CA ILE A 110 4.57 -9.05 -3.73
C ILE A 110 5.63 -10.16 -3.74
N ALA A 111 6.68 -9.97 -4.53
CA ALA A 111 7.75 -10.95 -4.65
C ALA A 111 8.49 -11.12 -3.33
N ASP A 112 8.68 -10.01 -2.62
CA ASP A 112 9.32 -10.02 -1.31
C ASP A 112 8.47 -10.79 -0.30
N ILE A 113 7.15 -10.68 -0.45
CA ILE A 113 6.21 -11.41 0.39
C ILE A 113 6.35 -12.93 0.17
N GLU A 114 6.35 -13.35 -1.10
CA GLU A 114 6.49 -14.76 -1.46
C GLU A 114 7.79 -15.34 -0.91
N LYS A 115 8.88 -14.64 -1.18
CA LYS A 115 10.22 -15.11 -0.80
C LYS A 115 10.39 -15.09 0.71
N GLY A 116 9.75 -14.13 1.37
CA GLY A 116 9.77 -14.08 2.83
C GLY A 116 9.02 -15.25 3.45
N LEU A 117 7.92 -15.64 2.81
CA LEU A 117 7.14 -16.80 3.25
C LEU A 117 7.88 -18.09 2.98
N GLU A 118 8.67 -18.11 1.91
CA GLU A 118 9.54 -19.25 1.59
C GLU A 118 10.59 -19.42 2.68
N ASP A 119 11.15 -18.31 3.13
CA ASP A 119 12.13 -18.30 4.21
C ASP A 119 11.48 -18.77 5.51
N PHE A 120 10.24 -18.31 5.74
CA PHE A 120 9.46 -18.71 6.91
C PHE A 120 9.28 -20.22 6.98
N TYR A 121 8.93 -20.82 5.84
CA TYR A 121 8.72 -22.27 5.75
C TYR A 121 9.99 -23.04 6.14
N TYR A 122 11.14 -22.55 5.70
CA TYR A 122 12.42 -23.17 6.04
C TYR A 122 12.78 -22.94 7.52
N SER A 123 12.33 -21.81 8.07
CA SER A 123 12.61 -21.47 9.46
C SER A 123 11.88 -22.39 10.44
N VAL A 124 10.72 -22.91 10.02
CA VAL A 124 9.92 -23.79 10.88
C VAL A 124 10.58 -25.17 11.00
N GLY A 125 10.26 -26.05 10.07
CA GLY A 125 10.79 -27.40 10.10
C GLY A 125 11.75 -27.67 8.96
N LYS A 126 12.27 -26.59 8.38
CA LYS A 126 13.12 -26.64 7.19
C LYS A 126 12.36 -27.21 5.99
N TYR A 127 11.32 -26.49 5.60
CA TYR A 127 10.49 -26.89 4.47
C TYR A 127 10.79 -26.00 3.26
N SER A 128 11.21 -26.60 2.16
CA SER A 128 11.47 -25.84 0.95
C SER A 128 10.24 -25.87 0.03
N ALA A 129 9.40 -24.86 0.17
CA ALA A 129 8.24 -24.70 -0.68
C ALA A 129 8.36 -23.41 -1.48
N SER A 130 7.72 -23.38 -2.63
CA SER A 130 7.70 -22.19 -3.46
C SER A 130 6.38 -21.44 -3.25
N VAL A 131 6.47 -20.14 -3.04
CA VAL A 131 5.29 -19.33 -2.81
C VAL A 131 5.05 -18.41 -3.99
N LYS A 132 3.82 -18.43 -4.48
CA LYS A 132 3.40 -17.55 -5.55
C LYS A 132 2.19 -16.73 -5.10
N ALA A 133 2.35 -15.43 -5.04
CA ALA A 133 1.25 -14.56 -4.64
C ALA A 133 0.53 -14.04 -5.87
N VAL A 134 -0.69 -14.50 -6.05
CA VAL A 134 -1.50 -14.11 -7.18
C VAL A 134 -2.47 -13.01 -6.78
N VAL A 135 -2.28 -11.83 -7.32
CA VAL A 135 -3.14 -10.71 -7.05
C VAL A 135 -4.03 -10.44 -8.27
N THR A 136 -5.32 -10.59 -8.09
CA THR A 136 -6.28 -10.38 -9.16
C THR A 136 -7.29 -9.32 -8.78
N PRO A 137 -7.42 -8.27 -9.60
CA PRO A 137 -8.40 -7.20 -9.38
C PRO A 137 -9.80 -7.63 -9.81
N LEU A 138 -10.79 -7.21 -9.05
CA LEU A 138 -12.18 -7.46 -9.39
C LEU A 138 -12.82 -6.17 -9.90
N PRO A 139 -13.89 -6.26 -10.71
CA PRO A 139 -14.56 -5.09 -11.30
C PRO A 139 -15.26 -4.20 -10.28
N ARG A 140 -14.46 -3.42 -9.55
CA ARG A 140 -14.95 -2.45 -8.59
C ARG A 140 -13.81 -1.49 -8.25
N ASN A 141 -13.01 -1.86 -7.25
CA ASN A 141 -11.83 -1.10 -6.83
C ASN A 141 -11.04 -1.93 -5.84
N ARG A 142 -11.17 -3.25 -5.95
CA ARG A 142 -10.61 -4.14 -4.95
C ARG A 142 -9.75 -5.21 -5.60
N VAL A 143 -8.90 -5.83 -4.80
CA VAL A 143 -8.06 -6.92 -5.27
C VAL A 143 -8.22 -8.13 -4.36
N ASP A 144 -8.16 -9.31 -4.95
CA ASP A 144 -8.21 -10.55 -4.21
C ASP A 144 -6.85 -11.22 -4.25
N LEU A 145 -6.36 -11.63 -3.10
CA LEU A 145 -5.04 -12.22 -3.00
C LEU A 145 -5.13 -13.70 -2.70
N LYS A 146 -4.40 -14.48 -3.47
CA LYS A 146 -4.28 -15.90 -3.21
C LYS A 146 -2.83 -16.29 -3.14
N LEU A 147 -2.50 -17.01 -2.09
CA LEU A 147 -1.13 -17.37 -1.80
C LEU A 147 -0.93 -18.85 -2.11
N VAL A 148 -0.15 -19.12 -3.14
CA VAL A 148 0.06 -20.49 -3.58
C VAL A 148 1.33 -21.07 -2.97
N PHE A 149 1.17 -22.04 -2.10
CA PHE A 149 2.29 -22.76 -1.55
C PHE A 149 2.37 -24.13 -2.22
N GLN A 150 3.47 -24.37 -2.93
CA GLN A 150 3.66 -25.64 -3.61
C GLN A 150 4.09 -26.70 -2.60
N GLU A 151 3.25 -27.70 -2.40
CA GLU A 151 3.47 -28.72 -1.39
C GLU A 151 4.41 -29.81 -1.89
N GLY A 152 5.65 -29.77 -1.43
CA GLY A 152 6.61 -30.80 -1.78
C GLY A 152 7.45 -30.45 -2.99
N VAL A 153 8.15 -29.32 -2.92
CA VAL A 153 9.04 -28.90 -3.99
C VAL A 153 10.38 -29.61 -3.84
N SER A 154 11.10 -29.30 -2.77
CA SER A 154 12.38 -29.91 -2.49
C SER A 154 12.48 -30.27 -1.01
N ALA A 1 11.40 27.50 2.21
CA ALA A 1 10.79 26.16 2.44
C ALA A 1 9.37 26.28 3.02
N GLU A 2 9.07 27.41 3.66
CA GLU A 2 7.74 27.63 4.22
C GLU A 2 7.17 28.94 3.69
N GLY A 3 5.92 28.87 3.23
CA GLY A 3 5.27 30.04 2.67
C GLY A 3 5.70 30.30 1.24
N PHE A 4 5.79 29.22 0.47
CA PHE A 4 6.12 29.34 -0.93
C PHE A 4 4.86 29.20 -1.77
N VAL A 5 4.86 29.79 -2.94
CA VAL A 5 3.74 29.65 -3.86
C VAL A 5 3.95 28.41 -4.69
N VAL A 6 3.08 27.42 -4.49
CA VAL A 6 3.20 26.15 -5.18
C VAL A 6 2.92 26.31 -6.66
N LYS A 7 3.83 25.83 -7.47
CA LYS A 7 3.73 25.95 -8.92
C LYS A 7 3.09 24.70 -9.51
N ASP A 8 3.49 23.55 -9.00
CA ASP A 8 3.00 22.28 -9.51
C ASP A 8 2.81 21.28 -8.38
N ILE A 9 1.70 20.56 -8.43
CA ILE A 9 1.44 19.49 -7.49
C ILE A 9 1.50 18.15 -8.22
N HIS A 10 2.39 17.28 -7.78
CA HIS A 10 2.52 15.96 -8.36
C HIS A 10 2.10 14.91 -7.34
N PHE A 11 1.21 14.04 -7.75
CA PHE A 11 0.73 12.99 -6.87
C PHE A 11 1.40 11.67 -7.24
N GLU A 12 1.87 10.95 -6.24
CA GLU A 12 2.65 9.74 -6.45
C GLU A 12 2.17 8.60 -5.57
N GLY A 13 1.06 8.00 -5.94
CA GLY A 13 0.53 6.88 -5.19
C GLY A 13 -0.88 6.55 -5.60
N LEU A 14 -1.61 7.55 -6.06
CA LEU A 14 -2.98 7.36 -6.53
C LEU A 14 -3.02 6.99 -8.01
N GLN A 15 -4.00 6.17 -8.34
CA GLN A 15 -4.35 5.85 -9.70
C GLN A 15 -5.85 5.75 -9.75
N ARG A 16 -6.43 6.22 -10.84
CA ARG A 16 -7.89 6.35 -11.03
C ARG A 16 -8.43 7.59 -10.30
N VAL A 17 -7.79 7.94 -9.18
CA VAL A 17 -8.06 9.21 -8.51
C VAL A 17 -7.23 10.29 -9.19
N ALA A 18 -7.90 11.28 -9.75
CA ALA A 18 -7.24 12.30 -10.54
C ALA A 18 -6.73 13.45 -9.70
N VAL A 19 -5.73 14.15 -10.22
CA VAL A 19 -5.10 15.26 -9.52
C VAL A 19 -6.08 16.40 -9.25
N GLY A 20 -7.05 16.58 -10.15
CA GLY A 20 -8.07 17.60 -9.95
C GLY A 20 -9.03 17.24 -8.84
N ALA A 21 -9.33 15.95 -8.74
CA ALA A 21 -10.21 15.44 -7.68
C ALA A 21 -9.48 15.40 -6.36
N ALA A 22 -8.19 15.07 -6.43
CA ALA A 22 -7.32 14.99 -5.26
C ALA A 22 -7.07 16.37 -4.65
N LEU A 23 -6.90 17.38 -5.51
CA LEU A 23 -6.77 18.76 -5.12
C LEU A 23 -8.00 19.26 -4.36
N LEU A 24 -9.16 18.72 -4.70
CA LEU A 24 -10.41 19.14 -4.08
C LEU A 24 -10.51 18.63 -2.63
N SER A 25 -9.68 17.65 -2.28
CA SER A 25 -9.63 17.14 -0.92
C SER A 25 -8.53 17.85 -0.13
N MET A 26 -7.75 18.66 -0.83
CA MET A 26 -6.72 19.47 -0.19
C MET A 26 -7.31 20.83 0.19
N PRO A 27 -6.83 21.43 1.30
CA PRO A 27 -7.26 22.76 1.73
C PRO A 27 -6.67 23.87 0.85
N VAL A 28 -5.61 23.54 0.14
CA VAL A 28 -4.92 24.50 -0.71
C VAL A 28 -5.00 24.10 -2.17
N ARG A 29 -4.68 25.04 -3.05
CA ARG A 29 -4.77 24.83 -4.49
C ARG A 29 -3.50 25.28 -5.20
N THR A 30 -3.44 25.03 -6.50
CA THR A 30 -2.29 25.40 -7.30
C THR A 30 -2.15 26.91 -7.42
N GLY A 31 -1.01 27.44 -6.99
CA GLY A 31 -0.80 28.87 -7.04
C GLY A 31 -0.96 29.53 -5.69
N ASP A 32 -1.35 28.73 -4.71
CA ASP A 32 -1.55 29.22 -3.35
C ASP A 32 -0.25 29.18 -2.56
N THR A 33 -0.16 30.03 -1.56
CA THR A 33 0.96 30.03 -0.65
C THR A 33 0.76 28.96 0.43
N VAL A 34 1.79 28.17 0.69
CA VAL A 34 1.67 27.07 1.62
C VAL A 34 2.79 27.07 2.64
N ASN A 35 2.42 27.01 3.91
CA ASN A 35 3.38 26.87 4.99
C ASN A 35 3.52 25.41 5.35
N ASP A 36 4.36 25.12 6.32
CA ASP A 36 4.55 23.75 6.76
C ASP A 36 3.27 23.23 7.44
N GLU A 37 2.52 24.14 8.07
CA GLU A 37 1.23 23.80 8.65
C GLU A 37 0.22 23.44 7.56
N ASP A 38 0.33 24.09 6.40
CA ASP A 38 -0.54 23.78 5.26
C ASP A 38 -0.18 22.43 4.68
N ILE A 39 1.10 22.08 4.74
CA ILE A 39 1.55 20.75 4.33
C ILE A 39 0.90 19.67 5.22
N SER A 40 0.98 19.86 6.54
CA SER A 40 0.39 18.90 7.49
C SER A 40 -1.14 18.92 7.41
N ASN A 41 -1.71 20.10 7.15
CA ASN A 41 -3.16 20.25 7.01
C ASN A 41 -3.64 19.52 5.76
N THR A 42 -2.86 19.62 4.68
CA THR A 42 -3.12 18.84 3.48
C THR A 42 -3.10 17.33 3.77
N ILE A 43 -2.09 16.88 4.53
CA ILE A 43 -2.00 15.50 4.97
C ILE A 43 -3.28 15.08 5.71
N ARG A 44 -3.71 15.92 6.65
CA ARG A 44 -4.87 15.64 7.50
C ARG A 44 -6.17 15.63 6.70
N ALA A 45 -6.26 16.51 5.70
CA ALA A 45 -7.46 16.61 4.89
C ALA A 45 -7.64 15.36 4.04
N LEU A 46 -6.61 15.03 3.26
CA LEU A 46 -6.60 13.82 2.44
C LEU A 46 -6.78 12.55 3.29
N PHE A 47 -6.31 12.62 4.54
CA PHE A 47 -6.55 11.55 5.52
C PHE A 47 -8.03 11.47 5.89
N ALA A 48 -8.59 12.61 6.30
CA ALA A 48 -9.94 12.70 6.84
C ALA A 48 -11.02 12.55 5.76
N THR A 49 -10.63 12.66 4.49
CA THR A 49 -11.59 12.55 3.39
C THR A 49 -11.91 11.08 3.11
N GLY A 50 -11.19 10.18 3.79
CA GLY A 50 -11.38 8.76 3.59
C GLY A 50 -10.88 8.32 2.23
N ASN A 51 -9.94 9.08 1.70
CA ASN A 51 -9.42 8.83 0.38
C ASN A 51 -8.35 7.75 0.38
N PHE A 52 -7.27 7.98 1.13
CA PHE A 52 -6.13 7.05 1.12
C PHE A 52 -5.80 6.58 2.52
N GLU A 53 -4.92 5.58 2.61
CA GLU A 53 -4.53 5.02 3.90
C GLU A 53 -3.50 5.91 4.59
N ASP A 54 -2.55 6.39 3.82
CA ASP A 54 -1.51 7.25 4.33
C ASP A 54 -1.26 8.38 3.35
N VAL A 55 -1.03 9.57 3.87
CA VAL A 55 -0.77 10.73 3.03
C VAL A 55 0.56 11.36 3.44
N ARG A 56 1.49 11.40 2.50
CA ARG A 56 2.74 12.13 2.71
C ARG A 56 2.90 13.19 1.64
N VAL A 57 2.94 14.45 2.05
CA VAL A 57 3.26 15.51 1.11
C VAL A 57 4.64 16.07 1.43
N LEU A 58 5.45 16.16 0.40
CA LEU A 58 6.81 16.64 0.52
C LEU A 58 6.97 17.82 -0.41
N ARG A 59 7.93 18.67 -0.15
CA ARG A 59 8.08 19.87 -0.95
C ARG A 59 9.52 20.03 -1.42
N ASP A 60 9.68 20.16 -2.73
CA ASP A 60 10.98 20.41 -3.33
C ASP A 60 10.96 21.78 -3.97
N GLY A 61 11.48 22.77 -3.25
CA GLY A 61 11.41 24.14 -3.72
C GLY A 61 9.98 24.65 -3.71
N ASP A 62 9.42 24.82 -4.90
CA ASP A 62 8.04 25.27 -5.04
C ASP A 62 7.16 24.15 -5.58
N THR A 63 7.70 22.94 -5.62
CA THR A 63 6.95 21.80 -6.12
C THR A 63 6.48 20.92 -4.97
N LEU A 64 5.21 20.54 -5.00
CA LEU A 64 4.63 19.74 -3.93
C LEU A 64 4.32 18.34 -4.43
N LEU A 65 4.98 17.34 -3.85
CA LEU A 65 4.77 15.96 -4.23
C LEU A 65 4.05 15.20 -3.12
N VAL A 66 2.86 14.71 -3.43
CA VAL A 66 2.05 14.00 -2.45
C VAL A 66 1.94 12.52 -2.80
N GLN A 67 2.65 11.69 -2.06
CA GLN A 67 2.58 10.25 -2.20
C GLN A 67 1.56 9.70 -1.23
N VAL A 68 0.76 8.76 -1.69
CA VAL A 68 -0.32 8.23 -0.88
C VAL A 68 -0.36 6.71 -0.92
N LYS A 69 -0.87 6.12 0.14
CA LYS A 69 -0.93 4.66 0.25
C LYS A 69 -2.32 4.19 -0.12
N GLU A 70 -2.37 2.96 -0.67
CA GLU A 70 -3.55 2.40 -1.32
C GLU A 70 -4.83 2.54 -0.49
N ARG A 71 -5.92 2.77 -1.21
CA ARG A 71 -7.22 2.98 -0.61
C ARG A 71 -7.79 1.67 -0.02
N PRO A 72 -7.86 0.55 -0.79
CA PRO A 72 -8.40 -0.71 -0.27
C PRO A 72 -7.53 -1.34 0.82
N THR A 73 -8.19 -1.87 1.83
CA THR A 73 -7.56 -2.51 2.98
C THR A 73 -7.70 -4.02 2.87
N ILE A 74 -6.65 -4.76 3.20
CA ILE A 74 -6.72 -6.22 3.25
C ILE A 74 -7.73 -6.64 4.32
N ALA A 75 -8.78 -7.31 3.89
CA ALA A 75 -9.81 -7.76 4.81
C ALA A 75 -9.48 -9.14 5.35
N SER A 76 -9.01 -10.01 4.47
CA SER A 76 -8.58 -11.35 4.86
C SER A 76 -7.38 -11.78 4.03
N ILE A 77 -6.54 -12.63 4.60
CA ILE A 77 -5.48 -13.29 3.85
C ILE A 77 -5.75 -14.79 3.85
N THR A 78 -5.86 -15.36 2.67
CA THR A 78 -6.19 -16.76 2.54
C THR A 78 -5.07 -17.52 1.86
N PHE A 79 -4.81 -18.72 2.33
CA PHE A 79 -3.66 -19.48 1.89
C PHE A 79 -4.07 -20.82 1.28
N SER A 80 -3.48 -21.15 0.14
CA SER A 80 -3.75 -22.43 -0.51
C SER A 80 -2.43 -23.04 -0.99
N GLY A 81 -2.05 -24.16 -0.40
CA GLY A 81 -0.79 -24.80 -0.76
C GLY A 81 0.13 -24.93 0.42
N ASN A 82 -0.44 -25.18 1.59
CA ASN A 82 0.31 -25.28 2.83
C ASN A 82 0.65 -26.74 3.13
N LYS A 83 1.73 -27.21 2.52
CA LYS A 83 2.11 -28.61 2.62
C LYS A 83 2.98 -28.86 3.86
N SER A 84 3.95 -27.98 4.08
CA SER A 84 4.94 -28.19 5.14
C SER A 84 4.66 -27.32 6.37
N VAL A 85 4.28 -26.07 6.14
CA VAL A 85 4.06 -25.13 7.23
C VAL A 85 2.60 -24.67 7.24
N LYS A 86 2.08 -24.37 8.44
CA LYS A 86 0.70 -24.01 8.62
C LYS A 86 0.35 -22.66 8.02
N ASP A 87 -0.87 -22.58 7.51
CA ASP A 87 -1.47 -21.33 7.07
C ASP A 87 -1.69 -20.43 8.28
N ASP A 88 -1.96 -21.06 9.43
CA ASP A 88 -2.09 -20.37 10.69
C ASP A 88 -0.84 -19.54 11.01
N MET A 89 0.32 -20.14 10.78
CA MET A 89 1.60 -19.47 10.98
C MET A 89 1.85 -18.45 9.88
N LEU A 90 1.44 -18.79 8.66
CA LEU A 90 1.54 -17.90 7.50
C LEU A 90 0.80 -16.58 7.73
N LYS A 91 -0.29 -16.65 8.49
CA LYS A 91 -1.06 -15.45 8.84
C LYS A 91 -0.18 -14.41 9.55
N GLN A 92 0.63 -14.88 10.48
CA GLN A 92 1.53 -14.01 11.23
C GLN A 92 2.74 -13.64 10.39
N ASN A 93 3.08 -14.54 9.47
CA ASN A 93 4.21 -14.34 8.58
C ASN A 93 3.96 -13.16 7.64
N LEU A 94 2.72 -13.07 7.15
CA LEU A 94 2.28 -11.95 6.33
C LEU A 94 2.24 -10.66 7.14
N GLU A 95 1.81 -10.78 8.40
CA GLU A 95 1.75 -9.65 9.31
C GLU A 95 3.14 -9.10 9.61
N ALA A 96 4.10 -10.00 9.75
CA ALA A 96 5.49 -9.64 10.04
C ALA A 96 6.18 -9.06 8.79
N SER A 97 5.60 -9.28 7.63
CA SER A 97 6.11 -8.71 6.39
C SER A 97 5.53 -7.32 6.16
N GLY A 98 4.45 -7.01 6.88
CA GLY A 98 3.88 -5.69 6.84
C GLY A 98 2.52 -5.64 6.15
N VAL A 99 2.26 -6.64 5.31
CA VAL A 99 1.03 -6.68 4.53
C VAL A 99 0.07 -7.66 5.17
N ARG A 100 -0.89 -7.12 5.91
CA ARG A 100 -1.70 -7.95 6.80
C ARG A 100 -3.17 -7.51 6.84
N VAL A 101 -3.96 -8.30 7.56
CA VAL A 101 -5.37 -8.01 7.79
C VAL A 101 -5.53 -6.71 8.58
N GLY A 102 -6.37 -5.82 8.06
CA GLY A 102 -6.63 -4.55 8.72
C GLY A 102 -5.75 -3.44 8.21
N GLU A 103 -4.80 -3.79 7.34
CA GLU A 103 -3.89 -2.81 6.77
C GLU A 103 -4.09 -2.75 5.26
N SER A 104 -4.08 -1.53 4.71
CA SER A 104 -4.12 -1.35 3.27
C SER A 104 -2.85 -1.89 2.65
N LEU A 105 -2.99 -2.56 1.53
CA LEU A 105 -1.91 -3.42 1.05
C LEU A 105 -0.94 -2.69 0.13
N ASP A 106 0.32 -3.05 0.27
CA ASP A 106 1.36 -2.63 -0.66
C ASP A 106 1.59 -3.72 -1.69
N ARG A 107 1.09 -3.48 -2.88
CA ARG A 107 1.18 -4.43 -3.98
C ARG A 107 2.60 -4.56 -4.49
N THR A 108 3.47 -3.63 -4.11
CA THR A 108 4.84 -3.65 -4.55
C THR A 108 5.67 -4.62 -3.71
N THR A 109 5.23 -4.88 -2.48
CA THR A 109 5.94 -5.81 -1.61
C THR A 109 5.38 -7.23 -1.75
N ILE A 110 4.42 -7.39 -2.66
CA ILE A 110 3.82 -8.69 -2.95
C ILE A 110 4.89 -9.69 -3.43
N ALA A 111 5.81 -9.21 -4.25
CA ALA A 111 6.89 -10.02 -4.77
C ALA A 111 7.86 -10.44 -3.67
N ASP A 112 8.05 -9.54 -2.69
CA ASP A 112 8.89 -9.82 -1.53
C ASP A 112 8.25 -10.89 -0.67
N ILE A 113 6.92 -10.89 -0.61
CA ILE A 113 6.16 -11.91 0.10
C ILE A 113 6.37 -13.29 -0.54
N GLU A 114 6.21 -13.34 -1.87
CA GLU A 114 6.37 -14.59 -2.62
C GLU A 114 7.78 -15.15 -2.47
N LYS A 115 8.78 -14.27 -2.61
CA LYS A 115 10.17 -14.68 -2.50
C LYS A 115 10.52 -15.14 -1.08
N GLY A 116 9.99 -14.42 -0.09
CA GLY A 116 10.26 -14.73 1.30
C GLY A 116 9.66 -16.04 1.74
N LEU A 117 8.43 -16.31 1.31
CA LEU A 117 7.73 -17.54 1.67
C LEU A 117 8.41 -18.76 1.04
N GLU A 118 8.91 -18.58 -0.18
CA GLU A 118 9.64 -19.64 -0.87
C GLU A 118 11.00 -19.87 -0.23
N ASP A 119 11.58 -18.80 0.34
CA ASP A 119 12.84 -18.90 1.06
C ASP A 119 12.69 -19.73 2.32
N PHE A 120 11.52 -19.62 2.95
CA PHE A 120 11.20 -20.39 4.14
C PHE A 120 10.91 -21.83 3.78
N TYR A 121 10.19 -22.03 2.67
CA TYR A 121 9.88 -23.38 2.17
C TYR A 121 11.14 -24.16 1.85
N TYR A 122 12.11 -23.45 1.26
CA TYR A 122 13.41 -24.02 0.92
C TYR A 122 14.20 -24.37 2.18
N SER A 123 13.98 -23.61 3.25
CA SER A 123 14.71 -23.80 4.49
C SER A 123 14.24 -25.06 5.24
N VAL A 124 12.98 -25.44 5.03
CA VAL A 124 12.43 -26.63 5.68
C VAL A 124 12.98 -27.89 5.04
N GLY A 125 12.31 -28.36 4.00
CA GLY A 125 12.70 -29.58 3.32
C GLY A 125 13.24 -29.34 1.94
N LYS A 126 13.64 -28.10 1.68
CA LYS A 126 14.15 -27.67 0.36
C LYS A 126 13.04 -27.71 -0.68
N TYR A 127 11.92 -27.08 -0.36
CA TYR A 127 10.76 -27.09 -1.22
C TYR A 127 10.80 -25.90 -2.18
N SER A 128 10.43 -26.16 -3.43
CA SER A 128 10.38 -25.12 -4.44
C SER A 128 9.01 -25.11 -5.11
N ALA A 129 8.09 -24.34 -4.54
CA ALA A 129 6.74 -24.25 -5.07
C ALA A 129 6.60 -22.97 -5.89
N SER A 130 5.56 -22.89 -6.70
CA SER A 130 5.29 -21.67 -7.44
C SER A 130 4.23 -20.87 -6.70
N VAL A 131 4.63 -19.73 -6.18
CA VAL A 131 3.75 -18.94 -5.33
C VAL A 131 3.47 -17.57 -5.93
N LYS A 132 2.19 -17.24 -6.05
CA LYS A 132 1.78 -15.92 -6.48
C LYS A 132 0.73 -15.37 -5.53
N ALA A 133 0.97 -14.17 -5.03
CA ALA A 133 0.03 -13.50 -4.15
C ALA A 133 -0.93 -12.64 -4.96
N VAL A 134 -2.18 -13.05 -5.02
CA VAL A 134 -3.19 -12.38 -5.80
C VAL A 134 -4.16 -11.62 -4.90
N VAL A 135 -4.28 -10.32 -5.13
CA VAL A 135 -5.20 -9.50 -4.36
C VAL A 135 -6.49 -9.30 -5.13
N THR A 136 -7.59 -9.60 -4.50
CA THR A 136 -8.90 -9.55 -5.12
C THR A 136 -9.67 -8.33 -4.64
N PRO A 137 -10.06 -7.44 -5.57
CA PRO A 137 -10.82 -6.22 -5.24
C PRO A 137 -12.29 -6.50 -4.94
N LEU A 138 -12.80 -5.88 -3.88
CA LEU A 138 -14.21 -5.98 -3.53
C LEU A 138 -14.75 -4.60 -3.17
N PRO A 139 -16.07 -4.36 -3.39
CA PRO A 139 -16.71 -3.07 -3.17
C PRO A 139 -16.98 -2.76 -1.69
N ARG A 140 -15.91 -2.59 -0.93
CA ARG A 140 -15.98 -2.17 0.46
C ARG A 140 -14.75 -1.35 0.80
N ASN A 141 -14.06 -0.91 -0.25
CA ASN A 141 -12.72 -0.32 -0.13
C ASN A 141 -11.78 -1.33 0.53
N ARG A 142 -11.88 -2.58 0.09
CA ARG A 142 -11.11 -3.67 0.67
C ARG A 142 -10.55 -4.55 -0.44
N VAL A 143 -9.50 -5.27 -0.11
CA VAL A 143 -8.93 -6.27 -0.99
C VAL A 143 -8.69 -7.55 -0.20
N ASP A 144 -8.85 -8.68 -0.84
CA ASP A 144 -8.60 -9.96 -0.20
C ASP A 144 -7.35 -10.58 -0.79
N LEU A 145 -6.37 -10.85 0.06
CA LEU A 145 -5.09 -11.35 -0.40
C LEU A 145 -5.05 -12.86 -0.33
N LYS A 146 -4.82 -13.50 -1.46
CA LYS A 146 -4.74 -14.94 -1.52
C LYS A 146 -3.40 -15.40 -2.03
N LEU A 147 -2.84 -16.34 -1.31
CA LEU A 147 -1.52 -16.85 -1.61
C LEU A 147 -1.65 -18.19 -2.29
N VAL A 148 -1.32 -18.23 -3.58
CA VAL A 148 -1.44 -19.45 -4.36
C VAL A 148 -0.10 -20.17 -4.42
N PHE A 149 -0.04 -21.32 -3.75
CA PHE A 149 1.13 -22.18 -3.77
C PHE A 149 0.84 -23.40 -4.64
N GLN A 150 1.60 -23.57 -5.71
CA GLN A 150 1.48 -24.75 -6.54
C GLN A 150 2.13 -25.94 -5.85
N GLU A 151 1.31 -26.93 -5.50
CA GLU A 151 1.79 -28.09 -4.76
C GLU A 151 2.41 -29.10 -5.71
N GLY A 152 3.70 -28.92 -5.96
CA GLY A 152 4.42 -29.82 -6.82
C GLY A 152 5.29 -29.05 -7.79
N VAL A 153 5.20 -29.43 -9.08
CA VAL A 153 6.01 -28.84 -10.16
C VAL A 153 7.48 -29.26 -10.01
N SER A 154 8.17 -28.67 -9.04
CA SER A 154 9.53 -29.06 -8.71
C SER A 154 9.51 -30.16 -7.66
N ALA A 1 11.74 29.09 1.04
CA ALA A 1 10.94 29.86 2.01
C ALA A 1 9.52 29.34 2.06
N GLU A 2 9.01 29.12 3.27
CA GLU A 2 7.64 28.66 3.44
C GLU A 2 6.66 29.84 3.36
N GLY A 3 5.45 29.55 2.96
CA GLY A 3 4.49 30.59 2.67
C GLY A 3 4.58 31.01 1.24
N PHE A 4 4.62 30.02 0.35
CA PHE A 4 4.72 30.27 -1.07
C PHE A 4 3.40 29.96 -1.74
N VAL A 5 3.14 30.64 -2.85
CA VAL A 5 1.92 30.43 -3.60
C VAL A 5 2.06 29.22 -4.52
N VAL A 6 1.21 28.22 -4.30
CA VAL A 6 1.19 27.04 -5.13
C VAL A 6 0.64 27.38 -6.50
N LYS A 7 1.41 27.07 -7.52
CA LYS A 7 1.00 27.32 -8.88
C LYS A 7 0.17 26.14 -9.39
N ASP A 8 0.65 24.94 -9.11
CA ASP A 8 -0.03 23.73 -9.56
C ASP A 8 0.14 22.61 -8.55
N ILE A 9 -0.88 21.77 -8.43
CA ILE A 9 -0.82 20.59 -7.58
C ILE A 9 -0.78 19.35 -8.45
N HIS A 10 0.26 18.55 -8.28
CA HIS A 10 0.46 17.35 -9.09
C HIS A 10 0.46 16.12 -8.20
N PHE A 11 -0.01 15.00 -8.74
CA PHE A 11 -0.14 13.79 -7.94
C PHE A 11 0.60 12.63 -8.60
N GLU A 12 1.41 11.94 -7.80
CA GLU A 12 2.22 10.84 -8.30
C GLU A 12 1.90 9.56 -7.52
N GLY A 13 0.72 9.02 -7.73
CA GLY A 13 0.36 7.79 -7.06
C GLY A 13 -1.08 7.39 -7.34
N LEU A 14 -1.99 8.35 -7.27
CA LEU A 14 -3.41 8.06 -7.47
C LEU A 14 -3.79 8.23 -8.94
N GLN A 15 -4.52 7.26 -9.46
CA GLN A 15 -5.06 7.34 -10.82
C GLN A 15 -6.58 7.14 -10.78
N ARG A 16 -7.02 6.28 -9.88
CA ARG A 16 -8.45 6.04 -9.65
C ARG A 16 -9.08 7.30 -9.05
N VAL A 17 -8.40 7.89 -8.08
CA VAL A 17 -8.79 9.19 -7.56
C VAL A 17 -8.26 10.27 -8.48
N ALA A 18 -9.12 11.20 -8.87
CA ALA A 18 -8.71 12.27 -9.76
C ALA A 18 -8.23 13.48 -8.97
N VAL A 19 -7.41 14.30 -9.63
CA VAL A 19 -6.81 15.48 -9.04
C VAL A 19 -7.84 16.40 -8.36
N GLY A 20 -9.00 16.57 -8.99
CA GLY A 20 -10.02 17.43 -8.43
C GLY A 20 -10.61 16.88 -7.15
N ALA A 21 -10.81 15.57 -7.12
CA ALA A 21 -11.36 14.89 -5.95
C ALA A 21 -10.31 14.81 -4.83
N ALA A 22 -9.06 14.69 -5.23
CA ALA A 22 -7.95 14.58 -4.29
C ALA A 22 -7.59 15.94 -3.66
N LEU A 23 -7.75 17.01 -4.45
CA LEU A 23 -7.55 18.38 -3.98
C LEU A 23 -8.53 18.74 -2.86
N LEU A 24 -9.72 18.15 -2.91
CA LEU A 24 -10.75 18.40 -1.91
C LEU A 24 -10.36 17.86 -0.54
N SER A 25 -9.47 16.87 -0.53
CA SER A 25 -8.96 16.29 0.71
C SER A 25 -7.71 17.05 1.17
N MET A 26 -7.22 17.92 0.31
CA MET A 26 -6.14 18.83 0.65
C MET A 26 -6.73 20.09 1.27
N PRO A 27 -6.06 20.67 2.29
CA PRO A 27 -6.55 21.87 2.97
C PRO A 27 -6.50 23.12 2.09
N VAL A 28 -5.74 23.06 0.99
CA VAL A 28 -5.54 24.22 0.13
C VAL A 28 -5.82 23.88 -1.33
N ARG A 29 -5.87 24.92 -2.15
CA ARG A 29 -6.10 24.79 -3.59
C ARG A 29 -5.01 25.54 -4.35
N THR A 30 -5.06 25.45 -5.67
CA THR A 30 -4.11 26.13 -6.52
C THR A 30 -4.26 27.65 -6.40
N GLY A 31 -3.16 28.32 -6.07
CA GLY A 31 -3.19 29.76 -5.89
C GLY A 31 -3.10 30.16 -4.43
N ASP A 32 -3.15 29.17 -3.54
CA ASP A 32 -3.09 29.42 -2.11
C ASP A 32 -1.66 29.45 -1.61
N THR A 33 -1.45 30.13 -0.49
CA THR A 33 -0.15 30.19 0.14
C THR A 33 -0.02 29.12 1.21
N VAL A 34 1.10 28.40 1.22
CA VAL A 34 1.26 27.29 2.15
C VAL A 34 2.59 27.36 2.87
N ASN A 35 2.53 27.24 4.19
CA ASN A 35 3.72 27.08 5.01
C ASN A 35 4.15 25.63 4.99
N ASP A 36 5.30 25.36 5.59
CA ASP A 36 5.79 23.99 5.69
C ASP A 36 4.90 23.19 6.64
N GLU A 37 4.26 23.88 7.58
CA GLU A 37 3.29 23.26 8.47
C GLU A 37 2.03 22.85 7.69
N ASP A 38 1.68 23.62 6.65
CA ASP A 38 0.53 23.31 5.80
C ASP A 38 0.85 22.18 4.83
N ILE A 39 2.11 22.05 4.46
CA ILE A 39 2.54 20.86 3.72
C ILE A 39 2.32 19.61 4.59
N SER A 40 2.71 19.71 5.86
CA SER A 40 2.45 18.65 6.84
C SER A 40 0.95 18.49 7.12
N ASN A 41 0.22 19.60 7.04
CA ASN A 41 -1.23 19.60 7.21
C ASN A 41 -1.88 18.84 6.07
N THR A 42 -1.37 19.06 4.86
CA THR A 42 -1.78 18.30 3.69
C THR A 42 -1.55 16.80 3.88
N ILE A 43 -0.35 16.46 4.38
CA ILE A 43 0.00 15.06 4.71
C ILE A 43 -1.05 14.47 5.67
N ARG A 44 -1.32 15.20 6.75
CA ARG A 44 -2.24 14.76 7.79
C ARG A 44 -3.67 14.59 7.27
N ALA A 45 -4.09 15.51 6.40
CA ALA A 45 -5.46 15.50 5.88
C ALA A 45 -5.69 14.30 4.98
N LEU A 46 -4.81 14.12 4.01
CA LEU A 46 -4.89 13.01 3.07
C LEU A 46 -4.69 11.67 3.79
N PHE A 47 -3.91 11.68 4.86
CA PHE A 47 -3.72 10.48 5.68
C PHE A 47 -5.00 10.13 6.42
N ALA A 48 -5.69 11.16 6.92
CA ALA A 48 -6.91 11.00 7.70
C ALA A 48 -8.10 10.53 6.87
N THR A 49 -7.97 10.58 5.55
CA THR A 49 -9.07 10.21 4.67
C THR A 49 -9.20 8.70 4.57
N GLY A 50 -8.10 7.99 4.85
CA GLY A 50 -8.10 6.54 4.76
C GLY A 50 -8.18 6.05 3.33
N ASN A 51 -7.79 6.91 2.40
CA ASN A 51 -7.87 6.61 0.99
C ASN A 51 -6.61 5.89 0.50
N PHE A 52 -5.49 6.17 1.16
CA PHE A 52 -4.19 5.60 0.77
C PHE A 52 -3.42 5.13 1.99
N GLU A 53 -2.43 4.27 1.79
CA GLU A 53 -1.68 3.69 2.91
C GLU A 53 -0.62 4.67 3.43
N ASP A 54 0.03 5.39 2.53
CA ASP A 54 1.04 6.36 2.93
C ASP A 54 0.89 7.61 2.07
N VAL A 55 1.00 8.77 2.70
CA VAL A 55 0.88 10.03 1.99
C VAL A 55 2.18 10.81 2.09
N ARG A 56 2.76 11.09 0.95
CA ARG A 56 3.99 11.84 0.89
C ARG A 56 3.79 13.14 0.12
N VAL A 57 4.00 14.26 0.78
CA VAL A 57 3.84 15.56 0.15
C VAL A 57 5.19 16.28 0.08
N LEU A 58 5.52 16.76 -1.12
CA LEU A 58 6.75 17.49 -1.33
C LEU A 58 6.44 18.78 -2.04
N ARG A 59 7.30 19.77 -1.88
CA ARG A 59 7.14 21.00 -2.62
C ARG A 59 8.35 21.21 -3.53
N ASP A 60 8.07 21.44 -4.80
CA ASP A 60 9.11 21.59 -5.80
C ASP A 60 8.92 22.89 -6.55
N GLY A 61 9.64 23.92 -6.12
CA GLY A 61 9.43 25.24 -6.68
C GLY A 61 8.10 25.81 -6.22
N ASP A 62 7.16 25.90 -7.15
CA ASP A 62 5.81 26.33 -6.84
C ASP A 62 4.82 25.19 -7.07
N THR A 63 5.35 24.01 -7.35
CA THR A 63 4.51 22.87 -7.63
C THR A 63 4.49 21.92 -6.44
N LEU A 64 3.30 21.54 -6.01
CA LEU A 64 3.16 20.65 -4.86
C LEU A 64 2.84 19.25 -5.36
N LEU A 65 3.76 18.33 -5.08
CA LEU A 65 3.62 16.96 -5.58
C LEU A 65 3.29 16.01 -4.44
N VAL A 66 2.16 15.34 -4.57
CA VAL A 66 1.74 14.38 -3.57
C VAL A 66 1.77 12.97 -4.13
N GLN A 67 2.67 12.15 -3.60
CA GLN A 67 2.75 10.74 -3.95
C GLN A 67 2.06 9.94 -2.87
N VAL A 68 1.30 8.94 -3.27
CA VAL A 68 0.58 8.12 -2.31
C VAL A 68 0.90 6.64 -2.51
N LYS A 69 0.88 5.90 -1.42
CA LYS A 69 1.20 4.49 -1.45
C LYS A 69 -0.06 3.66 -1.44
N GLU A 70 0.07 2.47 -2.06
CA GLU A 70 -0.96 1.41 -2.20
C GLU A 70 -2.25 1.69 -1.43
N ARG A 71 -3.26 2.14 -2.17
CA ARG A 71 -4.50 2.66 -1.59
C ARG A 71 -5.33 1.62 -0.80
N PRO A 72 -5.70 0.46 -1.41
CA PRO A 72 -6.66 -0.48 -0.79
C PRO A 72 -6.13 -1.18 0.46
N THR A 73 -7.04 -1.35 1.42
CA THR A 73 -6.77 -2.09 2.64
C THR A 73 -7.08 -3.58 2.43
N ILE A 74 -6.25 -4.45 2.97
CA ILE A 74 -6.50 -5.89 2.90
C ILE A 74 -7.77 -6.24 3.66
N ALA A 75 -8.76 -6.76 2.97
CA ALA A 75 -10.00 -7.15 3.60
C ALA A 75 -9.90 -8.57 4.12
N SER A 76 -9.28 -9.43 3.33
CA SER A 76 -9.03 -10.80 3.74
C SER A 76 -7.79 -11.36 3.03
N ILE A 77 -7.07 -12.23 3.74
CA ILE A 77 -5.97 -12.96 3.12
C ILE A 77 -6.39 -14.42 2.96
N THR A 78 -6.22 -14.93 1.76
CA THR A 78 -6.68 -16.26 1.42
C THR A 78 -5.53 -17.14 0.94
N PHE A 79 -5.45 -18.34 1.47
CA PHE A 79 -4.33 -19.22 1.19
C PHE A 79 -4.78 -20.44 0.39
N SER A 80 -4.02 -20.78 -0.64
CA SER A 80 -4.38 -21.88 -1.53
C SER A 80 -3.17 -22.76 -1.85
N GLY A 81 -3.33 -24.07 -1.64
CA GLY A 81 -2.29 -25.02 -2.03
C GLY A 81 -1.21 -25.18 -0.97
N ASN A 82 -1.55 -24.90 0.28
CA ASN A 82 -0.59 -24.97 1.37
C ASN A 82 -0.93 -26.12 2.31
N LYS A 83 -0.55 -27.34 1.91
CA LYS A 83 -0.67 -28.50 2.78
C LYS A 83 0.56 -28.62 3.67
N SER A 84 1.70 -28.21 3.13
CA SER A 84 2.99 -28.32 3.80
C SER A 84 3.06 -27.43 5.05
N VAL A 85 2.63 -26.20 4.88
CA VAL A 85 2.58 -25.25 5.99
C VAL A 85 1.13 -24.82 6.20
N LYS A 86 0.73 -24.67 7.46
CA LYS A 86 -0.66 -24.38 7.79
C LYS A 86 -1.06 -22.99 7.35
N ASP A 87 -2.34 -22.84 7.06
CA ASP A 87 -2.90 -21.55 6.64
C ASP A 87 -2.84 -20.55 7.80
N ASP A 88 -3.03 -21.05 9.03
CA ASP A 88 -2.91 -20.20 10.21
C ASP A 88 -1.48 -19.78 10.47
N MET A 89 -0.53 -20.64 10.05
CA MET A 89 0.89 -20.32 10.14
C MET A 89 1.23 -19.24 9.12
N LEU A 90 0.64 -19.35 7.92
CA LEU A 90 0.78 -18.36 6.87
C LEU A 90 0.18 -17.03 7.29
N LYS A 91 -0.91 -17.10 8.05
CA LYS A 91 -1.56 -15.91 8.59
C LYS A 91 -0.62 -15.11 9.45
N GLN A 92 0.13 -15.81 10.29
CA GLN A 92 1.07 -15.19 11.22
C GLN A 92 2.31 -14.75 10.46
N ASN A 93 2.62 -15.46 9.38
CA ASN A 93 3.73 -15.14 8.53
C ASN A 93 3.50 -13.79 7.84
N LEU A 94 2.29 -13.60 7.32
CA LEU A 94 1.88 -12.34 6.71
C LEU A 94 1.83 -11.21 7.75
N GLU A 95 1.40 -11.55 8.97
CA GLU A 95 1.32 -10.59 10.07
C GLU A 95 2.69 -10.02 10.39
N ALA A 96 3.69 -10.89 10.48
CA ALA A 96 5.05 -10.50 10.80
C ALA A 96 5.72 -9.77 9.62
N SER A 97 5.15 -9.92 8.44
CA SER A 97 5.65 -9.25 7.25
C SER A 97 5.06 -7.84 7.15
N GLY A 98 3.98 -7.60 7.90
CA GLY A 98 3.41 -6.27 7.96
C GLY A 98 2.02 -6.19 7.36
N VAL A 99 1.67 -7.17 6.53
CA VAL A 99 0.39 -7.15 5.83
C VAL A 99 -0.65 -7.98 6.58
N ARG A 100 -1.58 -7.28 7.22
CA ARG A 100 -2.56 -7.93 8.09
C ARG A 100 -3.97 -7.70 7.58
N VAL A 101 -4.91 -8.50 8.08
CA VAL A 101 -6.32 -8.32 7.78
C VAL A 101 -6.83 -7.04 8.45
N GLY A 102 -7.38 -6.15 7.63
CA GLY A 102 -7.87 -4.88 8.12
C GLY A 102 -6.80 -3.80 8.05
N GLU A 103 -5.59 -4.20 7.70
CA GLU A 103 -4.48 -3.28 7.57
C GLU A 103 -4.27 -2.93 6.11
N SER A 104 -3.57 -1.83 5.86
CA SER A 104 -3.23 -1.43 4.52
C SER A 104 -2.12 -2.32 3.98
N LEU A 105 -2.11 -2.54 2.67
CA LEU A 105 -1.19 -3.48 2.07
C LEU A 105 -0.02 -2.78 1.38
N ASP A 106 1.13 -3.44 1.42
CA ASP A 106 2.32 -2.97 0.72
C ASP A 106 2.71 -3.98 -0.35
N ARG A 107 2.37 -3.66 -1.59
CA ARG A 107 2.71 -4.52 -2.74
C ARG A 107 4.20 -4.45 -3.02
N THR A 108 4.81 -3.39 -2.52
CA THR A 108 6.23 -3.17 -2.71
C THR A 108 7.05 -4.21 -1.93
N THR A 109 6.49 -4.74 -0.83
CA THR A 109 7.18 -5.77 -0.07
C THR A 109 6.67 -7.17 -0.42
N ILE A 110 5.71 -7.25 -1.34
CA ILE A 110 5.09 -8.51 -1.74
C ILE A 110 6.12 -9.50 -2.30
N ALA A 111 7.09 -8.99 -3.04
CA ALA A 111 8.14 -9.82 -3.62
C ALA A 111 9.03 -10.44 -2.54
N ASP A 112 9.30 -9.66 -1.49
CA ASP A 112 10.08 -10.14 -0.35
C ASP A 112 9.28 -11.13 0.48
N ILE A 113 7.96 -10.96 0.48
CA ILE A 113 7.05 -11.89 1.14
C ILE A 113 7.02 -13.22 0.39
N GLU A 114 6.97 -13.15 -0.94
CA GLU A 114 6.96 -14.32 -1.78
C GLU A 114 8.26 -15.11 -1.64
N LYS A 115 9.38 -14.40 -1.58
CA LYS A 115 10.69 -15.03 -1.35
C LYS A 115 10.76 -15.61 0.06
N GLY A 116 10.19 -14.90 1.02
CA GLY A 116 10.21 -15.33 2.41
C GLY A 116 9.39 -16.59 2.65
N LEU A 117 8.26 -16.70 1.95
CA LEU A 117 7.41 -17.87 2.06
C LEU A 117 8.03 -19.08 1.36
N GLU A 118 8.74 -18.81 0.27
CA GLU A 118 9.46 -19.86 -0.46
C GLU A 118 10.60 -20.40 0.40
N ASP A 119 11.26 -19.49 1.12
CA ASP A 119 12.34 -19.85 2.03
C ASP A 119 11.80 -20.58 3.25
N PHE A 120 10.63 -20.14 3.73
CA PHE A 120 9.97 -20.76 4.87
C PHE A 120 9.61 -22.20 4.56
N TYR A 121 9.13 -22.44 3.35
CA TYR A 121 8.79 -23.79 2.89
C TYR A 121 10.03 -24.69 2.87
N TYR A 122 11.16 -24.11 2.49
CA TYR A 122 12.44 -24.82 2.46
C TYR A 122 12.95 -25.11 3.88
N SER A 123 12.69 -24.18 4.80
CA SER A 123 13.20 -24.28 6.17
C SER A 123 12.57 -25.43 6.95
N VAL A 124 11.30 -25.74 6.64
CA VAL A 124 10.60 -26.82 7.32
C VAL A 124 11.09 -28.19 6.85
N GLY A 125 10.44 -28.74 5.84
CA GLY A 125 10.81 -30.04 5.33
C GLY A 125 11.38 -29.97 3.94
N LYS A 126 11.82 -28.77 3.54
CA LYS A 126 12.28 -28.50 2.18
C LYS A 126 11.16 -28.77 1.18
N TYR A 127 10.04 -28.08 1.38
CA TYR A 127 8.87 -28.24 0.54
C TYR A 127 8.83 -27.16 -0.54
N SER A 128 10.01 -26.76 -1.03
CA SER A 128 10.17 -25.60 -1.91
C SER A 128 9.15 -25.56 -3.07
N ALA A 129 8.16 -24.71 -2.89
CA ALA A 129 7.12 -24.50 -3.89
C ALA A 129 7.05 -23.02 -4.20
N SER A 130 6.62 -22.68 -5.40
CA SER A 130 6.63 -21.30 -5.85
C SER A 130 5.27 -20.66 -5.63
N VAL A 131 5.28 -19.53 -4.94
CA VAL A 131 4.04 -18.87 -4.53
C VAL A 131 3.79 -17.62 -5.37
N LYS A 132 2.54 -17.48 -5.82
CA LYS A 132 2.09 -16.30 -6.51
C LYS A 132 1.13 -15.53 -5.60
N ALA A 133 1.51 -14.32 -5.23
CA ALA A 133 0.63 -13.49 -4.43
C ALA A 133 -0.22 -12.61 -5.33
N VAL A 134 -1.51 -12.92 -5.36
CA VAL A 134 -2.45 -12.22 -6.23
C VAL A 134 -3.30 -11.25 -5.42
N VAL A 135 -3.18 -9.97 -5.73
CA VAL A 135 -4.00 -8.95 -5.09
C VAL A 135 -5.14 -8.57 -6.00
N THR A 136 -6.34 -8.91 -5.59
CA THR A 136 -7.53 -8.60 -6.35
C THR A 136 -8.29 -7.44 -5.72
N PRO A 137 -8.49 -6.35 -6.48
CA PRO A 137 -9.18 -5.16 -6.00
C PRO A 137 -10.70 -5.32 -6.02
N LEU A 138 -11.36 -4.76 -5.02
CA LEU A 138 -12.81 -4.74 -4.98
C LEU A 138 -13.32 -3.31 -4.72
N PRO A 139 -14.57 -3.00 -5.11
CA PRO A 139 -15.16 -1.66 -4.94
C PRO A 139 -15.52 -1.33 -3.48
N ARG A 140 -14.49 -1.12 -2.68
CA ARG A 140 -14.65 -0.71 -1.28
C ARG A 140 -13.32 -0.16 -0.77
N ASN A 141 -12.42 0.13 -1.71
CA ASN A 141 -11.01 0.47 -1.41
C ASN A 141 -10.37 -0.64 -0.60
N ARG A 142 -10.66 -1.87 -1.00
CA ARG A 142 -10.11 -3.04 -0.34
C ARG A 142 -9.51 -3.98 -1.37
N VAL A 143 -8.62 -4.83 -0.91
CA VAL A 143 -8.04 -5.86 -1.76
C VAL A 143 -8.14 -7.21 -1.08
N ASP A 144 -8.19 -8.24 -1.88
CA ASP A 144 -8.15 -9.61 -1.39
C ASP A 144 -6.80 -10.18 -1.75
N LEU A 145 -6.03 -10.56 -0.73
CA LEU A 145 -4.68 -11.05 -0.95
C LEU A 145 -4.65 -12.55 -0.93
N LYS A 146 -4.39 -13.15 -2.07
CA LYS A 146 -4.36 -14.59 -2.17
C LYS A 146 -2.96 -15.10 -2.41
N LEU A 147 -2.60 -16.11 -1.64
CA LEU A 147 -1.29 -16.71 -1.74
C LEU A 147 -1.44 -18.09 -2.35
N VAL A 148 -0.98 -18.23 -3.58
CA VAL A 148 -1.16 -19.49 -4.31
C VAL A 148 0.16 -20.24 -4.41
N PHE A 149 0.21 -21.38 -3.76
CA PHE A 149 1.42 -22.20 -3.76
C PHE A 149 1.31 -23.30 -4.79
N GLN A 150 2.21 -23.30 -5.76
CA GLN A 150 2.22 -24.30 -6.81
C GLN A 150 2.87 -25.59 -6.33
N GLU A 151 2.09 -26.65 -6.23
CA GLU A 151 2.55 -27.93 -5.72
C GLU A 151 3.30 -28.69 -6.81
N GLY A 152 4.63 -28.63 -6.75
CA GLY A 152 5.45 -29.30 -7.74
C GLY A 152 5.95 -28.34 -8.79
N VAL A 153 7.19 -27.88 -8.64
CA VAL A 153 7.75 -26.89 -9.55
C VAL A 153 9.21 -27.22 -9.90
N SER A 154 10.09 -27.23 -8.90
CA SER A 154 11.50 -27.53 -9.12
C SER A 154 11.99 -28.53 -8.09
N ALA A 1 11.43 21.98 6.38
CA ALA A 1 10.26 22.87 6.17
C ALA A 1 10.72 24.20 5.58
N GLU A 2 9.73 25.03 5.18
CA GLU A 2 9.96 26.37 4.64
C GLU A 2 10.86 26.36 3.43
N GLY A 3 10.38 25.70 2.39
CA GLY A 3 11.04 25.76 1.11
C GLY A 3 10.31 26.70 0.17
N PHE A 4 9.02 26.45 0.02
CA PHE A 4 8.18 27.26 -0.85
C PHE A 4 6.76 27.27 -0.31
N VAL A 5 6.03 28.34 -0.61
CA VAL A 5 4.64 28.45 -0.18
C VAL A 5 3.73 27.78 -1.22
N VAL A 6 3.01 26.76 -0.78
CA VAL A 6 2.07 26.06 -1.64
C VAL A 6 0.91 26.98 -2.00
N LYS A 7 0.76 27.22 -3.27
CA LYS A 7 -0.28 28.10 -3.78
C LYS A 7 -1.57 27.33 -3.98
N ASP A 8 -1.44 26.09 -4.39
CA ASP A 8 -2.59 25.25 -4.70
C ASP A 8 -2.20 23.78 -4.63
N ILE A 9 -3.13 22.94 -4.18
CA ILE A 9 -2.92 21.51 -4.21
C ILE A 9 -3.83 20.90 -5.27
N HIS A 10 -3.22 20.23 -6.23
CA HIS A 10 -3.95 19.63 -7.33
C HIS A 10 -3.77 18.12 -7.28
N PHE A 11 -4.88 17.40 -7.29
CA PHE A 11 -4.83 15.95 -7.21
C PHE A 11 -5.02 15.33 -8.58
N GLU A 12 -4.21 14.33 -8.89
CA GLU A 12 -4.29 13.66 -10.17
C GLU A 12 -4.75 12.22 -9.97
N GLY A 13 -5.91 12.10 -9.37
CA GLY A 13 -6.50 10.81 -9.10
C GLY A 13 -7.70 10.95 -8.20
N LEU A 14 -7.65 10.28 -7.04
CA LEU A 14 -8.73 10.28 -6.03
C LEU A 14 -10.04 9.69 -6.53
N GLN A 15 -10.69 8.90 -5.69
CA GLN A 15 -12.02 8.37 -6.00
C GLN A 15 -12.86 8.27 -4.74
N ARG A 16 -12.35 7.53 -3.76
CA ARG A 16 -13.01 7.37 -2.47
C ARG A 16 -12.90 8.65 -1.65
N VAL A 17 -11.75 9.29 -1.77
CA VAL A 17 -11.48 10.52 -1.03
C VAL A 17 -11.65 11.74 -1.94
N ALA A 18 -12.20 12.80 -1.37
CA ALA A 18 -12.36 14.06 -2.08
C ALA A 18 -11.19 14.98 -1.78
N VAL A 19 -10.96 15.96 -2.65
CA VAL A 19 -9.81 16.87 -2.54
C VAL A 19 -9.64 17.49 -1.15
N GLY A 20 -10.75 17.94 -0.56
CA GLY A 20 -10.70 18.53 0.77
C GLY A 20 -10.52 17.50 1.87
N ALA A 21 -11.12 16.33 1.67
CA ALA A 21 -11.01 15.23 2.63
C ALA A 21 -9.61 14.61 2.59
N ALA A 22 -8.98 14.69 1.42
CA ALA A 22 -7.63 14.19 1.23
C ALA A 22 -6.62 15.15 1.86
N LEU A 23 -6.92 16.45 1.80
CA LEU A 23 -6.18 17.47 2.52
C LEU A 23 -6.13 17.23 4.03
N LEU A 24 -7.17 16.59 4.57
CA LEU A 24 -7.20 16.24 5.99
C LEU A 24 -6.06 15.29 6.36
N SER A 25 -5.63 14.47 5.40
CA SER A 25 -4.55 13.52 5.60
C SER A 25 -3.20 14.13 5.24
N MET A 26 -3.23 15.31 4.65
CA MET A 26 -2.03 16.05 4.33
C MET A 26 -1.62 16.88 5.55
N PRO A 27 -0.33 16.84 5.93
CA PRO A 27 0.17 17.58 7.08
C PRO A 27 0.31 19.08 6.82
N VAL A 28 0.12 19.47 5.56
CA VAL A 28 0.32 20.84 5.15
C VAL A 28 -0.76 21.26 4.16
N ARG A 29 -1.05 22.55 4.16
CA ARG A 29 -2.14 23.10 3.36
C ARG A 29 -1.67 24.31 2.58
N THR A 30 -2.58 24.87 1.82
CA THR A 30 -2.29 26.01 0.97
C THR A 30 -1.87 27.23 1.81
N GLY A 31 -0.68 27.75 1.51
CA GLY A 31 -0.13 28.84 2.28
C GLY A 31 1.01 28.38 3.18
N ASP A 32 1.23 27.08 3.24
CA ASP A 32 2.30 26.52 4.07
C ASP A 32 3.62 26.49 3.31
N THR A 33 4.72 26.63 4.04
CA THR A 33 6.05 26.59 3.45
C THR A 33 6.70 25.22 3.70
N VAL A 34 7.13 24.55 2.64
CA VAL A 34 7.56 23.15 2.75
C VAL A 34 8.76 22.86 1.86
N ASN A 35 9.64 21.99 2.33
CA ASN A 35 10.73 21.48 1.54
C ASN A 35 10.41 20.12 0.98
N ASP A 36 11.35 19.53 0.26
CA ASP A 36 11.15 18.23 -0.36
C ASP A 36 11.01 17.12 0.69
N GLU A 37 11.61 17.31 1.86
CA GLU A 37 11.49 16.33 2.94
C GLU A 37 10.07 16.33 3.51
N ASP A 38 9.42 17.50 3.49
CA ASP A 38 8.03 17.64 3.91
C ASP A 38 7.10 17.08 2.85
N ILE A 39 7.54 17.16 1.59
CA ILE A 39 6.82 16.49 0.51
C ILE A 39 6.79 14.97 0.76
N SER A 40 7.94 14.40 1.15
CA SER A 40 8.04 12.98 1.48
C SER A 40 7.27 12.65 2.76
N ASN A 41 7.25 13.58 3.70
CA ASN A 41 6.49 13.43 4.94
C ASN A 41 5.00 13.41 4.65
N THR A 42 4.58 14.28 3.74
CA THR A 42 3.20 14.29 3.24
C THR A 42 2.86 12.94 2.59
N ILE A 43 3.78 12.40 1.79
CA ILE A 43 3.62 11.08 1.17
C ILE A 43 3.37 10.01 2.24
N ARG A 44 4.19 10.03 3.30
CA ARG A 44 4.08 9.07 4.40
C ARG A 44 2.74 9.17 5.12
N ALA A 45 2.30 10.40 5.37
CA ALA A 45 1.05 10.67 6.06
C ALA A 45 -0.13 10.05 5.29
N LEU A 46 -0.21 10.39 4.01
CA LEU A 46 -1.25 9.87 3.13
C LEU A 46 -1.15 8.35 2.96
N PHE A 47 0.08 7.86 2.98
CA PHE A 47 0.33 6.41 2.86
C PHE A 47 -0.24 5.65 4.06
N ALA A 48 -0.08 6.25 5.24
CA ALA A 48 -0.50 5.65 6.50
C ALA A 48 -2.03 5.64 6.70
N THR A 49 -2.75 6.38 5.85
CA THR A 49 -4.19 6.56 6.05
C THR A 49 -5.01 5.36 5.58
N GLY A 50 -4.47 4.58 4.64
CA GLY A 50 -5.20 3.43 4.12
C GLY A 50 -6.36 3.82 3.22
N ASN A 51 -6.32 5.03 2.69
CA ASN A 51 -7.36 5.51 1.78
C ASN A 51 -7.01 5.14 0.35
N PHE A 52 -5.72 5.00 0.10
CA PHE A 52 -5.19 4.68 -1.21
C PHE A 52 -3.96 3.79 -1.05
N GLU A 53 -3.66 3.02 -2.10
CA GLU A 53 -2.56 2.06 -2.05
C GLU A 53 -1.21 2.76 -2.22
N ASP A 54 -1.13 3.68 -3.19
CA ASP A 54 0.14 4.36 -3.46
C ASP A 54 -0.08 5.86 -3.52
N VAL A 55 0.86 6.60 -2.94
CA VAL A 55 0.77 8.05 -2.92
C VAL A 55 2.02 8.66 -3.53
N ARG A 56 1.83 9.43 -4.59
CA ARG A 56 2.91 10.15 -5.20
C ARG A 56 2.67 11.65 -5.07
N VAL A 57 3.56 12.32 -4.35
CA VAL A 57 3.48 13.77 -4.21
C VAL A 57 4.68 14.42 -4.90
N LEU A 58 4.40 15.30 -5.84
CA LEU A 58 5.44 15.98 -6.60
C LEU A 58 5.11 17.46 -6.65
N ARG A 59 6.11 18.30 -6.47
CA ARG A 59 5.87 19.73 -6.51
C ARG A 59 6.18 20.27 -7.91
N ASP A 60 5.34 21.19 -8.34
CA ASP A 60 5.51 21.83 -9.64
C ASP A 60 5.41 23.34 -9.47
N GLY A 61 6.57 23.99 -9.36
CA GLY A 61 6.60 25.40 -9.07
C GLY A 61 6.13 25.67 -7.66
N ASP A 62 4.94 26.25 -7.53
CA ASP A 62 4.34 26.51 -6.23
C ASP A 62 3.15 25.57 -6.00
N THR A 63 2.91 24.69 -6.94
CA THR A 63 1.74 23.85 -6.90
C THR A 63 2.12 22.43 -6.48
N LEU A 64 1.32 21.84 -5.61
CA LEU A 64 1.58 20.50 -5.12
C LEU A 64 0.67 19.50 -5.79
N LEU A 65 1.25 18.59 -6.56
CA LEU A 65 0.48 17.61 -7.31
C LEU A 65 0.53 16.26 -6.61
N VAL A 66 -0.63 15.76 -6.23
CA VAL A 66 -0.73 14.49 -5.54
C VAL A 66 -1.56 13.49 -6.35
N GLN A 67 -0.87 12.50 -6.91
CA GLN A 67 -1.53 11.42 -7.62
C GLN A 67 -1.53 10.18 -6.76
N VAL A 68 -2.65 9.50 -6.71
CA VAL A 68 -2.79 8.33 -5.85
C VAL A 68 -3.33 7.15 -6.62
N LYS A 69 -3.00 5.97 -6.13
CA LYS A 69 -3.51 4.74 -6.68
C LYS A 69 -4.66 4.27 -5.82
N GLU A 70 -5.83 4.12 -6.42
CA GLU A 70 -7.05 3.93 -5.67
C GLU A 70 -8.02 3.03 -6.44
N ARG A 71 -9.06 2.58 -5.72
CA ARG A 71 -10.24 1.81 -6.24
C ARG A 71 -10.26 0.35 -5.78
N PRO A 72 -9.27 -0.53 -6.15
CA PRO A 72 -9.35 -1.96 -5.83
C PRO A 72 -9.29 -2.24 -4.33
N THR A 73 -10.11 -3.18 -3.90
CA THR A 73 -10.18 -3.58 -2.50
C THR A 73 -10.02 -5.08 -2.37
N ILE A 74 -9.18 -5.53 -1.45
CA ILE A 74 -9.07 -6.95 -1.15
C ILE A 74 -10.36 -7.42 -0.46
N ALA A 75 -11.05 -8.35 -1.09
CA ALA A 75 -12.30 -8.85 -0.55
C ALA A 75 -12.06 -10.13 0.25
N SER A 76 -11.10 -10.93 -0.19
CA SER A 76 -10.74 -12.15 0.50
C SER A 76 -9.24 -12.44 0.37
N ILE A 77 -8.63 -12.87 1.47
CA ILE A 77 -7.25 -13.36 1.43
C ILE A 77 -7.27 -14.86 1.69
N THR A 78 -6.69 -15.61 0.76
CA THR A 78 -6.69 -17.05 0.86
C THR A 78 -5.27 -17.58 0.92
N PHE A 79 -5.03 -18.46 1.88
CA PHE A 79 -3.71 -19.04 2.07
C PHE A 79 -3.72 -20.50 1.68
N SER A 80 -2.69 -20.92 0.95
CA SER A 80 -2.65 -22.27 0.40
C SER A 80 -1.23 -22.80 0.37
N GLY A 81 -1.00 -23.93 1.02
CA GLY A 81 0.29 -24.58 0.96
C GLY A 81 1.20 -24.25 2.13
N ASN A 82 0.84 -23.21 2.87
CA ASN A 82 1.62 -22.75 4.01
C ASN A 82 1.40 -23.65 5.22
N LYS A 83 2.05 -24.81 5.21
CA LYS A 83 1.96 -25.77 6.30
C LYS A 83 2.95 -25.47 7.42
N SER A 84 3.97 -24.69 7.09
CA SER A 84 5.00 -24.32 8.05
C SER A 84 4.47 -23.28 9.02
N VAL A 85 4.44 -22.03 8.57
CA VAL A 85 3.89 -20.95 9.37
C VAL A 85 2.38 -20.93 9.19
N LYS A 86 1.66 -20.71 10.29
CA LYS A 86 0.21 -20.83 10.28
C LYS A 86 -0.45 -19.72 9.49
N ASP A 87 -1.62 -20.03 8.95
CA ASP A 87 -2.42 -19.08 8.19
C ASP A 87 -2.85 -17.90 9.07
N ASP A 88 -3.08 -18.18 10.36
CA ASP A 88 -3.42 -17.14 11.33
C ASP A 88 -2.27 -16.16 11.52
N MET A 89 -1.04 -16.69 11.52
CA MET A 89 0.16 -15.87 11.65
C MET A 89 0.40 -15.09 10.36
N LEU A 90 0.16 -15.74 9.23
CA LEU A 90 0.29 -15.15 7.91
C LEU A 90 -0.70 -14.02 7.71
N LYS A 91 -1.87 -14.15 8.33
CA LYS A 91 -2.89 -13.11 8.26
C LYS A 91 -2.39 -11.81 8.89
N GLN A 92 -1.72 -11.94 10.03
CA GLN A 92 -1.18 -10.80 10.73
C GLN A 92 0.08 -10.30 10.04
N ASN A 93 0.76 -11.23 9.37
CA ASN A 93 1.95 -10.91 8.60
C ASN A 93 1.56 -10.07 7.38
N LEU A 94 0.43 -10.40 6.78
CA LEU A 94 -0.13 -9.64 5.66
C LEU A 94 -0.60 -8.26 6.14
N GLU A 95 -1.17 -8.23 7.34
CA GLU A 95 -1.61 -6.99 7.98
C GLU A 95 -0.42 -6.08 8.28
N ALA A 96 0.70 -6.70 8.61
CA ALA A 96 1.93 -5.96 8.90
C ALA A 96 2.57 -5.42 7.62
N SER A 97 2.13 -5.95 6.48
CA SER A 97 2.55 -5.42 5.18
C SER A 97 1.56 -4.36 4.71
N GLY A 98 0.38 -4.34 5.32
CA GLY A 98 -0.62 -3.34 5.00
C GLY A 98 -1.79 -3.89 4.22
N VAL A 99 -1.56 -4.99 3.51
CA VAL A 99 -2.56 -5.55 2.61
C VAL A 99 -3.47 -6.54 3.34
N ARG A 100 -4.71 -6.13 3.57
CA ARG A 100 -5.70 -6.95 4.28
C ARG A 100 -7.07 -6.81 3.65
N VAL A 101 -8.05 -7.58 4.14
CA VAL A 101 -9.42 -7.49 3.65
C VAL A 101 -10.02 -6.15 4.04
N GLY A 102 -10.54 -5.44 3.04
CA GLY A 102 -11.10 -4.12 3.27
C GLY A 102 -10.12 -3.01 2.96
N GLU A 103 -8.87 -3.39 2.68
CA GLU A 103 -7.82 -2.45 2.38
C GLU A 103 -7.62 -2.30 0.87
N SER A 104 -7.01 -1.20 0.50
CA SER A 104 -6.64 -0.93 -0.88
C SER A 104 -5.31 -1.64 -1.17
N LEU A 105 -5.34 -2.57 -2.11
CA LEU A 105 -4.18 -3.41 -2.35
C LEU A 105 -3.28 -2.86 -3.46
N ASP A 106 -1.99 -2.91 -3.22
CA ASP A 106 -1.00 -2.57 -4.22
C ASP A 106 -0.41 -3.83 -4.82
N ARG A 107 -0.83 -4.12 -6.05
CA ARG A 107 -0.37 -5.29 -6.78
C ARG A 107 1.09 -5.13 -7.23
N THR A 108 1.59 -3.90 -7.20
CA THR A 108 2.94 -3.64 -7.68
C THR A 108 3.98 -3.84 -6.58
N THR A 109 3.55 -3.80 -5.32
CA THR A 109 4.47 -4.08 -4.22
C THR A 109 4.32 -5.52 -3.73
N ILE A 110 3.51 -6.30 -4.46
CA ILE A 110 3.25 -7.70 -4.14
C ILE A 110 4.57 -8.51 -4.04
N ALA A 111 5.51 -8.20 -4.91
CA ALA A 111 6.81 -8.87 -4.92
C ALA A 111 7.61 -8.58 -3.65
N ASP A 112 7.50 -7.34 -3.15
CA ASP A 112 8.15 -6.96 -1.90
C ASP A 112 7.50 -7.68 -0.72
N ILE A 113 6.19 -7.85 -0.81
CA ILE A 113 5.43 -8.60 0.20
C ILE A 113 5.84 -10.08 0.19
N GLU A 114 5.99 -10.65 -1.00
CA GLU A 114 6.42 -12.03 -1.16
C GLU A 114 7.82 -12.24 -0.58
N LYS A 115 8.72 -11.31 -0.88
CA LYS A 115 10.09 -11.36 -0.38
C LYS A 115 10.13 -11.20 1.14
N GLY A 116 9.23 -10.39 1.68
CA GLY A 116 9.12 -10.23 3.11
C GLY A 116 8.64 -11.49 3.80
N LEU A 117 7.66 -12.15 3.18
CA LEU A 117 7.13 -13.40 3.70
C LEU A 117 8.17 -14.52 3.66
N GLU A 118 8.97 -14.54 2.59
CA GLU A 118 10.01 -15.55 2.44
C GLU A 118 11.14 -15.33 3.45
N ASP A 119 11.41 -14.06 3.75
CA ASP A 119 12.41 -13.71 4.76
C ASP A 119 11.92 -14.09 6.16
N PHE A 120 10.63 -13.82 6.41
CA PHE A 120 10.02 -14.14 7.69
C PHE A 120 9.92 -15.65 7.89
N TYR A 121 9.64 -16.36 6.79
CA TYR A 121 9.59 -17.83 6.80
C TYR A 121 10.94 -18.41 7.22
N TYR A 122 12.00 -17.81 6.71
CA TYR A 122 13.36 -18.22 7.05
C TYR A 122 13.71 -17.88 8.49
N SER A 123 13.12 -16.81 9.01
CA SER A 123 13.41 -16.36 10.36
C SER A 123 12.80 -17.28 11.41
N VAL A 124 11.69 -17.94 11.07
CA VAL A 124 11.01 -18.83 12.01
C VAL A 124 11.75 -20.17 12.14
N GLY A 125 11.48 -21.07 11.20
CA GLY A 125 12.05 -22.40 11.27
C GLY A 125 13.05 -22.68 10.16
N LYS A 126 13.56 -21.60 9.56
CA LYS A 126 14.48 -21.66 8.41
C LYS A 126 13.76 -22.23 7.19
N TYR A 127 12.47 -21.90 7.08
CA TYR A 127 11.65 -22.41 6.00
C TYR A 127 11.95 -21.67 4.70
N SER A 128 12.26 -22.40 3.66
CA SER A 128 12.57 -21.80 2.37
C SER A 128 11.51 -22.19 1.33
N ALA A 129 10.27 -21.84 1.62
CA ALA A 129 9.16 -22.15 0.73
C ALA A 129 8.90 -20.98 -0.20
N SER A 130 8.45 -21.26 -1.40
CA SER A 130 8.29 -20.22 -2.42
C SER A 130 6.85 -19.73 -2.48
N VAL A 131 6.67 -18.45 -2.21
CA VAL A 131 5.34 -17.85 -2.17
C VAL A 131 5.02 -17.14 -3.49
N LYS A 132 3.80 -17.33 -3.96
CA LYS A 132 3.28 -16.60 -5.10
C LYS A 132 1.92 -16.02 -4.74
N ALA A 133 1.83 -14.70 -4.74
CA ALA A 133 0.59 -14.02 -4.43
C ALA A 133 -0.13 -13.66 -5.72
N VAL A 134 -1.25 -14.33 -5.95
CA VAL A 134 -2.04 -14.16 -7.14
C VAL A 134 -3.21 -13.23 -6.88
N VAL A 135 -3.28 -12.14 -7.64
CA VAL A 135 -4.41 -11.22 -7.53
C VAL A 135 -5.40 -11.48 -8.65
N THR A 136 -6.54 -12.00 -8.27
CA THR A 136 -7.58 -12.34 -9.22
C THR A 136 -8.70 -11.33 -9.17
N PRO A 137 -8.88 -10.56 -10.25
CA PRO A 137 -9.87 -9.48 -10.32
C PRO A 137 -11.28 -9.99 -10.56
N LEU A 138 -12.22 -9.56 -9.72
CA LEU A 138 -13.62 -9.85 -9.94
C LEU A 138 -14.36 -8.58 -10.35
N PRO A 139 -15.35 -8.71 -11.26
CA PRO A 139 -16.05 -7.56 -11.87
C PRO A 139 -16.93 -6.77 -10.89
N ARG A 140 -16.28 -5.93 -10.11
CA ARG A 140 -16.96 -5.04 -9.17
C ARG A 140 -16.02 -3.87 -8.88
N ASN A 141 -15.03 -4.16 -8.05
CA ASN A 141 -13.95 -3.24 -7.68
C ASN A 141 -13.05 -3.95 -6.68
N ARG A 142 -13.23 -5.26 -6.59
CA ARG A 142 -12.60 -6.05 -5.55
C ARG A 142 -11.67 -7.09 -6.16
N VAL A 143 -10.72 -7.54 -5.36
CA VAL A 143 -9.75 -8.51 -5.81
C VAL A 143 -9.70 -9.69 -4.84
N ASP A 144 -9.33 -10.85 -5.37
CA ASP A 144 -9.13 -12.03 -4.54
C ASP A 144 -7.64 -12.31 -4.46
N LEU A 145 -7.10 -12.28 -3.27
CA LEU A 145 -5.67 -12.44 -3.08
C LEU A 145 -5.36 -13.80 -2.50
N LYS A 146 -4.75 -14.64 -3.31
CA LYS A 146 -4.37 -15.96 -2.87
C LYS A 146 -2.86 -16.08 -2.80
N LEU A 147 -2.37 -16.61 -1.70
CA LEU A 147 -0.95 -16.75 -1.49
C LEU A 147 -0.59 -18.23 -1.43
N VAL A 148 0.14 -18.66 -2.44
CA VAL A 148 0.51 -20.05 -2.57
C VAL A 148 1.94 -20.27 -2.11
N PHE A 149 2.09 -21.00 -1.01
CA PHE A 149 3.41 -21.35 -0.51
C PHE A 149 3.75 -22.76 -0.92
N GLN A 150 4.82 -22.91 -1.69
CA GLN A 150 5.23 -24.21 -2.17
C GLN A 150 6.04 -24.96 -1.12
N GLU A 151 5.47 -26.05 -0.61
CA GLU A 151 6.15 -26.88 0.38
C GLU A 151 6.77 -28.09 -0.30
N GLY A 152 7.69 -27.81 -1.21
CA GLY A 152 8.35 -28.86 -1.97
C GLY A 152 9.80 -28.55 -2.17
N VAL A 153 10.47 -28.23 -1.08
CA VAL A 153 11.85 -27.79 -1.11
C VAL A 153 12.72 -28.63 -0.19
N SER A 154 13.72 -28.00 0.42
CA SER A 154 14.65 -28.67 1.33
C SER A 154 13.93 -29.16 2.59
N ALA A 1 14.47 22.95 -5.05
CA ALA A 1 13.85 21.76 -4.43
C ALA A 1 14.32 21.59 -3.01
N GLU A 2 13.55 20.81 -2.23
CA GLU A 2 13.85 20.48 -0.83
C GLU A 2 13.61 21.66 0.09
N GLY A 3 12.70 21.48 1.03
CA GLY A 3 12.33 22.55 1.93
C GLY A 3 11.59 23.64 1.23
N PHE A 4 10.65 23.26 0.38
CA PHE A 4 9.82 24.22 -0.33
C PHE A 4 8.53 24.50 0.43
N VAL A 5 7.97 25.69 0.23
CA VAL A 5 6.74 26.07 0.89
C VAL A 5 5.56 25.89 -0.06
N VAL A 6 4.64 25.01 0.33
CA VAL A 6 3.48 24.69 -0.47
C VAL A 6 2.50 25.86 -0.52
N LYS A 7 1.97 26.11 -1.70
CA LYS A 7 0.96 27.16 -1.87
C LYS A 7 -0.40 26.53 -2.13
N ASP A 8 -0.42 25.43 -2.88
CA ASP A 8 -1.65 24.72 -3.19
C ASP A 8 -1.41 23.21 -3.24
N ILE A 9 -2.34 22.47 -2.68
CA ILE A 9 -2.30 21.02 -2.76
C ILE A 9 -3.31 20.55 -3.79
N HIS A 10 -2.84 19.85 -4.81
CA HIS A 10 -3.69 19.43 -5.90
C HIS A 10 -3.63 17.92 -6.06
N PHE A 11 -4.80 17.30 -6.09
CA PHE A 11 -4.88 15.85 -6.23
C PHE A 11 -5.29 15.49 -7.64
N GLU A 12 -4.45 14.70 -8.30
CA GLU A 12 -4.72 14.27 -9.67
C GLU A 12 -5.31 12.87 -9.66
N GLY A 13 -6.39 12.73 -8.92
CA GLY A 13 -7.11 11.49 -8.82
C GLY A 13 -8.36 11.68 -7.98
N LEU A 14 -8.27 11.24 -6.72
CA LEU A 14 -9.34 11.37 -5.72
C LEU A 14 -10.71 10.97 -6.27
N GLN A 15 -11.00 9.69 -6.23
CA GLN A 15 -12.23 9.16 -6.78
C GLN A 15 -13.28 8.99 -5.69
N ARG A 16 -12.82 8.74 -4.47
CA ARG A 16 -13.71 8.55 -3.33
C ARG A 16 -13.46 9.63 -2.27
N VAL A 17 -12.19 9.92 -2.02
CA VAL A 17 -11.80 10.87 -0.99
C VAL A 17 -11.77 12.30 -1.56
N ALA A 18 -12.14 13.27 -0.73
CA ALA A 18 -12.06 14.68 -1.10
C ALA A 18 -10.83 15.33 -0.48
N VAL A 19 -10.38 16.45 -1.07
CA VAL A 19 -9.15 17.13 -0.63
C VAL A 19 -9.20 17.58 0.83
N GLY A 20 -10.39 17.91 1.33
CA GLY A 20 -10.54 18.32 2.72
C GLY A 20 -10.30 17.16 3.67
N ALA A 21 -10.76 15.98 3.26
CA ALA A 21 -10.55 14.76 4.02
C ALA A 21 -9.11 14.27 3.87
N ALA A 22 -8.57 14.45 2.68
CA ALA A 22 -7.23 14.02 2.34
C ALA A 22 -6.17 14.81 3.12
N LEU A 23 -6.42 16.10 3.31
CA LEU A 23 -5.57 16.97 4.12
C LEU A 23 -5.40 16.48 5.55
N LEU A 24 -6.43 15.86 6.11
CA LEU A 24 -6.37 15.36 7.49
C LEU A 24 -5.47 14.13 7.61
N SER A 25 -5.24 13.46 6.48
CA SER A 25 -4.38 12.28 6.46
C SER A 25 -2.95 12.68 6.09
N MET A 26 -2.81 13.82 5.44
CA MET A 26 -1.50 14.33 5.05
C MET A 26 -0.84 15.06 6.22
N PRO A 27 0.45 14.81 6.47
CA PRO A 27 1.21 15.51 7.51
C PRO A 27 1.63 16.92 7.09
N VAL A 28 1.31 17.28 5.85
CA VAL A 28 1.65 18.58 5.30
C VAL A 28 0.37 19.37 5.03
N ARG A 29 0.46 20.68 5.18
CA ARG A 29 -0.66 21.58 4.94
C ARG A 29 -0.24 22.71 4.02
N THR A 30 -1.19 23.53 3.63
CA THR A 30 -0.92 24.68 2.81
C THR A 30 -0.09 25.72 3.57
N GLY A 31 1.08 26.04 3.04
CA GLY A 31 1.98 26.95 3.74
C GLY A 31 3.11 26.22 4.43
N ASP A 32 3.07 24.89 4.41
CA ASP A 32 4.07 24.07 5.09
C ASP A 32 5.34 23.96 4.27
N THR A 33 6.44 23.69 4.95
CA THR A 33 7.73 23.47 4.32
C THR A 33 8.06 21.98 4.38
N VAL A 34 8.36 21.38 3.22
CA VAL A 34 8.46 19.93 3.14
C VAL A 34 9.72 19.47 2.40
N ASN A 35 10.41 18.51 2.99
CA ASN A 35 11.55 17.84 2.35
C ASN A 35 11.11 16.51 1.74
N ASP A 36 12.06 15.79 1.18
CA ASP A 36 11.80 14.48 0.58
C ASP A 36 11.24 13.49 1.62
N GLU A 37 11.68 13.63 2.86
CA GLU A 37 11.15 12.83 3.95
C GLU A 37 9.64 13.03 4.10
N ASP A 38 9.19 14.28 3.99
CA ASP A 38 7.78 14.63 4.11
C ASP A 38 7.01 14.24 2.87
N ILE A 39 7.67 14.21 1.72
CA ILE A 39 7.06 13.69 0.49
C ILE A 39 6.66 12.22 0.70
N SER A 40 7.61 11.40 1.16
CA SER A 40 7.36 9.99 1.42
C SER A 40 6.48 9.81 2.66
N ASN A 41 6.55 10.78 3.57
CA ASN A 41 5.69 10.80 4.75
C ASN A 41 4.23 10.93 4.33
N THR A 42 3.98 11.87 3.42
CA THR A 42 2.65 12.03 2.83
C THR A 42 2.21 10.77 2.08
N ILE A 43 3.13 10.21 1.28
CA ILE A 43 2.89 8.97 0.54
C ILE A 43 2.43 7.85 1.49
N ARG A 44 3.23 7.58 2.52
CA ARG A 44 2.99 6.49 3.44
C ARG A 44 1.77 6.74 4.34
N ALA A 45 1.49 8.01 4.64
CA ALA A 45 0.35 8.37 5.49
C ALA A 45 -0.96 8.06 4.76
N LEU A 46 -1.04 8.50 3.51
CA LEU A 46 -2.20 8.23 2.67
C LEU A 46 -2.29 6.76 2.30
N PHE A 47 -1.14 6.10 2.21
CA PHE A 47 -1.08 4.66 1.95
C PHE A 47 -1.67 3.88 3.12
N ALA A 48 -1.37 4.33 4.33
CA ALA A 48 -1.83 3.70 5.56
C ALA A 48 -3.34 3.84 5.77
N THR A 49 -3.99 4.72 4.99
CA THR A 49 -5.42 4.93 5.15
C THR A 49 -6.21 3.82 4.46
N GLY A 50 -5.58 3.18 3.45
CA GLY A 50 -6.20 2.08 2.74
C GLY A 50 -7.19 2.54 1.67
N ASN A 51 -7.49 3.84 1.66
CA ASN A 51 -8.49 4.40 0.77
C ASN A 51 -8.04 4.34 -0.69
N PHE A 52 -6.73 4.44 -0.88
CA PHE A 52 -6.16 4.39 -2.21
C PHE A 52 -5.20 3.21 -2.31
N GLU A 53 -5.17 2.58 -3.48
CA GLU A 53 -4.29 1.47 -3.74
C GLU A 53 -2.85 1.95 -3.89
N ASP A 54 -2.68 3.12 -4.50
CA ASP A 54 -1.35 3.67 -4.75
C ASP A 54 -1.36 5.17 -4.51
N VAL A 55 -0.33 5.65 -3.83
CA VAL A 55 -0.20 7.07 -3.53
C VAL A 55 1.16 7.58 -3.99
N ARG A 56 1.15 8.52 -4.91
CA ARG A 56 2.37 9.18 -5.31
C ARG A 56 2.27 10.67 -5.04
N VAL A 57 3.30 11.24 -4.44
CA VAL A 57 3.29 12.65 -4.07
C VAL A 57 4.53 13.31 -4.67
N LEU A 58 4.29 14.27 -5.53
CA LEU A 58 5.34 14.89 -6.31
C LEU A 58 5.19 16.39 -6.25
N ARG A 59 6.25 17.13 -6.53
CA ARG A 59 6.16 18.58 -6.46
C ARG A 59 6.32 19.22 -7.82
N ASP A 60 5.65 20.34 -7.99
CA ASP A 60 5.83 21.19 -9.15
C ASP A 60 5.92 22.63 -8.69
N GLY A 61 7.14 23.12 -8.54
CA GLY A 61 7.34 24.46 -8.01
C GLY A 61 6.98 24.53 -6.54
N ASP A 62 5.88 25.22 -6.25
CA ASP A 62 5.36 25.33 -4.89
C ASP A 62 4.03 24.58 -4.78
N THR A 63 3.74 23.77 -5.77
CA THR A 63 2.50 23.01 -5.80
C THR A 63 2.75 21.56 -5.42
N LEU A 64 1.87 21.02 -4.59
CA LEU A 64 1.98 19.64 -4.17
C LEU A 64 0.98 18.78 -4.93
N LEU A 65 1.50 17.92 -5.78
CA LEU A 65 0.67 17.11 -6.66
C LEU A 65 0.62 15.67 -6.18
N VAL A 66 -0.55 15.25 -5.73
CA VAL A 66 -0.74 13.89 -5.24
C VAL A 66 -1.70 13.13 -6.14
N GLN A 67 -1.18 12.07 -6.76
CA GLN A 67 -2.00 11.22 -7.61
C GLN A 67 -2.27 9.91 -6.89
N VAL A 68 -3.53 9.57 -6.76
CA VAL A 68 -3.94 8.41 -6.00
C VAL A 68 -4.83 7.48 -6.83
N LYS A 69 -4.67 6.19 -6.60
CA LYS A 69 -5.38 5.17 -7.35
C LYS A 69 -6.53 4.61 -6.52
N GLU A 70 -7.76 4.88 -6.91
CA GLU A 70 -8.91 4.37 -6.17
C GLU A 70 -9.77 3.47 -7.06
N ARG A 71 -9.53 2.17 -6.99
CA ARG A 71 -10.32 1.24 -7.79
C ARG A 71 -10.61 -0.08 -7.06
N PRO A 72 -9.61 -0.98 -6.82
CA PRO A 72 -9.90 -2.33 -6.38
C PRO A 72 -10.02 -2.49 -4.87
N THR A 73 -10.96 -3.31 -4.45
CA THR A 73 -11.16 -3.63 -3.05
C THR A 73 -10.79 -5.09 -2.77
N ILE A 74 -9.90 -5.31 -1.82
CA ILE A 74 -9.58 -6.67 -1.39
C ILE A 74 -10.80 -7.26 -0.68
N ALA A 75 -11.33 -8.34 -1.23
CA ALA A 75 -12.48 -8.99 -0.65
C ALA A 75 -12.05 -9.96 0.44
N SER A 76 -11.11 -10.84 0.11
CA SER A 76 -10.56 -11.77 1.08
C SER A 76 -9.11 -12.09 0.77
N ILE A 77 -8.31 -12.26 1.82
CA ILE A 77 -6.95 -12.75 1.66
C ILE A 77 -6.88 -14.18 2.14
N THR A 78 -6.43 -15.07 1.28
CA THR A 78 -6.37 -16.49 1.58
C THR A 78 -4.93 -16.99 1.49
N PHE A 79 -4.56 -17.88 2.40
CA PHE A 79 -3.17 -18.31 2.52
C PHE A 79 -3.00 -19.79 2.23
N SER A 80 -1.81 -20.15 1.76
CA SER A 80 -1.44 -21.52 1.51
C SER A 80 0.08 -21.65 1.64
N GLY A 81 0.54 -22.35 2.67
CA GLY A 81 1.96 -22.44 2.91
C GLY A 81 2.32 -21.86 4.26
N ASN A 82 1.67 -22.37 5.28
CA ASN A 82 1.78 -21.82 6.63
C ASN A 82 2.18 -22.87 7.66
N LYS A 83 3.11 -23.74 7.30
CA LYS A 83 3.60 -24.75 8.23
C LYS A 83 4.72 -24.21 9.11
N SER A 84 5.31 -23.09 8.71
CA SER A 84 6.43 -22.51 9.45
C SER A 84 5.98 -21.27 10.23
N VAL A 85 5.21 -20.40 9.59
CA VAL A 85 4.65 -19.22 10.26
C VAL A 85 3.13 -19.29 10.17
N LYS A 86 2.45 -18.77 11.19
CA LYS A 86 1.01 -18.86 11.29
C LYS A 86 0.30 -18.02 10.23
N ASP A 87 -0.85 -18.51 9.78
CA ASP A 87 -1.69 -17.78 8.83
C ASP A 87 -2.18 -16.47 9.44
N ASP A 88 -2.44 -16.48 10.74
CA ASP A 88 -2.87 -15.29 11.47
C ASP A 88 -1.75 -14.24 11.51
N MET A 89 -0.51 -14.72 11.61
CA MET A 89 0.65 -13.83 11.61
C MET A 89 0.83 -13.19 10.23
N LEU A 90 0.64 -14.00 9.20
CA LEU A 90 0.66 -13.54 7.81
C LEU A 90 -0.45 -12.54 7.54
N LYS A 91 -1.62 -12.82 8.11
CA LYS A 91 -2.80 -12.00 7.92
C LYS A 91 -2.61 -10.61 8.54
N GLN A 92 -2.04 -10.56 9.73
CA GLN A 92 -1.77 -9.31 10.41
C GLN A 92 -0.61 -8.60 9.75
N ASN A 93 0.27 -9.39 9.16
CA ASN A 93 1.44 -8.85 8.47
C ASN A 93 0.99 -8.07 7.24
N LEU A 94 0.05 -8.62 6.49
CA LEU A 94 -0.56 -7.93 5.36
C LEU A 94 -1.27 -6.67 5.82
N GLU A 95 -2.00 -6.78 6.94
CA GLU A 95 -2.77 -5.69 7.51
C GLU A 95 -1.87 -4.50 7.87
N ALA A 96 -0.72 -4.81 8.46
CA ALA A 96 0.23 -3.80 8.91
C ALA A 96 1.00 -3.18 7.74
N SER A 97 1.00 -3.86 6.60
CA SER A 97 1.68 -3.38 5.41
C SER A 97 0.77 -2.47 4.60
N GLY A 98 -0.54 -2.56 4.87
CA GLY A 98 -1.50 -1.69 4.21
C GLY A 98 -2.55 -2.44 3.42
N VAL A 99 -2.25 -3.68 3.07
CA VAL A 99 -3.16 -4.47 2.26
C VAL A 99 -4.13 -5.22 3.16
N ARG A 100 -5.36 -4.73 3.23
CA ARG A 100 -6.33 -5.26 4.17
C ARG A 100 -7.66 -5.55 3.49
N VAL A 101 -8.48 -6.36 4.15
CA VAL A 101 -9.82 -6.69 3.65
C VAL A 101 -10.72 -5.46 3.74
N GLY A 102 -11.30 -5.09 2.61
CA GLY A 102 -12.10 -3.89 2.53
C GLY A 102 -11.31 -2.72 1.99
N GLU A 103 -10.00 -2.82 2.09
CA GLU A 103 -9.11 -1.76 1.65
C GLU A 103 -8.60 -2.03 0.24
N SER A 104 -8.03 -1.02 -0.36
CA SER A 104 -7.55 -1.11 -1.73
C SER A 104 -6.17 -1.74 -1.81
N LEU A 105 -5.95 -2.53 -2.85
CA LEU A 105 -4.68 -3.22 -3.05
C LEU A 105 -4.01 -2.73 -4.33
N ASP A 106 -2.69 -2.52 -4.28
CA ASP A 106 -1.94 -2.10 -5.45
C ASP A 106 -1.33 -3.28 -6.18
N ARG A 107 -1.72 -3.38 -7.43
CA ARG A 107 -1.27 -4.43 -8.31
C ARG A 107 0.19 -4.23 -8.71
N THR A 108 0.67 -2.99 -8.61
CA THR A 108 2.01 -2.66 -9.05
C THR A 108 3.03 -2.84 -7.93
N THR A 109 2.57 -3.04 -6.69
CA THR A 109 3.49 -3.35 -5.61
C THR A 109 3.43 -4.83 -5.25
N ILE A 110 2.70 -5.61 -6.06
CA ILE A 110 2.51 -7.05 -5.82
C ILE A 110 3.84 -7.79 -5.69
N ALA A 111 4.79 -7.47 -6.57
CA ALA A 111 6.11 -8.09 -6.56
C ALA A 111 6.86 -7.79 -5.25
N ASP A 112 6.77 -6.54 -4.82
CA ASP A 112 7.41 -6.11 -3.57
C ASP A 112 6.72 -6.73 -2.37
N ILE A 113 5.43 -6.99 -2.51
CA ILE A 113 4.65 -7.68 -1.47
C ILE A 113 5.16 -9.12 -1.31
N GLU A 114 5.43 -9.77 -2.45
CA GLU A 114 5.97 -11.12 -2.47
C GLU A 114 7.34 -11.16 -1.78
N LYS A 115 8.21 -10.21 -2.12
CA LYS A 115 9.56 -10.14 -1.54
C LYS A 115 9.51 -9.78 -0.06
N GLY A 116 8.57 -8.91 0.31
CA GLY A 116 8.42 -8.49 1.69
C GLY A 116 7.93 -9.59 2.60
N LEU A 117 6.98 -10.38 2.09
CA LEU A 117 6.45 -11.52 2.83
C LEU A 117 7.49 -12.63 2.93
N GLU A 118 8.34 -12.75 1.92
CA GLU A 118 9.46 -13.68 1.94
C GLU A 118 10.46 -13.30 3.03
N ASP A 119 10.70 -12.00 3.17
CA ASP A 119 11.59 -11.48 4.20
C ASP A 119 10.97 -11.67 5.58
N PHE A 120 9.64 -11.57 5.64
CA PHE A 120 8.89 -11.79 6.88
C PHE A 120 9.10 -13.22 7.37
N TYR A 121 9.03 -14.18 6.45
CA TYR A 121 9.25 -15.58 6.77
C TYR A 121 10.68 -15.82 7.28
N TYR A 122 11.63 -15.12 6.66
CA TYR A 122 13.05 -15.20 7.04
C TYR A 122 13.32 -14.56 8.40
N SER A 123 12.53 -13.53 8.73
CA SER A 123 12.71 -12.79 9.98
C SER A 123 12.34 -13.63 11.21
N VAL A 124 11.38 -14.53 11.04
CA VAL A 124 10.91 -15.36 12.15
C VAL A 124 11.94 -16.43 12.50
N GLY A 125 11.93 -17.53 11.76
CA GLY A 125 12.82 -18.64 12.06
C GLY A 125 13.87 -18.85 10.99
N LYS A 126 14.10 -17.83 10.16
CA LYS A 126 14.98 -17.92 9.00
C LYS A 126 14.43 -18.91 7.99
N TYR A 127 13.11 -18.87 7.81
CA TYR A 127 12.42 -19.80 6.93
C TYR A 127 12.52 -19.36 5.48
N SER A 128 13.10 -20.21 4.65
CA SER A 128 13.21 -19.95 3.23
C SER A 128 11.92 -20.30 2.51
N ALA A 129 11.13 -19.26 2.21
CA ALA A 129 9.89 -19.43 1.48
C ALA A 129 9.97 -18.75 0.12
N SER A 130 9.15 -19.20 -0.81
CA SER A 130 8.98 -18.52 -2.09
C SER A 130 7.52 -18.12 -2.23
N VAL A 131 7.28 -16.82 -2.39
CA VAL A 131 5.93 -16.29 -2.39
C VAL A 131 5.44 -15.97 -3.79
N LYS A 132 4.31 -16.56 -4.14
CA LYS A 132 3.60 -16.18 -5.35
C LYS A 132 2.26 -15.59 -4.96
N ALA A 133 2.06 -14.33 -5.28
CA ALA A 133 0.82 -13.65 -4.92
C ALA A 133 -0.13 -13.63 -6.10
N VAL A 134 -1.21 -14.38 -5.96
CA VAL A 134 -2.20 -14.49 -7.01
C VAL A 134 -3.36 -13.54 -6.73
N VAL A 135 -3.51 -12.55 -7.59
CA VAL A 135 -4.60 -11.59 -7.47
C VAL A 135 -5.65 -11.89 -8.52
N THR A 136 -6.84 -12.23 -8.05
CA THR A 136 -7.92 -12.60 -8.95
C THR A 136 -8.93 -11.47 -9.05
N PRO A 137 -9.09 -10.91 -10.26
CA PRO A 137 -10.00 -9.82 -10.51
C PRO A 137 -11.42 -10.27 -10.83
N LEU A 138 -12.40 -9.59 -10.25
CA LEU A 138 -13.79 -9.80 -10.59
C LEU A 138 -14.43 -8.47 -10.98
N PRO A 139 -15.43 -8.48 -11.87
CA PRO A 139 -16.06 -7.27 -12.41
C PRO A 139 -17.00 -6.56 -11.41
N ARG A 140 -16.81 -6.80 -10.12
CA ARG A 140 -17.60 -6.13 -9.10
C ARG A 140 -16.72 -5.20 -8.26
N ASN A 141 -15.62 -4.73 -8.86
CA ASN A 141 -14.72 -3.74 -8.26
C ASN A 141 -13.84 -4.38 -7.17
N ARG A 142 -13.93 -5.69 -7.02
CA ARG A 142 -13.21 -6.39 -5.95
C ARG A 142 -12.14 -7.30 -6.53
N VAL A 143 -11.18 -7.65 -5.69
CA VAL A 143 -10.14 -8.60 -6.04
C VAL A 143 -9.91 -9.56 -4.88
N ASP A 144 -9.59 -10.80 -5.21
CA ASP A 144 -9.30 -11.81 -4.18
C ASP A 144 -7.83 -12.14 -4.19
N LEU A 145 -7.20 -12.12 -3.02
CA LEU A 145 -5.77 -12.29 -2.94
C LEU A 145 -5.41 -13.63 -2.30
N LYS A 146 -4.74 -14.47 -3.07
CA LYS A 146 -4.27 -15.75 -2.57
C LYS A 146 -2.75 -15.75 -2.53
N LEU A 147 -2.23 -16.18 -1.40
CA LEU A 147 -0.80 -16.16 -1.17
C LEU A 147 -0.24 -17.57 -1.18
N VAL A 148 0.55 -17.87 -2.19
CA VAL A 148 1.18 -19.18 -2.30
C VAL A 148 2.58 -19.13 -1.71
N PHE A 149 2.75 -19.81 -0.60
CA PHE A 149 4.00 -19.82 0.13
C PHE A 149 4.62 -21.21 0.09
N GLN A 150 5.93 -21.26 -0.03
CA GLN A 150 6.65 -22.50 0.20
C GLN A 150 6.84 -22.64 1.70
N GLU A 151 6.40 -23.76 2.26
CA GLU A 151 6.35 -23.93 3.71
C GLU A 151 7.71 -24.34 4.29
N GLY A 152 8.78 -23.86 3.65
CA GLY A 152 10.11 -24.22 4.06
C GLY A 152 10.64 -25.41 3.28
N VAL A 153 11.84 -25.26 2.75
CA VAL A 153 12.48 -26.35 2.00
C VAL A 153 13.12 -27.35 2.96
N SER A 154 14.33 -27.79 2.65
CA SER A 154 15.06 -28.69 3.54
C SER A 154 15.82 -27.88 4.58
#